data_8WWV
#
_entry.id   8WWV
#
_cell.length_a   123.058
_cell.length_b   140.482
_cell.length_c   216.657
_cell.angle_alpha   90.00
_cell.angle_beta   90.00
_cell.angle_gamma   90.00
#
_symmetry.space_group_name_H-M   'P 21 21 21'
#
loop_
_entity.id
_entity.type
_entity.pdbx_description
1 polymer 'Glutamine synthetase'
2 non-polymer "ADENOSINE-5'-DIPHOSPHATE"
3 non-polymer 'L-METHIONINE-S-SULFOXIMINE PHOSPHATE'
4 non-polymer 'MANGANESE (II) ION'
5 non-polymer 'MAGNESIUM ION'
6 water water
#
_entity_poly.entity_id   1
_entity_poly.type   'polypeptide(L)'
_entity_poly.pdbx_seq_one_letter_code
;WSHPQFEKENLYFQGMSRKFDFITKNNLWTNEQRDAADKVLAEIDSLGLEMIRLSWADQYGLLRGKSLTVASLKSAFKEG
SEVAIGPFFFDLVSSMVFNLFTTAGDFEDELSGNPTVVMVPDPTTFKVLPWADKTGWMLADLHWKSGEPFPLCPRGIMKK
AVKSLSDEGYLFKCGIELEWYLTKIVDRSLSPESLGAPGVQPDAIQVQPVAQGYSVLLEHHLDQVDDIMSKVRKGLLELN
LPLRSIEDEWAPSQMETTFDVMEGLEAADAALLIKSAIKQICSRHGYHATFMCKPAINGFFASGWHMHQSLVDKDTRKNL
FIPSEGEVLSPLGRAYAGGLLANGSAASSFTTPTVNGYRRRQPYSLAPDRRAWAKDNKAAMVRVVSATGDPASRIENRIG
EPGANPYLYMASQIVSGLDGIKNKKDPGELQESPYDAQVPMLPTTLAEALDALEHDSELFRSCFGDTFIKYWLQLRRSEW
ARFLDAEGAEAAEPTGAVTQWEQKEYFNLL
;
_entity_poly.pdbx_strand_id   A,B,C,D,E,F
#
loop_
_chem_comp.id
_chem_comp.type
_chem_comp.name
_chem_comp.formula
ADP non-polymer ADENOSINE-5'-DIPHOSPHATE 'C10 H15 N5 O10 P2'
MG non-polymer 'MAGNESIUM ION' 'Mg 2'
MN non-polymer 'MANGANESE (II) ION' 'Mn 2'
P3S non-polymer 'L-METHIONINE-S-SULFOXIMINE PHOSPHATE' 'C5 H13 N2 O6 P S'
#
# COMPACT_ATOMS: atom_id res chain seq x y z
N ASP A 21 -13.19 -45.11 31.26
CA ASP A 21 -11.80 -45.10 30.83
C ASP A 21 -11.58 -46.24 29.83
N PHE A 22 -11.91 -45.97 28.56
CA PHE A 22 -11.78 -46.98 27.52
C PHE A 22 -10.34 -47.49 27.42
N ILE A 23 -9.36 -46.59 27.51
CA ILE A 23 -7.97 -46.95 27.26
C ILE A 23 -7.46 -47.91 28.32
N THR A 24 -7.63 -47.56 29.60
CA THR A 24 -7.18 -48.46 30.66
C THR A 24 -7.97 -49.76 30.62
N LYS A 25 -9.30 -49.68 30.46
CA LYS A 25 -10.10 -50.89 30.46
C LYS A 25 -9.57 -51.93 29.46
N ASN A 26 -9.17 -51.48 28.28
CA ASN A 26 -8.68 -52.40 27.26
C ASN A 26 -7.16 -52.46 27.22
N ASN A 27 -6.48 -51.89 28.22
CA ASN A 27 -5.04 -51.98 28.35
C ASN A 27 -4.35 -51.61 27.04
N LEU A 28 -4.74 -50.46 26.49
CA LEU A 28 -4.24 -50.03 25.18
C LEU A 28 -3.00 -49.15 25.26
N TRP A 29 -2.66 -48.63 26.44
CA TRP A 29 -1.50 -47.76 26.63
C TRP A 29 -0.43 -48.47 27.45
N THR A 30 0.82 -48.41 26.99
CA THR A 30 1.96 -48.87 27.78
C THR A 30 2.29 -47.81 28.83
N ASN A 31 3.16 -48.16 29.78
CA ASN A 31 3.55 -47.15 30.77
C ASN A 31 4.28 -46.01 30.08
N GLU A 32 5.04 -46.34 29.05
CA GLU A 32 5.73 -45.33 28.27
C GLU A 32 4.72 -44.30 27.76
N GLN A 33 3.63 -44.79 27.16
CA GLN A 33 2.60 -43.91 26.60
C GLN A 33 1.89 -43.11 27.68
N ARG A 34 1.59 -43.73 28.83
CA ARG A 34 0.87 -43.02 29.90
C ARG A 34 1.74 -41.89 30.46
N ASP A 35 3.05 -42.17 30.62
CA ASP A 35 3.95 -41.12 31.07
C ASP A 35 4.02 -40.01 30.03
N ALA A 36 4.06 -40.38 28.75
CA ALA A 36 4.08 -39.39 27.67
C ALA A 36 2.81 -38.56 27.68
N ALA A 37 1.67 -39.18 27.94
CA ALA A 37 0.41 -38.45 27.98
C ALA A 37 0.46 -37.36 29.04
N ASP A 38 1.00 -37.68 30.21
CA ASP A 38 1.11 -36.65 31.25
C ASP A 38 2.03 -35.50 30.83
N LYS A 39 3.16 -35.83 30.20
CA LYS A 39 4.08 -34.78 29.76
C LYS A 39 3.48 -33.97 28.61
N VAL A 40 2.65 -34.61 27.78
CA VAL A 40 2.01 -33.89 26.68
C VAL A 40 1.02 -32.88 27.23
N LEU A 41 0.26 -33.28 28.26
CA LEU A 41 -0.69 -32.33 28.86
C LEU A 41 0.04 -31.19 29.54
N ALA A 42 1.21 -31.48 30.14
CA ALA A 42 2.00 -30.39 30.70
C ALA A 42 2.47 -29.43 29.61
N GLU A 43 2.88 -29.96 28.45
CA GLU A 43 3.36 -29.07 27.41
C GLU A 43 2.20 -28.26 26.84
N ILE A 44 1.03 -28.89 26.73
CA ILE A 44 -0.13 -28.20 26.20
C ILE A 44 -0.51 -27.04 27.09
N ASP A 45 -0.48 -27.25 28.42
CA ASP A 45 -0.82 -26.15 29.32
C ASP A 45 0.25 -25.07 29.31
N SER A 46 1.52 -25.47 29.33
CA SER A 46 2.63 -24.53 29.36
C SER A 46 2.70 -23.66 28.12
N LEU A 47 2.44 -24.24 26.94
CA LEU A 47 2.51 -23.47 25.70
C LEU A 47 1.24 -22.68 25.42
N GLY A 48 0.16 -22.94 26.15
CA GLY A 48 -1.12 -22.31 25.89
C GLY A 48 -1.76 -22.74 24.59
N LEU A 49 -1.55 -24.01 24.19
CA LEU A 49 -2.16 -24.52 22.96
C LEU A 49 -3.68 -24.51 23.13
N GLU A 50 -4.41 -24.29 22.03
CA GLU A 50 -5.88 -24.26 22.07
C GLU A 50 -6.52 -25.43 21.34
N MET A 51 -5.89 -25.96 20.30
CA MET A 51 -6.40 -27.10 19.57
C MET A 51 -5.32 -28.18 19.52
N ILE A 52 -5.76 -29.43 19.46
CA ILE A 52 -4.89 -30.58 19.25
C ILE A 52 -5.55 -31.45 18.20
N ARG A 53 -4.88 -31.61 17.06
CA ARG A 53 -5.39 -32.48 16.02
C ARG A 53 -5.13 -33.93 16.39
N LEU A 54 -6.16 -34.76 16.20
CA LEU A 54 -6.12 -36.19 16.39
C LEU A 54 -6.32 -36.78 15.00
N SER A 55 -5.28 -37.42 14.47
CA SER A 55 -5.29 -37.86 13.08
C SER A 55 -4.82 -39.30 12.94
N TRP A 56 -5.14 -39.89 11.79
CA TRP A 56 -4.72 -41.23 11.43
C TRP A 56 -4.68 -41.35 9.91
N ALA A 57 -3.76 -42.17 9.41
CA ALA A 57 -3.62 -42.41 7.98
C ALA A 57 -4.74 -43.32 7.49
N ASP A 58 -5.37 -42.95 6.39
CA ASP A 58 -6.34 -43.81 5.75
C ASP A 58 -5.60 -44.75 4.79
N GLN A 59 -6.36 -45.49 3.97
CA GLN A 59 -5.73 -46.45 3.07
C GLN A 59 -4.77 -45.77 2.11
N TYR A 60 -5.00 -44.51 1.77
CA TYR A 60 -4.16 -43.77 0.84
C TYR A 60 -2.99 -43.07 1.52
N GLY A 61 -2.89 -43.16 2.85
CA GLY A 61 -1.87 -42.43 3.57
C GLY A 61 -2.24 -41.00 3.86
N LEU A 62 -3.49 -40.63 3.67
CA LEU A 62 -3.94 -39.26 3.92
C LEU A 62 -4.46 -39.13 5.34
N LEU A 63 -4.07 -38.05 6.00
CA LEU A 63 -4.41 -37.83 7.39
C LEU A 63 -5.87 -37.43 7.51
N ARG A 64 -6.61 -38.18 8.33
CA ARG A 64 -8.01 -37.92 8.58
C ARG A 64 -8.22 -37.82 10.09
N GLY A 65 -9.21 -37.05 10.49
CA GLY A 65 -9.53 -37.01 11.90
C GLY A 65 -10.30 -35.79 12.34
N LYS A 66 -9.93 -35.26 13.50
CA LYS A 66 -10.61 -34.12 14.09
C LYS A 66 -9.59 -33.19 14.73
N SER A 67 -9.97 -31.95 14.94
CA SER A 67 -9.24 -31.04 15.81
C SER A 67 -10.06 -30.91 17.09
N LEU A 68 -9.43 -31.15 18.23
CA LEU A 68 -10.10 -31.16 19.53
C LEU A 68 -9.62 -29.99 20.36
N THR A 69 -10.45 -29.53 21.29
CA THR A 69 -9.97 -28.56 22.26
C THR A 69 -9.21 -29.27 23.38
N VAL A 70 -8.56 -28.48 24.24
CA VAL A 70 -7.79 -29.06 25.34
C VAL A 70 -8.66 -29.94 26.22
N ALA A 71 -9.83 -29.44 26.63
CA ALA A 71 -10.70 -30.24 27.49
C ALA A 71 -11.10 -31.52 26.76
N SER A 72 -11.43 -31.39 25.47
CA SER A 72 -11.84 -32.56 24.70
C SER A 72 -10.68 -33.54 24.58
N LEU A 73 -9.46 -33.02 24.48
CA LEU A 73 -8.30 -33.92 24.41
C LEU A 73 -8.12 -34.65 25.72
N LYS A 74 -8.29 -33.95 26.85
CA LYS A 74 -8.16 -34.61 28.15
C LYS A 74 -9.20 -35.71 28.29
N SER A 75 -10.40 -35.51 27.70
CA SER A 75 -11.41 -36.56 27.72
C SER A 75 -11.04 -37.72 26.80
N ALA A 76 -10.45 -37.42 25.64
CA ALA A 76 -10.06 -38.46 24.69
C ALA A 76 -8.89 -39.28 25.23
N PHE A 77 -8.12 -38.72 26.16
CA PHE A 77 -7.04 -39.46 26.81
C PHE A 77 -7.58 -40.54 27.74
N LYS A 78 -8.89 -40.60 28.00
CA LYS A 78 -9.48 -41.71 28.74
C LYS A 78 -10.44 -42.52 27.89
N GLU A 79 -11.44 -41.93 27.22
CA GLU A 79 -12.35 -42.83 26.48
C GLU A 79 -12.06 -42.88 25.00
N GLY A 80 -11.10 -42.10 24.53
CA GLY A 80 -10.90 -41.95 23.09
C GLY A 80 -11.91 -41.02 22.42
N SER A 81 -11.86 -41.03 21.09
CA SER A 81 -12.74 -40.15 20.32
C SER A 81 -13.38 -40.91 19.16
N GLU A 82 -14.72 -40.97 19.17
CA GLU A 82 -15.43 -41.74 18.17
C GLU A 82 -15.34 -41.12 16.78
N VAL A 83 -15.27 -41.99 15.78
CA VAL A 83 -15.25 -41.59 14.38
C VAL A 83 -15.96 -42.65 13.55
N ALA A 84 -16.35 -42.27 12.34
CA ALA A 84 -16.93 -43.20 11.39
C ALA A 84 -15.82 -43.70 10.47
N ILE A 85 -16.04 -44.88 9.89
CA ILE A 85 -15.03 -45.52 9.06
C ILE A 85 -15.21 -45.11 7.61
N GLY A 86 -16.07 -44.11 7.38
CA GLY A 86 -16.40 -43.66 6.04
C GLY A 86 -15.20 -43.56 5.12
N PRO A 87 -14.13 -42.91 5.58
CA PRO A 87 -12.94 -42.81 4.73
C PRO A 87 -12.48 -44.15 4.14
N PHE A 88 -12.46 -45.22 4.94
CA PHE A 88 -11.98 -46.50 4.43
C PHE A 88 -12.86 -47.02 3.30
N PHE A 89 -14.14 -46.67 3.32
CA PHE A 89 -15.10 -47.15 2.34
C PHE A 89 -15.28 -46.21 1.16
N PHE A 90 -14.53 -45.12 1.09
CA PHE A 90 -14.53 -44.19 -0.03
C PHE A 90 -13.21 -44.28 -0.78
N ASP A 91 -13.25 -43.95 -2.07
CA ASP A 91 -12.01 -43.75 -2.81
C ASP A 91 -11.64 -42.26 -2.69
N LEU A 92 -10.65 -41.82 -3.47
CA LEU A 92 -10.14 -40.45 -3.31
C LEU A 92 -11.19 -39.40 -3.66
N VAL A 93 -12.15 -39.72 -4.52
CA VAL A 93 -13.19 -38.78 -4.92
C VAL A 93 -14.54 -39.13 -4.29
N SER A 94 -14.55 -40.04 -3.32
CA SER A 94 -15.76 -40.42 -2.57
C SER A 94 -16.76 -41.20 -3.42
N SER A 95 -16.25 -42.05 -4.30
CA SER A 95 -17.09 -43.10 -4.85
C SER A 95 -17.42 -44.06 -3.71
N MET A 96 -18.70 -44.42 -3.55
CA MET A 96 -19.06 -45.36 -2.49
C MET A 96 -18.73 -46.76 -3.00
N VAL A 97 -17.63 -47.31 -2.51
CA VAL A 97 -17.19 -48.61 -3.00
C VAL A 97 -17.81 -49.76 -2.22
N PHE A 98 -17.99 -49.57 -0.90
CA PHE A 98 -18.60 -50.53 0.01
C PHE A 98 -19.83 -49.86 0.60
N ASN A 99 -20.97 -50.55 0.54
CA ASN A 99 -22.21 -49.98 1.03
C ASN A 99 -22.08 -49.65 2.51
N LEU A 100 -22.55 -48.45 2.89
CA LEU A 100 -22.39 -47.91 4.24
C LEU A 100 -23.67 -47.97 5.07
N PHE A 101 -24.81 -48.30 4.48
CA PHE A 101 -26.14 -48.22 5.15
C PHE A 101 -26.58 -49.56 5.78
N THR A 102 -26.11 -50.71 5.30
CA THR A 102 -26.44 -52.06 5.87
C THR A 102 -25.51 -52.39 7.04
N THR A 103 -25.97 -52.33 8.29
CA THR A 103 -25.15 -52.73 9.47
C THR A 103 -24.78 -54.20 9.25
N ALA A 104 -23.50 -54.54 9.17
CA ALA A 104 -23.03 -55.92 8.86
C ALA A 104 -23.24 -56.85 10.05
N GLY A 105 -23.58 -58.12 9.81
CA GLY A 105 -23.66 -59.11 10.89
C GLY A 105 -22.26 -59.44 11.33
N ASP A 106 -21.37 -59.74 10.38
CA ASP A 106 -19.93 -59.95 10.63
C ASP A 106 -19.25 -58.87 9.78
N PHE A 107 -18.52 -57.95 10.41
CA PHE A 107 -17.96 -56.82 9.64
C PHE A 107 -16.81 -57.27 8.74
N GLU A 108 -16.02 -58.25 9.14
CA GLU A 108 -14.80 -58.63 8.38
C GLU A 108 -15.17 -59.56 7.22
N ASP A 109 -16.34 -60.20 7.27
CA ASP A 109 -16.82 -61.12 6.21
C ASP A 109 -17.64 -60.36 5.16
N GLU A 110 -18.30 -59.25 5.53
CA GLU A 110 -19.22 -58.52 4.62
C GLU A 110 -18.63 -57.21 4.10
N LEU A 111 -17.68 -56.58 4.79
CA LEU A 111 -17.12 -55.24 4.42
C LEU A 111 -18.22 -54.24 4.10
N SER A 112 -19.14 -54.00 5.03
CA SER A 112 -20.28 -53.06 4.84
C SER A 112 -20.65 -52.37 6.14
N GLY A 113 -21.50 -51.33 6.07
CA GLY A 113 -21.97 -50.58 7.24
C GLY A 113 -21.10 -49.36 7.50
N ASN A 114 -21.48 -48.50 8.46
CA ASN A 114 -20.66 -47.34 8.88
C ASN A 114 -20.55 -47.46 10.40
N PRO A 115 -19.97 -48.56 10.96
CA PRO A 115 -19.81 -48.65 12.41
C PRO A 115 -18.84 -47.61 12.94
N THR A 116 -19.02 -47.27 14.22
CA THR A 116 -18.17 -46.32 14.91
C THR A 116 -16.93 -47.04 15.44
N VAL A 117 -15.77 -46.44 15.26
CA VAL A 117 -14.53 -46.92 15.88
C VAL A 117 -14.03 -45.80 16.78
N VAL A 118 -13.07 -46.15 17.64
CA VAL A 118 -12.53 -45.22 18.62
C VAL A 118 -11.10 -44.89 18.21
N MET A 119 -10.84 -43.60 17.96
CA MET A 119 -9.48 -43.10 17.88
C MET A 119 -8.88 -43.09 19.28
N VAL A 120 -7.83 -43.87 19.47
CA VAL A 120 -7.10 -43.95 20.73
C VAL A 120 -5.80 -43.17 20.56
N PRO A 121 -5.64 -42.01 21.19
CA PRO A 121 -4.43 -41.21 20.96
C PRO A 121 -3.17 -41.94 21.39
N ASP A 122 -2.10 -41.76 20.59
CA ASP A 122 -0.77 -42.24 20.92
C ASP A 122 0.06 -41.05 21.40
N PRO A 123 0.26 -40.85 22.70
CA PRO A 123 0.92 -39.63 23.16
C PRO A 123 2.37 -39.51 22.72
N THR A 124 3.03 -40.62 22.37
CA THR A 124 4.43 -40.55 21.94
C THR A 124 4.61 -39.89 20.59
N THR A 125 3.53 -39.62 19.85
CA THR A 125 3.60 -39.00 18.53
C THR A 125 3.29 -37.52 18.55
N PHE A 126 3.09 -36.92 19.72
CA PHE A 126 2.62 -35.55 19.82
C PHE A 126 3.61 -34.56 19.24
N LYS A 127 3.09 -33.57 18.51
CA LYS A 127 3.90 -32.49 17.98
C LYS A 127 3.12 -31.19 18.02
N VAL A 128 3.85 -30.09 18.18
CA VAL A 128 3.31 -28.75 17.97
C VAL A 128 3.59 -28.35 16.53
N LEU A 129 2.53 -28.01 15.79
CA LEU A 129 2.65 -27.65 14.38
C LEU A 129 3.09 -26.19 14.31
N PRO A 130 4.31 -25.91 13.84
CA PRO A 130 4.83 -24.54 13.93
C PRO A 130 4.13 -23.55 13.01
N TRP A 131 3.47 -24.01 11.95
CA TRP A 131 2.83 -23.11 10.99
C TRP A 131 1.39 -22.77 11.35
N ALA A 132 0.86 -23.32 12.43
CA ALA A 132 -0.54 -23.14 12.81
C ALA A 132 -0.63 -22.38 14.12
N ASP A 133 -1.82 -21.83 14.38
CA ASP A 133 -2.04 -21.00 15.56
C ASP A 133 -2.34 -21.91 16.75
N LYS A 134 -1.41 -22.00 17.67
CA LYS A 134 -1.61 -22.68 18.95
C LYS A 134 -2.27 -24.04 18.76
N THR A 135 -1.68 -24.84 17.87
CA THR A 135 -2.23 -26.14 17.50
C THR A 135 -1.18 -27.22 17.68
N GLY A 136 -1.52 -28.25 18.46
CA GLY A 136 -0.74 -29.47 18.56
C GLY A 136 -1.32 -30.58 17.69
N TRP A 137 -0.66 -31.74 17.72
CA TRP A 137 -0.97 -32.79 16.76
C TRP A 137 -0.45 -34.14 17.23
N MET A 138 -1.24 -35.18 16.98
CA MET A 138 -0.88 -36.53 17.38
C MET A 138 -1.71 -37.53 16.59
N LEU A 139 -1.11 -38.70 16.38
CA LEU A 139 -1.70 -39.81 15.66
C LEU A 139 -2.54 -40.65 16.62
N ALA A 140 -3.48 -41.38 16.04
CA ALA A 140 -4.36 -42.24 16.81
C ALA A 140 -4.43 -43.63 16.20
N ASP A 141 -4.63 -44.62 17.06
CA ASP A 141 -4.87 -46.00 16.64
C ASP A 141 -6.37 -46.26 16.64
N LEU A 142 -6.89 -46.86 15.57
CA LEU A 142 -8.32 -47.12 15.47
C LEU A 142 -8.63 -48.46 16.13
N HIS A 143 -9.62 -48.48 17.03
CA HIS A 143 -9.98 -49.73 17.70
C HIS A 143 -11.49 -49.89 17.68
N TRP A 144 -11.98 -51.13 17.55
CA TRP A 144 -13.41 -51.34 17.74
C TRP A 144 -13.75 -50.89 19.15
N LYS A 145 -15.02 -50.52 19.38
CA LYS A 145 -15.42 -50.22 20.74
C LYS A 145 -15.31 -51.46 21.62
N SER A 146 -15.23 -52.65 21.00
CA SER A 146 -14.94 -53.86 21.75
C SER A 146 -13.55 -53.80 22.39
N GLY A 147 -12.63 -53.02 21.83
CA GLY A 147 -11.26 -52.87 22.29
C GLY A 147 -10.24 -53.47 21.36
N GLU A 148 -10.68 -54.27 20.36
CA GLU A 148 -9.83 -54.95 19.40
C GLU A 148 -9.40 -53.96 18.30
N PRO A 149 -8.21 -54.13 17.74
CA PRO A 149 -7.74 -53.20 16.71
C PRO A 149 -8.62 -53.22 15.46
N PHE A 150 -8.77 -52.06 14.82
CA PHE A 150 -9.56 -52.00 13.61
C PHE A 150 -8.74 -52.67 12.51
N PRO A 151 -9.28 -53.68 11.82
CA PRO A 151 -8.42 -54.54 10.99
C PRO A 151 -7.89 -53.89 9.72
N LEU A 152 -8.40 -52.72 9.34
CA LEU A 152 -7.96 -52.06 8.13
C LEU A 152 -6.96 -50.93 8.36
N CYS A 153 -6.62 -50.63 9.60
CA CYS A 153 -5.74 -49.51 9.95
C CYS A 153 -4.34 -49.75 9.39
N PRO A 154 -3.82 -48.89 8.51
CA PRO A 154 -2.47 -49.13 7.97
C PRO A 154 -1.38 -49.12 9.04
N ARG A 155 -1.48 -48.21 10.03
CA ARG A 155 -0.50 -48.18 11.10
C ARG A 155 -0.51 -49.48 11.90
N GLY A 156 -1.68 -50.12 12.03
CA GLY A 156 -1.72 -51.41 12.68
C GLY A 156 -0.98 -52.47 11.89
N ILE A 157 -1.06 -52.40 10.56
CA ILE A 157 -0.30 -53.31 9.72
C ILE A 157 1.20 -53.10 9.91
N MET A 158 1.62 -51.84 10.01
CA MET A 158 3.03 -51.55 10.25
C MET A 158 3.46 -52.06 11.63
N LYS A 159 2.59 -51.91 12.65
CA LYS A 159 2.89 -52.43 13.98
C LYS A 159 3.06 -53.94 13.96
N LYS A 160 2.20 -54.65 13.21
CA LYS A 160 2.32 -56.11 13.12
C LYS A 160 3.61 -56.52 12.43
N ALA A 161 3.97 -55.83 11.35
CA ALA A 161 5.23 -56.13 10.67
C ALA A 161 6.41 -55.89 11.61
N VAL A 162 6.38 -54.78 12.36
CA VAL A 162 7.45 -54.47 13.30
C VAL A 162 7.53 -55.55 14.37
N LYS A 163 6.38 -56.04 14.82
CA LYS A 163 6.34 -57.07 15.87
C LYS A 163 6.91 -58.38 15.35
N SER A 164 6.58 -58.77 14.12
CA SER A 164 7.15 -60.00 13.57
C SER A 164 8.66 -59.88 13.43
N LEU A 165 9.14 -58.72 12.97
CA LEU A 165 10.58 -58.51 12.84
C LEU A 165 11.26 -58.56 14.21
N SER A 166 10.62 -57.98 15.22
CA SER A 166 11.16 -58.00 16.58
C SER A 166 11.15 -59.41 17.15
N ASP A 167 10.18 -60.23 16.75
CA ASP A 167 10.16 -61.62 17.18
C ASP A 167 11.30 -62.38 16.54
N GLU A 168 11.74 -61.97 15.34
CA GLU A 168 12.93 -62.58 14.74
C GLU A 168 14.23 -61.94 15.25
N GLY A 169 14.14 -60.89 16.05
CA GLY A 169 15.32 -60.30 16.67
C GLY A 169 15.97 -59.13 15.95
N TYR A 170 15.21 -58.40 15.13
CA TYR A 170 15.76 -57.35 14.28
C TYR A 170 14.95 -56.07 14.41
N LEU A 171 15.61 -54.96 14.10
CA LEU A 171 14.97 -53.66 14.03
C LEU A 171 15.15 -53.11 12.62
N PHE A 172 14.07 -52.53 12.09
CA PHE A 172 14.01 -51.96 10.75
C PHE A 172 14.55 -50.53 10.81
N LYS A 173 15.62 -50.25 10.08
CA LYS A 173 16.23 -48.93 9.99
C LYS A 173 16.02 -48.40 8.58
N CYS A 174 15.43 -47.22 8.47
CA CYS A 174 14.97 -46.71 7.17
C CYS A 174 15.43 -45.28 6.95
N GLY A 175 16.05 -45.07 5.82
CA GLY A 175 16.39 -43.75 5.34
C GLY A 175 15.38 -43.30 4.31
N ILE A 176 14.70 -42.19 4.64
CA ILE A 176 13.65 -41.62 3.80
C ILE A 176 14.30 -40.67 2.80
N GLU A 177 14.11 -40.97 1.52
CA GLU A 177 14.61 -40.18 0.40
C GLU A 177 13.42 -39.88 -0.51
N LEU A 178 12.91 -38.65 -0.41
CA LEU A 178 11.66 -38.27 -1.06
C LEU A 178 11.88 -37.18 -2.09
N GLU A 179 11.37 -37.43 -3.29
CA GLU A 179 11.28 -36.44 -4.35
C GLU A 179 9.86 -35.89 -4.41
N TRP A 180 9.73 -34.61 -4.75
CA TRP A 180 8.40 -34.02 -4.82
C TRP A 180 8.45 -32.75 -5.67
N TYR A 181 7.29 -32.18 -5.98
CA TYR A 181 7.22 -30.97 -6.79
C TYR A 181 6.76 -29.78 -5.99
N LEU A 182 7.45 -28.65 -6.16
CA LEU A 182 7.10 -27.37 -5.53
C LEU A 182 6.58 -26.44 -6.63
N THR A 183 5.33 -25.99 -6.51
CA THR A 183 4.75 -25.12 -7.52
C THR A 183 4.06 -23.96 -6.84
N LYS A 184 3.79 -22.91 -7.59
CA LYS A 184 3.08 -21.75 -7.05
C LYS A 184 1.66 -21.78 -7.58
N ILE A 185 0.68 -21.51 -6.71
CA ILE A 185 -0.76 -21.63 -7.06
C ILE A 185 -1.19 -20.42 -7.89
N VAL A 186 -1.82 -20.64 -9.03
CA VAL A 186 -2.39 -19.59 -9.90
C VAL A 186 -3.89 -19.51 -9.57
N ASP A 187 -4.57 -20.63 -9.36
CA ASP A 187 -6.02 -20.70 -9.02
C ASP A 187 -6.24 -21.93 -8.13
N ARG A 188 -7.04 -21.83 -7.09
CA ARG A 188 -7.31 -22.96 -6.16
C ARG A 188 -8.51 -23.77 -6.69
N SER A 189 -9.11 -23.38 -7.79
CA SER A 189 -10.22 -24.12 -8.46
C SER A 189 -11.39 -24.29 -7.50
N LEU A 190 -11.71 -23.27 -6.70
CA LEU A 190 -12.77 -23.32 -5.66
C LEU A 190 -14.14 -22.89 -6.22
N SER A 191 -14.26 -22.48 -7.48
CA SER A 191 -15.54 -22.11 -8.06
C SER A 191 -16.49 -23.30 -7.97
N PRO A 192 -17.78 -23.07 -7.69
CA PRO A 192 -18.73 -24.18 -7.49
C PRO A 192 -18.71 -25.20 -8.60
N GLU A 193 -18.65 -24.76 -9.86
CA GLU A 193 -18.61 -25.74 -10.95
C GLU A 193 -17.34 -26.56 -10.99
N SER A 194 -16.38 -26.25 -10.14
CA SER A 194 -15.12 -26.96 -10.10
C SER A 194 -14.99 -27.91 -8.91
N LEU A 195 -16.06 -28.09 -8.13
CA LEU A 195 -16.00 -28.83 -6.87
C LEU A 195 -16.30 -30.31 -7.03
N GLY A 196 -16.70 -30.75 -8.21
CA GLY A 196 -17.01 -32.13 -8.43
C GLY A 196 -18.29 -32.58 -7.72
N ALA A 197 -18.29 -33.84 -7.34
CA ALA A 197 -19.43 -34.53 -6.72
C ALA A 197 -18.91 -35.83 -6.13
N PRO A 198 -19.70 -36.56 -5.34
CA PRO A 198 -19.28 -37.92 -4.94
C PRO A 198 -19.02 -38.76 -6.17
N GLY A 199 -17.81 -39.30 -6.25
CA GLY A 199 -17.43 -40.08 -7.41
C GLY A 199 -17.10 -39.28 -8.65
N VAL A 200 -16.99 -37.97 -8.55
CA VAL A 200 -16.69 -37.10 -9.68
C VAL A 200 -15.51 -36.23 -9.28
N GLN A 201 -14.42 -36.32 -10.06
CA GLN A 201 -13.20 -35.62 -9.68
C GLN A 201 -13.40 -34.11 -9.73
N PRO A 202 -12.98 -33.37 -8.70
CA PRO A 202 -12.95 -31.91 -8.82
C PRO A 202 -11.79 -31.47 -9.72
N ASP A 203 -11.84 -30.21 -10.12
CA ASP A 203 -10.79 -29.67 -10.97
C ASP A 203 -9.48 -29.65 -10.21
N ALA A 204 -8.39 -29.89 -10.94
CA ALA A 204 -7.06 -29.76 -10.36
C ALA A 204 -6.74 -28.30 -10.08
N ILE A 205 -5.97 -28.09 -9.02
CA ILE A 205 -5.38 -26.78 -8.77
C ILE A 205 -4.51 -26.38 -9.96
N GLN A 206 -4.62 -25.11 -10.36
CA GLN A 206 -3.77 -24.54 -11.39
C GLN A 206 -2.51 -23.98 -10.72
N VAL A 207 -1.35 -24.27 -11.31
CA VAL A 207 -0.07 -23.89 -10.73
C VAL A 207 0.86 -23.39 -11.83
N GLN A 208 2.01 -22.90 -11.41
CA GLN A 208 3.12 -22.39 -12.21
C GLN A 208 4.41 -22.97 -11.62
N PRO A 209 5.32 -23.47 -12.45
CA PRO A 209 6.62 -23.91 -11.93
C PRO A 209 7.34 -22.75 -11.24
N VAL A 210 8.24 -23.10 -10.33
CA VAL A 210 8.95 -22.11 -9.54
C VAL A 210 10.38 -21.91 -10.00
N ALA A 211 10.86 -22.72 -10.95
CA ALA A 211 12.23 -22.64 -11.41
C ALA A 211 12.39 -23.53 -12.63
N GLN A 212 13.29 -23.14 -13.53
CA GLN A 212 13.68 -24.02 -14.62
C GLN A 212 14.50 -25.18 -14.06
N GLY A 213 14.77 -26.15 -14.90
CA GLY A 213 15.46 -27.36 -14.46
C GLY A 213 16.38 -27.95 -15.49
N TYR A 214 16.49 -29.27 -15.46
CA TYR A 214 17.43 -30.02 -16.30
C TYR A 214 18.84 -29.45 -16.16
N SER A 215 19.15 -29.01 -14.95
CA SER A 215 20.48 -28.59 -14.51
C SER A 215 20.56 -29.16 -13.10
N VAL A 216 20.94 -30.43 -12.98
CA VAL A 216 20.70 -31.16 -11.76
C VAL A 216 21.61 -30.65 -10.65
N LEU A 217 21.06 -30.53 -9.44
CA LEU A 217 21.82 -30.20 -8.24
C LEU A 217 22.43 -28.79 -8.31
N LEU A 218 21.84 -27.90 -9.09
CA LEU A 218 22.38 -26.55 -9.21
C LEU A 218 22.10 -25.77 -7.93
N GLU A 219 23.15 -25.24 -7.32
CA GLU A 219 23.02 -24.45 -6.10
C GLU A 219 22.12 -23.24 -6.35
N HIS A 220 22.26 -22.60 -7.51
CA HIS A 220 21.48 -21.39 -7.77
C HIS A 220 19.99 -21.68 -7.69
N HIS A 221 19.59 -22.88 -8.11
CA HIS A 221 18.20 -23.29 -8.00
C HIS A 221 17.76 -23.38 -6.54
N LEU A 222 18.62 -23.92 -5.68
CA LEU A 222 18.31 -23.99 -4.26
C LEU A 222 18.11 -22.60 -3.69
N ASP A 223 18.98 -21.66 -4.04
CA ASP A 223 18.83 -20.30 -3.54
C ASP A 223 17.57 -19.65 -4.10
N GLN A 224 17.27 -19.94 -5.35
CA GLN A 224 16.15 -19.30 -6.04
C GLN A 224 14.83 -19.60 -5.34
N VAL A 225 14.67 -20.82 -4.81
CA VAL A 225 13.40 -21.24 -4.21
C VAL A 225 13.45 -21.18 -2.68
N ASP A 226 14.51 -20.62 -2.11
CA ASP A 226 14.68 -20.75 -0.66
C ASP A 226 13.85 -19.77 0.15
N ASP A 227 13.20 -18.78 -0.47
CA ASP A 227 12.29 -17.95 0.32
C ASP A 227 11.17 -18.81 0.93
N ILE A 228 10.70 -19.82 0.22
CA ILE A 228 9.70 -20.76 0.74
C ILE A 228 10.34 -22.03 1.28
N MET A 229 11.39 -22.52 0.61
CA MET A 229 12.02 -23.75 1.09
C MET A 229 12.62 -23.53 2.46
N SER A 230 13.02 -22.30 2.80
CA SER A 230 13.51 -22.03 4.15
C SER A 230 12.38 -22.18 5.17
N LYS A 231 11.14 -21.89 4.79
CA LYS A 231 10.03 -22.11 5.70
C LYS A 231 9.73 -23.59 5.83
N VAL A 232 9.79 -24.33 4.73
CA VAL A 232 9.64 -25.78 4.82
C VAL A 232 10.71 -26.38 5.71
N ARG A 233 11.96 -25.95 5.52
CA ARG A 233 13.08 -26.42 6.32
C ARG A 233 12.88 -26.12 7.80
N LYS A 234 12.51 -24.88 8.13
CA LYS A 234 12.30 -24.53 9.53
C LYS A 234 11.17 -25.34 10.12
N GLY A 235 10.09 -25.56 9.37
CA GLY A 235 9.00 -26.37 9.88
C GLY A 235 9.42 -27.80 10.18
N LEU A 236 10.16 -28.41 9.25
CA LEU A 236 10.63 -29.77 9.47
C LEU A 236 11.56 -29.86 10.67
N LEU A 237 12.48 -28.89 10.79
CA LEU A 237 13.42 -28.91 11.91
C LEU A 237 12.73 -28.64 13.24
N GLU A 238 11.69 -27.80 13.24
CA GLU A 238 11.04 -27.49 14.51
C GLU A 238 10.18 -28.65 15.00
N LEU A 239 9.69 -29.49 14.08
CA LEU A 239 9.04 -30.75 14.43
C LEU A 239 10.05 -31.82 14.85
N ASN A 240 11.33 -31.48 14.92
CA ASN A 240 12.38 -32.42 15.33
C ASN A 240 12.48 -33.62 14.40
N LEU A 241 12.14 -33.42 13.14
CA LEU A 241 12.36 -34.48 12.16
C LEU A 241 13.83 -34.44 11.72
N PRO A 242 14.47 -35.60 11.54
CA PRO A 242 15.92 -35.58 11.29
C PRO A 242 16.26 -35.24 9.83
N LEU A 243 15.99 -33.99 9.47
CA LEU A 243 16.29 -33.52 8.13
C LEU A 243 17.80 -33.62 7.86
N ARG A 244 18.15 -34.12 6.70
CA ARG A 244 19.54 -34.32 6.32
C ARG A 244 19.97 -33.47 5.14
N SER A 245 19.12 -33.35 4.12
CA SER A 245 19.52 -32.59 2.95
C SER A 245 18.31 -32.09 2.18
N ILE A 246 18.51 -30.96 1.50
CA ILE A 246 17.59 -30.44 0.51
C ILE A 246 18.36 -30.30 -0.78
N GLU A 247 17.76 -30.76 -1.88
CA GLU A 247 18.47 -30.82 -3.16
C GLU A 247 17.54 -30.48 -4.32
N ASP A 248 18.13 -29.93 -5.37
CA ASP A 248 17.40 -29.68 -6.61
C ASP A 248 17.52 -30.93 -7.48
N GLU A 249 16.38 -31.56 -7.74
CA GLU A 249 16.38 -32.76 -8.55
C GLU A 249 16.40 -32.35 -10.02
N TRP A 250 16.45 -33.34 -10.90
CA TRP A 250 16.69 -33.09 -12.32
C TRP A 250 15.65 -32.12 -12.90
N ALA A 251 14.38 -32.35 -12.63
CA ALA A 251 13.34 -31.65 -13.37
C ALA A 251 13.13 -30.22 -12.88
N PRO A 252 12.51 -29.38 -13.71
CA PRO A 252 12.13 -28.04 -13.25
C PRO A 252 11.22 -28.14 -12.03
N SER A 253 11.63 -27.46 -10.96
CA SER A 253 10.86 -27.37 -9.73
C SER A 253 10.75 -28.70 -8.97
N GLN A 254 11.51 -29.70 -9.38
CA GLN A 254 11.55 -30.98 -8.67
C GLN A 254 12.57 -30.88 -7.54
N MET A 255 12.12 -31.15 -6.32
CA MET A 255 12.95 -31.06 -5.14
C MET A 255 13.17 -32.45 -4.55
N GLU A 256 14.19 -32.54 -3.72
CA GLU A 256 14.40 -33.75 -2.95
C GLU A 256 14.76 -33.40 -1.52
N THR A 257 14.13 -34.09 -0.57
CA THR A 257 14.44 -33.96 0.84
C THR A 257 14.76 -35.36 1.36
N THR A 258 15.90 -35.49 2.02
CA THR A 258 16.31 -36.76 2.60
C THR A 258 16.41 -36.59 4.11
N PHE A 259 16.33 -37.71 4.81
CA PHE A 259 16.30 -37.68 6.26
C PHE A 259 17.22 -38.75 6.81
N ASP A 260 17.74 -38.47 8.00
CA ASP A 260 18.62 -39.40 8.69
C ASP A 260 17.85 -40.66 9.09
N VAL A 261 18.60 -41.71 9.43
CA VAL A 261 18.00 -43.00 9.69
C VAL A 261 17.04 -42.91 10.86
N MET A 262 15.85 -43.47 10.69
CA MET A 262 14.88 -43.64 11.77
C MET A 262 14.50 -45.12 11.82
N GLU A 263 13.72 -45.50 12.83
CA GLU A 263 13.46 -46.90 13.13
C GLU A 263 11.97 -47.20 13.13
N GLY A 264 11.60 -48.26 12.40
CA GLY A 264 10.27 -48.84 12.40
C GLY A 264 9.08 -47.89 12.38
N LEU A 265 8.21 -48.07 13.38
CA LEU A 265 6.97 -47.32 13.44
C LEU A 265 7.25 -45.82 13.47
N GLU A 266 8.28 -45.42 14.22
CA GLU A 266 8.68 -44.02 14.24
C GLU A 266 9.02 -43.53 12.84
N ALA A 267 9.71 -44.35 12.06
CA ALA A 267 10.06 -43.96 10.70
C ALA A 267 8.82 -43.77 9.83
N ALA A 268 7.86 -44.69 9.93
CA ALA A 268 6.64 -44.55 9.14
C ALA A 268 5.84 -43.31 9.56
N ASP A 269 5.69 -43.12 10.87
CA ASP A 269 4.99 -41.93 11.37
C ASP A 269 5.68 -40.66 10.87
N ALA A 270 7.02 -40.68 10.87
CA ALA A 270 7.78 -39.51 10.44
C ALA A 270 7.54 -39.21 8.98
N ALA A 271 7.54 -40.25 8.13
CA ALA A 271 7.29 -40.01 6.70
C ALA A 271 5.91 -39.38 6.49
N LEU A 272 4.90 -39.89 7.20
CA LEU A 272 3.56 -39.33 7.07
C LEU A 272 3.54 -37.86 7.47
N LEU A 273 4.15 -37.55 8.62
CA LEU A 273 4.18 -36.17 9.08
C LEU A 273 5.01 -35.29 8.15
N ILE A 274 6.08 -35.82 7.57
CA ILE A 274 6.93 -35.03 6.68
C ILE A 274 6.12 -34.55 5.49
N LYS A 275 5.39 -35.48 4.85
CA LYS A 275 4.62 -35.11 3.67
C LYS A 275 3.50 -34.15 4.06
N SER A 276 2.83 -34.40 5.20
CA SER A 276 1.77 -33.50 5.63
C SER A 276 2.30 -32.09 5.84
N ALA A 277 3.45 -31.97 6.52
CA ALA A 277 4.00 -30.67 6.82
C ALA A 277 4.45 -29.94 5.56
N ILE A 278 5.12 -30.64 4.65
CA ILE A 278 5.53 -29.99 3.41
C ILE A 278 4.32 -29.40 2.71
N LYS A 279 3.25 -30.20 2.58
CA LYS A 279 2.08 -29.71 1.87
C LYS A 279 1.45 -28.53 2.58
N GLN A 280 1.30 -28.61 3.91
CA GLN A 280 0.60 -27.55 4.63
C GLN A 280 1.39 -26.25 4.64
N ILE A 281 2.71 -26.30 4.85
CA ILE A 281 3.51 -25.08 4.83
C ILE A 281 3.42 -24.42 3.46
N CYS A 282 3.61 -25.22 2.40
CA CYS A 282 3.55 -24.65 1.05
C CYS A 282 2.20 -23.99 0.79
N SER A 283 1.11 -24.67 1.17
CA SER A 283 -0.22 -24.10 0.95
C SER A 283 -0.40 -22.83 1.77
N ARG A 284 0.15 -22.80 3.00
CA ARG A 284 0.02 -21.63 3.84
C ARG A 284 0.64 -20.42 3.19
N HIS A 285 1.63 -20.61 2.34
CA HIS A 285 2.28 -19.48 1.69
C HIS A 285 1.95 -19.38 0.21
N GLY A 286 0.85 -19.97 -0.22
CA GLY A 286 0.42 -19.84 -1.60
C GLY A 286 1.14 -20.74 -2.58
N TYR A 287 1.81 -21.78 -2.10
CA TYR A 287 2.46 -22.77 -2.95
C TYR A 287 1.75 -24.12 -2.79
N HIS A 288 1.91 -24.96 -3.81
CA HIS A 288 1.39 -26.31 -3.83
C HIS A 288 2.55 -27.28 -3.97
N ALA A 289 2.78 -28.08 -2.92
CA ALA A 289 3.68 -29.22 -2.98
C ALA A 289 2.87 -30.46 -3.32
N THR A 290 3.39 -31.27 -4.23
CA THR A 290 2.72 -32.51 -4.59
C THR A 290 3.71 -33.68 -4.65
N PHE A 291 3.26 -34.79 -4.09
CA PHE A 291 3.94 -36.08 -4.16
C PHE A 291 3.32 -36.98 -5.21
N MET A 292 2.46 -36.45 -6.06
CA MET A 292 2.03 -37.16 -7.24
C MET A 292 3.26 -37.49 -8.09
N CYS A 293 3.35 -38.75 -8.52
CA CYS A 293 4.57 -39.26 -9.12
C CYS A 293 4.98 -38.43 -10.33
N LYS A 294 4.05 -38.22 -11.26
CA LYS A 294 4.36 -37.53 -12.50
C LYS A 294 3.20 -36.62 -12.89
N PRO A 295 3.24 -35.36 -12.45
CA PRO A 295 2.15 -34.43 -12.76
C PRO A 295 2.00 -34.22 -14.25
N ALA A 296 0.75 -33.97 -14.67
CA ALA A 296 0.44 -33.65 -16.07
C ALA A 296 0.76 -32.17 -16.31
N ILE A 297 2.05 -31.85 -16.19
CA ILE A 297 2.57 -30.51 -16.44
C ILE A 297 3.79 -30.68 -17.33
N ASN A 298 3.85 -29.91 -18.42
CA ASN A 298 4.94 -30.08 -19.37
C ASN A 298 6.28 -29.93 -18.68
N GLY A 299 7.19 -30.86 -18.98
CA GLY A 299 8.53 -30.84 -18.44
C GLY A 299 8.73 -31.58 -17.14
N PHE A 300 7.67 -32.05 -16.51
CA PHE A 300 7.78 -32.67 -15.19
C PHE A 300 8.07 -34.15 -15.34
N PHE A 301 9.24 -34.59 -14.87
CA PHE A 301 9.46 -36.03 -14.90
C PHE A 301 9.02 -36.67 -13.60
N ALA A 302 9.01 -38.00 -13.61
CA ALA A 302 8.53 -38.78 -12.49
C ALA A 302 9.37 -38.53 -11.24
N SER A 303 8.69 -38.46 -10.10
CA SER A 303 9.32 -38.43 -8.79
C SER A 303 9.32 -39.83 -8.21
N GLY A 304 10.35 -40.13 -7.43
CA GLY A 304 10.48 -41.43 -6.80
C GLY A 304 10.65 -41.28 -5.30
N TRP A 305 10.24 -42.32 -4.60
CA TRP A 305 10.49 -42.45 -3.16
C TRP A 305 11.39 -43.66 -2.98
N HIS A 306 12.70 -43.41 -2.85
CA HIS A 306 13.61 -44.52 -2.66
C HIS A 306 13.70 -44.85 -1.18
N MET A 307 13.56 -46.14 -0.85
CA MET A 307 13.55 -46.60 0.53
C MET A 307 14.89 -47.25 0.86
N HIS A 308 15.70 -46.56 1.66
CA HIS A 308 16.96 -47.12 2.13
C HIS A 308 16.69 -47.89 3.41
N GLN A 309 17.20 -49.11 3.49
CA GLN A 309 16.75 -49.99 4.54
C GLN A 309 17.87 -50.93 4.96
N SER A 310 18.01 -51.09 6.27
CA SER A 310 18.90 -52.07 6.87
C SER A 310 18.20 -52.67 8.08
N LEU A 311 18.67 -53.83 8.48
CA LEU A 311 18.22 -54.50 9.69
C LEU A 311 19.36 -54.48 10.69
N VAL A 312 19.04 -54.19 11.96
CA VAL A 312 20.01 -54.22 13.04
C VAL A 312 19.53 -55.23 14.07
N ASP A 313 20.44 -55.66 14.92
CA ASP A 313 20.15 -56.58 15.99
C ASP A 313 19.51 -55.81 17.13
N LYS A 314 18.53 -56.43 17.76
CA LYS A 314 17.76 -55.77 18.82
C LYS A 314 18.60 -55.46 20.05
N ASP A 315 19.61 -56.27 20.33
CA ASP A 315 20.44 -56.15 21.53
C ASP A 315 21.78 -55.49 21.26
N THR A 316 22.50 -55.96 20.27
CA THR A 316 23.79 -55.38 19.92
C THR A 316 23.62 -54.07 19.16
N ARG A 317 22.48 -53.88 18.51
CA ARG A 317 22.19 -52.66 17.73
C ARG A 317 23.29 -52.44 16.68
N LYS A 318 23.63 -53.50 15.97
CA LYS A 318 24.66 -53.50 14.95
C LYS A 318 24.01 -53.80 13.60
N ASN A 319 24.43 -53.08 12.55
CA ASN A 319 23.87 -53.34 11.23
C ASN A 319 24.23 -54.78 10.84
N LEU A 320 23.21 -55.63 10.69
CA LEU A 320 23.44 -57.03 10.35
C LEU A 320 23.48 -57.25 8.85
N PHE A 321 23.65 -56.18 8.06
CA PHE A 321 23.78 -56.26 6.62
C PHE A 321 25.22 -56.08 6.15
N ILE A 322 26.12 -55.73 7.06
CA ILE A 322 27.48 -55.30 6.69
C ILE A 322 28.23 -56.45 6.03
N PRO A 323 28.80 -56.27 4.85
CA PRO A 323 29.49 -57.38 4.19
C PRO A 323 30.92 -57.57 4.69
N SER A 324 31.40 -58.80 4.47
CA SER A 324 32.80 -59.14 4.66
C SER A 324 33.52 -58.87 3.35
N GLU A 325 34.85 -58.98 3.38
CA GLU A 325 35.57 -58.83 2.13
C GLU A 325 35.07 -59.91 1.18
N GLY A 326 34.82 -59.51 -0.06
CA GLY A 326 34.25 -60.45 -1.00
C GLY A 326 32.75 -60.59 -0.95
N GLU A 327 32.05 -59.58 -0.45
CA GLU A 327 30.60 -59.69 -0.32
C GLU A 327 30.01 -58.33 -0.66
N VAL A 328 28.85 -58.32 -1.30
CA VAL A 328 28.14 -57.04 -1.40
C VAL A 328 27.21 -56.85 -0.21
N LEU A 329 26.81 -57.93 0.45
CA LEU A 329 25.98 -57.85 1.64
C LEU A 329 26.28 -59.07 2.50
N SER A 330 25.96 -58.96 3.79
CA SER A 330 26.01 -60.15 4.66
C SER A 330 25.00 -61.17 4.14
N PRO A 331 25.18 -62.45 4.45
CA PRO A 331 24.17 -63.43 4.01
C PRO A 331 22.76 -63.05 4.43
N LEU A 332 22.57 -62.45 5.62
CA LEU A 332 21.24 -62.01 6.03
C LEU A 332 20.72 -60.96 5.06
N GLY A 333 21.56 -59.99 4.72
CA GLY A 333 21.13 -58.96 3.79
C GLY A 333 20.89 -59.49 2.39
N ARG A 334 21.69 -60.47 1.95
CA ARG A 334 21.46 -61.09 0.66
C ARG A 334 20.10 -61.77 0.65
N ALA A 335 19.76 -62.48 1.74
CA ALA A 335 18.46 -63.10 1.80
C ALA A 335 17.35 -62.08 1.86
N TYR A 336 17.55 -60.98 2.61
CA TYR A 336 16.58 -59.89 2.64
C TYR A 336 16.35 -59.35 1.24
N ALA A 337 17.43 -59.13 0.50
CA ALA A 337 17.30 -58.72 -0.87
C ALA A 337 16.55 -59.76 -1.69
N GLY A 338 16.85 -61.03 -1.46
CA GLY A 338 16.13 -62.06 -2.17
C GLY A 338 14.65 -62.00 -1.88
N GLY A 339 14.29 -61.73 -0.63
CA GLY A 339 12.89 -61.57 -0.27
C GLY A 339 12.24 -60.36 -0.93
N LEU A 340 12.96 -59.25 -0.95
CA LEU A 340 12.47 -58.06 -1.66
C LEU A 340 12.20 -58.38 -3.12
N LEU A 341 13.18 -59.00 -3.79
CA LEU A 341 13.04 -59.29 -5.21
C LEU A 341 11.93 -60.28 -5.47
N ALA A 342 11.84 -61.34 -4.65
CA ALA A 342 10.86 -62.38 -4.94
C ALA A 342 9.43 -61.88 -4.85
N ASN A 343 9.17 -60.89 -3.98
CA ASN A 343 7.83 -60.40 -3.71
C ASN A 343 7.54 -59.04 -4.31
N GLY A 344 8.42 -58.53 -5.18
CA GLY A 344 8.25 -57.17 -5.66
C GLY A 344 7.03 -56.98 -6.53
N SER A 345 6.58 -58.04 -7.22
CA SER A 345 5.38 -57.93 -8.04
C SER A 345 4.12 -57.98 -7.17
N ALA A 346 4.07 -58.89 -6.20
CA ALA A 346 2.92 -58.95 -5.30
C ALA A 346 2.81 -57.69 -4.44
N ALA A 347 3.95 -57.09 -4.09
CA ALA A 347 3.98 -55.89 -3.28
C ALA A 347 3.82 -54.61 -4.10
N SER A 348 3.68 -54.72 -5.42
CA SER A 348 3.76 -53.53 -6.27
C SER A 348 2.65 -52.52 -5.94
N SER A 349 1.42 -53.00 -5.74
CA SER A 349 0.31 -52.10 -5.47
C SER A 349 0.48 -51.36 -4.15
N PHE A 350 1.34 -51.86 -3.26
CA PHE A 350 1.59 -51.20 -1.98
C PHE A 350 2.74 -50.18 -2.08
N THR A 351 3.82 -50.53 -2.77
CA THR A 351 4.91 -49.59 -2.93
C THR A 351 4.55 -48.52 -3.96
N THR A 352 3.69 -48.87 -4.91
CA THR A 352 3.31 -48.01 -6.03
C THR A 352 1.80 -48.04 -6.17
N PRO A 353 1.08 -47.38 -5.26
CA PRO A 353 -0.39 -47.56 -5.21
C PRO A 353 -1.18 -46.80 -6.27
N THR A 354 -0.64 -45.76 -6.87
CA THR A 354 -1.38 -44.94 -7.81
C THR A 354 -1.19 -45.44 -9.24
N VAL A 355 -2.22 -45.20 -10.07
CA VAL A 355 -2.10 -45.46 -11.50
C VAL A 355 -0.89 -44.71 -12.05
N ASN A 356 -0.80 -43.44 -11.71
CA ASN A 356 0.23 -42.57 -12.26
C ASN A 356 1.61 -43.04 -11.88
N GLY A 357 1.74 -43.72 -10.74
CA GLY A 357 3.04 -44.19 -10.34
C GLY A 357 3.64 -45.17 -11.30
N TYR A 358 2.84 -45.82 -12.12
CA TYR A 358 3.42 -46.77 -13.07
C TYR A 358 3.95 -46.10 -14.32
N ARG A 359 3.86 -44.79 -14.43
CA ARG A 359 4.56 -44.10 -15.51
C ARG A 359 6.07 -44.27 -15.39
N ARG A 360 6.55 -44.67 -14.24
CA ARG A 360 7.97 -44.93 -14.07
C ARG A 360 8.39 -46.32 -14.55
N ARG A 361 7.45 -47.20 -14.88
CA ARG A 361 7.76 -48.58 -15.29
C ARG A 361 8.12 -48.63 -16.78
N GLN A 362 9.31 -48.08 -17.07
CA GLN A 362 9.88 -47.98 -18.41
C GLN A 362 11.41 -48.00 -18.27
N PRO A 363 12.14 -48.31 -19.34
CA PRO A 363 13.60 -48.41 -19.26
C PRO A 363 14.27 -47.05 -19.40
N TYR A 364 15.56 -47.04 -19.08
CA TYR A 364 16.41 -45.87 -19.24
C TYR A 364 15.79 -44.66 -18.55
N SER A 365 15.30 -44.90 -17.34
CA SER A 365 14.55 -43.90 -16.60
C SER A 365 15.07 -43.66 -15.20
N LEU A 366 16.17 -44.29 -14.81
CA LEU A 366 16.61 -44.22 -13.41
C LEU A 366 15.49 -44.68 -12.48
N ALA A 367 14.65 -45.59 -12.98
CA ALA A 367 13.57 -46.20 -12.21
C ALA A 367 13.50 -47.66 -12.61
N PRO A 368 13.03 -48.54 -11.73
CA PRO A 368 13.07 -49.98 -12.00
C PRO A 368 11.94 -50.43 -12.90
N ASP A 369 12.28 -51.30 -13.84
CA ASP A 369 11.32 -52.04 -14.63
C ASP A 369 11.50 -53.55 -14.49
N ARG A 370 12.43 -53.98 -13.65
CA ARG A 370 12.82 -55.37 -13.58
C ARG A 370 13.13 -55.78 -12.15
N ARG A 371 12.99 -57.07 -11.86
CA ARG A 371 13.37 -57.60 -10.54
C ARG A 371 14.80 -58.13 -10.61
N ALA A 372 15.74 -57.18 -10.54
CA ALA A 372 17.18 -57.42 -10.53
C ALA A 372 17.80 -56.52 -9.46
N TRP A 373 18.84 -57.02 -8.79
CA TRP A 373 19.62 -56.25 -7.81
C TRP A 373 21.03 -56.02 -8.36
N ALA A 374 21.68 -54.95 -7.89
CA ALA A 374 22.98 -54.63 -8.45
C ALA A 374 23.77 -53.68 -7.56
N LYS A 375 25.07 -53.58 -7.87
CA LYS A 375 25.99 -52.67 -7.21
C LYS A 375 25.86 -51.27 -7.76
N ASP A 376 25.47 -50.33 -6.89
CA ASP A 376 25.61 -48.91 -7.18
C ASP A 376 25.10 -48.58 -8.57
N ASN A 377 24.03 -49.23 -8.99
CA ASN A 377 23.43 -49.00 -10.29
C ASN A 377 21.98 -48.60 -10.09
N LYS A 378 21.66 -47.35 -10.45
CA LYS A 378 20.32 -46.78 -10.29
C LYS A 378 19.35 -47.24 -11.38
N ALA A 379 19.76 -48.20 -12.22
CA ALA A 379 18.85 -48.84 -13.17
C ALA A 379 18.14 -50.04 -12.58
N ALA A 380 18.54 -50.50 -11.40
CA ALA A 380 18.03 -51.73 -10.82
C ALA A 380 16.95 -51.42 -9.79
N MET A 381 16.17 -52.47 -9.47
CA MET A 381 15.16 -52.37 -8.43
C MET A 381 15.79 -52.28 -7.05
N VAL A 382 16.76 -53.15 -6.78
CA VAL A 382 17.44 -53.21 -5.50
C VAL A 382 18.88 -52.78 -5.75
N ARG A 383 19.25 -51.61 -5.26
CA ARG A 383 20.61 -51.09 -5.37
C ARG A 383 21.30 -51.28 -4.04
N VAL A 384 22.45 -51.97 -4.06
CA VAL A 384 23.19 -52.22 -2.83
C VAL A 384 24.17 -51.07 -2.64
N VAL A 385 24.07 -50.37 -1.51
CA VAL A 385 25.03 -49.33 -1.16
C VAL A 385 25.86 -49.88 -0.01
N SER A 386 27.13 -50.19 -0.26
CA SER A 386 27.91 -50.84 0.78
C SER A 386 29.40 -50.78 0.50
N ALA A 387 30.16 -51.03 1.58
CA ALA A 387 31.59 -51.26 1.54
C ALA A 387 31.94 -52.15 2.72
N THR A 388 33.08 -52.84 2.64
CA THR A 388 33.45 -53.77 3.70
C THR A 388 33.61 -53.01 5.03
N GLY A 389 32.92 -53.50 6.07
CA GLY A 389 33.00 -52.91 7.38
C GLY A 389 32.18 -51.65 7.59
N ASP A 390 31.45 -51.20 6.59
CA ASP A 390 30.81 -49.88 6.65
C ASP A 390 29.42 -50.00 7.24
N PRO A 391 29.15 -49.37 8.39
CA PRO A 391 27.80 -49.47 8.98
C PRO A 391 26.71 -48.79 8.16
N ALA A 392 27.06 -48.06 7.11
CA ALA A 392 26.07 -47.50 6.21
C ALA A 392 25.58 -48.51 5.17
N SER A 393 26.12 -49.72 5.18
CA SER A 393 25.73 -50.74 4.22
C SER A 393 24.22 -50.99 4.29
N ARG A 394 23.58 -51.10 3.14
CA ARG A 394 22.13 -51.11 3.10
C ARG A 394 21.62 -51.44 1.70
N ILE A 395 20.31 -51.65 1.64
CA ILE A 395 19.58 -51.85 0.39
C ILE A 395 18.77 -50.59 0.11
N GLU A 396 18.78 -50.13 -1.14
CA GLU A 396 17.87 -49.10 -1.60
C GLU A 396 16.88 -49.75 -2.55
N ASN A 397 15.61 -49.79 -2.15
CA ASN A 397 14.54 -50.24 -3.04
C ASN A 397 13.99 -49.00 -3.74
N ARG A 398 14.20 -48.91 -5.05
CA ARG A 398 13.86 -47.74 -5.84
C ARG A 398 12.48 -47.83 -6.47
N ILE A 399 11.67 -48.82 -6.10
CA ILE A 399 10.39 -49.05 -6.77
C ILE A 399 9.31 -48.08 -6.31
N GLY A 400 9.42 -47.52 -5.12
CA GLY A 400 8.32 -46.78 -4.55
C GLY A 400 8.11 -45.43 -5.21
N GLU A 401 6.90 -44.91 -5.03
CA GLU A 401 6.50 -43.59 -5.48
C GLU A 401 6.24 -42.69 -4.28
N PRO A 402 6.47 -41.38 -4.41
CA PRO A 402 6.35 -40.51 -3.23
C PRO A 402 4.97 -40.54 -2.59
N GLY A 403 3.92 -40.81 -3.37
CA GLY A 403 2.58 -40.85 -2.84
C GLY A 403 2.18 -42.14 -2.14
N ALA A 404 3.11 -43.07 -1.95
CA ALA A 404 2.77 -44.31 -1.27
C ALA A 404 2.36 -44.05 0.18
N ASN A 405 1.50 -44.92 0.69
CA ASN A 405 1.16 -44.90 2.11
C ASN A 405 2.38 -45.35 2.90
N PRO A 406 2.94 -44.50 3.77
CA PRO A 406 4.20 -44.91 4.44
C PRO A 406 4.07 -46.22 5.20
N TYR A 407 2.95 -46.44 5.89
CA TYR A 407 2.80 -47.67 6.65
C TYR A 407 2.82 -48.88 5.73
N LEU A 408 2.09 -48.83 4.62
CA LEU A 408 2.03 -49.98 3.74
C LEU A 408 3.35 -50.18 3.00
N TYR A 409 4.00 -49.10 2.57
CA TYR A 409 5.30 -49.24 1.91
C TYR A 409 6.31 -49.91 2.84
N MET A 410 6.53 -49.33 4.02
CA MET A 410 7.52 -49.86 4.94
C MET A 410 7.15 -51.28 5.39
N ALA A 411 5.87 -51.53 5.63
CA ALA A 411 5.44 -52.86 6.06
C ALA A 411 5.66 -53.89 4.96
N SER A 412 5.37 -53.52 3.71
CA SER A 412 5.63 -54.44 2.60
C SER A 412 7.12 -54.76 2.51
N GLN A 413 7.98 -53.76 2.76
CA GLN A 413 9.42 -54.02 2.74
C GLN A 413 9.83 -54.98 3.85
N ILE A 414 9.37 -54.71 5.07
CA ILE A 414 9.70 -55.60 6.18
C ILE A 414 9.23 -57.02 5.88
N VAL A 415 8.00 -57.16 5.39
CA VAL A 415 7.44 -58.48 5.14
C VAL A 415 8.23 -59.20 4.06
N SER A 416 8.53 -58.52 2.96
CA SER A 416 9.27 -59.15 1.87
C SER A 416 10.66 -59.58 2.34
N GLY A 417 11.38 -58.68 3.02
CA GLY A 417 12.72 -59.02 3.46
C GLY A 417 12.75 -60.16 4.46
N LEU A 418 11.80 -60.14 5.42
CA LEU A 418 11.78 -61.21 6.41
C LEU A 418 11.36 -62.52 5.79
N ASP A 419 10.51 -62.49 4.75
CA ASP A 419 10.19 -63.69 4.02
C ASP A 419 11.44 -64.28 3.38
N GLY A 420 12.23 -63.44 2.72
CA GLY A 420 13.46 -63.92 2.12
C GLY A 420 14.37 -64.51 3.16
N ILE A 421 14.46 -63.84 4.32
CA ILE A 421 15.32 -64.36 5.38
C ILE A 421 14.83 -65.71 5.89
N LYS A 422 13.54 -65.83 6.16
CA LYS A 422 13.01 -67.05 6.73
C LYS A 422 13.15 -68.21 5.76
N ASN A 423 12.99 -67.96 4.46
CA ASN A 423 13.03 -69.02 3.46
C ASN A 423 14.33 -69.07 2.67
N LYS A 424 15.37 -68.41 3.19
CA LYS A 424 16.68 -68.39 2.59
C LYS A 424 16.61 -68.17 1.08
N LYS A 425 15.91 -67.11 0.67
CA LYS A 425 15.73 -66.84 -0.75
C LYS A 425 17.00 -66.23 -1.34
N ASP A 426 17.20 -66.47 -2.67
CA ASP A 426 18.40 -66.03 -3.38
C ASP A 426 18.11 -64.82 -4.25
N PRO A 427 18.89 -63.74 -4.10
CA PRO A 427 18.69 -62.57 -4.96
C PRO A 427 19.17 -62.79 -6.37
N GLY A 428 20.04 -63.77 -6.57
CA GLY A 428 20.55 -64.06 -7.89
C GLY A 428 21.82 -63.34 -8.25
N GLU A 429 21.99 -63.00 -9.53
CA GLU A 429 23.23 -62.40 -10.05
C GLU A 429 23.14 -60.87 -10.03
N LEU A 430 24.20 -60.19 -9.58
CA LEU A 430 24.24 -58.71 -9.63
C LEU A 430 24.32 -58.34 -11.11
N GLN A 431 23.46 -57.44 -11.60
CA GLN A 431 23.38 -57.08 -13.04
C GLN A 431 24.21 -55.84 -13.37
N GLU A 432 24.99 -55.87 -14.45
CA GLU A 432 25.81 -54.72 -14.90
C GLU A 432 24.89 -53.82 -15.72
N SER A 433 24.05 -54.40 -16.57
CA SER A 433 23.05 -53.65 -17.35
C SER A 433 21.68 -54.07 -16.82
N PRO A 434 21.15 -53.49 -15.73
CA PRO A 434 19.81 -53.83 -15.28
C PRO A 434 18.74 -53.47 -16.30
N TYR A 435 19.10 -52.86 -17.44
CA TYR A 435 18.13 -52.54 -18.52
C TYR A 435 18.35 -53.48 -19.71
N ASP A 436 19.18 -54.51 -19.57
CA ASP A 436 19.36 -55.57 -20.59
C ASP A 436 19.38 -56.87 -19.79
N ALA A 437 18.81 -56.87 -18.59
CA ALA A 437 18.85 -58.03 -17.68
C ALA A 437 17.77 -59.02 -18.09
N GLN A 438 18.12 -60.30 -18.27
CA GLN A 438 17.14 -61.37 -18.62
C GLN A 438 16.58 -61.83 -17.28
N VAL A 439 15.87 -60.96 -16.58
CA VAL A 439 15.26 -61.25 -15.26
C VAL A 439 13.77 -60.94 -15.44
N PRO A 440 12.87 -61.34 -14.53
CA PRO A 440 11.47 -61.06 -14.76
C PRO A 440 11.15 -59.56 -14.74
N MET A 441 10.08 -59.11 -15.40
CA MET A 441 9.65 -57.72 -15.43
C MET A 441 8.64 -57.47 -14.33
N LEU A 442 8.60 -56.22 -13.86
CA LEU A 442 7.67 -55.77 -12.86
C LEU A 442 6.36 -55.36 -13.50
N PRO A 443 5.28 -55.30 -12.72
CA PRO A 443 3.99 -54.86 -13.28
C PRO A 443 4.09 -53.47 -13.90
N THR A 444 3.47 -53.31 -15.07
CA THR A 444 3.51 -52.04 -15.78
C THR A 444 2.25 -51.19 -15.57
N THR A 445 1.22 -51.73 -14.93
CA THR A 445 0.02 -50.97 -14.61
C THR A 445 -0.47 -51.36 -13.23
N LEU A 446 -1.33 -50.51 -12.66
CA LEU A 446 -1.92 -50.84 -11.37
C LEU A 446 -2.75 -52.11 -11.45
N ALA A 447 -3.48 -52.28 -12.55
CA ALA A 447 -4.25 -53.51 -12.73
C ALA A 447 -3.35 -54.73 -12.71
N GLU A 448 -2.19 -54.64 -13.38
CA GLU A 448 -1.25 -55.76 -13.38
C GLU A 448 -0.72 -56.02 -11.97
N ALA A 449 -0.45 -54.96 -11.22
CA ALA A 449 0.02 -55.13 -9.84
C ALA A 449 -1.04 -55.82 -8.99
N LEU A 450 -2.30 -55.45 -9.17
CA LEU A 450 -3.38 -56.09 -8.41
C LEU A 450 -3.52 -57.56 -8.81
N ASP A 451 -3.41 -57.86 -10.11
CA ASP A 451 -3.40 -59.26 -10.55
C ASP A 451 -2.27 -60.03 -9.89
N ALA A 452 -1.07 -59.45 -9.89
CA ALA A 452 0.08 -60.14 -9.30
C ALA A 452 -0.14 -60.41 -7.82
N LEU A 453 -0.73 -59.45 -7.11
CA LEU A 453 -1.03 -59.69 -5.70
C LEU A 453 -2.07 -60.79 -5.54
N GLU A 454 -3.12 -60.77 -6.38
CA GLU A 454 -4.21 -61.72 -6.23
C GLU A 454 -3.71 -63.15 -6.48
N HIS A 455 -2.78 -63.30 -7.43
CA HIS A 455 -2.27 -64.61 -7.82
C HIS A 455 -1.10 -65.09 -6.96
N ASP A 456 -0.54 -64.21 -6.13
CA ASP A 456 0.54 -64.55 -5.22
C ASP A 456 0.25 -63.90 -3.86
N SER A 457 -0.92 -64.21 -3.30
CA SER A 457 -1.41 -63.48 -2.14
C SER A 457 -1.05 -64.12 -0.81
N GLU A 458 -0.42 -65.28 -0.81
CA GLU A 458 -0.25 -66.03 0.44
C GLU A 458 0.46 -65.19 1.50
N LEU A 459 1.65 -64.67 1.18
CA LEU A 459 2.44 -63.98 2.19
C LEU A 459 1.72 -62.77 2.75
N PHE A 460 1.11 -61.99 1.87
CA PHE A 460 0.49 -60.75 2.31
C PHE A 460 -0.87 -60.97 2.93
N ARG A 461 -1.57 -62.05 2.56
CA ARG A 461 -2.77 -62.39 3.30
C ARG A 461 -2.38 -62.80 4.71
N SER A 462 -1.23 -63.48 4.85
CA SER A 462 -0.79 -63.93 6.15
C SER A 462 -0.33 -62.77 7.04
N CYS A 463 0.45 -61.83 6.48
CA CYS A 463 1.04 -60.81 7.33
C CYS A 463 0.20 -59.53 7.40
N PHE A 464 -0.39 -59.07 6.30
CA PHE A 464 -1.25 -57.89 6.37
C PHE A 464 -2.65 -58.22 6.87
N GLY A 465 -3.11 -59.44 6.64
CA GLY A 465 -4.44 -59.86 7.04
C GLY A 465 -5.30 -60.17 5.83
N ASP A 466 -6.05 -61.27 5.92
CA ASP A 466 -6.86 -61.74 4.81
C ASP A 466 -7.99 -60.76 4.50
N THR A 467 -8.66 -60.25 5.54
CA THR A 467 -9.71 -59.26 5.32
C THR A 467 -9.17 -58.00 4.66
N PHE A 468 -8.01 -57.52 5.12
CA PHE A 468 -7.46 -56.31 4.52
C PHE A 468 -7.14 -56.53 3.05
N ILE A 469 -6.62 -57.69 2.70
CA ILE A 469 -6.24 -57.94 1.31
C ILE A 469 -7.47 -57.99 0.42
N LYS A 470 -8.55 -58.63 0.90
CA LYS A 470 -9.80 -58.59 0.17
C LYS A 470 -10.29 -57.15 -0.02
N TYR A 471 -10.27 -56.36 1.05
CA TYR A 471 -10.70 -54.97 0.96
C TYR A 471 -9.86 -54.20 -0.05
N TRP A 472 -8.53 -54.34 0.04
CA TRP A 472 -7.61 -53.64 -0.83
C TRP A 472 -7.88 -54.00 -2.29
N LEU A 473 -7.99 -55.29 -2.59
CA LEU A 473 -8.23 -55.68 -3.97
C LEU A 473 -9.52 -55.07 -4.49
N GLN A 474 -10.61 -55.14 -3.70
CA GLN A 474 -11.87 -54.60 -4.20
C GLN A 474 -11.74 -53.11 -4.50
N LEU A 475 -11.21 -52.35 -3.54
CA LEU A 475 -11.13 -50.89 -3.69
C LEU A 475 -10.25 -50.49 -4.86
N ARG A 476 -9.02 -51.00 -4.89
CA ARG A 476 -8.10 -50.57 -5.95
C ARG A 476 -8.62 -50.99 -7.31
N ARG A 477 -9.31 -52.14 -7.40
CA ARG A 477 -9.87 -52.57 -8.67
C ARG A 477 -10.96 -51.61 -9.12
N SER A 478 -11.79 -51.13 -8.18
CA SER A 478 -12.81 -50.15 -8.54
C SER A 478 -12.17 -48.88 -9.10
N GLU A 479 -11.07 -48.44 -8.47
CA GLU A 479 -10.40 -47.24 -8.98
C GLU A 479 -9.84 -47.47 -10.38
N TRP A 480 -9.26 -48.65 -10.62
CA TRP A 480 -8.74 -48.95 -11.95
C TRP A 480 -9.85 -48.93 -12.98
N ALA A 481 -11.02 -49.48 -12.63
CA ALA A 481 -12.16 -49.44 -13.53
C ALA A 481 -12.55 -48.00 -13.84
N ARG A 482 -12.52 -47.12 -12.82
CA ARG A 482 -12.84 -45.72 -13.08
C ARG A 482 -11.86 -45.12 -14.09
N PHE A 483 -10.56 -45.33 -13.89
CA PHE A 483 -9.58 -44.81 -14.83
C PHE A 483 -9.78 -45.37 -16.23
N LEU A 484 -10.08 -46.67 -16.33
CA LEU A 484 -10.20 -47.29 -17.65
C LEU A 484 -11.41 -46.75 -18.41
N ASP A 485 -12.54 -46.57 -17.71
CA ASP A 485 -13.69 -46.00 -18.38
C ASP A 485 -13.44 -44.56 -18.77
N ALA A 486 -12.63 -43.83 -18.02
CA ALA A 486 -12.42 -42.43 -18.37
C ALA A 486 -11.40 -42.22 -19.47
N GLU A 487 -10.34 -43.02 -19.51
CA GLU A 487 -9.22 -42.75 -20.42
C GLU A 487 -8.97 -43.85 -21.44
N GLY A 488 -9.24 -45.10 -21.11
CA GLY A 488 -9.04 -46.20 -22.03
C GLY A 488 -7.77 -46.98 -21.72
N ALA A 489 -7.66 -48.13 -22.37
CA ALA A 489 -6.56 -49.04 -22.08
C ALA A 489 -5.26 -48.60 -22.73
N GLU A 490 -5.31 -48.06 -23.95
CA GLU A 490 -4.06 -47.61 -24.58
C GLU A 490 -3.37 -46.57 -23.72
N ALA A 491 -4.14 -45.73 -23.03
CA ALA A 491 -3.54 -44.69 -22.19
C ALA A 491 -2.68 -45.28 -21.08
N ALA A 492 -3.08 -46.42 -20.51
CA ALA A 492 -2.36 -46.97 -19.36
C ALA A 492 -0.88 -47.25 -19.64
N GLU A 493 -0.48 -47.57 -20.89
CA GLU A 493 0.92 -47.88 -21.23
C GLU A 493 1.87 -46.88 -20.57
N PRO A 494 2.83 -47.35 -19.73
CA PRO A 494 3.66 -46.40 -18.96
C PRO A 494 4.26 -45.26 -19.76
N THR A 495 4.76 -45.50 -20.97
CA THR A 495 5.38 -44.42 -21.74
C THR A 495 4.38 -43.40 -22.29
N GLY A 496 3.08 -43.68 -22.19
CA GLY A 496 2.07 -42.71 -22.62
C GLY A 496 2.10 -41.45 -21.76
N ALA A 497 1.52 -40.39 -22.33
CA ALA A 497 1.41 -39.12 -21.62
C ALA A 497 0.51 -39.30 -20.40
N VAL A 498 0.76 -38.48 -19.38
CA VAL A 498 -0.08 -38.47 -18.19
C VAL A 498 -1.46 -37.94 -18.57
N THR A 499 -2.50 -38.67 -18.14
CA THR A 499 -3.86 -38.34 -18.52
C THR A 499 -4.42 -37.28 -17.57
N GLN A 500 -5.51 -36.64 -18.02
CA GLN A 500 -6.21 -35.73 -17.14
C GLN A 500 -6.83 -36.45 -15.96
N TRP A 501 -7.24 -37.71 -16.15
CA TRP A 501 -7.78 -38.48 -15.04
C TRP A 501 -6.76 -38.57 -13.91
N GLU A 502 -5.49 -38.80 -14.26
CA GLU A 502 -4.44 -38.89 -13.23
C GLU A 502 -4.27 -37.57 -12.49
N GLN A 503 -4.22 -36.47 -13.24
CA GLN A 503 -4.06 -35.14 -12.65
C GLN A 503 -5.21 -34.84 -11.68
N LYS A 504 -6.43 -35.13 -12.12
CA LYS A 504 -7.61 -34.83 -11.31
C LYS A 504 -7.87 -35.87 -10.22
N GLU A 505 -7.17 -37.00 -10.26
CA GLU A 505 -7.25 -37.97 -9.17
C GLU A 505 -6.24 -37.67 -8.07
N TYR A 506 -5.06 -37.18 -8.44
CA TYR A 506 -3.94 -37.19 -7.51
C TYR A 506 -3.27 -35.84 -7.23
N PHE A 507 -3.32 -34.88 -8.15
CA PHE A 507 -2.48 -33.69 -8.01
C PHE A 507 -2.82 -32.93 -6.73
N ASN A 508 -4.11 -32.72 -6.46
CA ASN A 508 -4.49 -31.87 -5.34
C ASN A 508 -4.17 -32.51 -3.99
N LEU A 509 -4.43 -33.80 -3.82
CA LEU A 509 -4.41 -34.40 -2.50
C LEU A 509 -3.07 -35.05 -2.14
N LEU A 510 -2.35 -35.58 -3.12
CA LEU A 510 -1.07 -36.22 -2.87
C LEU A 510 0.09 -35.23 -2.82
N ASP B 21 28.90 48.40 3.14
CA ASP B 21 27.61 48.48 3.84
C ASP B 21 26.66 49.48 3.18
N PHE B 22 25.93 48.99 2.17
CA PHE B 22 24.98 49.84 1.46
C PHE B 22 23.92 50.39 2.40
N ILE B 23 23.41 49.57 3.30
CA ILE B 23 22.27 49.99 4.14
C ILE B 23 22.68 51.12 5.07
N THR B 24 23.78 50.95 5.82
CA THR B 24 24.20 52.00 6.73
C THR B 24 24.60 53.26 5.97
N LYS B 25 25.39 53.11 4.90
CA LYS B 25 25.87 54.25 4.14
C LYS B 25 24.72 55.18 3.76
N ASN B 26 23.58 54.61 3.33
CA ASN B 26 22.42 55.39 2.91
C ASN B 26 21.38 55.56 4.02
N ASN B 27 21.70 55.18 5.26
CA ASN B 27 20.79 55.37 6.38
C ASN B 27 19.39 54.87 6.02
N LEU B 28 19.33 53.63 5.55
CA LEU B 28 18.06 53.08 5.12
C LEU B 28 17.32 52.34 6.24
N TRP B 29 17.98 52.09 7.36
CA TRP B 29 17.38 51.37 8.49
C TRP B 29 17.20 52.28 9.69
N THR B 30 16.02 52.22 10.31
CA THR B 30 15.81 52.84 11.60
C THR B 30 16.49 52.00 12.69
N ASN B 31 16.55 52.54 13.91
CA ASN B 31 17.11 51.75 15.00
C ASN B 31 16.26 50.52 15.30
N GLU B 32 14.93 50.66 15.22
CA GLU B 32 14.09 49.48 15.42
C GLU B 32 14.48 48.37 14.46
N GLN B 33 14.66 48.72 13.19
CA GLN B 33 14.98 47.72 12.18
C GLN B 33 16.34 47.06 12.49
N ARG B 34 17.33 47.84 12.94
CA ARG B 34 18.64 47.26 13.22
C ARG B 34 18.58 46.28 14.40
N ASP B 35 17.84 46.64 15.46
CA ASP B 35 17.65 45.70 16.54
C ASP B 35 16.91 44.46 16.05
N ALA B 36 15.89 44.66 15.20
CA ALA B 36 15.14 43.54 14.65
C ALA B 36 16.04 42.62 13.84
N ALA B 37 16.97 43.19 13.05
CA ALA B 37 17.90 42.35 12.29
C ALA B 37 18.73 41.49 13.23
N ASP B 38 19.20 42.07 14.33
CA ASP B 38 19.99 41.26 15.24
C ASP B 38 19.14 40.11 15.77
N LYS B 39 17.87 40.40 16.09
CA LYS B 39 17.00 39.37 16.65
C LYS B 39 16.62 38.34 15.63
N VAL B 40 16.50 38.74 14.37
CA VAL B 40 16.17 37.82 13.30
C VAL B 40 17.29 36.84 13.06
N LEU B 41 18.53 37.31 13.08
CA LEU B 41 19.64 36.39 12.91
C LEU B 41 19.73 35.45 14.10
N ALA B 42 19.44 35.96 15.30
CA ALA B 42 19.48 35.09 16.47
C ALA B 42 18.42 33.99 16.35
N GLU B 43 17.23 34.35 15.84
CA GLU B 43 16.19 33.34 15.65
C GLU B 43 16.55 32.36 14.56
N ILE B 44 17.18 32.84 13.49
CA ILE B 44 17.57 31.96 12.40
C ILE B 44 18.54 30.91 12.91
N ASP B 45 19.51 31.33 13.71
CA ASP B 45 20.48 30.37 14.24
C ASP B 45 19.84 29.41 15.24
N SER B 46 18.98 29.93 16.13
CA SER B 46 18.38 29.06 17.14
C SER B 46 17.48 28.00 16.49
N LEU B 47 16.73 28.38 15.45
CA LEU B 47 15.83 27.43 14.79
C LEU B 47 16.53 26.59 13.73
N GLY B 48 17.77 26.90 13.39
CA GLY B 48 18.48 26.15 12.36
C GLY B 48 17.93 26.29 10.97
N LEU B 49 17.38 27.46 10.62
CA LEU B 49 16.88 27.68 9.28
C LEU B 49 18.03 27.63 8.28
N GLU B 50 17.70 27.20 7.06
CA GLU B 50 18.68 27.03 6.00
C GLU B 50 18.49 28.02 4.85
N MET B 51 17.25 28.43 4.59
CA MET B 51 16.94 29.42 3.57
C MET B 51 16.09 30.52 4.18
N ILE B 52 16.22 31.72 3.62
CA ILE B 52 15.39 32.87 3.92
C ILE B 52 14.99 33.51 2.59
N ARG B 53 13.70 33.52 2.30
CA ARG B 53 13.23 34.16 1.09
C ARG B 53 13.20 35.67 1.32
N LEU B 54 13.67 36.41 0.33
CA LEU B 54 13.67 37.85 0.27
C LEU B 54 12.78 38.21 -0.91
N SER B 55 11.63 38.81 -0.61
CA SER B 55 10.60 39.01 -1.62
C SER B 55 10.04 40.43 -1.54
N TRP B 56 9.38 40.84 -2.62
CA TRP B 56 8.73 42.14 -2.74
C TRP B 56 7.57 42.00 -3.72
N ALA B 57 6.51 42.77 -3.49
CA ALA B 57 5.35 42.74 -4.37
C ALA B 57 5.65 43.50 -5.66
N ASP B 58 5.29 42.90 -6.80
CA ASP B 58 5.40 43.59 -8.08
C ASP B 58 4.15 44.43 -8.32
N GLN B 59 3.99 44.96 -9.54
CA GLN B 59 2.84 45.82 -9.82
C GLN B 59 1.52 45.08 -9.60
N TYR B 60 1.46 43.75 -9.76
CA TYR B 60 0.21 43.01 -9.57
C TYR B 60 -0.01 42.53 -8.14
N GLY B 61 0.95 42.78 -7.25
CA GLY B 61 0.87 42.26 -5.91
C GLY B 61 1.40 40.84 -5.77
N LEU B 62 2.08 40.33 -6.80
CA LEU B 62 2.65 38.99 -6.78
C LEU B 62 4.07 39.07 -6.23
N LEU B 63 4.41 38.15 -5.30
CA LEU B 63 5.70 38.17 -4.62
C LEU B 63 6.81 37.69 -5.55
N ARG B 64 7.88 38.49 -5.63
CA ARG B 64 9.01 38.19 -6.50
C ARG B 64 10.26 38.32 -5.68
N GLY B 65 11.29 37.56 -6.04
CA GLY B 65 12.55 37.76 -5.37
C GLY B 65 13.48 36.57 -5.47
N LYS B 66 14.13 36.28 -4.35
CA LYS B 66 15.11 35.22 -4.32
C LYS B 66 14.96 34.47 -3.00
N SER B 67 15.46 33.23 -2.95
CA SER B 67 15.67 32.50 -1.70
C SER B 67 17.18 32.53 -1.43
N LEU B 68 17.56 32.97 -0.22
CA LEU B 68 18.94 33.19 0.14
C LEU B 68 19.32 32.19 1.23
N THR B 69 20.61 31.87 1.31
CA THR B 69 21.12 31.11 2.42
C THR B 69 21.34 32.04 3.59
N VAL B 70 21.58 31.46 4.75
CA VAL B 70 21.84 32.25 5.94
C VAL B 70 23.00 33.19 5.70
N ALA B 71 24.11 32.67 5.14
CA ALA B 71 25.28 33.51 4.92
C ALA B 71 24.96 34.63 3.96
N SER B 72 24.27 34.31 2.86
CA SER B 72 23.92 35.36 1.91
C SER B 72 22.99 36.39 2.54
N LEU B 73 22.10 35.95 3.44
CA LEU B 73 21.23 36.91 4.12
C LEU B 73 22.04 37.82 5.04
N LYS B 74 23.02 37.26 5.77
CA LYS B 74 23.87 38.10 6.61
C LYS B 74 24.62 39.11 5.75
N SER B 75 25.02 38.71 4.53
CA SER B 75 25.64 39.67 3.64
C SER B 75 24.65 40.72 3.17
N ALA B 76 23.39 40.31 2.92
CA ALA B 76 22.37 41.26 2.47
C ALA B 76 21.92 42.22 3.56
N PHE B 77 22.08 41.87 4.83
CA PHE B 77 21.76 42.78 5.92
C PHE B 77 22.72 43.96 5.97
N LYS B 78 23.79 43.92 5.18
CA LYS B 78 24.69 45.05 5.01
C LYS B 78 24.71 45.58 3.58
N GLU B 79 24.79 44.72 2.57
CA GLU B 79 25.00 45.15 1.20
C GLU B 79 23.74 45.11 0.37
N GLY B 80 22.66 44.54 0.88
CA GLY B 80 21.45 44.33 0.08
C GLY B 80 21.63 43.15 -0.82
N SER B 81 20.65 42.98 -1.71
CA SER B 81 20.66 41.85 -2.63
C SER B 81 20.26 42.43 -3.98
N GLU B 82 21.17 42.44 -4.96
CA GLU B 82 20.86 43.01 -6.27
C GLU B 82 19.89 42.13 -7.06
N VAL B 83 18.95 42.78 -7.76
CA VAL B 83 17.98 42.11 -8.60
C VAL B 83 17.66 43.05 -9.76
N ALA B 84 17.02 42.51 -10.76
CA ALA B 84 16.61 43.25 -11.95
C ALA B 84 15.17 43.69 -11.80
N ILE B 85 14.81 44.69 -12.59
CA ILE B 85 13.47 45.26 -12.57
C ILE B 85 12.57 44.57 -13.59
N GLY B 86 13.01 43.43 -14.14
CA GLY B 86 12.30 42.77 -15.21
C GLY B 86 10.80 42.68 -15.00
N PRO B 87 10.39 42.17 -13.85
CA PRO B 87 8.94 42.00 -13.58
C PRO B 87 8.14 43.27 -13.85
N PHE B 88 8.66 44.44 -13.49
CA PHE B 88 7.91 45.69 -13.68
C PHE B 88 7.64 45.97 -15.15
N PHE B 89 8.56 45.54 -16.01
CA PHE B 89 8.44 45.87 -17.44
C PHE B 89 7.79 44.71 -18.21
N PHE B 90 7.32 43.68 -17.51
CA PHE B 90 6.61 42.54 -18.14
C PHE B 90 5.18 42.52 -17.62
N ASP B 91 4.27 41.80 -18.27
CA ASP B 91 2.92 41.66 -17.69
C ASP B 91 2.80 40.30 -17.00
N LEU B 92 1.57 39.85 -16.73
CA LEU B 92 1.36 38.56 -16.00
C LEU B 92 1.88 37.39 -16.83
N VAL B 93 1.82 37.47 -18.16
CA VAL B 93 2.24 36.38 -19.09
C VAL B 93 3.59 36.72 -19.72
N SER B 94 4.27 37.81 -19.34
CA SER B 94 5.61 38.25 -19.82
C SER B 94 5.58 38.81 -21.23
N SER B 95 4.55 39.58 -21.59
CA SER B 95 4.54 40.36 -22.85
C SER B 95 5.50 41.52 -22.56
N MET B 96 6.49 41.80 -23.41
CA MET B 96 7.49 42.86 -23.13
C MET B 96 6.83 44.21 -23.43
N VAL B 97 6.43 44.95 -22.39
CA VAL B 97 5.76 46.24 -22.54
C VAL B 97 6.77 47.36 -22.70
N PHE B 98 7.91 47.27 -22.02
CA PHE B 98 8.95 48.29 -22.07
C PHE B 98 10.24 47.62 -22.55
N ASN B 99 10.92 48.26 -23.50
CA ASN B 99 12.18 47.74 -24.02
C ASN B 99 13.19 47.60 -22.88
N LEU B 100 13.93 46.48 -22.85
CA LEU B 100 14.81 46.21 -21.73
C LEU B 100 16.28 46.31 -22.06
N PHE B 101 16.64 46.48 -23.33
CA PHE B 101 18.04 46.36 -23.71
C PHE B 101 18.73 47.69 -23.93
N THR B 102 17.96 48.73 -24.18
CA THR B 102 18.55 50.04 -24.38
C THR B 102 18.56 50.80 -23.05
N THR B 103 19.78 51.02 -22.55
CA THR B 103 19.98 51.77 -21.31
C THR B 103 19.73 53.25 -21.54
N ASP B 106 17.31 59.30 -18.94
CA ASP B 106 16.67 59.34 -17.65
C ASP B 106 15.61 58.24 -17.54
N PHE B 107 15.84 57.28 -16.65
CA PHE B 107 14.94 56.14 -16.54
C PHE B 107 13.50 56.58 -16.33
N GLU B 108 13.29 57.56 -15.45
CA GLU B 108 11.94 58.01 -15.13
C GLU B 108 11.28 58.71 -16.31
N ASP B 109 12.05 59.14 -17.30
CA ASP B 109 11.49 59.80 -18.48
C ASP B 109 11.17 58.85 -19.62
N GLU B 110 11.97 57.81 -19.83
CA GLU B 110 11.76 56.89 -20.93
C GLU B 110 11.22 55.54 -20.49
N LEU B 111 11.40 55.15 -19.23
CA LEU B 111 10.94 53.86 -18.75
C LEU B 111 11.46 52.70 -19.57
N SER B 112 12.78 52.67 -19.74
CA SER B 112 13.41 51.65 -20.58
C SER B 112 14.63 51.10 -19.85
N GLY B 113 15.12 50.00 -20.37
CA GLY B 113 16.32 49.38 -19.84
C GLY B 113 15.99 48.36 -18.79
N ASN B 114 17.02 47.68 -18.33
CA ASN B 114 16.91 46.72 -17.24
C ASN B 114 17.99 47.04 -16.21
N PRO B 115 17.90 48.21 -15.58
CA PRO B 115 18.87 48.55 -14.55
C PRO B 115 18.75 47.61 -13.35
N THR B 116 19.87 47.42 -12.65
CA THR B 116 19.87 46.61 -11.45
C THR B 116 19.44 47.48 -10.28
N VAL B 117 18.59 46.93 -9.41
CA VAL B 117 18.20 47.58 -8.17
C VAL B 117 18.59 46.68 -7.00
N VAL B 118 18.57 47.26 -5.82
CA VAL B 118 18.98 46.62 -4.59
C VAL B 118 17.74 46.37 -3.75
N MET B 119 17.52 45.10 -3.45
CA MET B 119 16.58 44.67 -2.42
C MET B 119 17.20 44.91 -1.06
N VAL B 120 16.56 45.77 -0.27
CA VAL B 120 17.01 46.11 1.08
C VAL B 120 16.07 45.39 2.05
N PRO B 121 16.51 44.34 2.75
CA PRO B 121 15.59 43.59 3.60
C PRO B 121 15.00 44.45 4.70
N ASP B 122 13.72 44.20 5.00
CA ASP B 122 13.07 44.84 6.13
C ASP B 122 12.95 43.82 7.25
N PRO B 123 13.83 43.85 8.26
CA PRO B 123 13.83 42.76 9.26
C PRO B 123 12.58 42.70 10.11
N THR B 124 11.83 43.79 10.21
CA THR B 124 10.62 43.80 11.03
C THR B 124 9.52 42.95 10.43
N THR B 125 9.68 42.48 9.19
CA THR B 125 8.68 41.68 8.51
C THR B 125 9.01 40.20 8.53
N PHE B 126 10.04 39.78 9.25
CA PHE B 126 10.52 38.42 9.17
C PHE B 126 9.47 37.42 9.64
N LYS B 127 9.36 36.31 8.91
CA LYS B 127 8.47 35.23 9.31
C LYS B 127 9.11 33.88 9.03
N VAL B 128 8.78 32.90 9.86
CA VAL B 128 9.08 31.51 9.58
C VAL B 128 7.88 30.89 8.86
N LEU B 129 8.11 30.36 7.67
CA LEU B 129 7.05 29.75 6.88
C LEU B 129 6.82 28.32 7.38
N PRO B 130 5.68 28.04 8.01
CA PRO B 130 5.51 26.72 8.64
C PRO B 130 5.35 25.58 7.67
N TRP B 131 4.97 25.84 6.42
CA TRP B 131 4.73 24.77 5.45
C TRP B 131 5.96 24.38 4.66
N ALA B 132 7.09 25.06 4.89
CA ALA B 132 8.30 24.83 4.13
C ALA B 132 9.38 24.28 5.04
N ASP B 133 10.41 23.71 4.44
CA ASP B 133 11.49 23.07 5.18
C ASP B 133 12.50 24.14 5.57
N LYS B 134 12.56 24.44 6.85
CA LYS B 134 13.61 25.28 7.42
C LYS B 134 13.80 26.57 6.61
N THR B 135 12.68 27.27 6.37
CA THR B 135 12.68 28.45 5.53
C THR B 135 12.04 29.64 6.24
N GLY B 136 12.77 30.76 6.30
CA GLY B 136 12.22 32.02 6.73
C GLY B 136 11.86 32.89 5.55
N TRP B 137 11.36 34.09 5.85
CA TRP B 137 10.77 34.94 4.83
C TRP B 137 10.71 36.38 5.31
N MET B 138 11.00 37.31 4.40
CA MET B 138 10.97 38.72 4.73
C MET B 138 10.82 39.51 3.44
N LEU B 139 10.19 40.66 3.57
CA LEU B 139 10.00 41.60 2.48
C LEU B 139 11.22 42.50 2.34
N ALA B 140 11.41 43.03 1.14
CA ALA B 140 12.51 43.93 0.86
C ALA B 140 11.98 45.17 0.14
N ASP B 141 12.62 46.30 0.40
CA ASP B 141 12.32 47.56 -0.28
C ASP B 141 13.32 47.78 -1.41
N LEU B 142 12.83 48.19 -2.57
CA LEU B 142 13.69 48.36 -3.75
C LEU B 142 14.33 49.75 -3.78
N HIS B 143 15.63 49.79 -4.05
CA HIS B 143 16.36 51.05 -4.07
C HIS B 143 17.30 51.05 -5.27
N TRP B 144 17.49 52.26 -5.84
CA TRP B 144 18.51 52.45 -6.87
C TRP B 144 19.86 52.17 -6.24
N LYS B 145 20.84 51.94 -7.11
CA LYS B 145 22.21 51.81 -6.68
C LYS B 145 22.71 53.09 -6.10
N SER B 146 22.04 54.19 -6.45
CA SER B 146 22.32 55.48 -5.83
C SER B 146 21.85 55.55 -4.37
N GLY B 147 20.87 54.73 -3.97
CA GLY B 147 20.36 54.73 -2.62
C GLY B 147 18.95 55.29 -2.53
N GLU B 148 18.40 55.86 -3.66
CA GLU B 148 17.10 56.51 -3.85
C GLU B 148 16.05 55.40 -4.03
N PRO B 149 14.86 55.52 -3.49
CA PRO B 149 13.87 54.45 -3.64
C PRO B 149 13.44 54.29 -5.10
N PHE B 150 13.17 53.03 -5.49
CA PHE B 150 12.75 52.73 -6.86
C PHE B 150 11.32 53.22 -7.04
N PRO B 151 11.05 54.05 -8.06
CA PRO B 151 9.79 54.81 -8.06
C PRO B 151 8.55 53.98 -8.34
N LEU B 152 8.70 52.74 -8.78
CA LEU B 152 7.55 51.91 -9.08
C LEU B 152 7.21 50.92 -7.98
N CYS B 153 7.96 50.91 -6.89
CA CYS B 153 7.73 49.94 -5.82
C CYS B 153 6.37 50.21 -5.18
N PRO B 154 5.41 49.28 -5.25
CA PRO B 154 4.10 49.54 -4.61
C PRO B 154 4.20 49.73 -3.10
N ARG B 155 5.10 49.00 -2.44
CA ARG B 155 5.27 49.18 -1.00
C ARG B 155 5.72 50.60 -0.68
N GLY B 156 6.53 51.19 -1.56
CA GLY B 156 6.94 52.58 -1.37
C GLY B 156 5.78 53.55 -1.48
N ILE B 157 4.87 53.29 -2.42
CA ILE B 157 3.67 54.11 -2.54
C ILE B 157 2.84 54.00 -1.27
N MET B 158 2.74 52.80 -0.72
CA MET B 158 1.99 52.64 0.52
C MET B 158 2.68 53.39 1.65
N LYS B 159 4.01 53.36 1.65
CA LYS B 159 4.76 54.06 2.69
C LYS B 159 4.52 55.55 2.63
N LYS B 160 4.50 56.12 1.42
CA LYS B 160 4.24 57.55 1.28
C LYS B 160 2.83 57.90 1.72
N ALA B 161 1.85 57.08 1.33
CA ALA B 161 0.48 57.37 1.76
C ALA B 161 0.41 57.38 3.28
N VAL B 162 1.06 56.41 3.92
CA VAL B 162 1.04 56.32 5.36
C VAL B 162 1.71 57.54 5.99
N LYS B 163 2.81 57.99 5.41
CA LYS B 163 3.47 59.12 6.02
C LYS B 163 2.60 60.36 5.88
N SER B 164 2.01 60.58 4.71
CA SER B 164 1.19 61.77 4.54
C SER B 164 0.03 61.75 5.52
N LEU B 165 -0.54 60.56 5.76
CA LEU B 165 -1.61 60.47 6.75
C LEU B 165 -1.09 60.82 8.15
N SER B 166 0.11 60.34 8.49
CA SER B 166 0.71 60.61 9.79
C SER B 166 1.05 62.09 9.95
N ASP B 167 1.36 62.79 8.84
CA ASP B 167 1.64 64.23 8.93
C ASP B 167 0.38 65.00 9.31
N GLU B 168 -0.79 64.47 8.95
CA GLU B 168 -2.07 65.05 9.34
C GLU B 168 -2.50 64.57 10.73
N GLY B 169 -1.74 63.65 11.32
CA GLY B 169 -1.98 63.22 12.69
C GLY B 169 -2.83 61.98 12.84
N TYR B 170 -2.90 61.12 11.81
CA TYR B 170 -3.81 59.99 11.83
C TYR B 170 -3.09 58.69 11.47
N LEU B 171 -3.69 57.59 11.93
CA LEU B 171 -3.25 56.25 11.56
C LEU B 171 -4.38 55.50 10.89
N PHE B 172 -4.02 54.78 9.82
CA PHE B 172 -4.96 53.98 9.03
C PHE B 172 -5.13 52.63 9.71
N LYS B 173 -6.38 52.32 10.11
CA LYS B 173 -6.76 51.06 10.73
C LYS B 173 -7.63 50.29 9.75
N CYS B 174 -7.24 49.04 9.46
CA CYS B 174 -7.86 48.28 8.38
C CYS B 174 -8.26 46.86 8.80
N GLY B 175 -9.47 46.52 8.55
CA GLY B 175 -9.98 45.17 8.71
C GLY B 175 -10.02 44.44 7.34
N ILE B 176 -9.25 43.36 7.27
CA ILE B 176 -9.11 42.59 6.03
C ILE B 176 -10.24 41.57 5.94
N GLU B 177 -11.04 41.68 4.89
CA GLU B 177 -12.17 40.76 4.67
C GLU B 177 -12.02 40.25 3.24
N LEU B 178 -11.52 39.01 3.12
CA LEU B 178 -11.14 38.45 1.83
C LEU B 178 -12.00 37.23 1.50
N GLU B 179 -12.60 37.24 0.31
CA GLU B 179 -13.26 36.08 -0.27
C GLU B 179 -12.32 35.45 -1.29
N TRP B 180 -12.40 34.12 -1.40
CA TRP B 180 -11.55 33.40 -2.33
C TRP B 180 -12.15 32.03 -2.60
N TYR B 181 -11.57 31.33 -3.57
CA TYR B 181 -12.06 30.02 -3.94
C TYR B 181 -11.06 28.93 -3.60
N LEU B 182 -11.56 27.86 -3.01
CA LEU B 182 -10.81 26.65 -2.68
C LEU B 182 -11.24 25.53 -3.62
N THR B 183 -10.30 25.02 -4.41
CA THR B 183 -10.59 23.95 -5.35
C THR B 183 -9.52 22.86 -5.22
N LYS B 184 -9.82 21.68 -5.75
CA LYS B 184 -8.86 20.58 -5.73
C LYS B 184 -8.25 20.42 -7.11
N ILE B 185 -6.93 20.29 -7.17
CA ILE B 185 -6.23 20.21 -8.44
C ILE B 185 -6.48 18.87 -9.10
N VAL B 186 -6.89 18.91 -10.36
CA VAL B 186 -7.03 17.73 -11.19
C VAL B 186 -5.85 17.56 -12.12
N ASP B 187 -5.38 18.66 -12.71
CA ASP B 187 -4.22 18.66 -13.59
C ASP B 187 -3.51 20.00 -13.48
N ARG B 188 -2.20 19.95 -13.27
CA ARG B 188 -1.42 21.18 -13.10
C ARG B 188 -0.98 21.78 -14.45
N SER B 189 -1.34 21.16 -15.60
CA SER B 189 -1.09 21.73 -16.91
C SER B 189 0.40 21.99 -17.16
N LEU B 190 1.20 20.96 -16.90
CA LEU B 190 2.65 21.03 -17.01
C LEU B 190 3.18 20.48 -18.32
N SER B 191 2.32 19.95 -19.18
CA SER B 191 2.78 19.42 -20.46
C SER B 191 3.43 20.54 -21.29
N PRO B 192 4.50 20.23 -22.04
CA PRO B 192 5.19 21.32 -22.77
C PRO B 192 4.26 22.15 -23.64
N GLU B 193 3.31 21.51 -24.33
CA GLU B 193 2.39 22.27 -25.18
C GLU B 193 1.45 23.17 -24.40
N SER B 194 1.43 23.10 -23.07
CA SER B 194 0.56 23.95 -22.27
C SER B 194 1.32 25.09 -21.61
N LEU B 195 2.61 25.28 -21.92
CA LEU B 195 3.44 26.24 -21.20
C LEU B 195 3.40 27.63 -21.81
N GLY B 196 2.79 27.80 -22.97
CA GLY B 196 2.74 29.12 -23.58
C GLY B 196 4.11 29.59 -24.06
N ALA B 197 4.28 30.91 -24.02
CA ALA B 197 5.50 31.56 -24.47
C ALA B 197 5.50 32.98 -23.92
N PRO B 198 6.60 33.73 -24.09
CA PRO B 198 6.57 35.14 -23.70
C PRO B 198 5.41 35.84 -24.39
N GLY B 199 4.52 36.42 -23.60
CA GLY B 199 3.34 37.06 -24.15
C GLY B 199 2.22 36.14 -24.58
N VAL B 200 2.29 34.85 -24.23
CA VAL B 200 1.29 33.86 -24.61
C VAL B 200 0.86 33.16 -23.34
N GLN B 201 -0.43 33.22 -23.04
CA GLN B 201 -0.93 32.65 -21.81
C GLN B 201 -0.75 31.14 -21.78
N PRO B 202 -0.22 30.58 -20.70
CA PRO B 202 -0.22 29.12 -20.53
C PRO B 202 -1.61 28.61 -20.16
N ASP B 203 -1.78 27.30 -20.24
CA ASP B 203 -3.07 26.71 -19.90
C ASP B 203 -3.39 26.92 -18.43
N ALA B 204 -4.67 27.11 -18.14
CA ALA B 204 -5.14 27.17 -16.77
C ALA B 204 -5.01 25.81 -16.09
N ILE B 205 -4.70 25.84 -14.80
CA ILE B 205 -4.80 24.64 -13.99
C ILE B 205 -6.22 24.11 -14.03
N GLN B 206 -6.36 22.80 -14.18
CA GLN B 206 -7.66 22.14 -14.13
C GLN B 206 -7.99 21.77 -12.69
N VAL B 207 -9.22 22.05 -12.27
CA VAL B 207 -9.62 21.84 -10.88
C VAL B 207 -11.03 21.28 -10.80
N GLN B 208 -11.42 20.94 -9.58
CA GLN B 208 -12.71 20.41 -9.19
C GLN B 208 -13.18 21.16 -7.94
N PRO B 209 -14.45 21.55 -7.87
CA PRO B 209 -14.95 22.16 -6.64
C PRO B 209 -14.79 21.21 -5.47
N VAL B 210 -14.75 21.77 -4.26
CA VAL B 210 -14.56 20.97 -3.05
C VAL B 210 -15.85 20.80 -2.27
N ALA B 211 -16.93 21.45 -2.68
CA ALA B 211 -18.18 21.39 -1.94
C ALA B 211 -19.27 22.08 -2.75
N GLN B 212 -20.49 21.60 -2.60
CA GLN B 212 -21.64 22.31 -3.14
C GLN B 212 -21.86 23.60 -2.35
N GLY B 213 -22.73 24.46 -2.85
CA GLY B 213 -22.94 25.77 -2.27
C GLY B 213 -24.36 26.25 -2.36
N TYR B 214 -24.51 27.57 -2.48
CA TYR B 214 -25.81 28.25 -2.42
C TYR B 214 -26.59 27.81 -1.19
N SER B 215 -25.85 27.59 -0.10
CA SER B 215 -26.37 27.33 1.24
C SER B 215 -25.44 28.13 2.15
N VAL B 216 -25.74 29.42 2.32
CA VAL B 216 -24.74 30.35 2.85
C VAL B 216 -24.49 30.08 4.33
N LEU B 217 -23.21 30.13 4.70
CA LEU B 217 -22.76 30.05 6.10
C LEU B 217 -23.10 28.71 6.76
N LEU B 218 -23.26 27.66 5.96
CA LEU B 218 -23.61 26.35 6.51
C LEU B 218 -22.42 25.76 7.25
N GLU B 219 -22.63 25.36 8.51
CA GLU B 219 -21.55 24.77 9.29
C GLU B 219 -21.01 23.49 8.64
N HIS B 220 -21.91 22.64 8.14
CA HIS B 220 -21.49 21.38 7.55
C HIS B 220 -20.53 21.60 6.40
N HIS B 221 -20.70 22.69 5.65
CA HIS B 221 -19.75 23.02 4.60
C HIS B 221 -18.37 23.30 5.18
N LEU B 222 -18.31 24.05 6.28
CA LEU B 222 -17.04 24.32 6.93
C LEU B 222 -16.38 23.02 7.38
N ASP B 223 -17.16 22.10 7.95
CA ASP B 223 -16.59 20.84 8.38
C ASP B 223 -16.09 20.02 7.20
N GLN B 224 -16.84 20.03 6.09
CA GLN B 224 -16.49 19.21 4.94
C GLN B 224 -15.12 19.56 4.39
N VAL B 225 -14.75 20.83 4.43
CA VAL B 225 -13.50 21.30 3.83
C VAL B 225 -12.40 21.48 4.86
N ASP B 226 -12.65 21.09 6.11
CA ASP B 226 -11.70 21.45 7.16
C ASP B 226 -10.47 20.56 7.19
N ASP B 227 -10.44 19.45 6.44
CA ASP B 227 -9.21 18.67 6.39
C ASP B 227 -8.05 19.49 5.84
N ILE B 228 -8.31 20.37 4.87
CA ILE B 228 -7.32 21.30 4.34
C ILE B 228 -7.44 22.68 4.97
N MET B 229 -8.67 23.16 5.24
CA MET B 229 -8.84 24.48 5.80
C MET B 229 -8.22 24.55 7.18
N SER B 230 -8.13 23.41 7.91
CA SER B 230 -7.45 23.42 9.21
C SER B 230 -5.96 23.66 9.04
N LYS B 231 -5.39 23.20 7.92
CA LYS B 231 -3.98 23.46 7.65
C LYS B 231 -3.76 24.91 7.27
N VAL B 232 -4.67 25.46 6.49
CA VAL B 232 -4.62 26.89 6.18
C VAL B 232 -4.72 27.71 7.46
N ARG B 233 -5.67 27.34 8.33
CA ARG B 233 -5.84 28.01 9.61
C ARG B 233 -4.58 27.95 10.46
N LYS B 234 -4.00 26.75 10.59
CA LYS B 234 -2.79 26.60 11.39
C LYS B 234 -1.67 27.43 10.82
N GLY B 235 -1.52 27.46 9.49
CA GLY B 235 -0.48 28.26 8.88
C GLY B 235 -0.64 29.74 9.16
N LEU B 236 -1.87 30.24 9.02
CA LEU B 236 -2.10 31.67 9.28
C LEU B 236 -1.85 31.99 10.74
N LEU B 237 -2.31 31.13 11.65
CA LEU B 237 -2.12 31.39 13.07
C LEU B 237 -0.66 31.30 13.49
N GLU B 238 0.11 30.40 12.85
CA GLU B 238 1.52 30.27 13.22
C GLU B 238 2.35 31.43 12.71
N LEU B 239 1.95 32.07 11.61
CA LEU B 239 2.55 33.31 11.13
C LEU B 239 2.17 34.51 11.98
N ASN B 240 1.42 34.27 13.06
CA ASN B 240 1.00 35.32 13.97
C ASN B 240 0.09 36.34 13.28
N LEU B 241 -0.62 35.89 12.26
CA LEU B 241 -1.60 36.77 11.63
C LEU B 241 -2.89 36.79 12.45
N PRO B 242 -3.53 37.95 12.59
CA PRO B 242 -4.70 38.04 13.49
C PRO B 242 -5.97 37.50 12.83
N LEU B 243 -5.98 36.19 12.57
CA LEU B 243 -7.17 35.58 12.01
C LEU B 243 -8.34 35.74 12.96
N ARG B 244 -9.50 36.07 12.41
CA ARG B 244 -10.73 36.34 13.15
C ARG B 244 -11.82 35.34 12.84
N SER B 245 -12.01 34.99 11.58
CA SER B 245 -13.08 34.07 11.23
C SER B 245 -12.78 33.38 9.90
N ILE B 246 -13.30 32.17 9.79
CA ILE B 246 -13.36 31.41 8.54
C ILE B 246 -14.83 31.12 8.29
N GLU B 247 -15.28 31.33 7.06
CA GLU B 247 -16.70 31.23 6.77
C GLU B 247 -16.95 30.64 5.39
N ASP B 248 -18.08 29.97 5.26
CA ASP B 248 -18.55 29.45 3.98
C ASP B 248 -19.36 30.54 3.28
N GLU B 249 -18.88 30.98 2.14
CA GLU B 249 -19.55 32.02 1.39
C GLU B 249 -20.66 31.40 0.55
N TRP B 250 -21.40 32.26 -0.16
CA TRP B 250 -22.60 31.81 -0.86
C TRP B 250 -22.28 30.72 -1.87
N ALA B 251 -21.27 30.92 -2.69
CA ALA B 251 -21.07 30.07 -3.84
C ALA B 251 -20.44 28.73 -3.48
N PRO B 252 -20.57 27.75 -4.38
CA PRO B 252 -19.89 26.47 -4.17
C PRO B 252 -18.38 26.67 -4.04
N SER B 253 -17.83 26.18 -2.94
CA SER B 253 -16.40 26.23 -2.66
C SER B 253 -15.88 27.64 -2.44
N GLN B 254 -16.76 28.62 -2.29
CA GLN B 254 -16.35 29.97 -1.98
C GLN B 254 -16.17 30.12 -0.48
N MET B 255 -15.00 30.58 -0.09
CA MET B 255 -14.62 30.77 1.31
C MET B 255 -14.45 32.26 1.59
N GLU B 256 -14.47 32.57 2.88
CA GLU B 256 -14.16 33.90 3.36
C GLU B 256 -13.27 33.80 4.60
N THR B 257 -12.20 34.59 4.64
CA THR B 257 -11.34 34.71 5.81
C THR B 257 -11.25 36.18 6.17
N THR B 258 -11.51 36.48 7.45
CA THR B 258 -11.42 37.83 7.98
C THR B 258 -10.36 37.91 9.07
N PHE B 259 -9.88 39.12 9.31
CA PHE B 259 -8.78 39.32 10.25
C PHE B 259 -9.09 40.53 11.12
N ASP B 260 -8.58 40.51 12.35
CA ASP B 260 -8.77 41.65 13.23
C ASP B 260 -8.02 42.87 12.69
N VAL B 261 -8.35 44.03 13.25
CA VAL B 261 -7.85 45.30 12.73
C VAL B 261 -6.33 45.31 12.77
N MET B 262 -5.73 45.74 11.67
CA MET B 262 -4.29 45.99 11.57
C MET B 262 -4.08 47.42 11.10
N GLU B 263 -2.83 47.86 11.09
CA GLU B 263 -2.51 49.27 10.87
C GLU B 263 -1.54 49.44 9.71
N GLY B 264 -1.90 50.35 8.80
CA GLY B 264 -1.07 50.84 7.72
C GLY B 264 -0.22 49.84 6.98
N LEU B 265 1.07 50.14 6.94
CA LEU B 265 1.99 49.30 6.18
C LEU B 265 1.95 47.87 6.70
N GLU B 266 1.85 47.70 8.01
CA GLU B 266 1.73 46.35 8.55
C GLU B 266 0.51 45.64 7.98
N ALA B 267 -0.60 46.35 7.86
CA ALA B 267 -1.82 45.74 7.32
C ALA B 267 -1.63 45.31 5.87
N ALA B 268 -0.99 46.16 5.07
CA ALA B 268 -0.76 45.80 3.67
C ALA B 268 0.18 44.60 3.55
N ASP B 269 1.28 44.61 4.31
CA ASP B 269 2.19 43.48 4.32
C ASP B 269 1.45 42.21 4.73
N ALA B 270 0.56 42.33 5.72
CA ALA B 270 -0.18 41.17 6.21
C ALA B 270 -1.11 40.62 5.13
N ALA B 271 -1.82 41.51 4.41
CA ALA B 271 -2.68 41.03 3.34
C ALA B 271 -1.88 40.27 2.30
N LEU B 272 -0.71 40.80 1.93
CA LEU B 272 0.15 40.14 0.95
C LEU B 272 0.56 38.76 1.44
N LEU B 273 1.03 38.68 2.68
CA LEU B 273 1.45 37.39 3.23
C LEU B 273 0.28 36.42 3.36
N ILE B 274 -0.91 36.93 3.68
CA ILE B 274 -2.08 36.08 3.83
C ILE B 274 -2.38 35.39 2.52
N LYS B 275 -2.43 36.17 1.43
CA LYS B 275 -2.77 35.57 0.13
C LYS B 275 -1.69 34.58 -0.28
N SER B 276 -0.42 34.93 -0.08
CA SER B 276 0.66 34.01 -0.43
C SER B 276 0.57 32.70 0.35
N ALA B 277 0.34 32.81 1.66
CA ALA B 277 0.30 31.62 2.51
C ALA B 277 -0.88 30.73 2.14
N ILE B 278 -2.06 31.32 1.93
CA ILE B 278 -3.21 30.51 1.55
C ILE B 278 -2.90 29.72 0.30
N LYS B 279 -2.37 30.40 -0.73
CA LYS B 279 -2.10 29.72 -1.99
C LYS B 279 -1.05 28.62 -1.82
N GLN B 280 0.02 28.92 -1.08
CA GLN B 280 1.12 27.96 -0.99
C GLN B 280 0.71 26.73 -0.20
N ILE B 281 0.01 26.91 0.91
CA ILE B 281 -0.44 25.75 1.69
C ILE B 281 -1.36 24.87 0.85
N CYS B 282 -2.35 25.50 0.21
CA CYS B 282 -3.29 24.73 -0.60
C CYS B 282 -2.56 23.94 -1.68
N SER B 283 -1.62 24.59 -2.38
CA SER B 283 -0.88 23.89 -3.42
C SER B 283 -0.02 22.78 -2.83
N ARG B 284 0.54 23.01 -1.64
CA ARG B 284 1.36 21.97 -1.03
C ARG B 284 0.56 20.71 -0.79
N HIS B 285 -0.75 20.83 -0.61
CA HIS B 285 -1.54 19.64 -0.39
C HIS B 285 -2.47 19.29 -1.55
N GLY B 286 -2.14 19.76 -2.76
CA GLY B 286 -2.91 19.41 -3.93
C GLY B 286 -4.18 20.19 -4.14
N TYR B 287 -4.33 21.33 -3.48
CA TYR B 287 -5.46 22.23 -3.69
C TYR B 287 -4.96 23.51 -4.34
N HIS B 288 -5.88 24.19 -5.01
CA HIS B 288 -5.62 25.49 -5.64
C HIS B 288 -6.57 26.50 -5.02
N ALA B 289 -6.00 27.46 -4.29
CA ALA B 289 -6.72 28.63 -3.84
C ALA B 289 -6.55 29.71 -4.90
N THR B 290 -7.64 30.38 -5.24
CA THR B 290 -7.54 31.48 -6.20
C THR B 290 -8.29 32.70 -5.70
N PHE B 291 -7.63 33.85 -5.86
CA PHE B 291 -8.20 35.17 -5.61
C PHE B 291 -8.62 35.86 -6.89
N MET B 292 -8.64 35.14 -8.00
CA MET B 292 -9.30 35.62 -9.21
C MET B 292 -10.76 35.92 -8.86
N CYS B 293 -11.22 37.10 -9.27
CA CYS B 293 -12.51 37.59 -8.82
C CYS B 293 -13.63 36.60 -9.12
N LYS B 294 -13.74 36.18 -10.38
CA LYS B 294 -14.82 35.29 -10.82
C LYS B 294 -14.26 34.30 -11.82
N PRO B 295 -13.84 33.12 -11.35
CA PRO B 295 -13.29 32.12 -12.26
C PRO B 295 -14.31 31.66 -13.29
N ALA B 296 -13.79 31.26 -14.46
CA ALA B 296 -14.63 30.72 -15.53
C ALA B 296 -14.95 29.24 -15.22
N ILE B 297 -15.70 29.05 -14.14
CA ILE B 297 -16.15 27.73 -13.71
C ILE B 297 -17.63 27.84 -13.40
N ASN B 298 -18.42 26.92 -13.94
CA ASN B 298 -19.87 27.00 -13.78
C ASN B 298 -20.22 27.05 -12.30
N GLY B 299 -21.11 27.97 -11.95
CA GLY B 299 -21.58 28.10 -10.59
C GLY B 299 -20.78 29.03 -9.71
N PHE B 300 -19.64 29.53 -10.17
CA PHE B 300 -18.77 30.35 -9.35
C PHE B 300 -19.19 31.81 -9.48
N PHE B 301 -19.63 32.41 -8.38
CA PHE B 301 -19.97 33.83 -8.40
C PHE B 301 -18.75 34.65 -8.01
N ALA B 302 -18.83 35.94 -8.26
CA ALA B 302 -17.70 36.82 -8.02
C ALA B 302 -17.32 36.84 -6.53
N SER B 303 -16.01 36.85 -6.29
CA SER B 303 -15.45 37.07 -4.95
C SER B 303 -15.08 38.55 -4.80
N GLY B 304 -15.20 39.05 -3.57
CA GLY B 304 -14.89 40.43 -3.27
C GLY B 304 -13.89 40.57 -2.14
N TRP B 305 -13.21 41.70 -2.15
CA TRP B 305 -12.33 42.12 -1.04
C TRP B 305 -12.88 43.40 -0.46
N HIS B 306 -13.63 43.29 0.64
CA HIS B 306 -14.18 44.49 1.29
C HIS B 306 -13.14 45.04 2.27
N MET B 307 -12.87 46.34 2.17
CA MET B 307 -11.86 47.01 3.00
C MET B 307 -12.57 47.76 4.10
N HIS B 308 -12.48 47.25 5.33
CA HIS B 308 -13.05 47.93 6.49
C HIS B 308 -11.99 48.89 7.01
N GLN B 309 -12.38 50.14 7.27
CA GLN B 309 -11.36 51.15 7.53
C GLN B 309 -11.86 52.23 8.47
N SER B 310 -10.98 52.60 9.39
CA SER B 310 -11.18 53.76 10.26
C SER B 310 -9.85 54.49 10.41
N LEU B 311 -9.93 55.75 10.83
CA LEU B 311 -8.75 56.54 11.17
C LEU B 311 -8.70 56.74 12.68
N VAL B 312 -7.52 56.59 13.27
CA VAL B 312 -7.37 56.88 14.69
C VAL B 312 -6.42 58.06 14.83
N ASP B 313 -6.45 58.68 16.01
CA ASP B 313 -5.54 59.77 16.30
C ASP B 313 -4.17 59.21 16.63
N LYS B 314 -3.12 59.85 16.09
CA LYS B 314 -1.78 59.34 16.32
C LYS B 314 -1.42 59.35 17.79
N ASP B 315 -1.92 60.31 18.57
CA ASP B 315 -1.51 60.45 19.95
C ASP B 315 -2.49 59.78 20.91
N THR B 316 -3.78 60.12 20.80
CA THR B 316 -4.79 59.58 21.70
C THR B 316 -5.19 58.16 21.35
N ARG B 317 -4.97 57.72 20.10
CA ARG B 317 -5.33 56.38 19.69
C ARG B 317 -6.82 56.14 19.90
N LYS B 318 -7.62 57.10 19.45
CA LYS B 318 -9.07 57.01 19.51
C LYS B 318 -9.58 56.98 18.07
N ASN B 319 -10.55 56.11 17.82
CA ASN B 319 -11.19 56.08 16.51
C ASN B 319 -11.92 57.40 16.30
N LEU B 320 -11.47 58.16 15.30
CA LEU B 320 -12.01 59.49 15.03
C LEU B 320 -13.17 59.46 14.05
N PHE B 321 -13.74 58.28 13.78
CA PHE B 321 -14.93 58.17 12.94
C PHE B 321 -16.19 57.99 13.78
N ILE B 322 -16.04 57.84 15.10
CA ILE B 322 -17.16 57.46 15.97
C ILE B 322 -18.21 58.56 15.90
N PRO B 323 -19.47 58.23 15.62
CA PRO B 323 -20.49 59.27 15.52
C PRO B 323 -21.05 59.66 16.87
N SER B 324 -21.66 60.85 16.88
CA SER B 324 -22.50 61.31 17.97
C SER B 324 -23.94 60.93 17.62
N GLU B 325 -24.85 61.15 18.56
CA GLU B 325 -26.25 60.85 18.25
C GLU B 325 -26.69 61.78 17.14
N GLY B 326 -27.45 61.25 16.19
CA GLY B 326 -27.93 62.00 15.08
C GLY B 326 -27.15 61.82 13.80
N GLU B 327 -25.85 61.52 13.87
CA GLU B 327 -25.00 61.35 12.71
C GLU B 327 -24.55 59.91 12.64
N VAL B 328 -24.37 59.42 11.43
CA VAL B 328 -23.84 58.06 11.23
C VAL B 328 -22.33 58.03 11.18
N LEU B 329 -21.68 59.18 11.06
CA LEU B 329 -20.23 59.22 11.15
C LEU B 329 -19.89 60.56 11.75
N SER B 330 -18.72 60.63 12.43
CA SER B 330 -18.18 61.90 12.93
C SER B 330 -17.94 62.79 11.72
N PRO B 331 -17.79 64.10 11.93
CA PRO B 331 -17.52 64.98 10.78
C PRO B 331 -16.33 64.53 9.97
N LEU B 332 -15.24 64.15 10.64
CA LEU B 332 -14.03 63.73 9.93
C LEU B 332 -14.29 62.50 9.08
N GLY B 333 -14.99 61.50 9.64
CA GLY B 333 -15.27 60.34 8.84
C GLY B 333 -16.17 60.66 7.68
N ARG B 334 -17.14 61.56 7.89
CA ARG B 334 -18.01 61.92 6.79
C ARG B 334 -17.22 62.54 5.64
N ALA B 335 -16.25 63.39 5.95
CA ALA B 335 -15.40 63.92 4.89
C ALA B 335 -14.54 62.81 4.28
N TYR B 336 -14.07 61.86 5.10
CA TYR B 336 -13.29 60.74 4.58
C TYR B 336 -14.09 59.96 3.54
N ALA B 337 -15.36 59.64 3.88
CA ALA B 337 -16.24 58.95 2.96
C ALA B 337 -16.47 59.76 1.70
N GLY B 338 -16.63 61.08 1.84
CA GLY B 338 -16.76 61.93 0.66
C GLY B 338 -15.57 61.82 -0.26
N GLY B 339 -14.36 61.77 0.31
CA GLY B 339 -13.17 61.58 -0.50
C GLY B 339 -13.15 60.24 -1.20
N LEU B 340 -13.55 59.17 -0.48
CA LEU B 340 -13.64 57.86 -1.12
C LEU B 340 -14.59 57.92 -2.32
N LEU B 341 -15.79 58.46 -2.12
CA LEU B 341 -16.80 58.49 -3.19
C LEU B 341 -16.35 59.37 -4.34
N ALA B 342 -15.78 60.54 -4.04
CA ALA B 342 -15.41 61.48 -5.11
C ALA B 342 -14.32 60.92 -6.01
N ASN B 343 -13.41 60.12 -5.48
CA ASN B 343 -12.29 59.59 -6.25
C ASN B 343 -12.45 58.12 -6.58
N GLY B 344 -13.64 57.55 -6.37
CA GLY B 344 -13.80 56.12 -6.56
C GLY B 344 -13.66 55.68 -8.00
N SER B 345 -13.96 56.58 -8.95
CA SER B 345 -13.79 56.24 -10.36
C SER B 345 -12.32 56.27 -10.76
N ALA B 346 -11.57 57.30 -10.34
CA ALA B 346 -10.15 57.36 -10.65
C ALA B 346 -9.37 56.24 -9.99
N ALA B 347 -9.78 55.83 -8.79
CA ALA B 347 -9.08 54.77 -8.05
C ALA B 347 -9.50 53.38 -8.47
N SER B 348 -10.41 53.25 -9.43
CA SER B 348 -11.00 51.95 -9.75
C SER B 348 -9.94 50.96 -10.22
N SER B 349 -9.00 51.40 -11.05
CA SER B 349 -7.97 50.47 -11.53
C SER B 349 -7.04 49.99 -10.42
N PHE B 350 -6.99 50.69 -9.29
CA PHE B 350 -6.15 50.25 -8.17
C PHE B 350 -6.93 49.32 -7.24
N THR B 351 -8.21 49.62 -7.00
CA THR B 351 -9.04 48.74 -6.20
C THR B 351 -9.49 47.50 -6.98
N THR B 352 -9.59 47.63 -8.31
CA THR B 352 -10.11 46.57 -9.18
C THR B 352 -9.20 46.47 -10.40
N PRO B 353 -7.99 45.92 -10.24
CA PRO B 353 -7.00 45.99 -11.34
C PRO B 353 -7.21 45.00 -12.48
N THR B 354 -7.93 43.90 -12.26
CA THR B 354 -8.05 42.88 -13.29
C THR B 354 -9.25 43.14 -14.19
N VAL B 355 -9.14 42.69 -15.44
CA VAL B 355 -10.29 42.72 -16.33
C VAL B 355 -11.47 42.00 -15.69
N ASN B 356 -11.20 40.83 -15.10
CA ASN B 356 -12.23 39.96 -14.55
C ASN B 356 -12.95 40.61 -13.38
N GLY B 357 -12.30 41.50 -12.65
CA GLY B 357 -12.91 42.10 -11.50
C GLY B 357 -14.13 42.93 -11.77
N TYR B 358 -14.28 43.39 -12.99
CA TYR B 358 -15.42 44.21 -13.33
C TYR B 358 -16.65 43.38 -13.67
N ARG B 359 -16.54 42.06 -13.61
CA ARG B 359 -17.76 41.26 -13.69
C ARG B 359 -18.67 41.54 -12.49
N ARG B 360 -18.15 42.11 -11.41
CA ARG B 360 -19.06 42.46 -10.32
C ARG B 360 -19.78 43.79 -10.50
N ARG B 361 -19.39 44.61 -11.48
CA ARG B 361 -19.94 45.94 -11.68
C ARG B 361 -21.29 45.81 -12.38
N GLN B 362 -22.27 45.34 -11.60
CA GLN B 362 -23.61 45.10 -12.08
C GLN B 362 -24.56 45.20 -10.88
N PRO B 363 -25.84 45.39 -11.13
CA PRO B 363 -26.80 45.55 -10.01
C PRO B 363 -27.26 44.22 -9.44
N TYR B 364 -27.79 44.31 -8.23
CA TYR B 364 -28.41 43.18 -7.52
C TYR B 364 -27.42 42.04 -7.36
N SER B 365 -26.20 42.40 -6.97
CA SER B 365 -25.08 41.46 -6.89
C SER B 365 -24.37 41.53 -5.55
N LEU B 366 -24.87 42.29 -4.58
CA LEU B 366 -24.14 42.51 -3.33
C LEU B 366 -22.75 43.09 -3.62
N ALA B 367 -22.64 43.83 -4.72
CA ALA B 367 -21.43 44.54 -5.14
C ALA B 367 -21.84 45.88 -5.72
N PRO B 368 -20.97 46.89 -5.63
CA PRO B 368 -21.39 48.24 -6.05
C PRO B 368 -21.21 48.48 -7.55
N ASP B 369 -22.15 49.23 -8.12
CA ASP B 369 -22.06 49.75 -9.49
C ASP B 369 -22.17 51.27 -9.51
N ARG B 370 -22.23 51.90 -8.33
CA ARG B 370 -22.52 53.31 -8.20
C ARG B 370 -21.73 53.89 -7.04
N ARG B 371 -21.45 55.20 -7.11
CA ARG B 371 -20.73 55.89 -6.03
C ARG B 371 -21.73 56.49 -5.04
N ALA B 372 -22.22 55.63 -4.15
CA ALA B 372 -23.14 56.05 -3.11
C ALA B 372 -22.71 55.43 -1.78
N TRP B 373 -22.93 56.16 -0.70
CA TRP B 373 -22.73 55.63 0.64
C TRP B 373 -24.08 55.42 1.31
N ALA B 374 -24.11 54.48 2.25
CA ALA B 374 -25.37 54.10 2.89
C ALA B 374 -25.10 53.33 4.18
N LYS B 375 -26.13 53.28 5.02
CA LYS B 375 -26.05 52.58 6.30
C LYS B 375 -26.42 51.12 6.11
N ASP B 376 -25.50 50.21 6.47
CA ASP B 376 -25.81 48.79 6.60
C ASP B 376 -26.56 48.27 5.38
N ASN B 377 -26.16 48.74 4.20
CA ASN B 377 -26.75 48.31 2.95
C ASN B 377 -25.61 47.80 2.06
N LYS B 378 -25.59 46.48 1.80
CA LYS B 378 -24.50 45.88 1.05
C LYS B 378 -24.66 46.06 -0.45
N ALA B 379 -25.63 46.87 -0.88
CA ALA B 379 -25.72 47.27 -2.27
C ALA B 379 -24.90 48.51 -2.59
N ALA B 380 -24.32 49.16 -1.59
CA ALA B 380 -23.63 50.43 -1.78
C ALA B 380 -22.12 50.25 -1.90
N MET B 381 -21.48 51.27 -2.46
CA MET B 381 -20.02 51.29 -2.55
C MET B 381 -19.40 51.51 -1.17
N VAL B 382 -19.91 52.49 -0.44
CA VAL B 382 -19.41 52.82 0.89
C VAL B 382 -20.52 52.47 1.87
N ARG B 383 -20.31 51.45 2.68
CA ARG B 383 -21.27 51.08 3.69
C ARG B 383 -20.75 51.49 5.06
N VAL B 384 -21.56 52.25 5.79
CA VAL B 384 -21.19 52.72 7.12
C VAL B 384 -21.64 51.66 8.12
N VAL B 385 -20.70 51.14 8.89
CA VAL B 385 -21.01 50.23 9.98
C VAL B 385 -20.72 50.98 11.26
N SER B 386 -21.75 51.38 12.00
CA SER B 386 -21.50 52.21 13.17
C SER B 386 -22.74 52.27 14.05
N ALA B 387 -22.50 52.71 15.28
CA ALA B 387 -23.52 53.07 16.25
C ALA B 387 -22.93 54.15 17.15
N THR B 388 -23.80 54.93 17.80
CA THR B 388 -23.30 56.02 18.62
C THR B 388 -22.41 55.51 19.74
N GLY B 389 -21.22 56.09 19.85
CA GLY B 389 -20.27 55.72 20.87
C GLY B 389 -19.46 54.47 20.59
N ASP B 390 -19.66 53.81 19.46
CA ASP B 390 -19.10 52.50 19.21
C ASP B 390 -17.73 52.61 18.57
N PRO B 391 -16.66 52.14 19.22
CA PRO B 391 -15.33 52.23 18.60
C PRO B 391 -15.15 51.35 17.36
N ALA B 392 -16.11 50.48 17.07
CA ALA B 392 -16.09 49.70 15.82
C ALA B 392 -16.61 50.49 14.63
N SER B 393 -17.07 51.73 14.85
CA SER B 393 -17.60 52.55 13.77
C SER B 393 -16.57 52.71 12.66
N ARG B 394 -17.00 52.57 11.41
CA ARG B 394 -16.05 52.50 10.31
C ARG B 394 -16.77 52.54 8.98
N ILE B 395 -15.95 52.63 7.93
CA ILE B 395 -16.40 52.55 6.55
C ILE B 395 -15.96 51.20 5.98
N GLU B 396 -16.88 50.54 5.27
CA GLU B 396 -16.54 49.38 4.46
C GLU B 396 -16.63 49.79 3.00
N ASN B 397 -15.50 49.78 2.31
CA ASN B 397 -15.49 50.03 0.88
C ASN B 397 -15.57 48.67 0.19
N ARG B 398 -16.70 48.41 -0.48
CA ARG B 398 -16.98 47.13 -1.10
C ARG B 398 -16.55 47.06 -2.56
N ILE B 399 -15.81 48.05 -3.06
CA ILE B 399 -15.51 48.08 -4.49
C ILE B 399 -14.38 47.12 -4.85
N GLY B 400 -13.49 46.80 -3.89
CA GLY B 400 -12.28 46.08 -4.22
C GLY B 400 -12.52 44.62 -4.56
N GLU B 401 -11.53 44.03 -5.25
CA GLU B 401 -11.50 42.62 -5.62
C GLU B 401 -10.38 41.91 -4.89
N PRO B 402 -10.52 40.60 -4.64
CA PRO B 402 -9.48 39.89 -3.87
C PRO B 402 -8.11 39.92 -4.51
N GLY B 403 -8.01 39.98 -5.83
CA GLY B 403 -6.73 40.00 -6.50
C GLY B 403 -6.03 41.34 -6.55
N ALA B 404 -6.56 42.36 -5.88
CA ALA B 404 -5.93 43.67 -5.89
C ALA B 404 -4.56 43.61 -5.21
N ASN B 405 -3.67 44.48 -5.66
CA ASN B 405 -2.39 44.68 -5.01
C ASN B 405 -2.63 45.32 -3.65
N PRO B 406 -2.28 44.68 -2.54
CA PRO B 406 -2.63 45.28 -1.24
C PRO B 406 -2.09 46.70 -1.08
N TYR B 407 -0.86 46.97 -1.52
CA TYR B 407 -0.30 48.31 -1.33
C TYR B 407 -1.09 49.34 -2.09
N LEU B 408 -1.45 49.04 -3.34
CA LEU B 408 -2.18 50.02 -4.15
C LEU B 408 -3.61 50.19 -3.66
N TYR B 409 -4.28 49.11 -3.29
CA TYR B 409 -5.63 49.23 -2.75
C TYR B 409 -5.65 50.13 -1.52
N MET B 410 -4.83 49.77 -0.52
CA MET B 410 -4.83 50.53 0.73
C MET B 410 -4.35 51.96 0.51
N ALA B 411 -3.36 52.16 -0.36
CA ALA B 411 -2.87 53.49 -0.63
C ALA B 411 -3.93 54.34 -1.31
N SER B 412 -4.68 53.74 -2.25
CA SER B 412 -5.77 54.47 -2.89
C SER B 412 -6.81 54.89 -1.87
N GLN B 413 -7.08 54.03 -0.90
CA GLN B 413 -8.07 54.37 0.12
C GLN B 413 -7.57 55.53 0.98
N ILE B 414 -6.34 55.44 1.47
CA ILE B 414 -5.79 56.51 2.30
C ILE B 414 -5.80 57.82 1.54
N VAL B 415 -5.34 57.79 0.28
CA VAL B 415 -5.22 59.02 -0.48
C VAL B 415 -6.59 59.65 -0.72
N SER B 416 -7.57 58.83 -1.12
CA SER B 416 -8.90 59.36 -1.39
C SER B 416 -9.50 59.97 -0.14
N GLY B 417 -9.43 59.24 0.97
CA GLY B 417 -10.01 59.75 2.20
C GLY B 417 -9.35 61.02 2.68
N LEU B 418 -8.01 61.08 2.62
CA LEU B 418 -7.33 62.28 3.10
C LEU B 418 -7.62 63.46 2.16
N ASP B 419 -7.78 63.19 0.86
CA ASP B 419 -8.19 64.25 -0.05
C ASP B 419 -9.55 64.80 0.34
N GLY B 420 -10.48 63.91 0.66
CA GLY B 420 -11.76 64.35 1.14
C GLY B 420 -11.65 65.20 2.38
N ILE B 421 -10.77 64.79 3.31
CA ILE B 421 -10.64 65.53 4.56
C ILE B 421 -10.12 66.94 4.33
N LYS B 422 -9.01 67.08 3.59
CA LYS B 422 -8.41 68.39 3.44
C LYS B 422 -9.28 69.33 2.61
N ASN B 423 -10.00 68.79 1.61
CA ASN B 423 -10.88 69.56 0.72
C ASN B 423 -12.34 69.58 1.17
N LYS B 424 -12.60 69.13 2.40
CA LYS B 424 -13.91 69.15 3.04
C LYS B 424 -15.03 68.74 2.09
N LYS B 425 -14.87 67.57 1.47
CA LYS B 425 -15.86 67.05 0.54
C LYS B 425 -17.02 66.41 1.29
N ASP B 426 -18.18 66.43 0.64
CA ASP B 426 -19.45 65.94 1.16
C ASP B 426 -19.86 64.64 0.49
N PRO B 427 -20.10 63.59 1.28
CA PRO B 427 -20.52 62.30 0.71
C PRO B 427 -21.93 62.28 0.16
N GLY B 428 -22.77 63.24 0.55
CA GLY B 428 -24.15 63.28 0.10
C GLY B 428 -25.14 62.59 1.00
N GLU B 429 -26.18 62.02 0.40
CA GLU B 429 -27.30 61.43 1.13
C GLU B 429 -27.14 59.90 1.21
N LEU B 430 -27.49 59.35 2.38
CA LEU B 430 -27.49 57.91 2.60
C LEU B 430 -28.64 57.28 1.83
N GLN B 431 -28.32 56.27 1.03
CA GLN B 431 -29.30 55.66 0.14
C GLN B 431 -29.96 54.46 0.81
N GLU B 432 -31.30 54.47 0.88
CA GLU B 432 -32.02 53.27 1.32
C GLU B 432 -32.04 52.19 0.24
N SER B 433 -31.91 52.56 -1.03
CA SER B 433 -31.89 51.59 -2.15
C SER B 433 -30.81 51.98 -3.15
N PRO B 434 -29.54 51.65 -2.85
CA PRO B 434 -28.44 52.10 -3.72
C PRO B 434 -28.57 51.70 -5.18
N TYR B 435 -29.19 50.56 -5.50
CA TYR B 435 -29.26 50.20 -6.92
C TYR B 435 -30.30 50.99 -7.70
N ASP B 436 -31.05 51.85 -7.05
CA ASP B 436 -32.00 52.75 -7.69
C ASP B 436 -31.61 54.20 -7.46
N ALA B 437 -30.38 54.42 -6.98
CA ALA B 437 -29.87 55.75 -6.65
C ALA B 437 -29.40 56.46 -7.92
N GLN B 438 -29.71 57.74 -8.05
CA GLN B 438 -29.33 58.55 -9.20
C GLN B 438 -28.01 59.26 -8.89
N VAL B 439 -26.94 58.47 -8.82
CA VAL B 439 -25.60 58.99 -8.55
C VAL B 439 -24.70 58.53 -9.69
N PRO B 440 -23.53 59.16 -9.84
CA PRO B 440 -22.62 58.78 -10.92
C PRO B 440 -22.21 57.32 -10.81
N MET B 441 -22.21 56.63 -11.95
CA MET B 441 -21.86 55.22 -12.05
C MET B 441 -20.34 55.06 -12.08
N LEU B 442 -19.91 53.90 -11.62
CA LEU B 442 -18.52 53.46 -11.59
C LEU B 442 -18.15 52.86 -12.93
N PRO B 443 -16.85 52.82 -13.26
CA PRO B 443 -16.43 52.20 -14.51
C PRO B 443 -16.90 50.75 -14.59
N THR B 444 -17.38 50.36 -15.78
CA THR B 444 -17.86 49.01 -15.99
C THR B 444 -16.82 48.11 -16.61
N THR B 445 -15.68 48.64 -17.04
CA THR B 445 -14.60 47.86 -17.60
C THR B 445 -13.27 48.46 -17.13
N LEU B 446 -12.21 47.67 -17.27
CA LEU B 446 -10.88 48.17 -16.92
C LEU B 446 -10.48 49.35 -17.79
N ALA B 447 -10.79 49.30 -19.08
CA ALA B 447 -10.47 50.43 -19.96
C ALA B 447 -11.12 51.70 -19.46
N GLU B 448 -12.38 51.61 -19.00
CA GLU B 448 -13.05 52.78 -18.47
C GLU B 448 -12.38 53.29 -17.20
N ALA B 449 -11.94 52.39 -16.33
CA ALA B 449 -11.24 52.82 -15.12
C ALA B 449 -9.95 53.55 -15.48
N LEU B 450 -9.23 53.05 -16.50
CA LEU B 450 -8.00 53.71 -16.92
C LEU B 450 -8.31 55.08 -17.52
N ASP B 451 -9.38 55.17 -18.32
CA ASP B 451 -9.82 56.46 -18.83
C ASP B 451 -10.08 57.44 -17.69
N ALA B 452 -10.82 56.98 -16.66
CA ALA B 452 -11.16 57.85 -15.53
C ALA B 452 -9.91 58.32 -14.82
N LEU B 453 -8.92 57.43 -14.65
CA LEU B 453 -7.66 57.84 -14.04
C LEU B 453 -6.99 58.91 -14.91
N GLU B 454 -6.98 58.70 -16.25
CA GLU B 454 -6.30 59.64 -17.11
C GLU B 454 -6.95 61.02 -17.04
N HIS B 455 -8.27 61.08 -16.92
CA HIS B 455 -8.92 62.39 -17.01
C HIS B 455 -8.98 63.09 -15.65
N ASP B 456 -8.85 62.35 -14.54
CA ASP B 456 -8.82 62.93 -13.19
C ASP B 456 -7.57 62.38 -12.51
N SER B 457 -6.40 62.82 -12.97
CA SER B 457 -5.11 62.23 -12.59
C SER B 457 -4.37 63.05 -11.54
N GLU B 458 -4.89 64.23 -11.16
CA GLU B 458 -4.15 65.13 -10.30
C GLU B 458 -3.78 64.47 -8.98
N LEU B 459 -4.77 63.95 -8.26
CA LEU B 459 -4.49 63.41 -6.94
C LEU B 459 -3.53 62.24 -7.01
N PHE B 460 -3.72 61.31 -7.92
CA PHE B 460 -2.84 60.14 -7.94
C PHE B 460 -1.51 60.44 -8.59
N ARG B 461 -1.43 61.39 -9.50
CA ARG B 461 -0.10 61.81 -9.95
C ARG B 461 0.67 62.47 -8.84
N SER B 462 -0.01 63.20 -7.98
CA SER B 462 0.64 63.87 -6.86
C SER B 462 1.05 62.87 -5.78
N CYS B 463 0.18 61.91 -5.47
CA CYS B 463 0.42 61.05 -4.32
C CYS B 463 1.14 59.76 -4.69
N PHE B 464 0.78 59.14 -5.81
CA PHE B 464 1.47 57.94 -6.28
C PHE B 464 2.74 58.28 -7.03
N GLY B 465 2.79 59.42 -7.70
CA GLY B 465 3.96 59.83 -8.46
C GLY B 465 3.65 59.87 -9.95
N ASP B 466 4.16 60.90 -10.63
CA ASP B 466 3.85 61.10 -12.04
C ASP B 466 4.40 59.95 -12.89
N THR B 467 5.65 59.56 -12.63
CA THR B 467 6.25 58.48 -13.41
C THR B 467 5.49 57.18 -13.19
N PHE B 468 5.10 56.91 -11.95
CA PHE B 468 4.36 55.67 -11.70
C PHE B 468 3.03 55.66 -12.43
N ILE B 469 2.33 56.79 -12.45
CA ILE B 469 1.02 56.83 -13.08
C ILE B 469 1.16 56.64 -14.59
N LYS B 470 2.20 57.25 -15.17
CA LYS B 470 2.47 57.04 -16.59
C LYS B 470 2.73 55.56 -16.88
N TYR B 471 3.60 54.94 -16.07
CA TYR B 471 3.92 53.53 -16.24
C TYR B 471 2.67 52.67 -16.11
N TRP B 472 1.87 52.93 -15.08
CA TRP B 472 0.66 52.16 -14.83
C TRP B 472 -0.29 52.24 -16.02
N LEU B 473 -0.56 53.44 -16.51
CA LEU B 473 -1.49 53.59 -17.62
C LEU B 473 -1.00 52.80 -18.83
N GLN B 474 0.28 52.96 -19.17
CA GLN B 474 0.81 52.24 -20.33
C GLN B 474 0.61 50.73 -20.18
N LEU B 475 1.05 50.18 -19.04
CA LEU B 475 1.00 48.73 -18.83
C LEU B 475 -0.44 48.21 -18.86
N ARG B 476 -1.31 48.81 -18.04
CA ARG B 476 -2.66 48.29 -17.97
C ARG B 476 -3.32 48.40 -19.33
N ARG B 477 -3.04 49.47 -20.08
CA ARG B 477 -3.63 49.54 -21.42
C ARG B 477 -3.07 48.49 -22.36
N SER B 478 -1.79 48.13 -22.28
CA SER B 478 -1.34 47.02 -23.09
C SER B 478 -2.14 45.76 -22.79
N GLU B 479 -2.39 45.50 -21.50
CA GLU B 479 -3.15 44.29 -21.18
C GLU B 479 -4.57 44.37 -21.68
N TRP B 480 -5.18 45.55 -21.57
CA TRP B 480 -6.54 45.70 -22.05
C TRP B 480 -6.62 45.44 -23.55
N ALA B 481 -5.62 45.93 -24.30
CA ALA B 481 -5.57 45.65 -25.72
C ALA B 481 -5.43 44.16 -26.00
N ARG B 482 -4.64 43.46 -25.18
CA ARG B 482 -4.53 42.00 -25.35
C ARG B 482 -5.89 41.35 -25.19
N PHE B 483 -6.61 41.71 -24.12
CA PHE B 483 -7.93 41.12 -23.88
C PHE B 483 -8.89 41.44 -25.03
N LEU B 484 -8.87 42.68 -25.52
CA LEU B 484 -9.81 43.10 -26.55
C LEU B 484 -9.54 42.38 -27.87
N ASP B 485 -8.26 42.23 -28.23
CA ASP B 485 -7.92 41.48 -29.43
C ASP B 485 -8.26 39.99 -29.29
N ALA B 486 -8.20 39.46 -28.07
CA ALA B 486 -8.43 38.03 -27.92
C ALA B 486 -9.91 37.68 -27.86
N GLU B 487 -10.72 38.51 -27.23
CA GLU B 487 -12.12 38.17 -26.95
C GLU B 487 -13.12 39.10 -27.63
N GLY B 488 -12.76 40.35 -27.88
CA GLY B 488 -13.64 41.31 -28.52
C GLY B 488 -14.30 42.23 -27.51
N ALA B 489 -14.86 43.33 -28.03
CA ALA B 489 -15.44 44.35 -27.17
C ALA B 489 -16.73 43.86 -26.57
N GLU B 490 -17.51 43.09 -27.33
CA GLU B 490 -18.78 42.58 -26.85
C GLU B 490 -18.59 41.83 -25.55
N ALA B 491 -17.45 41.15 -25.40
CA ALA B 491 -17.17 40.39 -24.18
C ALA B 491 -17.07 41.27 -22.94
N ALA B 492 -16.55 42.51 -23.08
CA ALA B 492 -16.26 43.35 -21.93
C ALA B 492 -17.47 43.59 -21.03
N GLU B 493 -18.69 43.55 -21.57
CA GLU B 493 -19.94 43.76 -20.83
C GLU B 493 -19.89 43.02 -19.49
N PRO B 494 -20.05 43.74 -18.37
CA PRO B 494 -19.92 43.08 -17.05
C PRO B 494 -20.77 41.82 -16.88
N THR B 495 -22.03 41.83 -17.30
CA THR B 495 -22.86 40.66 -17.07
C THR B 495 -22.53 39.47 -17.99
N GLY B 496 -21.68 39.68 -18.98
CA GLY B 496 -21.30 38.60 -19.86
C GLY B 496 -20.53 37.50 -19.14
N ALA B 497 -20.49 36.34 -19.78
CA ALA B 497 -19.78 35.20 -19.21
C ALA B 497 -18.28 35.50 -19.13
N VAL B 498 -17.64 34.90 -18.13
CA VAL B 498 -16.20 35.05 -17.99
C VAL B 498 -15.52 34.35 -19.16
N THR B 499 -14.58 35.05 -19.78
CA THR B 499 -13.96 34.55 -20.99
C THR B 499 -12.79 33.62 -20.66
N GLN B 500 -12.40 32.83 -21.66
CA GLN B 500 -11.22 32.00 -21.50
C GLN B 500 -9.96 32.84 -21.29
N TRP B 501 -9.90 34.03 -21.91
CA TRP B 501 -8.76 34.91 -21.72
C TRP B 501 -8.59 35.26 -20.25
N GLU B 502 -9.69 35.59 -19.56
CA GLU B 502 -9.61 35.93 -18.15
C GLU B 502 -9.11 34.74 -17.34
N GLN B 503 -9.66 33.56 -17.61
CA GLN B 503 -9.23 32.36 -16.90
C GLN B 503 -7.75 32.12 -17.09
N LYS B 504 -7.27 32.24 -18.32
CA LYS B 504 -5.87 31.95 -18.61
C LYS B 504 -4.94 33.10 -18.23
N GLU B 505 -5.48 34.28 -17.92
CA GLU B 505 -4.69 35.39 -17.42
C GLU B 505 -4.54 35.38 -15.90
N TYR B 506 -5.57 34.95 -15.17
CA TYR B 506 -5.64 35.18 -13.73
C TYR B 506 -5.77 33.95 -12.86
N PHE B 507 -6.34 32.85 -13.35
CA PHE B 507 -6.69 31.74 -12.47
C PHE B 507 -5.46 31.16 -11.78
N ASN B 508 -4.39 30.93 -12.54
CA ASN B 508 -3.23 30.25 -11.97
C ASN B 508 -2.51 31.13 -10.95
N LEU B 509 -2.31 32.41 -11.26
CA LEU B 509 -1.42 33.24 -10.46
C LEU B 509 -2.12 34.06 -9.39
N LEU B 510 -3.38 34.45 -9.61
CA LEU B 510 -4.10 35.21 -8.60
C LEU B 510 -4.74 34.30 -7.57
N ASP C 21 -40.21 -0.05 40.00
CA ASP C 21 -39.25 -1.14 39.84
C ASP C 21 -40.01 -2.34 39.27
N PHE C 22 -40.14 -2.37 37.94
CA PHE C 22 -40.92 -3.43 37.28
C PHE C 22 -40.41 -4.81 37.63
N ILE C 23 -39.08 -5.00 37.61
CA ILE C 23 -38.55 -6.34 37.79
C ILE C 23 -38.86 -6.85 39.20
N THR C 24 -38.62 -6.02 40.21
CA THR C 24 -38.89 -6.43 41.59
C THR C 24 -40.38 -6.65 41.84
N LYS C 25 -41.21 -5.70 41.39
CA LYS C 25 -42.65 -5.79 41.61
C LYS C 25 -43.22 -7.15 41.17
N ASN C 26 -42.79 -7.65 40.01
CA ASN C 26 -43.31 -8.90 39.44
C ASN C 26 -42.41 -10.12 39.72
N ASN C 27 -41.46 -10.02 40.65
CA ASN C 27 -40.60 -11.12 41.07
C ASN C 27 -40.02 -11.85 39.87
N LEU C 28 -39.40 -11.07 38.99
CA LEU C 28 -38.86 -11.61 37.75
C LEU C 28 -37.41 -12.06 37.87
N TRP C 29 -36.70 -11.62 38.91
CA TRP C 29 -35.29 -11.98 39.11
C TRP C 29 -35.15 -12.85 40.36
N THR C 30 -34.41 -13.95 40.25
CA THR C 30 -34.03 -14.74 41.40
C THR C 30 -32.85 -14.07 42.08
N ASN C 31 -32.44 -14.59 43.24
CA ASN C 31 -31.30 -14.02 43.93
C ASN C 31 -30.01 -14.19 43.13
N GLU C 32 -29.82 -15.35 42.48
CA GLU C 32 -28.64 -15.51 41.62
C GLU C 32 -28.61 -14.42 40.58
N GLN C 33 -29.75 -14.14 39.96
CA GLN C 33 -29.79 -13.14 38.90
C GLN C 33 -29.42 -11.74 39.43
N ARG C 34 -29.89 -11.36 40.62
CA ARG C 34 -29.59 -10.00 41.09
C ARG C 34 -28.11 -9.87 41.45
N ASP C 35 -27.56 -10.91 42.10
CA ASP C 35 -26.13 -10.88 42.45
C ASP C 35 -25.30 -10.83 41.17
N ALA C 36 -25.71 -11.60 40.15
CA ALA C 36 -25.08 -11.53 38.84
C ALA C 36 -25.22 -10.14 38.25
N ALA C 37 -26.37 -9.49 38.43
CA ALA C 37 -26.53 -8.12 37.94
C ALA C 37 -25.49 -7.20 38.54
N ASP C 38 -25.23 -7.32 39.85
CA ASP C 38 -24.20 -6.48 40.41
C ASP C 38 -22.86 -6.80 39.76
N LYS C 39 -22.58 -8.09 39.54
CA LYS C 39 -21.29 -8.44 38.95
C LYS C 39 -21.19 -8.00 37.50
N VAL C 40 -22.32 -7.98 36.80
CA VAL C 40 -22.32 -7.56 35.41
C VAL C 40 -22.06 -6.08 35.29
N LEU C 41 -22.70 -5.27 36.15
CA LEU C 41 -22.42 -3.85 36.08
C LEU C 41 -20.99 -3.58 36.49
N ALA C 42 -20.47 -4.36 37.44
CA ALA C 42 -19.08 -4.12 37.79
C ALA C 42 -18.16 -4.47 36.66
N GLU C 43 -18.42 -5.56 35.95
CA GLU C 43 -17.57 -5.91 34.83
C GLU C 43 -17.70 -4.88 33.73
N ILE C 44 -18.90 -4.33 33.53
CA ILE C 44 -19.08 -3.28 32.54
C ILE C 44 -18.24 -2.07 32.89
N ASP C 45 -18.23 -1.69 34.18
CA ASP C 45 -17.44 -0.54 34.59
C ASP C 45 -15.95 -0.81 34.48
N SER C 46 -15.52 -1.99 34.92
CA SER C 46 -14.10 -2.31 34.92
C SER C 46 -13.55 -2.34 33.49
N LEU C 47 -14.32 -2.87 32.55
CA LEU C 47 -13.86 -2.99 31.18
C LEU C 47 -14.06 -1.72 30.36
N GLY C 48 -14.80 -0.74 30.87
CA GLY C 48 -15.09 0.45 30.09
C GLY C 48 -15.97 0.21 28.90
N LEU C 49 -16.88 -0.76 28.99
CA LEU C 49 -17.79 -1.03 27.89
C LEU C 49 -18.69 0.17 27.67
N GLU C 50 -19.09 0.36 26.41
CA GLU C 50 -19.92 1.50 26.02
C GLU C 50 -21.32 1.09 25.57
N MET C 51 -21.46 -0.10 25.00
CA MET C 51 -22.74 -0.62 24.59
C MET C 51 -22.94 -2.01 25.16
N ILE C 52 -24.18 -2.36 25.42
CA ILE C 52 -24.58 -3.69 25.85
C ILE C 52 -25.80 -4.06 25.01
N ARG C 53 -25.66 -5.12 24.23
CA ARG C 53 -26.77 -5.62 23.44
C ARG C 53 -27.73 -6.39 24.34
N LEU C 54 -29.02 -6.13 24.15
CA LEU C 54 -30.10 -6.80 24.84
C LEU C 54 -30.89 -7.50 23.75
N SER C 55 -30.87 -8.83 23.76
CA SER C 55 -31.42 -9.59 22.65
C SER C 55 -32.31 -10.73 23.15
N TRP C 56 -33.13 -11.23 22.23
CA TRP C 56 -34.03 -12.34 22.47
C TRP C 56 -34.27 -13.03 21.13
N ALA C 57 -34.44 -14.35 21.19
CA ALA C 57 -34.71 -15.12 19.99
C ALA C 57 -36.15 -14.92 19.56
N ASP C 58 -36.37 -14.67 18.27
CA ASP C 58 -37.72 -14.62 17.71
C ASP C 58 -38.15 -16.04 17.35
N GLN C 59 -39.30 -16.17 16.68
CA GLN C 59 -39.83 -17.51 16.40
C GLN C 59 -38.86 -18.33 15.56
N TYR C 60 -38.04 -17.68 14.75
CA TYR C 60 -37.10 -18.35 13.87
C TYR C 60 -35.76 -18.59 14.53
N GLY C 61 -35.58 -18.15 15.77
CA GLY C 61 -34.29 -18.25 16.44
C GLY C 61 -33.30 -17.17 16.11
N LEU C 62 -33.74 -16.09 15.44
CA LEU C 62 -32.85 -14.99 15.09
C LEU C 62 -32.88 -13.94 16.19
N LEU C 63 -31.70 -13.44 16.54
CA LEU C 63 -31.57 -12.51 17.66
C LEU C 63 -32.16 -11.15 17.30
N ARG C 64 -33.08 -10.66 18.13
CA ARG C 64 -33.71 -9.36 17.94
C ARG C 64 -33.49 -8.56 19.21
N GLY C 65 -33.42 -7.24 19.06
CA GLY C 65 -33.38 -6.42 20.25
C GLY C 65 -32.82 -5.03 20.04
N LYS C 66 -32.06 -4.57 21.01
CA LYS C 66 -31.49 -3.23 20.95
C LYS C 66 -30.08 -3.24 21.50
N SER C 67 -29.28 -2.26 21.11
CA SER C 67 -28.03 -1.99 21.79
C SER C 67 -28.23 -0.77 22.67
N LEU C 68 -27.92 -0.92 23.95
CA LEU C 68 -28.14 0.11 24.95
C LEU C 68 -26.82 0.68 25.44
N THR C 69 -26.85 1.93 25.90
CA THR C 69 -25.69 2.49 26.56
C THR C 69 -25.64 2.00 28.01
N VAL C 70 -24.53 2.27 28.69
CA VAL C 70 -24.38 1.83 30.07
C VAL C 70 -25.53 2.35 30.92
N ALA C 71 -25.86 3.64 30.79
CA ALA C 71 -26.90 4.23 31.63
C ALA C 71 -28.26 3.60 31.37
N SER C 72 -28.62 3.44 30.09
CA SER C 72 -29.90 2.82 29.76
C SER C 72 -29.95 1.38 30.26
N LEU C 73 -28.83 0.67 30.23
CA LEU C 73 -28.82 -0.70 30.76
C LEU C 73 -29.01 -0.70 32.27
N LYS C 74 -28.37 0.22 32.98
CA LYS C 74 -28.59 0.33 34.40
C LYS C 74 -30.05 0.61 34.70
N SER C 75 -30.70 1.41 33.86
CA SER C 75 -32.13 1.64 34.02
C SER C 75 -32.94 0.39 33.72
N ALA C 76 -32.53 -0.40 32.71
CA ALA C 76 -33.27 -1.61 32.37
C ALA C 76 -33.11 -2.69 33.43
N PHE C 77 -32.06 -2.63 34.23
CA PHE C 77 -31.87 -3.58 35.32
C PHE C 77 -32.87 -3.36 36.44
N LYS C 78 -33.64 -2.28 36.38
CA LYS C 78 -34.75 -2.04 37.29
C LYS C 78 -36.10 -2.04 36.59
N GLU C 79 -36.23 -1.37 35.44
CA GLU C 79 -37.52 -1.24 34.76
C GLU C 79 -37.64 -2.06 33.49
N GLY C 80 -36.55 -2.66 33.02
CA GLY C 80 -36.57 -3.36 31.74
C GLY C 80 -36.53 -2.39 30.58
N SER C 81 -36.68 -2.92 29.37
CA SER C 81 -36.60 -2.07 28.18
C SER C 81 -37.72 -2.46 27.23
N GLU C 82 -38.61 -1.51 26.91
CA GLU C 82 -39.75 -1.80 26.06
C GLU C 82 -39.39 -2.05 24.60
N VAL C 83 -40.10 -3.00 24.00
CA VAL C 83 -39.91 -3.37 22.61
C VAL C 83 -41.29 -3.76 22.07
N ALA C 84 -41.42 -3.76 20.77
CA ALA C 84 -42.64 -4.16 20.08
C ALA C 84 -42.55 -5.63 19.70
N ILE C 85 -43.73 -6.24 19.50
CA ILE C 85 -43.78 -7.66 19.16
C ILE C 85 -43.74 -7.81 17.65
N GLY C 86 -43.44 -6.72 16.96
CA GLY C 86 -43.45 -6.72 15.52
C GLY C 86 -42.85 -7.95 14.86
N PRO C 87 -41.62 -8.28 15.27
CA PRO C 87 -40.94 -9.46 14.68
C PRO C 87 -41.81 -10.72 14.66
N PHE C 88 -42.53 -11.00 15.75
CA PHE C 88 -43.34 -12.21 15.80
C PHE C 88 -44.46 -12.21 14.77
N PHE C 89 -45.02 -11.05 14.41
CA PHE C 89 -46.11 -10.99 13.44
C PHE C 89 -45.61 -10.75 12.01
N PHE C 90 -44.29 -10.75 11.80
CA PHE C 90 -43.65 -10.66 10.49
C PHE C 90 -43.02 -12.03 10.20
N ASP C 91 -42.89 -12.38 8.92
CA ASP C 91 -42.10 -13.55 8.57
C ASP C 91 -40.67 -13.08 8.26
N LEU C 92 -39.82 -13.98 7.74
CA LEU C 92 -38.40 -13.68 7.59
C LEU C 92 -38.16 -12.54 6.63
N VAL C 93 -39.08 -12.32 5.68
CA VAL C 93 -39.00 -11.26 4.68
C VAL C 93 -39.95 -10.12 5.03
N SER C 94 -40.53 -10.14 6.23
CA SER C 94 -41.36 -9.10 6.80
C SER C 94 -42.70 -8.96 6.11
N SER C 95 -43.24 -10.07 5.56
CA SER C 95 -44.67 -10.11 5.17
C SER C 95 -45.52 -10.02 6.43
N MET C 96 -46.49 -9.13 6.45
CA MET C 96 -47.34 -8.96 7.62
C MET C 96 -48.41 -10.05 7.62
N VAL C 97 -48.28 -11.04 8.49
CA VAL C 97 -49.20 -12.18 8.53
C VAL C 97 -50.36 -11.93 9.49
N PHE C 98 -50.13 -11.22 10.59
CA PHE C 98 -51.13 -10.91 11.59
C PHE C 98 -51.32 -9.39 11.57
N ASN C 99 -52.57 -8.94 11.54
CA ASN C 99 -52.80 -7.50 11.50
C ASN C 99 -52.17 -6.87 12.74
N LEU C 100 -51.43 -5.78 12.52
CA LEU C 100 -50.71 -5.08 13.58
C LEU C 100 -51.34 -3.76 13.97
N PHE C 101 -52.38 -3.32 13.27
CA PHE C 101 -52.95 -2.00 13.49
C PHE C 101 -54.21 -1.99 14.34
N THR C 102 -54.84 -3.15 14.55
CA THR C 102 -56.03 -3.26 15.38
C THR C 102 -55.66 -3.82 16.75
N THR C 103 -55.86 -3.02 17.81
CA THR C 103 -55.62 -3.50 19.15
C THR C 103 -56.64 -4.59 19.46
N ALA C 104 -56.17 -5.74 19.95
CA ALA C 104 -57.05 -6.88 20.14
C ALA C 104 -57.88 -6.72 21.41
N GLY C 105 -59.13 -7.17 21.35
CA GLY C 105 -59.93 -7.25 22.56
C GLY C 105 -59.38 -8.27 23.53
N ASP C 106 -59.05 -9.46 23.02
CA ASP C 106 -58.29 -10.47 23.77
C ASP C 106 -57.13 -10.87 22.87
N PHE C 107 -55.91 -10.51 23.28
CA PHE C 107 -54.77 -10.74 22.39
C PHE C 107 -54.60 -12.20 22.04
N GLU C 108 -54.64 -13.08 23.03
CA GLU C 108 -54.35 -14.49 22.76
C GLU C 108 -55.42 -15.15 21.89
N ASP C 109 -56.61 -14.54 21.80
CA ASP C 109 -57.66 -15.06 20.94
C ASP C 109 -57.62 -14.50 19.52
N GLU C 110 -57.23 -13.24 19.34
CA GLU C 110 -57.29 -12.62 18.03
C GLU C 110 -55.92 -12.52 17.35
N LEU C 111 -54.81 -12.46 18.13
CA LEU C 111 -53.45 -12.33 17.59
C LEU C 111 -53.36 -11.14 16.64
N SER C 112 -53.64 -9.97 17.19
CA SER C 112 -53.62 -8.75 16.41
C SER C 112 -53.02 -7.65 17.27
N GLY C 113 -52.59 -6.59 16.60
CA GLY C 113 -52.07 -5.41 17.26
C GLY C 113 -50.55 -5.47 17.35
N ASN C 114 -50.00 -4.37 17.85
CA ASN C 114 -48.57 -4.22 18.14
C ASN C 114 -48.43 -3.81 19.60
N PRO C 115 -48.88 -4.65 20.53
CA PRO C 115 -48.73 -4.35 21.96
C PRO C 115 -47.28 -4.30 22.37
N THR C 116 -47.00 -3.50 23.40
CA THR C 116 -45.66 -3.36 23.92
C THR C 116 -45.35 -4.46 24.93
N VAL C 117 -44.16 -5.04 24.81
CA VAL C 117 -43.63 -5.97 25.80
C VAL C 117 -42.35 -5.39 26.38
N VAL C 118 -41.92 -5.98 27.48
CA VAL C 118 -40.75 -5.55 28.23
C VAL C 118 -39.71 -6.64 28.09
N MET C 119 -38.56 -6.26 27.54
CA MET C 119 -37.36 -7.06 27.66
C MET C 119 -36.85 -6.97 29.08
N VAL C 120 -36.83 -8.10 29.78
CA VAL C 120 -36.31 -8.20 31.13
C VAL C 120 -34.93 -8.86 31.03
N PRO C 121 -33.85 -8.12 31.25
CA PRO C 121 -32.52 -8.73 31.05
C PRO C 121 -32.28 -9.90 31.98
N ASP C 122 -31.60 -10.93 31.46
CA ASP C 122 -31.15 -12.02 32.30
C ASP C 122 -29.66 -11.86 32.54
N PRO C 123 -29.24 -11.36 33.70
CA PRO C 123 -27.80 -11.08 33.89
C PRO C 123 -26.94 -12.33 33.86
N THR C 124 -27.53 -13.51 34.07
CA THR C 124 -26.74 -14.74 34.06
C THR C 124 -26.21 -15.08 32.68
N THR C 125 -26.67 -14.40 31.63
CA THR C 125 -26.24 -14.66 30.27
C THR C 125 -25.23 -13.64 29.74
N PHE C 126 -24.76 -12.72 30.58
CA PHE C 126 -23.94 -11.63 30.09
C PHE C 126 -22.64 -12.14 29.46
N LYS C 127 -22.27 -11.57 28.31
CA LYS C 127 -21.02 -11.88 27.64
C LYS C 127 -20.44 -10.60 27.07
N VAL C 128 -19.11 -10.52 27.04
CA VAL C 128 -18.40 -9.51 26.29
C VAL C 128 -18.12 -10.07 24.89
N LEU C 129 -18.58 -9.38 23.87
CA LEU C 129 -18.38 -9.85 22.49
C LEU C 129 -16.98 -9.47 22.02
N PRO C 130 -16.09 -10.44 21.80
CA PRO C 130 -14.68 -10.10 21.53
C PRO C 130 -14.45 -9.44 20.17
N TRP C 131 -15.35 -9.61 19.22
CA TRP C 131 -15.15 -9.07 17.88
C TRP C 131 -15.71 -7.67 17.68
N ALA C 132 -16.33 -7.08 18.70
CA ALA C 132 -16.97 -5.78 18.59
C ALA C 132 -16.28 -4.79 19.51
N ASP C 133 -16.53 -3.50 19.26
CA ASP C 133 -15.87 -2.44 20.01
C ASP C 133 -16.62 -2.20 21.30
N LYS C 134 -16.02 -2.59 22.42
CA LYS C 134 -16.50 -2.25 23.76
C LYS C 134 -17.99 -2.53 23.93
N THR C 135 -18.38 -3.75 23.59
CA THR C 135 -19.79 -4.13 23.56
C THR C 135 -20.01 -5.39 24.37
N GLY C 136 -20.97 -5.33 25.31
CA GLY C 136 -21.44 -6.50 26.01
C GLY C 136 -22.72 -7.04 25.39
N TRP C 137 -23.23 -8.11 25.98
CA TRP C 137 -24.32 -8.86 25.34
C TRP C 137 -25.08 -9.64 26.39
N MET C 138 -26.39 -9.68 26.26
CA MET C 138 -27.21 -10.33 27.26
C MET C 138 -28.57 -10.66 26.64
N LEU C 139 -29.14 -11.77 27.08
CA LEU C 139 -30.45 -12.22 26.65
C LEU C 139 -31.52 -11.60 27.55
N ALA C 140 -32.72 -11.48 26.99
CA ALA C 140 -33.84 -10.93 27.75
C ALA C 140 -35.06 -11.82 27.57
N ASP C 141 -35.90 -11.84 28.60
CA ASP C 141 -37.19 -12.50 28.56
C ASP C 141 -38.30 -11.48 28.31
N LEU C 142 -39.24 -11.82 27.43
CA LEU C 142 -40.30 -10.89 27.09
C LEU C 142 -41.45 -11.05 28.08
N HIS C 143 -41.93 -9.94 28.64
CA HIS C 143 -43.02 -10.01 29.62
C HIS C 143 -44.03 -8.95 29.22
N TRP C 144 -45.33 -9.24 29.41
CA TRP C 144 -46.36 -8.21 29.25
C TRP C 144 -46.05 -7.11 30.27
N LYS C 145 -46.57 -5.89 30.05
CA LYS C 145 -46.39 -4.89 31.10
C LYS C 145 -47.14 -5.27 32.36
N SER C 146 -48.10 -6.19 32.26
CA SER C 146 -48.78 -6.71 33.45
C SER C 146 -47.81 -7.48 34.35
N GLY C 147 -46.74 -8.02 33.77
CA GLY C 147 -45.76 -8.81 34.46
C GLY C 147 -45.81 -10.28 34.08
N GLU C 148 -46.84 -10.69 33.35
CA GLU C 148 -47.00 -12.08 32.95
C GLU C 148 -46.10 -12.33 31.73
N PRO C 149 -45.55 -13.53 31.58
CA PRO C 149 -44.70 -13.82 30.42
C PRO C 149 -45.46 -13.67 29.10
N PHE C 150 -44.75 -13.22 28.08
CA PHE C 150 -45.32 -13.10 26.73
C PHE C 150 -45.44 -14.50 26.15
N PRO C 151 -46.64 -14.93 25.74
CA PRO C 151 -46.84 -16.36 25.45
C PRO C 151 -46.20 -16.87 24.18
N LEU C 152 -45.69 -16.01 23.31
CA LEU C 152 -45.08 -16.48 22.07
C LEU C 152 -43.56 -16.58 22.13
N CYS C 153 -42.96 -16.25 23.27
CA CYS C 153 -41.52 -16.25 23.47
C CYS C 153 -40.95 -17.67 23.42
N PRO C 154 -40.03 -17.96 22.49
CA PRO C 154 -39.46 -19.32 22.45
C PRO C 154 -38.70 -19.70 23.71
N ARG C 155 -37.94 -18.76 24.30
CA ARG C 155 -37.22 -19.08 25.54
C ARG C 155 -38.17 -19.46 26.66
N GLY C 156 -39.35 -18.86 26.70
CA GLY C 156 -40.31 -19.26 27.71
C GLY C 156 -40.82 -20.67 27.49
N ILE C 157 -40.99 -21.06 26.23
CA ILE C 157 -41.37 -22.44 25.97
C ILE C 157 -40.28 -23.39 26.45
N MET C 158 -39.01 -23.01 26.25
CA MET C 158 -37.93 -23.85 26.76
C MET C 158 -37.94 -23.90 28.29
N LYS C 159 -38.20 -22.76 28.93
CA LYS C 159 -38.26 -22.72 30.38
C LYS C 159 -39.35 -23.63 30.92
N LYS C 160 -40.51 -23.61 30.26
CA LYS C 160 -41.61 -24.49 30.66
C LYS C 160 -41.22 -25.94 30.47
N ALA C 161 -40.55 -26.29 29.37
CA ALA C 161 -40.13 -27.68 29.22
C ALA C 161 -39.17 -28.10 30.33
N VAL C 162 -38.23 -27.23 30.65
CA VAL C 162 -37.23 -27.58 31.65
C VAL C 162 -37.87 -27.77 33.01
N LYS C 163 -38.81 -26.89 33.34
CA LYS C 163 -39.43 -27.03 34.64
C LYS C 163 -40.30 -28.26 34.69
N SER C 164 -41.03 -28.56 33.62
CA SER C 164 -41.85 -29.75 33.58
C SER C 164 -40.99 -31.00 33.74
N LEU C 165 -39.81 -31.00 33.11
CA LEU C 165 -38.90 -32.13 33.27
C LEU C 165 -38.41 -32.22 34.69
N SER C 166 -38.11 -31.07 35.30
CA SER C 166 -37.62 -31.03 36.66
C SER C 166 -38.65 -31.48 37.67
N ASP C 167 -39.92 -31.29 37.37
CA ASP C 167 -40.98 -31.73 38.27
C ASP C 167 -41.01 -33.24 38.38
N GLU C 168 -40.56 -33.91 37.32
CA GLU C 168 -40.43 -35.35 37.33
C GLU C 168 -39.10 -35.83 37.91
N GLY C 169 -38.18 -34.91 38.21
CA GLY C 169 -36.90 -35.25 38.81
C GLY C 169 -35.75 -35.41 37.83
N TYR C 170 -35.82 -34.78 36.65
CA TYR C 170 -34.81 -35.01 35.65
C TYR C 170 -34.25 -33.70 35.11
N LEU C 171 -33.01 -33.77 34.61
CA LEU C 171 -32.35 -32.69 33.91
C LEU C 171 -31.94 -33.14 32.51
N PHE C 172 -32.14 -32.22 31.56
CA PHE C 172 -31.83 -32.40 30.14
C PHE C 172 -30.37 -32.09 29.87
N LYS C 173 -29.62 -33.07 29.37
CA LYS C 173 -28.22 -32.93 28.97
C LYS C 173 -28.14 -33.02 27.45
N CYS C 174 -27.53 -32.01 26.84
CA CYS C 174 -27.51 -31.87 25.39
C CYS C 174 -26.11 -31.62 24.88
N GLY C 175 -25.70 -32.42 23.88
CA GLY C 175 -24.47 -32.19 23.17
C GLY C 175 -24.74 -31.53 21.84
N ILE C 176 -24.22 -30.30 21.68
CA ILE C 176 -24.47 -29.51 20.48
C ILE C 176 -23.48 -29.92 19.39
N GLU C 177 -24.01 -30.41 18.27
CA GLU C 177 -23.21 -30.85 17.14
C GLU C 177 -23.80 -30.24 15.87
N LEU C 178 -23.15 -29.20 15.36
CA LEU C 178 -23.70 -28.39 14.29
C LEU C 178 -22.83 -28.48 13.04
N GLU C 179 -23.48 -28.74 11.91
CA GLU C 179 -22.88 -28.61 10.60
C GLU C 179 -23.26 -27.27 9.99
N TRP C 180 -22.34 -26.71 9.21
CA TRP C 180 -22.63 -25.42 8.59
C TRP C 180 -21.66 -25.19 7.45
N TYR C 181 -21.89 -24.12 6.69
CA TYR C 181 -21.06 -23.79 5.55
C TYR C 181 -20.29 -22.50 5.77
N LEU C 182 -19.01 -22.53 5.42
CA LEU C 182 -18.10 -21.40 5.46
C LEU C 182 -17.78 -20.99 4.03
N THR C 183 -18.14 -19.77 3.65
CA THR C 183 -17.91 -19.27 2.30
C THR C 183 -17.29 -17.89 2.37
N LYS C 184 -16.73 -17.44 1.25
CA LYS C 184 -16.10 -16.12 1.14
C LYS C 184 -17.04 -15.19 0.39
N ILE C 185 -17.22 -13.98 0.93
CA ILE C 185 -18.16 -13.04 0.34
C ILE C 185 -17.58 -12.47 -0.94
N VAL C 186 -18.35 -12.52 -2.01
CA VAL C 186 -18.01 -11.85 -3.25
C VAL C 186 -18.80 -10.56 -3.42
N ASP C 187 -20.08 -10.58 -3.05
CA ASP C 187 -20.96 -9.41 -3.17
C ASP C 187 -22.03 -9.52 -2.09
N ARG C 188 -22.19 -8.44 -1.31
CA ARG C 188 -23.16 -8.42 -0.20
C ARG C 188 -24.55 -8.02 -0.68
N SER C 189 -24.73 -7.80 -2.00
CA SER C 189 -26.05 -7.56 -2.61
C SER C 189 -26.74 -6.35 -1.99
N LEU C 190 -26.02 -5.23 -1.92
CA LEU C 190 -26.52 -4.02 -1.29
C LEU C 190 -27.06 -2.99 -2.27
N SER C 191 -26.97 -3.25 -3.56
CA SER C 191 -27.51 -2.30 -4.53
C SER C 191 -29.01 -2.13 -4.31
N PRO C 192 -29.55 -0.92 -4.49
CA PRO C 192 -30.97 -0.70 -4.20
C PRO C 192 -31.91 -1.70 -4.86
N GLU C 193 -31.64 -2.07 -6.11
CA GLU C 193 -32.53 -3.00 -6.80
C GLU C 193 -32.52 -4.40 -6.20
N SER C 194 -31.62 -4.69 -5.26
CA SER C 194 -31.53 -6.02 -4.67
C SER C 194 -32.11 -6.08 -3.26
N LEU C 195 -32.69 -5.00 -2.76
CA LEU C 195 -33.09 -4.90 -1.37
C LEU C 195 -34.50 -5.42 -1.10
N GLY C 196 -35.28 -5.72 -2.14
CA GLY C 196 -36.63 -6.17 -1.92
C GLY C 196 -37.56 -5.09 -1.40
N ALA C 197 -38.56 -5.52 -0.63
CA ALA C 197 -39.61 -4.68 -0.07
C ALA C 197 -40.31 -5.51 1.01
N PRO C 198 -41.24 -4.94 1.79
CA PRO C 198 -41.98 -5.78 2.74
C PRO C 198 -42.63 -6.95 2.02
N GLY C 199 -42.31 -8.17 2.44
CA GLY C 199 -42.84 -9.36 1.80
C GLY C 199 -42.17 -9.72 0.48
N VAL C 200 -41.05 -9.09 0.13
CA VAL C 200 -40.36 -9.35 -1.12
C VAL C 200 -38.91 -9.69 -0.80
N GLN C 201 -38.47 -10.88 -1.20
CA GLN C 201 -37.16 -11.35 -0.79
C GLN C 201 -36.05 -10.48 -1.37
N PRO C 202 -35.08 -10.06 -0.57
CA PRO C 202 -33.89 -9.43 -1.13
C PRO C 202 -33.00 -10.47 -1.78
N ASP C 203 -32.06 -10.00 -2.59
CA ASP C 203 -31.15 -10.88 -3.30
C ASP C 203 -30.23 -11.61 -2.32
N ALA C 204 -29.89 -12.85 -2.67
CA ALA C 204 -28.93 -13.58 -1.87
C ALA C 204 -27.54 -12.94 -1.99
N ILE C 205 -26.79 -12.98 -0.88
CA ILE C 205 -25.38 -12.67 -0.94
C ILE C 205 -24.68 -13.62 -1.90
N GLN C 206 -23.78 -13.08 -2.72
CA GLN C 206 -22.96 -13.89 -3.61
C GLN C 206 -21.69 -14.31 -2.89
N VAL C 207 -21.32 -15.59 -3.04
CA VAL C 207 -20.20 -16.15 -2.29
C VAL C 207 -19.40 -17.09 -3.19
N GLN C 208 -18.27 -17.53 -2.65
CA GLN C 208 -17.36 -18.48 -3.27
C GLN C 208 -16.95 -19.52 -2.23
N PRO C 209 -16.89 -20.80 -2.59
CA PRO C 209 -16.39 -21.80 -1.65
C PRO C 209 -14.96 -21.50 -1.21
N VAL C 210 -14.59 -22.02 -0.03
CA VAL C 210 -13.27 -21.78 0.55
C VAL C 210 -12.35 -22.99 0.44
N ALA C 211 -12.86 -24.12 -0.01
CA ALA C 211 -12.09 -25.36 -0.11
C ALA C 211 -12.92 -26.38 -0.88
N GLN C 212 -12.23 -27.27 -1.56
CA GLN C 212 -12.85 -28.45 -2.17
C GLN C 212 -13.24 -29.45 -1.09
N GLY C 213 -13.98 -30.48 -1.50
CA GLY C 213 -14.47 -31.46 -0.55
C GLY C 213 -14.51 -32.87 -1.08
N TYR C 214 -15.49 -33.59 -0.59
CA TYR C 214 -15.64 -35.01 -0.85
C TYR C 214 -14.35 -35.72 -0.49
N SER C 215 -13.69 -35.22 0.57
CA SER C 215 -12.51 -35.84 1.18
C SER C 215 -12.76 -35.61 2.66
N VAL C 216 -13.57 -36.49 3.24
CA VAL C 216 -14.14 -36.22 4.55
C VAL C 216 -13.07 -36.27 5.63
N LEU C 217 -13.15 -35.32 6.56
CA LEU C 217 -12.29 -35.28 7.75
C LEU C 217 -10.82 -35.08 7.42
N LEU C 218 -10.52 -34.51 6.27
CA LEU C 218 -9.14 -34.32 5.87
C LEU C 218 -8.48 -33.21 6.68
N GLU C 219 -7.34 -33.53 7.31
CA GLU C 219 -6.62 -32.55 8.11
C GLU C 219 -6.20 -31.35 7.27
N HIS C 220 -5.72 -31.60 6.05
CA HIS C 220 -5.27 -30.51 5.19
C HIS C 220 -6.41 -29.51 4.95
N HIS C 221 -7.66 -29.99 4.89
CA HIS C 221 -8.78 -29.08 4.78
C HIS C 221 -8.91 -28.19 6.02
N LEU C 222 -8.74 -28.78 7.21
CA LEU C 222 -8.82 -27.98 8.43
C LEU C 222 -7.73 -26.92 8.44
N ASP C 223 -6.51 -27.27 8.06
CA ASP C 223 -5.43 -26.28 8.04
C ASP C 223 -5.69 -25.21 6.98
N GLN C 224 -6.24 -25.62 5.85
CA GLN C 224 -6.44 -24.71 4.73
C GLN C 224 -7.32 -23.52 5.11
N VAL C 225 -8.34 -23.75 5.93
CA VAL C 225 -9.32 -22.72 6.25
C VAL C 225 -9.07 -22.11 7.62
N ASP C 226 -7.96 -22.46 8.28
CA ASP C 226 -7.83 -22.06 9.67
C ASP C 226 -7.42 -20.62 9.87
N ASP C 227 -7.03 -19.89 8.81
CA ASP C 227 -6.77 -18.47 9.00
C ASP C 227 -8.02 -17.76 9.53
N ILE C 228 -9.21 -18.19 9.10
CA ILE C 228 -10.47 -17.66 9.62
C ILE C 228 -11.08 -18.56 10.69
N MET C 229 -10.96 -19.87 10.53
CA MET C 229 -11.55 -20.76 11.52
C MET C 229 -10.86 -20.61 12.87
N SER C 230 -9.59 -20.22 12.90
CA SER C 230 -8.93 -19.95 14.18
C SER C 230 -9.55 -18.73 14.87
N LYS C 231 -10.04 -17.78 14.09
CA LYS C 231 -10.71 -16.62 14.67
C LYS C 231 -12.06 -17.02 15.23
N VAL C 232 -12.78 -17.87 14.49
CA VAL C 232 -14.03 -18.42 15.02
C VAL C 232 -13.77 -19.20 16.31
N ARG C 233 -12.73 -20.03 16.31
CA ARG C 233 -12.36 -20.82 17.48
C ARG C 233 -12.04 -19.92 18.67
N LYS C 234 -11.20 -18.90 18.46
CA LYS C 234 -10.84 -18.02 19.56
C LYS C 234 -12.07 -17.29 20.08
N GLY C 235 -12.96 -16.85 19.18
CA GLY C 235 -14.16 -16.18 19.63
C GLY C 235 -15.03 -17.09 20.49
N LEU C 236 -15.21 -18.33 20.05
CA LEU C 236 -16.00 -19.26 20.84
C LEU C 236 -15.36 -19.55 22.20
N LEU C 237 -14.04 -19.71 22.23
CA LEU C 237 -13.37 -20.01 23.48
C LEU C 237 -13.41 -18.81 24.42
N GLU C 238 -13.35 -17.59 23.88
CA GLU C 238 -13.39 -16.41 24.74
C GLU C 238 -14.78 -16.17 25.30
N LEU C 239 -15.82 -16.56 24.57
CA LEU C 239 -17.18 -16.53 25.09
C LEU C 239 -17.44 -17.63 26.12
N ASN C 240 -16.42 -18.41 26.47
CA ASN C 240 -16.55 -19.48 27.47
C ASN C 240 -17.54 -20.55 27.02
N LEU C 241 -17.69 -20.73 25.73
CA LEU C 241 -18.51 -21.83 25.24
C LEU C 241 -17.69 -23.12 25.21
N PRO C 242 -18.27 -24.25 25.61
CA PRO C 242 -17.44 -25.46 25.74
C PRO C 242 -17.20 -26.13 24.39
N LEU C 243 -16.44 -25.46 23.55
CA LEU C 243 -16.10 -26.03 22.24
C LEU C 243 -15.37 -27.35 22.44
N ARG C 244 -15.77 -28.34 21.64
CA ARG C 244 -15.21 -29.69 21.73
C ARG C 244 -14.44 -30.07 20.49
N SER C 245 -14.94 -29.74 19.31
CA SER C 245 -14.23 -30.14 18.10
C SER C 245 -14.61 -29.27 16.92
N ILE C 246 -13.65 -29.15 16.00
CA ILE C 246 -13.83 -28.58 14.67
C ILE C 246 -13.39 -29.64 13.68
N GLU C 247 -14.20 -29.87 12.65
CA GLU C 247 -13.99 -30.98 11.74
C GLU C 247 -14.38 -30.56 10.34
N ASP C 248 -13.75 -31.17 9.33
CA ASP C 248 -14.15 -30.98 7.94
C ASP C 248 -15.21 -32.01 7.58
N GLU C 249 -16.40 -31.54 7.21
CA GLU C 249 -17.47 -32.43 6.83
C GLU C 249 -17.32 -32.82 5.36
N TRP C 250 -18.23 -33.69 4.90
CA TRP C 250 -18.07 -34.31 3.58
C TRP C 250 -18.01 -33.26 2.46
N ALA C 251 -18.93 -32.30 2.48
CA ALA C 251 -19.09 -31.45 1.32
C ALA C 251 -18.03 -30.36 1.26
N PRO C 252 -17.82 -29.78 0.07
CA PRO C 252 -16.90 -28.64 -0.05
C PRO C 252 -17.34 -27.51 0.86
N SER C 253 -16.40 -27.04 1.68
CA SER C 253 -16.60 -25.92 2.59
C SER C 253 -17.58 -26.24 3.70
N GLN C 254 -17.98 -27.49 3.85
CA GLN C 254 -18.88 -27.87 4.92
C GLN C 254 -18.05 -28.14 6.17
N MET C 255 -18.40 -27.47 7.25
CA MET C 255 -17.70 -27.59 8.51
C MET C 255 -18.62 -28.25 9.54
N GLU C 256 -18.01 -28.74 10.63
CA GLU C 256 -18.74 -29.23 11.78
C GLU C 256 -18.06 -28.72 13.03
N THR C 257 -18.85 -28.18 13.95
CA THR C 257 -18.38 -27.78 15.27
C THR C 257 -19.23 -28.47 16.33
N THR C 258 -18.58 -29.14 17.26
CA THR C 258 -19.24 -29.83 18.36
C THR C 258 -18.80 -29.25 19.70
N PHE C 259 -19.66 -29.46 20.71
CA PHE C 259 -19.49 -28.85 22.02
C PHE C 259 -19.76 -29.91 23.08
N ASP C 260 -19.08 -29.74 24.22
CA ASP C 260 -19.27 -30.63 25.36
C ASP C 260 -20.69 -30.49 25.90
N VAL C 261 -21.09 -31.46 26.73
CA VAL C 261 -22.47 -31.50 27.19
C VAL C 261 -22.79 -30.24 27.97
N MET C 262 -23.95 -29.66 27.68
CA MET C 262 -24.49 -28.57 28.47
C MET C 262 -25.90 -28.93 28.89
N GLU C 263 -26.52 -28.07 29.69
CA GLU C 263 -27.78 -28.39 30.35
C GLU C 263 -28.91 -27.43 30.01
N GLY C 264 -30.06 -28.00 29.65
CA GLY C 264 -31.30 -27.28 29.52
C GLY C 264 -31.22 -25.90 28.91
N LEU C 265 -31.75 -24.93 29.66
CA LEU C 265 -31.86 -23.56 29.17
C LEU C 265 -30.48 -23.01 28.83
N GLU C 266 -29.50 -23.31 29.66
CA GLU C 266 -28.13 -22.86 29.40
C GLU C 266 -27.68 -23.38 28.04
N ALA C 267 -28.02 -24.63 27.75
CA ALA C 267 -27.66 -25.25 26.47
C ALA C 267 -28.34 -24.55 25.30
N ALA C 268 -29.63 -24.24 25.45
CA ALA C 268 -30.33 -23.55 24.36
C ALA C 268 -29.73 -22.16 24.14
N ASP C 269 -29.46 -21.43 25.21
CA ASP C 269 -28.83 -20.12 25.08
C ASP C 269 -27.48 -20.25 24.39
N ALA C 270 -26.73 -21.30 24.74
CA ALA C 270 -25.40 -21.49 24.17
C ALA C 270 -25.49 -21.75 22.67
N ALA C 271 -26.42 -22.60 22.26
CA ALA C 271 -26.57 -22.86 20.82
C ALA C 271 -26.90 -21.57 20.07
N LEU C 272 -27.81 -20.76 20.63
CA LEU C 272 -28.18 -19.50 19.98
C LEU C 272 -26.96 -18.60 19.83
N LEU C 273 -26.20 -18.43 20.92
CA LEU C 273 -25.02 -17.57 20.88
C LEU C 273 -23.93 -18.15 19.95
N ILE C 274 -23.80 -19.46 19.90
CA ILE C 274 -22.79 -20.09 19.05
C ILE C 274 -23.05 -19.72 17.60
N LYS C 275 -24.29 -19.89 17.16
CA LYS C 275 -24.62 -19.56 15.78
C LYS C 275 -24.44 -18.07 15.51
N SER C 276 -24.87 -17.23 16.46
CA SER C 276 -24.70 -15.79 16.29
C SER C 276 -23.23 -15.41 16.17
N ALA C 277 -22.39 -15.97 17.06
CA ALA C 277 -20.98 -15.63 17.07
C ALA C 277 -20.29 -16.08 15.79
N ILE C 278 -20.58 -17.29 15.34
CA ILE C 278 -19.97 -17.77 14.10
C ILE C 278 -20.31 -16.81 12.96
N LYS C 279 -21.59 -16.46 12.84
CA LYS C 279 -21.99 -15.61 11.73
C LYS C 279 -21.35 -14.22 11.84
N GLN C 280 -21.32 -13.63 13.04
CA GLN C 280 -20.79 -12.28 13.17
C GLN C 280 -19.27 -12.25 12.93
N ILE C 281 -18.53 -13.22 13.47
CA ILE C 281 -17.08 -13.25 13.25
C ILE C 281 -16.78 -13.41 11.75
N CYS C 282 -17.42 -14.39 11.12
CA CYS C 282 -17.18 -14.62 9.71
C CYS C 282 -17.48 -13.35 8.91
N SER C 283 -18.60 -12.69 9.22
CA SER C 283 -18.95 -11.49 8.46
C SER C 283 -17.94 -10.38 8.71
N ARG C 284 -17.45 -10.28 9.95
CA ARG C 284 -16.47 -9.25 10.27
C ARG C 284 -15.19 -9.42 9.47
N HIS C 285 -14.86 -10.64 9.05
CA HIS C 285 -13.66 -10.84 8.25
C HIS C 285 -13.94 -11.15 6.79
N GLY C 286 -15.11 -10.78 6.29
CA GLY C 286 -15.40 -10.94 4.88
C GLY C 286 -15.82 -12.33 4.47
N TYR C 287 -16.25 -13.16 5.42
CA TYR C 287 -16.78 -14.48 5.16
C TYR C 287 -18.26 -14.51 5.52
N HIS C 288 -18.97 -15.46 4.91
CA HIS C 288 -20.37 -15.73 5.20
C HIS C 288 -20.49 -17.17 5.69
N ALA C 289 -20.84 -17.33 6.95
CA ALA C 289 -21.24 -18.61 7.52
C ALA C 289 -22.75 -18.74 7.39
N THR C 290 -23.20 -19.90 6.95
CA THR C 290 -24.65 -20.13 6.86
C THR C 290 -25.04 -21.48 7.44
N PHE C 291 -26.14 -21.45 8.19
CA PHE C 291 -26.80 -22.63 8.71
C PHE C 291 -28.04 -23.01 7.90
N MET C 292 -28.23 -22.37 6.74
CA MET C 292 -29.21 -22.86 5.80
C MET C 292 -28.89 -24.33 5.51
N CYS C 293 -29.92 -25.18 5.60
CA CYS C 293 -29.70 -26.62 5.51
C CYS C 293 -28.96 -27.00 4.24
N LYS C 294 -29.44 -26.54 3.08
CA LYS C 294 -28.83 -26.90 1.81
C LYS C 294 -28.86 -25.72 0.85
N PRO C 295 -27.79 -24.93 0.83
CA PRO C 295 -27.75 -23.77 -0.08
C PRO C 295 -27.83 -24.19 -1.54
N ALA C 296 -28.41 -23.32 -2.36
CA ALA C 296 -28.49 -23.52 -3.82
C ALA C 296 -27.15 -23.12 -4.45
N ILE C 297 -26.13 -23.88 -4.13
CA ILE C 297 -24.78 -23.69 -4.63
C ILE C 297 -24.32 -25.06 -5.08
N ASN C 298 -23.76 -25.11 -6.31
CA ASN C 298 -23.34 -26.39 -6.84
C ASN C 298 -22.37 -27.08 -5.90
N GLY C 299 -22.64 -28.37 -5.63
CA GLY C 299 -21.77 -29.16 -4.80
C GLY C 299 -22.08 -29.17 -3.31
N PHE C 300 -22.99 -28.34 -2.84
CA PHE C 300 -23.28 -28.22 -1.41
C PHE C 300 -24.34 -29.24 -1.06
N PHE C 301 -23.99 -30.24 -0.26
CA PHE C 301 -25.00 -31.17 0.21
C PHE C 301 -25.59 -30.65 1.51
N ALA C 302 -26.67 -31.29 1.96
CA ALA C 302 -27.41 -30.85 3.14
C ALA C 302 -26.56 -30.95 4.40
N SER C 303 -26.70 -29.94 5.27
CA SER C 303 -26.15 -29.94 6.62
C SER C 303 -27.21 -30.35 7.63
N GLY C 304 -26.76 -30.97 8.72
CA GLY C 304 -27.67 -31.40 9.76
C GLY C 304 -27.33 -30.88 11.15
N TRP C 305 -28.33 -30.79 12.02
CA TRP C 305 -28.12 -30.52 13.44
C TRP C 305 -28.62 -31.74 14.22
N HIS C 306 -27.70 -32.63 14.56
CA HIS C 306 -28.02 -33.81 15.37
C HIS C 306 -27.98 -33.44 16.84
N MET C 307 -29.05 -33.82 17.57
CA MET C 307 -29.24 -33.47 18.97
C MET C 307 -28.94 -34.70 19.83
N HIS C 308 -27.81 -34.67 20.52
CA HIS C 308 -27.42 -35.71 21.47
C HIS C 308 -28.01 -35.36 22.83
N GLN C 309 -28.68 -36.31 23.46
CA GLN C 309 -29.48 -36.02 24.65
C GLN C 309 -29.52 -37.20 25.59
N SER C 310 -29.34 -36.88 26.88
CA SER C 310 -29.50 -37.81 27.97
C SER C 310 -30.21 -37.08 29.11
N LEU C 311 -30.82 -37.85 30.01
CA LEU C 311 -31.42 -37.30 31.22
C LEU C 311 -30.61 -37.72 32.43
N VAL C 312 -30.35 -36.78 33.34
CA VAL C 312 -29.69 -37.11 34.60
C VAL C 312 -30.66 -36.87 35.73
N ASP C 313 -30.34 -37.46 36.89
CA ASP C 313 -31.18 -37.29 38.07
C ASP C 313 -30.92 -35.90 38.65
N LYS C 314 -31.99 -35.22 39.06
CA LYS C 314 -31.83 -33.85 39.54
C LYS C 314 -30.95 -33.81 40.77
N ASP C 315 -31.00 -34.85 41.58
CA ASP C 315 -30.33 -34.92 42.87
C ASP C 315 -29.00 -35.64 42.80
N THR C 316 -28.99 -36.82 42.21
CA THR C 316 -27.77 -37.61 42.11
C THR C 316 -26.86 -37.13 40.98
N ARG C 317 -27.39 -36.44 39.96
CA ARG C 317 -26.61 -35.95 38.83
C ARG C 317 -25.90 -37.13 38.17
N LYS C 318 -26.65 -38.21 37.95
CA LYS C 318 -26.12 -39.41 37.29
C LYS C 318 -26.93 -39.65 36.03
N ASN C 319 -26.27 -40.08 34.95
CA ASN C 319 -26.99 -40.34 33.70
C ASN C 319 -28.01 -41.46 33.91
N LEU C 320 -29.30 -41.17 33.69
CA LEU C 320 -30.35 -42.16 33.90
C LEU C 320 -30.67 -42.92 32.62
N PHE C 321 -29.81 -42.85 31.60
CA PHE C 321 -29.98 -43.63 30.38
C PHE C 321 -29.06 -44.83 30.29
N ILE C 322 -28.11 -44.99 31.22
CA ILE C 322 -27.03 -45.96 31.10
C ILE C 322 -27.64 -47.36 31.04
N PRO C 323 -27.29 -48.17 30.04
CA PRO C 323 -27.91 -49.49 29.92
C PRO C 323 -27.23 -50.51 30.82
N SER C 324 -27.97 -51.59 31.09
CA SER C 324 -27.45 -52.78 31.74
C SER C 324 -26.97 -53.75 30.67
N GLU C 325 -26.30 -54.82 31.12
CA GLU C 325 -25.85 -55.83 30.19
C GLU C 325 -27.14 -56.40 29.60
N GLY C 326 -27.20 -56.50 28.27
CA GLY C 326 -28.44 -56.95 27.66
C GLY C 326 -29.47 -55.88 27.41
N GLU C 327 -29.06 -54.61 27.36
CA GLU C 327 -29.93 -53.47 27.09
C GLU C 327 -29.13 -52.51 26.25
N VAL C 328 -29.80 -51.80 25.35
CA VAL C 328 -29.12 -50.70 24.68
C VAL C 328 -29.34 -49.41 25.46
N LEU C 329 -30.41 -49.33 26.25
CA LEU C 329 -30.68 -48.17 27.09
C LEU C 329 -31.44 -48.66 28.32
N SER C 330 -31.38 -47.86 29.37
CA SER C 330 -32.19 -48.12 30.57
C SER C 330 -33.65 -48.08 30.19
N PRO C 331 -34.53 -48.66 31.00
CA PRO C 331 -35.95 -48.57 30.68
C PRO C 331 -36.42 -47.14 30.48
N LEU C 332 -35.93 -46.20 31.29
CA LEU C 332 -36.31 -44.80 31.16
C LEU C 332 -35.88 -44.26 29.80
N GLY C 333 -34.65 -44.56 29.39
CA GLY C 333 -34.18 -44.09 28.10
C GLY C 333 -34.96 -44.70 26.96
N ARG C 334 -35.34 -45.97 27.11
CA ARG C 334 -36.16 -46.60 26.08
C ARG C 334 -37.50 -45.89 25.92
N ALA C 335 -38.14 -45.55 27.04
CA ALA C 335 -39.42 -44.82 26.96
C ALA C 335 -39.22 -43.42 26.40
N TYR C 336 -38.11 -42.76 26.77
CA TYR C 336 -37.80 -41.44 26.20
C TYR C 336 -37.68 -41.52 24.69
N ALA C 337 -36.96 -42.52 24.19
CA ALA C 337 -36.84 -42.71 22.75
C ALA C 337 -38.20 -42.99 22.12
N GLY C 338 -39.03 -43.80 22.78
CA GLY C 338 -40.35 -44.07 22.25
C GLY C 338 -41.18 -42.81 22.12
N GLY C 339 -41.09 -41.93 23.11
CA GLY C 339 -41.77 -40.65 23.03
C GLY C 339 -41.23 -39.80 21.89
N LEU C 340 -39.92 -39.82 21.69
CA LEU C 340 -39.34 -39.11 20.55
C LEU C 340 -39.95 -39.60 19.24
N LEU C 341 -39.95 -40.92 19.04
CA LEU C 341 -40.43 -41.48 17.78
C LEU C 341 -41.94 -41.23 17.58
N ALA C 342 -42.74 -41.42 18.63
CA ALA C 342 -44.18 -41.30 18.47
C ALA C 342 -44.60 -39.89 18.08
N ASN C 343 -43.87 -38.88 18.52
CA ASN C 343 -44.23 -37.49 18.29
C ASN C 343 -43.35 -36.83 17.23
N GLY C 344 -42.55 -37.62 16.51
CA GLY C 344 -41.58 -37.04 15.60
C GLY C 344 -42.19 -36.35 14.40
N SER C 345 -43.37 -36.78 13.97
CA SER C 345 -44.02 -36.11 12.85
C SER C 345 -44.64 -34.79 13.29
N ALA C 346 -45.33 -34.80 14.44
CA ALA C 346 -45.92 -33.57 14.94
C ALA C 346 -44.84 -32.54 15.29
N ALA C 347 -43.67 -33.00 15.76
CA ALA C 347 -42.59 -32.11 16.15
C ALA C 347 -41.71 -31.70 14.97
N SER C 348 -42.02 -32.16 13.76
CA SER C 348 -41.09 -31.94 12.64
C SER C 348 -40.88 -30.46 12.38
N SER C 349 -41.97 -29.68 12.37
CA SER C 349 -41.86 -28.25 12.10
C SER C 349 -41.06 -27.52 13.16
N PHE C 350 -40.87 -28.13 14.33
CA PHE C 350 -40.00 -27.50 15.35
C PHE C 350 -38.55 -27.92 15.16
N THR C 351 -38.30 -29.19 14.83
CA THR C 351 -36.92 -29.63 14.60
C THR C 351 -36.42 -29.21 13.24
N THR C 352 -37.33 -29.06 12.27
CA THR C 352 -36.98 -28.80 10.87
C THR C 352 -37.90 -27.70 10.37
N PRO C 353 -37.69 -26.46 10.82
CA PRO C 353 -38.68 -25.41 10.55
C PRO C 353 -38.66 -24.84 9.14
N THR C 354 -37.57 -24.95 8.39
CA THR C 354 -37.51 -24.31 7.09
C THR C 354 -38.01 -25.24 6.00
N VAL C 355 -38.56 -24.65 4.93
CA VAL C 355 -38.89 -25.43 3.75
C VAL C 355 -37.64 -26.19 3.29
N ASN C 356 -36.52 -25.48 3.20
CA ASN C 356 -35.29 -26.05 2.64
C ASN C 356 -34.80 -27.23 3.45
N GLY C 357 -35.10 -27.27 4.76
CA GLY C 357 -34.62 -28.37 5.58
C GLY C 357 -35.18 -29.71 5.16
N TYR C 358 -36.34 -29.71 4.52
CA TYR C 358 -36.95 -30.97 4.11
C TYR C 358 -36.26 -31.55 2.89
N ARG C 359 -35.23 -30.89 2.37
CA ARG C 359 -34.37 -31.51 1.39
C ARG C 359 -33.62 -32.70 2.00
N ARG C 360 -33.53 -32.76 3.34
CA ARG C 360 -32.87 -33.89 3.99
C ARG C 360 -33.78 -35.12 4.15
N ARG C 361 -35.08 -35.01 3.88
CA ARG C 361 -36.02 -36.11 4.09
C ARG C 361 -36.03 -37.06 2.89
N GLN C 362 -34.95 -37.82 2.76
CA GLN C 362 -34.80 -38.77 1.66
C GLN C 362 -33.92 -39.92 2.14
N PRO C 363 -33.99 -41.08 1.48
CA PRO C 363 -33.23 -42.24 1.94
C PRO C 363 -31.78 -42.20 1.44
N TYR C 364 -30.92 -42.92 2.16
CA TYR C 364 -29.53 -43.05 1.74
C TYR C 364 -28.85 -41.68 1.70
N SER C 365 -29.12 -40.89 2.73
CA SER C 365 -28.70 -39.51 2.83
C SER C 365 -28.00 -39.22 4.15
N LEU C 366 -27.82 -40.23 4.97
CA LEU C 366 -27.36 -40.09 6.36
C LEU C 366 -28.26 -39.12 7.15
N ALA C 367 -29.53 -39.02 6.79
CA ALA C 367 -30.52 -38.21 7.49
C ALA C 367 -31.80 -39.01 7.50
N PRO C 368 -32.67 -38.76 8.49
CA PRO C 368 -33.83 -39.65 8.67
C PRO C 368 -34.95 -39.38 7.68
N ASP C 369 -35.56 -40.47 7.19
CA ASP C 369 -36.82 -40.39 6.47
C ASP C 369 -37.91 -41.20 7.19
N ARG C 370 -37.67 -41.72 8.40
CA ARG C 370 -38.67 -42.57 9.05
C ARG C 370 -38.52 -42.39 10.56
N ARG C 371 -39.59 -42.74 11.28
CA ARG C 371 -39.58 -42.79 12.75
C ARG C 371 -39.14 -44.19 13.19
N ALA C 372 -37.82 -44.40 13.16
CA ALA C 372 -37.20 -45.67 13.52
C ALA C 372 -36.02 -45.37 14.42
N TRP C 373 -35.73 -46.28 15.35
CA TRP C 373 -34.54 -46.15 16.19
C TRP C 373 -33.62 -47.33 15.94
N ALA C 374 -32.33 -47.13 16.20
CA ALA C 374 -31.34 -48.17 15.93
C ALA C 374 -30.06 -47.84 16.66
N LYS C 375 -29.24 -48.87 16.83
CA LYS C 375 -27.96 -48.70 17.49
C LYS C 375 -26.88 -48.33 16.48
N ASP C 376 -26.24 -47.19 16.72
CA ASP C 376 -25.00 -46.82 16.05
C ASP C 376 -25.14 -46.98 14.54
N ASN C 377 -26.34 -46.64 14.05
CA ASN C 377 -26.69 -46.61 12.64
C ASN C 377 -27.21 -45.21 12.34
N LYS C 378 -26.46 -44.46 11.54
CA LYS C 378 -26.74 -43.08 11.25
C LYS C 378 -27.80 -42.90 10.15
N ALA C 379 -28.45 -43.99 9.73
CA ALA C 379 -29.56 -43.93 8.80
C ALA C 379 -30.91 -43.76 9.49
N ALA C 380 -30.96 -43.85 10.82
CA ALA C 380 -32.19 -43.82 11.57
C ALA C 380 -32.46 -42.43 12.14
N MET C 381 -33.71 -42.20 12.55
CA MET C 381 -34.05 -40.94 13.18
C MET C 381 -33.41 -40.84 14.57
N VAL C 382 -33.48 -41.92 15.32
CA VAL C 382 -32.92 -42.03 16.66
C VAL C 382 -31.78 -43.04 16.61
N ARG C 383 -30.56 -42.56 16.83
CA ARG C 383 -29.37 -43.39 16.91
C ARG C 383 -28.96 -43.49 18.38
N VAL C 384 -28.84 -44.70 18.88
CA VAL C 384 -28.43 -44.92 20.26
C VAL C 384 -26.92 -45.08 20.32
N VAL C 385 -26.28 -44.26 21.15
CA VAL C 385 -24.85 -44.39 21.41
C VAL C 385 -24.70 -44.84 22.85
N SER C 386 -24.26 -46.07 23.07
CA SER C 386 -24.20 -46.56 24.44
C SER C 386 -23.35 -47.82 24.56
N ALA C 387 -22.96 -48.09 25.80
CA ALA C 387 -22.33 -49.33 26.24
C ALA C 387 -22.68 -49.51 27.72
N THR C 388 -22.59 -50.75 28.21
CA THR C 388 -22.94 -51.00 29.60
C THR C 388 -22.05 -50.21 30.54
N GLY C 389 -22.66 -49.46 31.46
CA GLY C 389 -21.94 -48.68 32.44
C GLY C 389 -21.37 -47.36 31.94
N ASP C 390 -21.59 -47.00 30.68
CA ASP C 390 -20.90 -45.87 30.08
C ASP C 390 -21.74 -44.61 30.30
N PRO C 391 -21.27 -43.62 31.07
CA PRO C 391 -22.07 -42.41 31.28
C PRO C 391 -22.27 -41.59 30.02
N ALA C 392 -21.60 -41.95 28.93
CA ALA C 392 -21.84 -41.29 27.65
C ALA C 392 -23.06 -41.81 26.92
N SER C 393 -23.73 -42.82 27.46
CA SER C 393 -24.91 -43.37 26.81
C SER C 393 -25.94 -42.27 26.59
N ARG C 394 -26.56 -42.29 25.41
CA ARG C 394 -27.36 -41.15 24.99
C ARG C 394 -28.15 -41.51 23.72
N ILE C 395 -29.11 -40.65 23.40
CA ILE C 395 -29.87 -40.71 22.16
C ILE C 395 -29.40 -39.58 21.27
N GLU C 396 -29.18 -39.86 19.99
CA GLU C 396 -28.94 -38.84 18.99
C GLU C 396 -30.14 -38.78 18.07
N ASN C 397 -30.85 -37.65 18.08
CA ASN C 397 -31.92 -37.39 17.14
C ASN C 397 -31.34 -36.63 15.95
N ARG C 398 -31.31 -37.28 14.79
CA ARG C 398 -30.68 -36.75 13.59
C ARG C 398 -31.64 -35.96 12.71
N ILE C 399 -32.86 -35.69 13.19
CA ILE C 399 -33.88 -35.07 12.35
C ILE C 399 -33.67 -33.57 12.18
N GLY C 400 -33.00 -32.92 13.12
CA GLY C 400 -32.96 -31.47 13.12
C GLY C 400 -32.06 -30.91 12.04
N GLU C 401 -32.30 -29.63 11.74
CA GLU C 401 -31.53 -28.85 10.77
C GLU C 401 -30.80 -27.73 11.49
N PRO C 402 -29.64 -27.29 10.97
CA PRO C 402 -28.85 -26.28 11.69
C PRO C 402 -29.58 -24.98 11.93
N GLY C 403 -30.51 -24.61 11.05
CA GLY C 403 -31.25 -23.38 11.19
C GLY C 403 -32.42 -23.40 12.14
N ALA C 404 -32.61 -24.48 12.88
CA ALA C 404 -33.70 -24.55 13.84
C ALA C 404 -33.53 -23.54 14.97
N ASN C 405 -34.65 -23.12 15.52
CA ASN C 405 -34.66 -22.32 16.74
C ASN C 405 -34.20 -23.21 17.90
N PRO C 406 -33.09 -22.89 18.57
CA PRO C 406 -32.63 -23.80 19.63
C PRO C 406 -33.70 -24.09 20.67
N TYR C 407 -34.48 -23.07 21.04
CA TYR C 407 -35.49 -23.25 22.07
C TYR C 407 -36.57 -24.22 21.63
N LEU C 408 -37.08 -24.06 20.41
CA LEU C 408 -38.16 -24.94 19.98
C LEU C 408 -37.66 -26.37 19.74
N TYR C 409 -36.47 -26.51 19.14
CA TYR C 409 -35.92 -27.84 18.91
C TYR C 409 -35.71 -28.59 20.22
N MET C 410 -34.96 -27.97 21.15
CA MET C 410 -34.67 -28.65 22.41
C MET C 410 -35.94 -28.87 23.24
N ALA C 411 -36.86 -27.90 23.25
CA ALA C 411 -38.09 -28.08 24.00
C ALA C 411 -38.94 -29.18 23.40
N SER C 412 -38.97 -29.29 22.06
CA SER C 412 -39.70 -30.38 21.43
C SER C 412 -39.10 -31.71 21.83
N GLN C 413 -37.77 -31.77 21.96
CA GLN C 413 -37.15 -33.02 22.39
C GLN C 413 -37.57 -33.38 23.80
N ILE C 414 -37.49 -32.40 24.71
CA ILE C 414 -37.91 -32.66 26.09
C ILE C 414 -39.36 -33.12 26.13
N VAL C 415 -40.24 -32.44 25.39
CA VAL C 415 -41.66 -32.75 25.46
C VAL C 415 -41.92 -34.15 24.93
N SER C 416 -41.33 -34.50 23.79
CA SER C 416 -41.55 -35.83 23.23
C SER C 416 -41.02 -36.90 24.17
N GLY C 417 -39.80 -36.71 24.68
CA GLY C 417 -39.22 -37.72 25.55
C GLY C 417 -40.02 -37.91 26.84
N LEU C 418 -40.47 -36.80 27.44
CA LEU C 418 -41.23 -36.92 28.67
C LEU C 418 -42.60 -37.52 28.42
N ASP C 419 -43.21 -37.24 27.26
CA ASP C 419 -44.47 -37.90 26.94
C ASP C 419 -44.25 -39.41 26.81
N GLY C 420 -43.16 -39.80 26.16
CA GLY C 420 -42.85 -41.22 26.08
C GLY C 420 -42.67 -41.85 27.45
N ILE C 421 -41.96 -41.16 28.34
CA ILE C 421 -41.73 -41.71 29.67
C ILE C 421 -43.04 -41.86 30.42
N LYS C 422 -43.85 -40.82 30.45
CA LYS C 422 -45.05 -40.85 31.30
C LYS C 422 -46.03 -41.91 30.83
N ASN C 423 -46.07 -42.17 29.53
CA ASN C 423 -46.94 -43.19 28.95
C ASN C 423 -46.18 -44.48 28.67
N LYS C 424 -44.94 -44.58 29.14
CA LYS C 424 -44.08 -45.76 28.96
C LYS C 424 -44.27 -46.31 27.54
N LYS C 425 -44.00 -45.44 26.57
CA LYS C 425 -44.12 -45.79 25.17
C LYS C 425 -42.99 -46.75 24.81
N ASP C 426 -43.27 -47.64 23.88
CA ASP C 426 -42.30 -48.63 23.45
C ASP C 426 -41.72 -48.22 22.10
N PRO C 427 -40.40 -48.02 21.99
CA PRO C 427 -39.85 -47.61 20.69
C PRO C 427 -39.91 -48.71 19.66
N GLY C 428 -40.13 -49.95 20.08
CA GLY C 428 -40.16 -51.05 19.14
C GLY C 428 -38.80 -51.72 19.00
N GLU C 429 -38.49 -52.25 17.82
CA GLU C 429 -37.28 -53.01 17.60
C GLU C 429 -36.18 -52.15 16.99
N LEU C 430 -34.94 -52.40 17.39
CA LEU C 430 -33.81 -51.72 16.78
C LEU C 430 -33.69 -52.12 15.32
N GLN C 431 -33.58 -51.12 14.44
CA GLN C 431 -33.56 -51.39 13.00
C GLN C 431 -32.12 -51.46 12.48
N GLU C 432 -31.70 -52.64 12.02
CA GLU C 432 -30.59 -52.73 11.08
C GLU C 432 -31.13 -52.39 9.71
N SER C 433 -30.33 -51.66 8.91
CA SER C 433 -30.79 -51.17 7.61
C SER C 433 -32.01 -50.28 7.84
N PRO C 434 -31.87 -49.10 8.45
CA PRO C 434 -33.07 -48.28 8.74
C PRO C 434 -33.89 -47.88 7.50
N TYR C 435 -33.28 -47.80 6.31
CA TYR C 435 -34.02 -47.34 5.12
C TYR C 435 -34.94 -48.41 4.51
N ASP C 436 -35.03 -49.60 5.11
CA ASP C 436 -35.98 -50.63 4.70
C ASP C 436 -37.00 -50.97 5.79
N ALA C 437 -37.13 -50.11 6.78
CA ALA C 437 -38.00 -50.37 7.91
C ALA C 437 -39.46 -50.10 7.57
N GLN C 438 -40.31 -50.94 8.14
CA GLN C 438 -41.76 -50.84 7.96
C GLN C 438 -42.37 -50.01 9.07
N VAL C 439 -42.01 -48.73 9.07
CA VAL C 439 -42.45 -47.78 10.09
C VAL C 439 -43.03 -46.54 9.43
N PRO C 440 -43.76 -45.69 10.16
CA PRO C 440 -44.32 -44.48 9.54
C PRO C 440 -43.21 -43.58 8.99
N MET C 441 -43.45 -43.04 7.81
CA MET C 441 -42.50 -42.14 7.18
C MET C 441 -42.62 -40.75 7.82
N LEU C 442 -41.53 -40.01 7.83
CA LEU C 442 -41.59 -38.67 8.37
C LEU C 442 -42.13 -37.71 7.31
N PRO C 443 -42.68 -36.57 7.72
CA PRO C 443 -43.17 -35.61 6.73
C PRO C 443 -42.05 -35.25 5.76
N THR C 444 -42.39 -35.16 4.47
CA THR C 444 -41.41 -34.86 3.44
C THR C 444 -41.41 -33.39 3.01
N THR C 445 -42.36 -32.59 3.50
CA THR C 445 -42.39 -31.17 3.20
C THR C 445 -42.82 -30.42 4.46
N LEU C 446 -42.56 -29.12 4.46
CA LEU C 446 -42.98 -28.30 5.59
C LEU C 446 -44.49 -28.31 5.75
N ALA C 447 -45.22 -28.26 4.64
CA ALA C 447 -46.68 -28.35 4.71
C ALA C 447 -47.10 -29.65 5.40
N GLU C 448 -46.42 -30.76 5.07
CA GLU C 448 -46.77 -32.03 5.70
C GLU C 448 -46.47 -32.00 7.19
N ALA C 449 -45.36 -31.36 7.61
CA ALA C 449 -45.08 -31.25 9.04
C ALA C 449 -46.15 -30.43 9.75
N LEU C 450 -46.62 -29.36 9.11
CA LEU C 450 -47.67 -28.56 9.75
C LEU C 450 -48.97 -29.33 9.82
N ASP C 451 -49.31 -30.08 8.77
CA ASP C 451 -50.50 -30.94 8.83
C ASP C 451 -50.37 -31.93 9.98
N ALA C 452 -49.20 -32.56 10.11
CA ALA C 452 -48.99 -33.56 11.15
C ALA C 452 -49.14 -32.94 12.53
N LEU C 453 -48.60 -31.74 12.72
CA LEU C 453 -48.80 -31.08 13.99
C LEU C 453 -50.29 -30.82 14.23
N GLU C 454 -50.99 -30.38 13.19
CA GLU C 454 -52.39 -30.01 13.38
C GLU C 454 -53.24 -31.21 13.76
N HIS C 455 -52.95 -32.37 13.17
CA HIS C 455 -53.75 -33.57 13.41
C HIS C 455 -53.32 -34.34 14.64
N ASP C 456 -52.19 -33.99 15.26
CA ASP C 456 -51.73 -34.62 16.50
C ASP C 456 -51.23 -33.54 17.46
N SER C 457 -52.09 -32.57 17.76
CA SER C 457 -51.67 -31.34 18.41
C SER C 457 -51.80 -31.35 19.93
N GLU C 458 -52.41 -32.38 20.52
CA GLU C 458 -52.73 -32.34 21.95
C GLU C 458 -51.48 -32.08 22.80
N LEU C 459 -50.43 -32.90 22.61
CA LEU C 459 -49.28 -32.79 23.50
C LEU C 459 -48.63 -31.42 23.41
N PHE C 460 -48.45 -30.90 22.19
CA PHE C 460 -47.76 -29.64 22.00
C PHE C 460 -48.64 -28.44 22.31
N ARG C 461 -49.97 -28.53 22.13
CA ARG C 461 -50.83 -27.46 22.63
C ARG C 461 -50.80 -27.43 24.16
N SER C 462 -50.71 -28.60 24.81
CA SER C 462 -50.64 -28.63 26.27
C SER C 462 -49.28 -28.12 26.80
N CYS C 463 -48.19 -28.49 26.15
CA CYS C 463 -46.85 -28.16 26.67
C CYS C 463 -46.28 -26.87 26.11
N PHE C 464 -46.40 -26.62 24.79
CA PHE C 464 -45.91 -25.34 24.26
C PHE C 464 -46.90 -24.21 24.43
N GLY C 465 -48.19 -24.53 24.51
CA GLY C 465 -49.23 -23.55 24.70
C GLY C 465 -50.18 -23.54 23.50
N ASP C 466 -51.47 -23.39 23.78
CA ASP C 466 -52.49 -23.44 22.75
C ASP C 466 -52.36 -22.25 21.83
N THR C 467 -52.21 -21.06 22.42
CA THR C 467 -52.05 -19.87 21.61
C THR C 467 -50.80 -19.92 20.77
N PHE C 468 -49.71 -20.40 21.33
CA PHE C 468 -48.50 -20.48 20.52
C PHE C 468 -48.70 -21.40 19.34
N ILE C 469 -49.40 -22.53 19.54
CA ILE C 469 -49.55 -23.46 18.43
C ILE C 469 -50.43 -22.88 17.33
N LYS C 470 -51.51 -22.17 17.71
CA LYS C 470 -52.32 -21.50 16.71
C LYS C 470 -51.50 -20.47 15.92
N TYR C 471 -50.73 -19.66 16.64
CA TYR C 471 -49.90 -18.64 16.00
C TYR C 471 -48.90 -19.28 15.04
N TRP C 472 -48.23 -20.34 15.51
CA TRP C 472 -47.25 -21.03 14.69
C TRP C 472 -47.87 -21.60 13.43
N LEU C 473 -49.01 -22.29 13.56
CA LEU C 473 -49.62 -22.87 12.38
C LEU C 473 -49.94 -21.80 11.34
N GLN C 474 -50.55 -20.70 11.79
CA GLN C 474 -50.93 -19.67 10.81
C GLN C 474 -49.69 -19.12 10.11
N LEU C 475 -48.66 -18.76 10.89
CA LEU C 475 -47.47 -18.13 10.31
C LEU C 475 -46.80 -19.06 9.31
N ARG C 476 -46.50 -20.28 9.73
CA ARG C 476 -45.78 -21.20 8.86
C ARG C 476 -46.61 -21.52 7.60
N ARG C 477 -47.93 -21.60 7.74
CA ARG C 477 -48.76 -21.87 6.57
C ARG C 477 -48.69 -20.74 5.56
N SER C 478 -48.67 -19.48 6.05
CA SER C 478 -48.50 -18.35 5.15
C SER C 478 -47.18 -18.45 4.40
N GLU C 479 -46.11 -18.83 5.11
CA GLU C 479 -44.82 -18.94 4.43
C GLU C 479 -44.85 -20.06 3.38
N TRP C 480 -45.49 -21.20 3.70
CA TRP C 480 -45.58 -22.27 2.73
C TRP C 480 -46.34 -21.82 1.48
N ALA C 481 -47.43 -21.08 1.68
CA ALA C 481 -48.19 -20.57 0.54
C ALA C 481 -47.34 -19.67 -0.34
N ARG C 482 -46.50 -18.83 0.28
CA ARG C 482 -45.59 -18.01 -0.51
C ARG C 482 -44.67 -18.88 -1.37
N PHE C 483 -44.05 -19.89 -0.75
CA PHE C 483 -43.14 -20.75 -1.51
C PHE C 483 -43.86 -21.45 -2.65
N LEU C 484 -45.08 -21.93 -2.39
CA LEU C 484 -45.84 -22.64 -3.42
C LEU C 484 -46.24 -21.73 -4.55
N ASP C 485 -46.65 -20.50 -4.24
CA ASP C 485 -46.98 -19.56 -5.31
C ASP C 485 -45.76 -19.19 -6.13
N ALA C 486 -44.58 -19.20 -5.51
CA ALA C 486 -43.38 -18.78 -6.22
C ALA C 486 -42.76 -19.89 -7.06
N GLU C 487 -42.74 -21.11 -6.57
CA GLU C 487 -41.94 -22.17 -7.19
C GLU C 487 -42.77 -23.34 -7.71
N GLY C 488 -43.94 -23.61 -7.14
CA GLY C 488 -44.78 -24.70 -7.58
C GLY C 488 -44.68 -25.89 -6.66
N ALA C 489 -45.64 -26.82 -6.84
CA ALA C 489 -45.75 -27.94 -5.91
C ALA C 489 -44.67 -28.98 -6.17
N GLU C 490 -44.38 -29.30 -7.45
CA GLU C 490 -43.36 -30.31 -7.74
C GLU C 490 -42.03 -29.93 -7.14
N ALA C 491 -41.72 -28.61 -7.05
CA ALA C 491 -40.46 -28.16 -6.49
C ALA C 491 -40.27 -28.70 -5.07
N ALA C 492 -41.36 -28.85 -4.30
CA ALA C 492 -41.27 -29.31 -2.91
C ALA C 492 -40.58 -30.68 -2.77
N GLU C 493 -40.65 -31.55 -3.80
CA GLU C 493 -40.05 -32.89 -3.71
C GLU C 493 -38.65 -32.83 -3.11
N PRO C 494 -38.42 -33.53 -1.98
CA PRO C 494 -37.09 -33.45 -1.34
C PRO C 494 -35.92 -33.68 -2.30
N THR C 495 -35.99 -34.65 -3.21
CA THR C 495 -34.83 -34.89 -4.06
C THR C 495 -34.67 -33.82 -5.13
N GLY C 496 -35.65 -32.96 -5.31
CA GLY C 496 -35.53 -31.91 -6.31
C GLY C 496 -34.42 -30.92 -5.97
N ALA C 497 -33.98 -30.18 -7.00
CA ALA C 497 -32.94 -29.19 -6.81
C ALA C 497 -33.46 -28.08 -5.90
N VAL C 498 -32.54 -27.45 -5.18
CA VAL C 498 -32.88 -26.34 -4.31
C VAL C 498 -33.32 -25.14 -5.15
N THR C 499 -34.44 -24.53 -4.76
CA THR C 499 -35.03 -23.45 -5.54
C THR C 499 -34.41 -22.11 -5.16
N GLN C 500 -34.60 -21.13 -6.05
CA GLN C 500 -34.18 -19.76 -5.78
C GLN C 500 -34.96 -19.15 -4.62
N TRP C 501 -36.22 -19.53 -4.44
CA TRP C 501 -36.99 -19.07 -3.30
C TRP C 501 -36.31 -19.45 -1.99
N GLU C 502 -35.82 -20.69 -1.90
CA GLU C 502 -35.17 -21.14 -0.67
C GLU C 502 -33.90 -20.34 -0.39
N GLN C 503 -33.08 -20.15 -1.44
CA GLN C 503 -31.84 -19.39 -1.30
C GLN C 503 -32.12 -17.96 -0.84
N LYS C 504 -33.13 -17.32 -1.42
CA LYS C 504 -33.46 -15.94 -1.08
C LYS C 504 -34.25 -15.82 0.22
N GLU C 505 -34.79 -16.93 0.72
CA GLU C 505 -35.48 -16.93 2.01
C GLU C 505 -34.54 -17.19 3.17
N TYR C 506 -33.52 -18.03 3.00
CA TYR C 506 -32.76 -18.53 4.14
C TYR C 506 -31.26 -18.26 4.10
N PHE C 507 -30.65 -18.10 2.93
CA PHE C 507 -29.19 -18.10 2.86
C PHE C 507 -28.59 -16.95 3.68
N ASN C 508 -29.15 -15.74 3.53
CA ASN C 508 -28.55 -14.56 4.15
C ASN C 508 -28.69 -14.56 5.68
N LEU C 509 -29.86 -14.92 6.20
CA LEU C 509 -30.17 -14.72 7.61
C LEU C 509 -29.89 -15.95 8.46
N LEU C 510 -30.04 -17.14 7.90
CA LEU C 510 -29.79 -18.37 8.65
C LEU C 510 -28.30 -18.69 8.65
N ASP D 21 56.12 3.61 -3.98
CA ASP D 21 55.38 4.80 -3.60
C ASP D 21 55.48 5.87 -4.71
N PHE D 22 54.59 5.76 -5.70
CA PHE D 22 54.56 6.67 -6.83
C PHE D 22 54.41 8.11 -6.36
N ILE D 23 53.55 8.36 -5.38
CA ILE D 23 53.25 9.74 -5.00
C ILE D 23 54.47 10.43 -4.38
N THR D 24 55.10 9.79 -3.38
CA THR D 24 56.27 10.39 -2.76
C THR D 24 57.43 10.48 -3.74
N LYS D 25 57.66 9.41 -4.52
CA LYS D 25 58.78 9.43 -5.47
C LYS D 25 58.78 10.65 -6.36
N ASN D 26 57.63 11.02 -6.90
CA ASN D 26 57.52 12.15 -7.83
C ASN D 26 57.09 13.44 -7.14
N ASN D 27 57.11 13.47 -5.81
CA ASN D 27 56.81 14.65 -5.03
C ASN D 27 55.49 15.26 -5.49
N LEU D 28 54.45 14.43 -5.54
CA LEU D 28 53.15 14.85 -6.08
C LEU D 28 52.23 15.43 -5.01
N TRP D 29 52.52 15.22 -3.73
CA TRP D 29 51.69 15.73 -2.64
C TRP D 29 52.46 16.77 -1.85
N THR D 30 51.83 17.90 -1.58
CA THR D 30 52.40 18.86 -0.65
C THR D 30 52.20 18.36 0.78
N ASN D 31 52.81 19.05 1.74
CA ASN D 31 52.60 18.64 3.13
C ASN D 31 51.15 18.81 3.55
N GLU D 32 50.48 19.88 3.09
CA GLU D 32 49.06 20.02 3.39
C GLU D 32 48.31 18.80 2.88
N GLN D 33 48.63 18.36 1.66
CA GLN D 33 47.96 17.19 1.11
C GLN D 33 48.23 15.92 1.93
N ARG D 34 49.46 15.74 2.40
CA ARG D 34 49.72 14.51 3.16
C ARG D 34 48.96 14.51 4.48
N ASP D 35 48.90 15.68 5.12
CA ASP D 35 48.15 15.81 6.36
C ASP D 35 46.68 15.54 6.11
N ALA D 36 46.17 16.08 4.99
CA ALA D 36 44.80 15.83 4.58
C ALA D 36 44.54 14.35 4.33
N ALA D 37 45.51 13.66 3.72
CA ALA D 37 45.35 12.22 3.51
C ALA D 37 45.19 11.50 4.84
N ASP D 38 46.01 11.89 5.83
CA ASP D 38 45.90 11.22 7.11
C ASP D 38 44.51 11.45 7.67
N LYS D 39 44.00 12.69 7.57
CA LYS D 39 42.68 12.92 8.14
C LYS D 39 41.57 12.31 7.32
N VAL D 40 41.79 12.16 6.02
CA VAL D 40 40.79 11.54 5.16
C VAL D 40 40.63 10.08 5.53
N LEU D 41 41.73 9.41 5.81
CA LEU D 41 41.66 8.02 6.22
C LEU D 41 41.02 7.91 7.59
N ALA D 42 41.29 8.89 8.46
CA ALA D 42 40.68 8.86 9.78
C ALA D 42 39.16 9.04 9.69
N GLU D 43 38.70 9.95 8.83
CA GLU D 43 37.26 10.17 8.71
C GLU D 43 36.59 8.98 8.04
N ILE D 44 37.28 8.35 7.08
CA ILE D 44 36.72 7.18 6.43
C ILE D 44 36.50 6.08 7.45
N ASP D 45 37.50 5.87 8.32
CA ASP D 45 37.38 4.81 9.31
C ASP D 45 36.29 5.16 10.33
N SER D 46 36.26 6.41 10.80
CA SER D 46 35.29 6.79 11.83
C SER D 46 33.85 6.70 11.33
N LEU D 47 33.60 7.08 10.08
CA LEU D 47 32.25 7.04 9.56
C LEU D 47 31.86 5.66 9.04
N GLY D 48 32.80 4.73 8.95
CA GLY D 48 32.51 3.40 8.44
C GLY D 48 32.16 3.35 6.97
N LEU D 49 32.75 4.23 6.16
CA LEU D 49 32.52 4.21 4.73
C LEU D 49 33.07 2.93 4.12
N GLU D 50 32.43 2.49 3.05
CA GLU D 50 32.81 1.26 2.36
C GLU D 50 33.37 1.50 0.97
N MET D 51 32.95 2.57 0.29
CA MET D 51 33.49 2.89 -1.01
C MET D 51 33.96 4.34 -1.00
N ILE D 52 34.98 4.65 -1.78
CA ILE D 52 35.44 6.00 -2.00
C ILE D 52 35.63 6.12 -3.50
N ARG D 53 34.92 7.04 -4.13
CA ARG D 53 35.05 7.28 -5.56
C ARG D 53 36.26 8.15 -5.88
N LEU D 54 37.02 7.78 -6.92
CA LEU D 54 38.14 8.56 -7.43
C LEU D 54 37.67 8.95 -8.83
N SER D 55 37.48 10.25 -9.06
CA SER D 55 36.89 10.76 -10.28
C SER D 55 37.75 11.90 -10.81
N TRP D 56 37.56 12.20 -12.10
CA TRP D 56 38.30 13.27 -12.75
C TRP D 56 37.45 13.75 -13.91
N ALA D 57 37.55 15.04 -14.21
CA ALA D 57 36.83 15.61 -15.34
C ALA D 57 37.53 15.24 -16.65
N ASP D 58 36.76 14.76 -17.62
CA ASP D 58 37.28 14.53 -18.98
C ASP D 58 37.18 15.84 -19.75
N GLN D 59 37.44 15.77 -21.06
CA GLN D 59 37.48 16.99 -21.86
C GLN D 59 36.16 17.73 -21.82
N TYR D 60 35.07 16.99 -21.61
CA TYR D 60 33.73 17.57 -21.57
C TYR D 60 33.30 18.02 -20.19
N GLY D 61 34.14 17.84 -19.18
CA GLY D 61 33.75 18.16 -17.82
C GLY D 61 32.94 17.10 -17.12
N LEU D 62 32.86 15.90 -17.68
CA LEU D 62 32.09 14.82 -17.07
C LEU D 62 32.98 13.97 -16.17
N LEU D 63 32.46 13.63 -14.99
CA LEU D 63 33.27 12.92 -14.01
C LEU D 63 33.43 11.46 -14.46
N ARG D 64 34.68 11.01 -14.57
CA ARG D 64 35.02 9.65 -14.96
C ARG D 64 35.91 9.05 -13.90
N GLY D 65 35.83 7.73 -13.74
CA GLY D 65 36.77 7.11 -12.82
C GLY D 65 36.34 5.76 -12.28
N LYS D 66 36.61 5.54 -10.99
CA LYS D 66 36.28 4.27 -10.36
C LYS D 66 35.79 4.53 -8.94
N SER D 67 35.06 3.56 -8.39
CA SER D 67 34.73 3.52 -6.97
C SER D 67 35.62 2.45 -6.37
N LEU D 68 36.38 2.82 -5.34
CA LEU D 68 37.37 1.95 -4.73
C LEU D 68 36.92 1.55 -3.35
N THR D 69 37.36 0.38 -2.91
CA THR D 69 37.11 0.03 -1.52
C THR D 69 38.12 0.74 -0.64
N VAL D 70 37.88 0.65 0.67
CA VAL D 70 38.78 1.27 1.63
C VAL D 70 40.21 0.78 1.43
N ALA D 71 40.41 -0.54 1.30
CA ALA D 71 41.77 -1.06 1.17
C ALA D 71 42.42 -0.55 -0.11
N SER D 72 41.66 -0.57 -1.22
CA SER D 72 42.22 -0.08 -2.47
C SER D 72 42.53 1.41 -2.41
N LEU D 73 41.70 2.22 -1.72
CA LEU D 73 42.03 3.64 -1.56
C LEU D 73 43.29 3.84 -0.72
N LYS D 74 43.40 3.05 0.35
CA LYS D 74 44.59 3.10 1.18
C LYS D 74 45.85 2.78 0.38
N SER D 75 45.74 1.85 -0.58
CA SER D 75 46.86 1.60 -1.48
C SER D 75 47.06 2.74 -2.45
N ALA D 76 45.97 3.34 -2.92
CA ALA D 76 46.09 4.43 -3.88
C ALA D 76 46.71 5.66 -3.26
N PHE D 77 46.66 5.80 -1.96
CA PHE D 77 47.35 6.93 -1.33
C PHE D 77 48.86 6.78 -1.38
N LYS D 78 49.34 5.64 -1.85
CA LYS D 78 50.76 5.44 -2.06
C LYS D 78 51.13 5.24 -3.52
N GLU D 79 50.43 4.37 -4.24
CA GLU D 79 50.79 3.99 -5.59
C GLU D 79 49.91 4.63 -6.66
N GLY D 80 48.85 5.35 -6.27
CA GLY D 80 47.88 5.84 -7.24
C GLY D 80 46.98 4.70 -7.72
N SER D 81 46.16 5.03 -8.73
CA SER D 81 45.24 4.04 -9.29
C SER D 81 45.23 4.14 -10.80
N GLU D 82 45.64 3.08 -11.48
CA GLU D 82 45.75 3.11 -12.94
C GLU D 82 44.39 3.16 -13.63
N VAL D 83 44.37 3.90 -14.75
CA VAL D 83 43.20 4.00 -15.61
C VAL D 83 43.70 4.20 -17.03
N ALA D 84 42.83 3.93 -18.00
CA ALA D 84 43.14 4.18 -19.40
C ALA D 84 42.60 5.55 -19.79
N ILE D 85 43.19 6.12 -20.85
CA ILE D 85 42.85 7.47 -21.28
C ILE D 85 41.71 7.41 -22.29
N GLY D 86 41.09 6.25 -22.42
CA GLY D 86 40.04 6.04 -23.39
C GLY D 86 39.05 7.18 -23.51
N PRO D 87 38.52 7.66 -22.38
CA PRO D 87 37.55 8.77 -22.45
C PRO D 87 38.02 9.94 -23.29
N PHE D 88 39.28 10.34 -23.16
CA PHE D 88 39.79 11.48 -23.91
C PHE D 88 39.72 11.26 -25.41
N PHE D 89 39.85 10.01 -25.85
CA PHE D 89 39.83 9.68 -27.27
C PHE D 89 38.44 9.27 -27.76
N PHE D 90 37.41 9.36 -26.92
CA PHE D 90 36.03 9.12 -27.31
C PHE D 90 35.29 10.45 -27.32
N ASP D 91 34.27 10.57 -28.17
CA ASP D 91 33.37 11.71 -28.06
C ASP D 91 32.24 11.31 -27.09
N LEU D 92 31.19 12.13 -27.01
CA LEU D 92 30.16 11.87 -26.00
C LEU D 92 29.43 10.56 -26.23
N VAL D 93 29.33 10.10 -27.48
CA VAL D 93 28.65 8.85 -27.80
C VAL D 93 29.64 7.75 -28.15
N SER D 94 30.92 7.96 -27.86
CA SER D 94 31.98 6.95 -28.02
C SER D 94 32.28 6.65 -29.48
N SER D 95 32.19 7.66 -30.35
CA SER D 95 32.84 7.56 -31.64
C SER D 95 34.34 7.54 -31.38
N MET D 96 35.08 6.57 -31.95
CA MET D 96 36.56 6.50 -31.79
C MET D 96 37.17 7.53 -32.74
N VAL D 97 37.65 8.66 -32.22
CA VAL D 97 38.17 9.79 -33.04
C VAL D 97 39.67 9.59 -33.25
N PHE D 98 40.37 9.02 -32.29
CA PHE D 98 41.83 8.78 -32.31
C PHE D 98 42.01 7.26 -32.22
N ASN D 99 42.82 6.66 -33.10
CA ASN D 99 43.10 5.20 -33.06
C ASN D 99 43.58 4.92 -31.64
N LEU D 100 43.04 3.91 -30.96
CA LEU D 100 43.42 3.52 -29.57
C LEU D 100 44.22 2.22 -29.62
N PHE D 101 44.40 1.61 -30.78
CA PHE D 101 45.03 0.27 -30.93
C PHE D 101 46.47 0.33 -31.43
N THR D 102 46.97 1.43 -32.01
CA THR D 102 48.39 1.58 -32.41
C THR D 102 49.09 2.43 -31.36
N THR D 103 50.01 1.86 -30.57
CA THR D 103 50.76 2.64 -29.59
C THR D 103 51.74 3.59 -30.29
N ALA D 104 51.74 4.85 -29.86
CA ALA D 104 52.53 5.87 -30.54
C ALA D 104 53.97 5.86 -30.07
N GLY D 105 54.90 6.10 -31.01
CA GLY D 105 56.28 6.34 -30.63
C GLY D 105 56.44 7.65 -29.87
N ASP D 106 55.73 8.69 -30.31
CA ASP D 106 55.66 9.96 -29.61
C ASP D 106 54.19 10.28 -29.42
N PHE D 107 53.70 10.16 -28.19
CA PHE D 107 52.27 10.33 -27.95
C PHE D 107 51.79 11.71 -28.33
N GLU D 108 52.50 12.74 -27.86
CA GLU D 108 52.03 14.11 -28.08
C GLU D 108 52.11 14.51 -29.54
N ASP D 109 52.87 13.77 -30.33
CA ASP D 109 52.92 14.09 -31.76
C ASP D 109 51.89 13.33 -32.57
N GLU D 110 51.59 12.08 -32.18
CA GLU D 110 50.67 11.22 -32.93
C GLU D 110 49.29 11.12 -32.30
N LEU D 111 49.17 11.30 -30.99
CA LEU D 111 47.89 11.20 -30.28
C LEU D 111 47.15 9.90 -30.57
N SER D 112 47.85 8.77 -30.36
CA SER D 112 47.26 7.47 -30.63
C SER D 112 47.59 6.52 -29.48
N GLY D 113 46.87 5.41 -29.43
CA GLY D 113 47.08 4.38 -28.45
C GLY D 113 46.12 4.54 -27.27
N ASN D 114 46.22 3.58 -26.35
CA ASN D 114 45.48 3.59 -25.08
C ASN D 114 46.48 3.40 -23.94
N PRO D 115 47.42 4.33 -23.78
CA PRO D 115 48.37 4.24 -22.67
C PRO D 115 47.70 4.40 -21.31
N THR D 116 48.32 3.80 -20.31
CA THR D 116 47.84 3.88 -18.93
C THR D 116 48.37 5.12 -18.23
N VAL D 117 47.49 5.80 -17.49
CA VAL D 117 47.87 6.91 -16.63
C VAL D 117 47.52 6.52 -15.19
N VAL D 118 48.03 7.31 -14.25
CA VAL D 118 47.81 7.10 -12.83
C VAL D 118 46.92 8.22 -12.32
N MET D 119 45.76 7.83 -11.77
CA MET D 119 44.96 8.74 -10.97
C MET D 119 45.67 8.95 -9.63
N VAL D 120 46.08 10.17 -9.37
CA VAL D 120 46.75 10.53 -8.11
C VAL D 120 45.73 11.26 -7.26
N PRO D 121 45.23 10.66 -6.17
CA PRO D 121 44.16 11.28 -5.40
C PRO D 121 44.61 12.61 -4.81
N ASP D 122 43.68 13.57 -4.80
CA ASP D 122 43.90 14.85 -4.13
C ASP D 122 43.13 14.84 -2.82
N PRO D 123 43.78 14.59 -1.68
CA PRO D 123 43.03 14.43 -0.44
C PRO D 123 42.29 15.68 0.01
N THR D 124 42.72 16.87 -0.43
CA THR D 124 42.06 18.11 0.00
C THR D 124 40.66 18.27 -0.59
N THR D 125 40.27 17.43 -1.54
CA THR D 125 38.95 17.51 -2.17
C THR D 125 37.96 16.49 -1.62
N PHE D 126 38.32 15.76 -0.56
CA PHE D 126 37.50 14.66 -0.10
C PHE D 126 36.12 15.13 0.33
N LYS D 127 35.10 14.36 -0.05
CA LYS D 127 33.73 14.64 0.36
C LYS D 127 33.02 13.32 0.63
N VAL D 128 32.10 13.35 1.60
CA VAL D 128 31.14 12.27 1.80
C VAL D 128 29.91 12.61 0.98
N LEU D 129 29.51 11.71 0.09
CA LEU D 129 28.34 11.98 -0.73
C LEU D 129 27.09 11.67 0.09
N PRO D 130 26.30 12.67 0.44
CA PRO D 130 25.19 12.42 1.38
C PRO D 130 24.05 11.59 0.81
N TRP D 131 23.91 11.50 -0.52
CA TRP D 131 22.80 10.79 -1.14
C TRP D 131 23.10 9.32 -1.43
N ALA D 132 24.31 8.85 -1.14
CA ALA D 132 24.73 7.51 -1.47
C ALA D 132 25.02 6.71 -0.21
N ASP D 133 25.09 5.39 -0.38
CA ASP D 133 25.29 4.49 0.75
C ASP D 133 26.77 4.39 1.08
N LYS D 134 27.16 4.96 2.22
CA LYS D 134 28.49 4.78 2.77
C LYS D 134 29.57 5.01 1.72
N THR D 135 29.48 6.14 1.03
CA THR D 135 30.35 6.45 -0.10
C THR D 135 31.02 7.80 0.08
N GLY D 136 32.36 7.81 -0.04
CA GLY D 136 33.13 9.03 -0.14
C GLY D 136 33.49 9.34 -1.58
N TRP D 137 34.21 10.44 -1.76
CA TRP D 137 34.42 10.98 -3.10
C TRP D 137 35.63 11.89 -3.09
N MET D 138 36.42 11.81 -4.17
CA MET D 138 37.62 12.60 -4.30
C MET D 138 37.99 12.74 -5.78
N LEU D 139 38.63 13.87 -6.08
CA LEU D 139 39.20 14.12 -7.40
C LEU D 139 40.61 13.57 -7.47
N ALA D 140 41.05 13.26 -8.68
CA ALA D 140 42.41 12.79 -8.90
C ALA D 140 43.03 13.54 -10.06
N ASP D 141 44.36 13.69 -9.99
CA ASP D 141 45.13 14.27 -11.09
C ASP D 141 45.72 13.13 -11.91
N LEU D 142 45.63 13.23 -13.22
CA LEU D 142 46.16 12.17 -14.08
C LEU D 142 47.63 12.44 -14.32
N HIS D 143 48.51 11.45 -14.09
CA HIS D 143 49.95 11.62 -14.27
C HIS D 143 50.44 10.46 -15.10
N TRP D 144 51.44 10.70 -15.95
CA TRP D 144 52.05 9.57 -16.63
C TRP D 144 52.69 8.65 -15.62
N LYS D 145 52.91 7.39 -16.05
CA LYS D 145 53.64 6.46 -15.22
C LYS D 145 55.07 6.92 -15.03
N SER D 146 55.57 7.77 -15.93
CA SER D 146 56.87 8.41 -15.75
C SER D 146 56.85 9.38 -14.57
N GLY D 147 55.70 9.89 -14.22
CA GLY D 147 55.53 10.85 -13.15
C GLY D 147 55.16 12.25 -13.63
N GLU D 148 55.23 12.49 -14.92
CA GLU D 148 54.89 13.78 -15.47
C GLU D 148 53.38 13.92 -15.64
N PRO D 149 52.86 15.15 -15.58
CA PRO D 149 51.42 15.33 -15.78
C PRO D 149 50.97 14.93 -17.18
N PHE D 150 49.73 14.41 -17.24
CA PHE D 150 49.11 14.02 -18.49
C PHE D 150 48.70 15.25 -19.25
N PRO D 151 49.12 15.42 -20.51
CA PRO D 151 49.00 16.72 -21.15
C PRO D 151 47.57 17.13 -21.52
N LEU D 152 46.58 16.22 -21.50
CA LEU D 152 45.19 16.56 -21.84
C LEU D 152 44.28 16.82 -20.65
N CYS D 153 44.77 16.68 -19.41
CA CYS D 153 43.96 16.81 -18.22
C CYS D 153 43.43 18.22 -18.05
N PRO D 154 42.10 18.42 -18.03
CA PRO D 154 41.57 19.79 -17.86
C PRO D 154 41.99 20.41 -16.54
N ARG D 155 41.98 19.63 -15.46
CA ARG D 155 42.39 20.19 -14.18
C ARG D 155 43.83 20.69 -14.22
N GLY D 156 44.69 20.02 -14.98
CA GLY D 156 46.04 20.50 -15.10
C GLY D 156 46.11 21.82 -15.84
N ILE D 157 45.28 22.00 -16.87
CA ILE D 157 45.28 23.27 -17.57
C ILE D 157 44.84 24.36 -16.61
N MET D 158 43.85 24.09 -15.77
CA MET D 158 43.48 25.10 -14.80
C MET D 158 44.60 25.35 -13.82
N LYS D 159 45.28 24.29 -13.38
CA LYS D 159 46.39 24.48 -12.45
C LYS D 159 47.46 25.35 -13.08
N LYS D 160 47.71 25.13 -14.36
CA LYS D 160 48.69 25.95 -15.05
C LYS D 160 48.25 27.41 -15.10
N ALA D 161 46.97 27.67 -15.38
CA ALA D 161 46.49 29.05 -15.40
C ALA D 161 46.63 29.70 -14.03
N VAL D 162 46.27 28.95 -12.97
CA VAL D 162 46.36 29.54 -11.65
C VAL D 162 47.80 29.88 -11.33
N LYS D 163 48.76 29.06 -11.78
CA LYS D 163 50.22 29.29 -11.54
C LYS D 163 50.69 30.52 -12.31
N SER D 164 50.33 30.69 -13.58
CA SER D 164 50.76 31.84 -14.40
C SER D 164 50.21 33.13 -13.78
N LEU D 165 48.98 33.08 -13.27
CA LEU D 165 48.32 34.26 -12.67
C LEU D 165 49.05 34.57 -11.37
N SER D 166 49.32 33.58 -10.56
CA SER D 166 50.03 33.76 -9.27
C SER D 166 51.39 34.37 -9.58
N ASP D 167 52.12 33.92 -10.59
CA ASP D 167 53.44 34.48 -10.96
C ASP D 167 53.32 35.99 -11.22
N GLU D 168 52.24 36.47 -11.85
CA GLU D 168 52.00 37.92 -12.09
C GLU D 168 51.58 38.61 -10.80
N GLY D 169 51.18 37.87 -9.77
CA GLY D 169 50.86 38.37 -8.42
C GLY D 169 49.38 38.47 -8.15
N TYR D 170 48.51 37.63 -8.75
CA TYR D 170 47.06 37.81 -8.66
C TYR D 170 46.37 36.49 -8.38
N LEU D 171 45.16 36.57 -7.81
CA LEU D 171 44.31 35.42 -7.55
C LEU D 171 42.97 35.57 -8.24
N PHE D 172 42.50 34.47 -8.85
CA PHE D 172 41.25 34.44 -9.60
C PHE D 172 40.13 34.18 -8.61
N LYS D 173 39.15 35.10 -8.55
CA LYS D 173 38.00 34.98 -7.68
C LYS D 173 36.76 34.90 -8.55
N CYS D 174 35.97 33.85 -8.37
CA CYS D 174 34.88 33.49 -9.25
C CYS D 174 33.63 33.20 -8.43
N GLY D 175 32.50 33.80 -8.83
CA GLY D 175 31.17 33.52 -8.26
C GLY D 175 30.42 32.66 -9.25
N ILE D 176 30.14 31.42 -8.92
CA ILE D 176 29.50 30.44 -9.85
C ILE D 176 28.02 30.81 -9.90
N GLU D 177 27.47 31.14 -11.05
CA GLU D 177 26.03 31.42 -11.21
C GLU D 177 25.55 30.56 -12.37
N LEU D 178 25.02 29.38 -12.07
CA LEU D 178 24.60 28.39 -13.09
C LEU D 178 23.10 28.43 -13.27
N GLU D 179 22.60 28.34 -14.49
CA GLU D 179 21.16 28.21 -14.77
C GLU D 179 20.98 26.78 -15.29
N TRP D 180 19.87 26.12 -15.00
CA TRP D 180 19.69 24.73 -15.41
C TRP D 180 18.22 24.39 -15.40
N TYR D 181 17.88 23.21 -15.91
CA TYR D 181 16.49 22.78 -15.98
C TYR D 181 16.22 21.60 -15.07
N LEU D 182 15.10 21.68 -14.35
CA LEU D 182 14.60 20.62 -13.47
C LEU D 182 13.36 20.04 -14.10
N THR D 183 13.39 18.74 -14.41
CA THR D 183 12.25 18.04 -14.99
C THR D 183 12.03 16.74 -14.23
N LYS D 184 10.84 16.17 -14.39
CA LYS D 184 10.51 14.91 -13.76
C LYS D 184 10.60 13.80 -14.81
N ILE D 185 11.25 12.70 -14.45
CA ILE D 185 11.48 11.64 -15.42
C ILE D 185 10.18 10.92 -15.72
N VAL D 186 9.88 10.77 -17.01
CA VAL D 186 8.75 9.97 -17.46
C VAL D 186 9.22 8.60 -17.95
N ASP D 187 10.33 8.56 -18.69
CA ASP D 187 10.88 7.32 -19.21
C ASP D 187 12.39 7.48 -19.34
N ARG D 188 13.14 6.55 -18.77
CA ARG D 188 14.60 6.59 -18.77
C ARG D 188 15.21 6.04 -20.05
N SER D 189 14.38 5.62 -21.00
CA SER D 189 14.84 5.18 -22.31
C SER D 189 15.87 4.04 -22.21
N LEU D 190 15.55 3.02 -21.40
CA LEU D 190 16.46 1.90 -21.16
C LEU D 190 16.13 0.66 -22.02
N SER D 191 15.07 0.70 -22.82
CA SER D 191 14.74 -0.42 -23.70
C SER D 191 15.92 -0.67 -24.65
N PRO D 192 16.25 -1.95 -24.94
CA PRO D 192 17.42 -2.24 -25.77
C PRO D 192 17.42 -1.44 -27.05
N GLU D 193 16.25 -1.27 -27.68
CA GLU D 193 16.22 -0.50 -28.92
C GLU D 193 16.61 0.95 -28.75
N SER D 194 16.74 1.41 -27.52
CA SER D 194 17.07 2.81 -27.27
C SER D 194 18.50 3.03 -26.78
N LEU D 195 19.33 2.01 -26.78
CA LEU D 195 20.64 2.11 -26.12
C LEU D 195 21.76 2.57 -27.04
N GLY D 196 21.54 2.65 -28.33
CA GLY D 196 22.55 3.07 -29.26
C GLY D 196 23.64 2.04 -29.48
N ALA D 197 24.85 2.54 -29.76
CA ALA D 197 26.00 1.74 -30.12
C ALA D 197 27.24 2.63 -30.02
N PRO D 198 28.44 2.08 -30.17
CA PRO D 198 29.63 2.95 -30.25
C PRO D 198 29.48 3.96 -31.39
N GLY D 199 29.54 5.24 -31.04
CA GLY D 199 29.36 6.28 -32.03
C GLY D 199 27.94 6.53 -32.47
N VAL D 200 26.94 5.98 -31.78
CA VAL D 200 25.54 6.12 -32.15
C VAL D 200 24.77 6.62 -30.94
N GLN D 201 24.08 7.75 -31.09
CA GLN D 201 23.42 8.38 -29.95
C GLN D 201 22.30 7.50 -29.39
N PRO D 202 22.25 7.28 -28.08
CA PRO D 202 21.07 6.66 -27.47
C PRO D 202 19.92 7.66 -27.37
N ASP D 203 18.73 7.12 -27.11
CA ASP D 203 17.55 7.96 -27.00
C ASP D 203 17.67 8.88 -25.80
N ALA D 204 17.13 10.08 -25.95
CA ALA D 204 17.03 11.00 -24.83
C ALA D 204 16.05 10.46 -23.80
N ILE D 205 16.34 10.73 -22.52
CA ILE D 205 15.37 10.53 -21.46
C ILE D 205 14.12 11.35 -21.75
N GLN D 206 12.95 10.74 -21.55
CA GLN D 206 11.68 11.45 -21.66
C GLN D 206 11.35 12.09 -20.32
N VAL D 207 10.90 13.34 -20.33
CA VAL D 207 10.68 14.11 -19.10
C VAL D 207 9.41 14.93 -19.21
N GLN D 208 9.04 15.55 -18.09
CA GLN D 208 7.89 16.44 -17.95
C GLN D 208 8.30 17.67 -17.17
N PRO D 209 7.88 18.86 -17.58
CA PRO D 209 8.15 20.05 -16.76
C PRO D 209 7.54 19.94 -15.37
N VAL D 210 8.11 20.69 -14.43
CA VAL D 210 7.68 20.67 -13.04
C VAL D 210 6.91 21.91 -12.63
N ALA D 211 6.82 22.91 -13.49
CA ALA D 211 6.14 24.16 -13.17
C ALA D 211 6.04 24.98 -14.44
N GLN D 212 4.99 25.78 -14.52
CA GLN D 212 4.86 26.78 -15.57
C GLN D 212 5.90 27.87 -15.35
N GLY D 213 6.02 28.78 -16.30
CA GLY D 213 7.02 29.83 -16.24
C GLY D 213 6.58 31.15 -16.83
N TYR D 214 7.56 31.87 -17.41
CA TYR D 214 7.37 33.23 -17.92
C TYR D 214 6.70 34.11 -16.87
N SER D 215 7.06 33.88 -15.61
CA SER D 215 6.69 34.71 -14.45
C SER D 215 7.96 34.74 -13.59
N VAL D 216 8.88 35.65 -13.92
CA VAL D 216 10.25 35.52 -13.44
C VAL D 216 10.32 35.76 -11.95
N LEU D 217 11.12 34.95 -11.26
CA LEU D 217 11.44 35.11 -9.84
C LEU D 217 10.23 34.97 -8.93
N LEU D 218 9.20 34.26 -9.36
CA LEU D 218 7.99 34.14 -8.56
C LEU D 218 8.26 33.22 -7.36
N GLU D 219 7.99 33.74 -6.15
CA GLU D 219 8.20 32.94 -4.95
C GLU D 219 7.38 31.66 -4.98
N HIS D 220 6.14 31.75 -5.45
CA HIS D 220 5.28 30.58 -5.46
C HIS D 220 5.89 29.46 -6.28
N HIS D 221 6.63 29.80 -7.34
CA HIS D 221 7.34 28.77 -8.11
C HIS D 221 8.40 28.09 -7.26
N LEU D 222 9.15 28.86 -6.46
CA LEU D 222 10.14 28.26 -5.59
C LEU D 222 9.49 27.30 -4.60
N ASP D 223 8.37 27.70 -4.01
CA ASP D 223 7.71 26.81 -3.07
C ASP D 223 7.18 25.56 -3.77
N GLN D 224 6.64 25.73 -4.97
CA GLN D 224 6.04 24.62 -5.70
C GLN D 224 7.04 23.50 -5.98
N VAL D 225 8.30 23.85 -6.25
CA VAL D 225 9.28 22.84 -6.63
C VAL D 225 10.17 22.47 -5.46
N ASP D 226 9.86 22.95 -4.26
CA ASP D 226 10.81 22.80 -3.17
C ASP D 226 10.78 21.42 -2.51
N ASP D 227 9.82 20.55 -2.83
CA ASP D 227 9.89 19.20 -2.27
C ASP D 227 11.17 18.51 -2.69
N ILE D 228 11.63 18.74 -3.92
CA ILE D 228 12.91 18.22 -4.39
C ILE D 228 14.02 19.25 -4.28
N MET D 229 13.71 20.53 -4.51
CA MET D 229 14.76 21.54 -4.44
C MET D 229 15.32 21.66 -3.03
N SER D 230 14.53 21.34 -2.01
CA SER D 230 15.05 21.32 -0.65
C SER D 230 16.08 20.21 -0.49
N LYS D 231 15.90 19.12 -1.23
CA LYS D 231 16.88 18.04 -1.19
C LYS D 231 18.16 18.42 -1.90
N VAL D 232 18.05 19.07 -3.06
CA VAL D 232 19.24 19.61 -3.71
C VAL D 232 19.95 20.59 -2.79
N ARG D 233 19.19 21.48 -2.16
CA ARG D 233 19.76 22.47 -1.25
C ARG D 233 20.51 21.80 -0.11
N LYS D 234 19.89 20.81 0.53
CA LYS D 234 20.55 20.11 1.64
C LYS D 234 21.79 19.39 1.16
N GLY D 235 21.75 18.77 -0.01
CA GLY D 235 22.93 18.10 -0.52
C GLY D 235 24.09 19.06 -0.73
N LEU D 236 23.81 20.21 -1.36
CA LEU D 236 24.86 21.20 -1.57
C LEU D 236 25.40 21.72 -0.25
N LEU D 237 24.52 21.96 0.73
CA LEU D 237 24.96 22.48 2.02
C LEU D 237 25.74 21.45 2.82
N GLU D 238 25.40 20.17 2.70
CA GLU D 238 26.13 19.16 3.45
C GLU D 238 27.52 18.93 2.87
N LEU D 239 27.69 19.15 1.56
CA LEU D 239 28.98 19.14 0.90
C LEU D 239 29.79 20.39 1.20
N ASN D 240 29.26 21.29 2.03
CA ASN D 240 29.93 22.54 2.39
C ASN D 240 30.21 23.41 1.16
N LEU D 241 29.37 23.30 0.14
CA LEU D 241 29.52 24.23 -0.95
C LEU D 241 28.85 25.55 -0.56
N PRO D 242 29.44 26.68 -0.90
CA PRO D 242 28.90 27.95 -0.38
C PRO D 242 27.70 28.46 -1.19
N LEU D 243 26.58 27.75 -1.05
CA LEU D 243 25.35 28.14 -1.73
C LEU D 243 24.92 29.53 -1.27
N ARG D 244 24.47 30.34 -2.22
CA ARG D 244 24.06 31.70 -1.95
C ARG D 244 22.59 31.92 -2.23
N SER D 245 22.08 31.40 -3.34
CA SER D 245 20.68 31.64 -3.66
C SER D 245 20.15 30.57 -4.61
N ILE D 246 18.85 30.34 -4.47
CA ILE D 246 18.06 29.52 -5.38
C ILE D 246 16.95 30.42 -5.92
N GLU D 247 16.73 30.40 -7.23
CA GLU D 247 15.85 31.39 -7.81
C GLU D 247 15.04 30.79 -8.95
N ASP D 248 13.85 31.36 -9.18
CA ASP D 248 13.01 30.95 -10.32
C ASP D 248 13.41 31.80 -11.53
N GLU D 249 13.94 31.15 -12.56
CA GLU D 249 14.37 31.83 -13.79
C GLU D 249 13.18 31.98 -14.72
N TRP D 250 13.38 32.65 -15.84
CA TRP D 250 12.27 33.08 -16.68
C TRP D 250 11.44 31.92 -17.19
N ALA D 251 12.10 30.88 -17.67
CA ALA D 251 11.39 29.84 -18.40
C ALA D 251 10.72 28.84 -17.47
N PRO D 252 9.72 28.12 -17.97
CA PRO D 252 9.11 27.02 -17.19
C PRO D 252 10.17 26.01 -16.80
N SER D 253 10.23 25.72 -15.50
CA SER D 253 11.14 24.74 -14.88
C SER D 253 12.60 25.15 -14.95
N GLN D 254 12.90 26.39 -15.36
CA GLN D 254 14.26 26.88 -15.35
C GLN D 254 14.62 27.40 -13.97
N MET D 255 15.70 26.88 -13.40
CA MET D 255 16.20 27.26 -12.09
C MET D 255 17.52 27.98 -12.21
N GLU D 256 17.86 28.68 -11.15
CA GLU D 256 19.18 29.28 -11.01
C GLU D 256 19.70 29.05 -9.60
N THR D 257 20.96 28.61 -9.51
CA THR D 257 21.67 28.47 -8.24
C THR D 257 22.98 29.25 -8.34
N THR D 258 23.20 30.15 -7.38
CA THR D 258 24.39 30.96 -7.33
C THR D 258 25.15 30.66 -6.04
N PHE D 259 26.44 30.99 -6.05
CA PHE D 259 27.33 30.61 -4.97
C PHE D 259 28.24 31.78 -4.65
N ASP D 260 28.67 31.84 -3.39
CA ASP D 260 29.58 32.85 -2.91
C ASP D 260 30.96 32.69 -3.57
N VAL D 261 31.77 33.75 -3.46
CA VAL D 261 33.02 33.80 -4.19
C VAL D 261 33.91 32.66 -3.75
N MET D 262 34.52 31.98 -4.72
CA MET D 262 35.52 30.97 -4.47
C MET D 262 36.75 31.34 -5.27
N GLU D 263 37.83 30.60 -5.08
CA GLU D 263 39.10 30.98 -5.65
C GLU D 263 39.64 29.84 -6.51
N GLY D 264 40.06 30.19 -7.72
CA GLY D 264 40.83 29.34 -8.62
C GLY D 264 40.41 27.90 -8.74
N LEU D 265 41.39 27.01 -8.50
CA LEU D 265 41.16 25.58 -8.71
C LEU D 265 40.02 25.09 -7.82
N GLU D 266 39.94 25.58 -6.58
CA GLU D 266 38.83 25.23 -5.71
C GLU D 266 37.51 25.65 -6.32
N ALA D 267 37.45 26.83 -6.97
CA ALA D 267 36.21 27.24 -7.61
C ALA D 267 35.86 26.29 -8.75
N ALA D 268 36.85 25.91 -9.57
CA ALA D 268 36.50 24.97 -10.63
C ALA D 268 36.05 23.65 -10.06
N ASP D 269 36.76 23.16 -9.04
CA ASP D 269 36.37 21.90 -8.42
C ASP D 269 34.95 21.98 -7.93
N ALA D 270 34.60 23.12 -7.31
CA ALA D 270 33.28 23.29 -6.77
C ALA D 270 32.24 23.30 -7.86
N ALA D 271 32.51 24.01 -8.96
CA ALA D 271 31.52 23.97 -10.02
C ALA D 271 31.27 22.54 -10.46
N LEU D 272 32.34 21.78 -10.63
CA LEU D 272 32.18 20.40 -11.08
C LEU D 272 31.33 19.60 -10.11
N LEU D 273 31.66 19.70 -8.83
CA LEU D 273 30.90 18.97 -7.83
C LEU D 273 29.48 19.46 -7.77
N ILE D 274 29.29 20.76 -7.95
CA ILE D 274 27.95 21.33 -7.88
C ILE D 274 27.05 20.71 -8.93
N LYS D 275 27.56 20.66 -10.18
CA LYS D 275 26.76 20.08 -11.24
C LYS D 275 26.54 18.59 -10.99
N SER D 276 27.59 17.89 -10.56
CA SER D 276 27.45 16.45 -10.32
C SER D 276 26.42 16.17 -9.24
N ALA D 277 26.47 16.92 -8.13
CA ALA D 277 25.56 16.68 -7.03
C ALA D 277 24.12 16.97 -7.44
N ILE D 278 23.91 18.08 -8.14
CA ILE D 278 22.55 18.40 -8.58
C ILE D 278 22.00 17.25 -9.42
N LYS D 279 22.78 16.78 -10.39
CA LYS D 279 22.25 15.74 -11.28
C LYS D 279 21.96 14.47 -10.49
N GLN D 280 22.88 14.07 -9.60
CA GLN D 280 22.71 12.78 -8.94
C GLN D 280 21.54 12.79 -7.97
N ILE D 281 21.38 13.85 -7.17
CA ILE D 281 20.25 13.93 -6.26
C ILE D 281 18.94 13.90 -7.04
N CYS D 282 18.85 14.71 -8.09
CA CYS D 282 17.62 14.73 -8.88
C CYS D 282 17.31 13.34 -9.41
N SER D 283 18.33 12.65 -9.96
CA SER D 283 18.08 11.31 -10.50
C SER D 283 17.68 10.35 -9.39
N ARG D 284 18.27 10.49 -8.20
CA ARG D 284 17.94 9.62 -7.10
C ARG D 284 16.47 9.73 -6.72
N HIS D 285 15.84 10.87 -6.96
CA HIS D 285 14.43 11.03 -6.62
C HIS D 285 13.52 11.09 -7.84
N GLY D 286 13.96 10.55 -8.98
CA GLY D 286 13.09 10.49 -10.15
C GLY D 286 12.99 11.76 -10.96
N TYR D 287 13.93 12.69 -10.78
CA TYR D 287 14.02 13.91 -11.57
C TYR D 287 15.28 13.89 -12.43
N HIS D 288 15.25 14.68 -13.50
CA HIS D 288 16.38 14.88 -14.39
C HIS D 288 16.73 16.37 -14.33
N ALA D 289 17.90 16.68 -13.79
CA ALA D 289 18.48 18.00 -13.91
C ALA D 289 19.38 18.00 -15.15
N THR D 290 19.26 19.03 -15.97
CA THR D 290 20.10 19.14 -17.16
C THR D 290 20.71 20.52 -17.29
N PHE D 291 22.00 20.54 -17.62
CA PHE D 291 22.75 21.74 -17.95
C PHE D 291 22.93 21.91 -19.46
N MET D 292 22.24 21.11 -20.26
CA MET D 292 22.16 21.39 -21.68
C MET D 292 21.60 22.79 -21.89
N CYS D 293 22.25 23.56 -22.75
CA CYS D 293 21.94 24.97 -22.87
C CYS D 293 20.46 25.19 -23.19
N LYS D 294 19.95 24.51 -24.21
CA LYS D 294 18.58 24.72 -24.65
C LYS D 294 17.98 23.37 -25.06
N PRO D 295 17.31 22.68 -24.13
CA PRO D 295 16.71 21.40 -24.49
C PRO D 295 15.67 21.58 -25.58
N ALA D 296 15.51 20.54 -26.41
CA ALA D 296 14.48 20.50 -27.45
C ALA D 296 13.14 20.12 -26.81
N ILE D 297 12.66 21.02 -25.96
CA ILE D 297 11.36 20.87 -25.29
C ILE D 297 10.64 22.20 -25.43
N ASN D 298 9.38 22.15 -25.87
CA ASN D 298 8.65 23.37 -26.15
C ASN D 298 8.64 24.27 -24.92
N GLY D 299 8.94 25.55 -25.12
CA GLY D 299 8.93 26.53 -24.05
C GLY D 299 10.22 26.71 -23.31
N PHE D 300 11.23 25.88 -23.57
CA PHE D 300 12.48 25.96 -22.83
C PHE D 300 13.39 26.94 -23.55
N PHE D 301 13.73 28.04 -22.89
CA PHE D 301 14.64 29.03 -23.43
C PHE D 301 16.07 28.71 -22.94
N ALA D 302 17.04 29.34 -23.58
CA ALA D 302 18.43 29.00 -23.31
C ALA D 302 18.81 29.31 -21.86
N SER D 303 19.60 28.42 -21.27
CA SER D 303 20.22 28.61 -19.97
C SER D 303 21.63 29.13 -20.19
N GLY D 304 22.12 29.95 -19.26
CA GLY D 304 23.45 30.50 -19.36
C GLY D 304 24.29 30.22 -18.12
N TRP D 305 25.61 30.23 -18.30
CA TRP D 305 26.58 30.19 -17.20
C TRP D 305 27.37 31.49 -17.28
N HIS D 306 26.96 32.49 -16.50
CA HIS D 306 27.67 33.75 -16.42
C HIS D 306 28.77 33.62 -15.39
N MET D 307 29.99 34.01 -15.76
CA MET D 307 31.18 33.88 -14.91
C MET D 307 31.49 35.25 -14.31
N HIS D 308 31.21 35.40 -13.01
CA HIS D 308 31.55 36.61 -12.26
C HIS D 308 32.97 36.45 -11.74
N GLN D 309 33.82 37.45 -12.01
CA GLN D 309 35.23 37.29 -11.76
C GLN D 309 35.89 38.60 -11.37
N SER D 310 36.76 38.50 -10.38
CA SER D 310 37.63 39.58 -9.97
C SER D 310 39.03 39.01 -9.67
N LEU D 311 40.03 39.88 -9.66
CA LEU D 311 41.38 39.52 -9.29
C LEU D 311 41.71 40.16 -7.95
N VAL D 312 42.25 39.41 -6.98
CA VAL D 312 42.69 40.00 -5.68
C VAL D 312 44.22 39.99 -5.68
N ASP D 313 44.85 40.64 -4.70
CA ASP D 313 46.32 40.62 -4.54
C ASP D 313 46.65 39.30 -3.87
N LYS D 314 47.73 38.64 -4.27
CA LYS D 314 48.16 37.34 -3.70
C LYS D 314 48.45 37.50 -2.21
N ASP D 315 48.85 38.69 -1.74
CA ASP D 315 49.27 38.93 -0.33
C ASP D 315 48.23 39.71 0.47
N THR D 316 47.67 40.81 -0.06
CA THR D 316 46.70 41.68 0.66
C THR D 316 45.29 41.09 0.56
N ARG D 317 45.01 40.27 -0.47
CA ARG D 317 43.69 39.62 -0.67
C ARG D 317 42.62 40.71 -0.78
N LYS D 318 42.92 41.83 -1.44
CA LYS D 318 41.96 42.92 -1.64
C LYS D 318 41.65 42.98 -3.13
N ASN D 319 40.39 43.25 -3.48
CA ASN D 319 39.96 43.27 -4.88
C ASN D 319 40.72 44.35 -5.67
N LEU D 320 41.46 43.94 -6.70
CA LEU D 320 42.21 44.86 -7.52
C LEU D 320 41.43 45.34 -8.73
N PHE D 321 40.12 45.15 -8.72
CA PHE D 321 39.27 45.70 -9.77
C PHE D 321 38.49 46.93 -9.33
N ILE D 322 38.55 47.28 -8.05
CA ILE D 322 37.70 48.32 -7.47
C ILE D 322 37.95 49.67 -8.13
N PRO D 323 36.92 50.35 -8.62
CA PRO D 323 37.17 51.62 -9.33
C PRO D 323 37.31 52.83 -8.41
N SER D 324 37.87 53.92 -8.96
CA SER D 324 37.94 55.22 -8.27
C SER D 324 36.72 55.99 -8.76
N GLU D 325 36.50 57.23 -8.33
CA GLU D 325 35.26 57.97 -8.64
C GLU D 325 34.95 58.01 -10.14
N GLY D 326 35.86 58.39 -11.02
CA GLY D 326 35.56 58.56 -12.46
C GLY D 326 35.82 57.33 -13.32
N GLU D 327 35.69 56.12 -12.79
CA GLU D 327 36.02 54.86 -13.49
C GLU D 327 34.94 53.81 -13.24
N VAL D 328 34.70 52.89 -14.19
CA VAL D 328 33.79 51.72 -13.97
C VAL D 328 34.65 50.57 -13.43
N LEU D 329 35.96 50.57 -13.70
CA LEU D 329 36.89 49.54 -13.17
C LEU D 329 38.25 50.18 -12.99
N SER D 330 39.11 49.56 -12.20
CA SER D 330 40.51 49.98 -12.03
C SER D 330 41.20 49.78 -13.37
N PRO D 331 42.32 50.45 -13.70
CA PRO D 331 43.05 50.15 -14.93
C PRO D 331 43.37 48.67 -15.12
N LEU D 332 43.72 47.93 -14.07
CA LEU D 332 43.99 46.46 -14.14
C LEU D 332 42.73 45.77 -14.64
N GLY D 333 41.58 46.07 -14.05
CA GLY D 333 40.31 45.46 -14.43
C GLY D 333 39.85 45.86 -15.80
N ARG D 334 40.20 47.04 -16.25
CA ARG D 334 39.85 47.53 -17.61
C ARG D 334 40.73 46.80 -18.61
N ALA D 335 41.97 46.51 -18.26
CA ALA D 335 42.92 45.77 -19.12
C ALA D 335 42.55 44.29 -19.09
N TYR D 336 42.06 43.77 -17.97
CA TYR D 336 41.61 42.36 -17.85
C TYR D 336 40.41 42.20 -18.78
N ALA D 337 39.48 43.15 -18.81
CA ALA D 337 38.32 43.10 -19.67
C ALA D 337 38.73 43.16 -21.14
N GLY D 338 39.71 44.00 -21.47
CA GLY D 338 40.20 44.05 -22.84
C GLY D 338 40.74 42.71 -23.30
N GLY D 339 41.47 42.01 -22.42
CA GLY D 339 41.94 40.68 -22.77
C GLY D 339 40.78 39.71 -22.97
N LEU D 340 39.77 39.79 -22.11
CA LEU D 340 38.58 38.95 -22.31
C LEU D 340 37.97 39.20 -23.67
N LEU D 341 37.76 40.47 -24.02
CA LEU D 341 37.08 40.83 -25.27
C LEU D 341 37.92 40.44 -26.50
N ALA D 342 39.22 40.74 -26.46
CA ALA D 342 40.06 40.48 -27.63
C ALA D 342 40.17 38.99 -27.93
N ASN D 343 40.11 38.15 -26.91
CA ASN D 343 40.30 36.71 -27.07
C ASN D 343 38.97 35.96 -26.96
N GLY D 344 37.85 36.66 -26.97
CA GLY D 344 36.57 36.00 -26.74
C GLY D 344 36.15 35.08 -27.85
N SER D 345 36.59 35.35 -29.07
CA SER D 345 36.27 34.46 -30.18
C SER D 345 37.13 33.21 -30.15
N ALA D 346 38.43 33.38 -29.90
CA ALA D 346 39.32 32.23 -29.85
C ALA D 346 38.94 31.29 -28.71
N ALA D 347 38.46 31.84 -27.59
CA ALA D 347 38.06 31.06 -26.44
C ALA D 347 36.63 30.55 -26.50
N SER D 348 35.91 30.82 -27.59
CA SER D 348 34.48 30.52 -27.62
C SER D 348 34.21 29.03 -27.43
N SER D 349 35.03 28.17 -28.04
CA SER D 349 34.84 26.73 -27.91
C SER D 349 35.05 26.25 -26.49
N PHE D 350 35.73 27.04 -25.65
CA PHE D 350 35.94 26.68 -24.25
C PHE D 350 34.84 27.18 -23.34
N THR D 351 34.36 28.40 -23.56
CA THR D 351 33.23 28.90 -22.78
C THR D 351 31.91 28.29 -23.26
N THR D 352 31.83 27.95 -24.55
CA THR D 352 30.59 27.50 -25.19
C THR D 352 30.94 26.27 -26.03
N PRO D 353 31.21 25.13 -25.37
CA PRO D 353 31.75 23.97 -26.10
C PRO D 353 30.74 23.17 -26.91
N THR D 354 29.45 23.25 -26.61
CA THR D 354 28.47 22.42 -27.28
C THR D 354 27.91 23.12 -28.52
N VAL D 355 27.47 22.31 -29.49
CA VAL D 355 26.73 22.87 -30.61
C VAL D 355 25.52 23.66 -30.08
N ASN D 356 24.79 23.04 -29.16
CA ASN D 356 23.53 23.60 -28.69
C ASN D 356 23.73 24.95 -28.01
N GLY D 357 24.91 25.19 -27.42
CA GLY D 357 25.13 26.45 -26.74
C GLY D 357 25.10 27.66 -27.67
N TYR D 358 25.38 27.45 -28.95
CA TYR D 358 25.37 28.58 -29.86
C TYR D 358 23.97 29.00 -30.23
N ARG D 359 22.94 28.33 -29.69
CA ARG D 359 21.59 28.86 -29.78
C ARG D 359 21.48 30.17 -29.03
N ARG D 360 22.43 30.46 -28.13
CA ARG D 360 22.43 31.73 -27.41
C ARG D 360 23.09 32.87 -28.17
N ARG D 361 23.78 32.59 -29.28
CA ARG D 361 24.50 33.63 -30.02
C ARG D 361 23.53 34.34 -30.97
N GLN D 362 22.64 35.13 -30.37
CA GLN D 362 21.62 35.85 -31.12
C GLN D 362 21.31 37.15 -30.38
N PRO D 363 20.78 38.16 -31.07
CA PRO D 363 20.99 39.55 -30.64
C PRO D 363 20.03 40.18 -29.64
N TYR D 364 19.00 39.53 -29.10
CA TYR D 364 18.10 40.22 -28.15
C TYR D 364 17.65 39.26 -27.06
N SER D 365 18.62 38.56 -26.48
CA SER D 365 18.38 37.37 -25.67
C SER D 365 18.97 37.42 -24.28
N LEU D 366 19.47 38.58 -23.86
CA LEU D 366 20.24 38.73 -22.62
C LEU D 366 21.46 37.80 -22.61
N ALA D 367 21.98 37.53 -23.79
CA ALA D 367 23.16 36.73 -24.03
C ALA D 367 23.98 37.43 -25.10
N PRO D 368 25.29 37.25 -25.08
CA PRO D 368 26.13 38.06 -25.96
C PRO D 368 26.19 37.51 -27.37
N ASP D 369 26.18 38.43 -28.35
CA ASP D 369 26.48 38.08 -29.73
C ASP D 369 27.67 38.87 -30.23
N ARG D 370 28.31 39.66 -29.37
CA ARG D 370 29.33 40.61 -29.81
C ARG D 370 30.41 40.74 -28.76
N ARG D 371 31.60 41.16 -29.18
CA ARG D 371 32.72 41.38 -28.27
C ARG D 371 32.67 42.84 -27.80
N ALA D 372 31.76 43.08 -26.86
CA ALA D 372 31.53 44.41 -26.30
C ALA D 372 31.35 44.31 -24.79
N TRP D 373 31.85 45.34 -24.11
CA TRP D 373 31.61 45.50 -22.69
C TRP D 373 30.72 46.71 -22.44
N ALA D 374 30.02 46.68 -21.31
CA ALA D 374 29.09 47.73 -20.94
C ALA D 374 28.90 47.63 -19.43
N LYS D 375 28.49 48.73 -18.83
CA LYS D 375 28.23 48.74 -17.39
C LYS D 375 26.79 48.30 -17.16
N ASP D 376 26.61 47.24 -16.40
CA ASP D 376 25.30 46.82 -15.91
C ASP D 376 24.28 46.72 -17.05
N ASN D 377 24.73 46.23 -18.18
CA ASN D 377 23.86 46.00 -19.34
C ASN D 377 24.02 44.53 -19.68
N LYS D 378 22.96 43.76 -19.50
CA LYS D 378 23.01 42.33 -19.71
C LYS D 378 22.94 41.94 -21.18
N ALA D 379 23.00 42.90 -22.10
CA ALA D 379 23.07 42.60 -23.52
C ALA D 379 24.49 42.42 -24.03
N ALA D 380 25.49 42.73 -23.22
CA ALA D 380 26.88 42.74 -23.64
C ALA D 380 27.58 41.43 -23.26
N MET D 381 28.71 41.19 -23.89
CA MET D 381 29.53 40.05 -23.51
C MET D 381 30.14 40.24 -22.13
N VAL D 382 30.68 41.42 -21.86
CA VAL D 382 31.27 41.76 -20.56
C VAL D 382 30.37 42.82 -19.91
N ARG D 383 29.74 42.45 -18.79
CA ARG D 383 28.93 43.36 -17.99
C ARG D 383 29.75 43.74 -16.76
N VAL D 384 29.95 45.04 -16.56
CA VAL D 384 30.72 45.51 -15.41
C VAL D 384 29.74 45.77 -14.28
N VAL D 385 29.96 45.12 -13.14
CA VAL D 385 29.17 45.37 -11.93
C VAL D 385 30.09 46.03 -10.93
N SER D 386 29.87 47.31 -10.63
CA SER D 386 30.81 47.98 -9.76
C SER D 386 30.24 49.29 -9.22
N ALA D 387 30.88 49.78 -8.16
CA ALA D 387 30.70 51.11 -7.62
C ALA D 387 32.01 51.51 -6.97
N THR D 388 32.21 52.82 -6.83
CA THR D 388 33.48 53.30 -6.28
C THR D 388 33.65 52.77 -4.87
N GLY D 389 34.80 52.14 -4.61
CA GLY D 389 35.10 51.62 -3.29
C GLY D 389 34.45 50.30 -2.95
N ASP D 390 33.66 49.72 -3.86
CA ASP D 390 32.87 48.54 -3.53
C ASP D 390 33.68 47.28 -3.80
N PRO D 391 34.02 46.48 -2.78
CA PRO D 391 34.81 45.26 -3.02
C PRO D 391 34.08 44.22 -3.84
N ALA D 392 32.80 44.43 -4.12
CA ALA D 392 32.06 43.57 -5.02
C ALA D 392 32.28 43.90 -6.48
N SER D 393 33.04 44.94 -6.78
CA SER D 393 33.31 45.32 -8.16
C SER D 393 33.92 44.15 -8.91
N ARG D 394 33.46 43.92 -10.14
CA ARG D 394 33.83 42.70 -10.85
C ARG D 394 33.37 42.77 -12.30
N ILE D 395 33.81 41.78 -13.07
CA ILE D 395 33.36 41.57 -14.44
C ILE D 395 32.46 40.34 -14.48
N GLU D 396 31.37 40.42 -15.22
CA GLU D 396 30.54 39.27 -15.53
C GLU D 396 30.70 38.97 -17.02
N ASN D 397 31.27 37.81 -17.34
CA ASN D 397 31.32 37.32 -18.71
C ASN D 397 30.12 36.42 -18.93
N ARG D 398 29.21 36.87 -19.79
CA ARG D 398 27.93 36.21 -20.00
C ARG D 398 27.98 35.19 -21.14
N ILE D 399 29.18 34.87 -21.64
CA ILE D 399 29.29 34.04 -22.83
C ILE D 399 29.13 32.56 -22.53
N GLY D 400 29.38 32.12 -21.30
CA GLY D 400 29.43 30.71 -21.04
C GLY D 400 28.08 30.04 -21.05
N GLU D 401 28.10 28.71 -21.24
CA GLU D 401 26.92 27.87 -21.19
C GLU D 401 27.02 26.94 -19.99
N PRO D 402 25.89 26.51 -19.41
CA PRO D 402 25.98 25.70 -18.19
C PRO D 402 26.77 24.41 -18.37
N GLY D 403 26.77 23.84 -19.58
CA GLY D 403 27.47 22.60 -19.84
C GLY D 403 28.96 22.73 -20.09
N ALA D 404 29.53 23.92 -19.91
CA ALA D 404 30.96 24.09 -20.11
C ALA D 404 31.76 23.27 -19.10
N ASN D 405 32.95 22.86 -19.52
CA ASN D 405 33.92 22.24 -18.62
C ASN D 405 34.42 23.31 -17.66
N PRO D 406 34.21 23.19 -16.35
CA PRO D 406 34.61 24.29 -15.46
C PRO D 406 36.08 24.67 -15.60
N TYR D 407 36.96 23.68 -15.73
CA TYR D 407 38.39 23.98 -15.81
C TYR D 407 38.70 24.81 -17.04
N LEU D 408 38.17 24.41 -18.20
CA LEU D 408 38.51 25.12 -19.43
C LEU D 408 37.90 26.51 -19.46
N TYR D 409 36.65 26.65 -18.99
CA TYR D 409 36.01 27.96 -18.91
C TYR D 409 36.79 28.90 -18.02
N MET D 410 37.03 28.50 -16.76
CA MET D 410 37.75 29.38 -15.86
C MET D 410 39.18 29.67 -16.37
N ALA D 411 39.86 28.65 -16.93
CA ALA D 411 41.23 28.85 -17.44
C ALA D 411 41.23 29.77 -18.64
N SER D 412 40.26 29.64 -19.53
CA SER D 412 40.18 30.57 -20.63
C SER D 412 40.02 31.98 -20.11
N GLN D 413 39.25 32.16 -19.03
CA GLN D 413 39.10 33.49 -18.48
C GLN D 413 40.42 34.02 -17.95
N ILE D 414 41.12 33.19 -17.17
CA ILE D 414 42.38 33.63 -16.59
C ILE D 414 43.37 33.99 -17.68
N VAL D 415 43.46 33.14 -18.71
CA VAL D 415 44.44 33.34 -19.76
C VAL D 415 44.17 34.61 -20.54
N SER D 416 42.90 34.82 -20.97
CA SER D 416 42.55 35.99 -21.74
C SER D 416 42.77 37.26 -20.92
N GLY D 417 42.29 37.27 -19.68
CA GLY D 417 42.42 38.44 -18.86
C GLY D 417 43.86 38.80 -18.59
N LEU D 418 44.71 37.80 -18.27
CA LEU D 418 46.11 38.11 -17.98
C LEU D 418 46.82 38.59 -19.24
N ASP D 419 46.44 38.06 -20.40
CA ASP D 419 46.97 38.58 -21.65
C ASP D 419 46.61 40.05 -21.82
N GLY D 420 45.35 40.40 -21.53
CA GLY D 420 44.94 41.79 -21.55
C GLY D 420 45.75 42.65 -20.58
N ILE D 421 45.97 42.15 -19.36
CA ILE D 421 46.77 42.89 -18.38
C ILE D 421 48.17 43.12 -18.90
N LYS D 422 48.85 42.07 -19.38
CA LYS D 422 50.24 42.25 -19.78
C LYS D 422 50.37 43.13 -21.01
N ASN D 423 49.41 43.09 -21.94
CA ASN D 423 49.47 43.97 -23.11
C ASN D 423 48.70 45.26 -22.94
N LYS D 424 48.28 45.57 -21.71
CA LYS D 424 47.57 46.79 -21.41
C LYS D 424 46.55 47.10 -22.50
N LYS D 425 45.70 46.13 -22.80
CA LYS D 425 44.74 46.28 -23.89
C LYS D 425 43.62 47.21 -23.45
N ASP D 426 43.06 47.93 -24.40
CA ASP D 426 42.01 48.90 -24.12
C ASP D 426 40.67 48.23 -24.43
N PRO D 427 39.76 48.12 -23.45
CA PRO D 427 38.46 47.50 -23.73
C PRO D 427 37.63 48.35 -24.66
N GLY D 428 37.97 49.63 -24.78
CA GLY D 428 37.25 50.55 -25.65
C GLY D 428 36.19 51.28 -24.86
N GLU D 429 35.12 51.67 -25.54
CA GLU D 429 34.07 52.46 -24.92
C GLU D 429 32.97 51.53 -24.44
N LEU D 430 32.42 51.86 -23.27
CA LEU D 430 31.28 51.14 -22.72
C LEU D 430 30.10 51.37 -23.66
N GLN D 431 29.43 50.28 -24.04
CA GLN D 431 28.33 50.33 -25.01
C GLN D 431 27.03 50.58 -24.26
N GLU D 432 26.31 51.66 -24.60
CA GLU D 432 25.01 51.92 -23.99
C GLU D 432 23.99 50.92 -24.52
N SER D 433 24.08 50.57 -25.82
CA SER D 433 23.18 49.61 -26.48
C SER D 433 24.08 48.54 -27.07
N PRO D 434 24.50 47.54 -26.28
CA PRO D 434 25.47 46.57 -26.80
C PRO D 434 25.05 45.89 -28.08
N TYR D 435 23.76 45.71 -28.34
CA TYR D 435 23.36 45.00 -29.57
C TYR D 435 23.40 45.87 -30.83
N ASP D 436 23.73 47.15 -30.72
CA ASP D 436 23.93 48.01 -31.88
C ASP D 436 25.38 48.45 -32.01
N ALA D 437 26.30 47.81 -31.29
CA ALA D 437 27.69 48.19 -31.30
C ALA D 437 28.36 47.66 -32.57
N GLN D 438 29.23 48.48 -33.16
CA GLN D 438 29.95 48.05 -34.35
C GLN D 438 31.29 47.46 -33.93
N VAL D 439 31.20 46.30 -33.29
CA VAL D 439 32.38 45.58 -32.77
C VAL D 439 32.37 44.18 -33.37
N PRO D 440 33.47 43.45 -33.29
CA PRO D 440 33.51 42.11 -33.90
C PRO D 440 32.41 41.22 -33.31
N MET D 441 31.73 40.48 -34.18
CA MET D 441 30.69 39.57 -33.75
C MET D 441 31.33 38.31 -33.20
N LEU D 442 30.64 37.65 -32.27
CA LEU D 442 31.17 36.41 -31.76
C LEU D 442 30.79 35.26 -32.69
N PRO D 443 31.53 34.15 -32.64
CA PRO D 443 31.20 33.02 -33.50
C PRO D 443 29.76 32.55 -33.26
N THR D 444 29.08 32.23 -34.35
CA THR D 444 27.68 31.81 -34.29
C THR D 444 27.48 30.30 -34.33
N THR D 445 28.53 29.52 -34.57
CA THR D 445 28.44 28.06 -34.53
C THR D 445 29.71 27.51 -33.89
N LEU D 446 29.65 26.26 -33.43
CA LEU D 446 30.83 25.63 -32.87
C LEU D 446 31.93 25.54 -33.93
N ALA D 447 31.55 25.24 -35.17
CA ALA D 447 32.51 25.24 -36.25
C ALA D 447 33.20 26.59 -36.36
N GLU D 448 32.44 27.68 -36.24
CA GLU D 448 33.05 29.00 -36.30
C GLU D 448 33.97 29.24 -35.10
N ALA D 449 33.57 28.77 -33.92
CA ALA D 449 34.45 28.93 -32.76
C ALA D 449 35.76 28.20 -32.97
N LEU D 450 35.69 27.01 -33.56
CA LEU D 450 36.92 26.25 -33.84
C LEU D 450 37.76 26.93 -34.91
N ASP D 451 37.12 27.48 -35.94
CA ASP D 451 37.86 28.26 -36.91
C ASP D 451 38.57 29.42 -36.22
N ALA D 452 37.86 30.13 -35.34
CA ALA D 452 38.44 31.28 -34.67
C ALA D 452 39.64 30.89 -33.83
N LEU D 453 39.54 29.75 -33.14
CA LEU D 453 40.67 29.26 -32.36
C LEU D 453 41.85 28.91 -33.27
N GLU D 454 41.58 28.27 -34.42
CA GLU D 454 42.66 27.82 -35.27
C GLU D 454 43.46 28.98 -35.84
N HIS D 455 42.78 30.07 -36.18
CA HIS D 455 43.35 31.25 -36.81
C HIS D 455 43.92 32.23 -35.80
N ASP D 456 43.64 32.03 -34.52
CA ASP D 456 44.16 32.86 -33.43
C ASP D 456 44.60 31.99 -32.26
N SER D 457 45.50 31.04 -32.54
CA SER D 457 45.79 29.96 -31.62
C SER D 457 46.98 30.19 -30.71
N GLU D 458 47.76 31.26 -30.89
CA GLU D 458 49.01 31.38 -30.15
C GLU D 458 48.80 31.36 -28.64
N LEU D 459 47.91 32.22 -28.11
CA LEU D 459 47.78 32.37 -26.66
C LEU D 459 47.37 31.06 -26.00
N PHE D 460 46.42 30.35 -26.60
CA PHE D 460 45.93 29.12 -25.99
C PHE D 460 46.86 27.95 -26.25
N ARG D 461 47.63 27.97 -27.36
CA ARG D 461 48.68 26.97 -27.51
C ARG D 461 49.76 27.16 -26.48
N SER D 462 50.08 28.41 -26.15
CA SER D 462 51.13 28.71 -25.19
C SER D 462 50.70 28.37 -23.77
N CYS D 463 49.46 28.72 -23.40
CA CYS D 463 49.07 28.55 -22.00
C CYS D 463 48.36 27.22 -21.74
N PHE D 464 47.48 26.77 -22.63
CA PHE D 464 46.85 25.47 -22.45
C PHE D 464 47.77 24.33 -22.91
N GLY D 465 48.64 24.60 -23.87
CA GLY D 465 49.57 23.63 -24.41
C GLY D 465 49.25 23.31 -25.86
N ASP D 466 50.31 23.21 -26.68
CA ASP D 466 50.15 22.96 -28.11
C ASP D 466 49.47 21.62 -28.37
N THR D 467 49.90 20.57 -27.66
CA THR D 467 49.27 19.27 -27.85
C THR D 467 47.80 19.31 -27.49
N PHE D 468 47.44 19.97 -26.39
CA PHE D 468 46.03 20.00 -26.03
C PHE D 468 45.21 20.69 -27.11
N ILE D 469 45.74 21.78 -27.68
CA ILE D 469 44.98 22.51 -28.69
C ILE D 469 44.80 21.67 -29.96
N LYS D 470 45.86 20.98 -30.41
CA LYS D 470 45.71 20.10 -31.58
C LYS D 470 44.66 19.03 -31.32
N TYR D 471 44.75 18.37 -30.15
CA TYR D 471 43.78 17.33 -29.79
C TYR D 471 42.36 17.88 -29.77
N TRP D 472 42.18 19.03 -29.13
CA TRP D 472 40.87 19.67 -29.02
C TRP D 472 40.29 19.97 -30.38
N LEU D 473 41.09 20.59 -31.25
CA LEU D 473 40.59 20.94 -32.58
C LEU D 473 40.12 19.68 -33.31
N GLN D 474 40.95 18.63 -33.27
CA GLN D 474 40.57 17.40 -33.97
C GLN D 474 39.27 16.82 -33.42
N LEU D 475 39.18 16.68 -32.10
CA LEU D 475 38.00 16.07 -31.48
C LEU D 475 36.75 16.87 -31.80
N ARG D 476 36.77 18.17 -31.51
CA ARG D 476 35.57 18.99 -31.67
C ARG D 476 35.14 19.06 -33.13
N ARG D 477 36.09 19.10 -34.07
CA ARG D 477 35.69 19.13 -35.47
C ARG D 477 35.02 17.82 -35.86
N SER D 478 35.51 16.70 -35.31
CA SER D 478 34.84 15.43 -35.61
C SER D 478 33.40 15.45 -35.12
N GLU D 479 33.19 16.02 -33.93
CA GLU D 479 31.81 16.12 -33.44
C GLU D 479 30.98 17.04 -34.33
N TRP D 480 31.55 18.16 -34.77
CA TRP D 480 30.81 19.06 -35.65
C TRP D 480 30.44 18.38 -36.95
N ALA D 481 31.37 17.60 -37.53
CA ALA D 481 31.06 16.87 -38.76
C ALA D 481 29.91 15.90 -38.55
N ARG D 482 29.88 15.24 -37.38
CA ARG D 482 28.75 14.36 -37.09
C ARG D 482 27.44 15.15 -37.08
N PHE D 483 27.42 16.30 -36.39
CA PHE D 483 26.20 17.08 -36.34
C PHE D 483 25.78 17.54 -37.74
N LEU D 484 26.75 17.96 -38.57
CA LEU D 484 26.42 18.47 -39.89
C LEU D 484 25.87 17.35 -40.78
N ASP D 485 26.46 16.15 -40.69
CA ASP D 485 25.94 15.01 -41.44
C ASP D 485 24.56 14.61 -40.97
N ALA D 486 24.24 14.82 -39.70
CA ALA D 486 22.94 14.38 -39.20
C ALA D 486 21.83 15.39 -39.49
N GLU D 487 22.12 16.68 -39.39
CA GLU D 487 21.08 17.71 -39.49
C GLU D 487 21.23 18.65 -40.67
N GLY D 488 22.45 18.91 -41.14
CA GLY D 488 22.65 19.80 -42.27
C GLY D 488 23.03 21.21 -41.84
N ALA D 489 23.45 22.01 -42.84
CA ALA D 489 23.91 23.36 -42.53
C ALA D 489 22.76 24.25 -42.12
N GLU D 490 21.60 24.06 -42.75
CA GLU D 490 20.47 24.91 -42.45
C GLU D 490 20.18 24.95 -40.94
N ALA D 491 20.37 23.82 -40.27
CA ALA D 491 20.08 23.73 -38.85
C ALA D 491 21.01 24.55 -37.98
N ALA D 492 22.27 24.73 -38.39
CA ALA D 492 23.23 25.34 -37.47
C ALA D 492 22.87 26.77 -37.08
N GLU D 493 22.21 27.52 -37.96
CA GLU D 493 21.89 28.93 -37.70
C GLU D 493 21.28 29.10 -36.31
N PRO D 494 21.85 29.97 -35.45
CA PRO D 494 21.42 30.03 -34.04
C PRO D 494 19.92 30.12 -33.76
N THR D 495 19.18 30.94 -34.50
CA THR D 495 17.77 31.13 -34.19
C THR D 495 16.92 29.93 -34.60
N GLY D 496 17.50 28.96 -35.31
CA GLY D 496 16.75 27.78 -35.68
C GLY D 496 16.33 26.96 -34.47
N ALA D 497 15.31 26.11 -34.69
CA ALA D 497 14.84 25.23 -33.63
C ALA D 497 15.94 24.25 -33.23
N VAL D 498 15.91 23.83 -31.97
CA VAL D 498 16.87 22.85 -31.49
C VAL D 498 16.60 21.52 -32.17
N THR D 499 17.66 20.89 -32.69
CA THR D 499 17.54 19.67 -33.46
C THR D 499 17.51 18.45 -32.54
N GLN D 500 17.04 17.33 -33.10
CA GLN D 500 17.06 16.07 -32.35
C GLN D 500 18.48 15.60 -32.08
N TRP D 501 19.42 15.89 -33.00
CA TRP D 501 20.82 15.55 -32.75
C TRP D 501 21.32 16.18 -31.47
N GLU D 502 20.99 17.46 -31.24
CA GLU D 502 21.45 18.15 -30.04
C GLU D 502 20.83 17.53 -28.79
N GLN D 503 19.52 17.23 -28.82
CA GLN D 503 18.87 16.62 -27.68
C GLN D 503 19.51 15.28 -27.35
N LYS D 504 19.77 14.46 -28.36
CA LYS D 504 20.33 13.14 -28.15
C LYS D 504 21.84 13.18 -27.91
N GLU D 505 22.48 14.32 -28.14
CA GLU D 505 23.89 14.47 -27.79
C GLU D 505 24.09 14.96 -26.37
N TYR D 506 23.20 15.82 -25.86
CA TYR D 506 23.48 16.55 -24.64
C TYR D 506 22.47 16.38 -23.52
N PHE D 507 21.21 16.06 -23.81
CA PHE D 507 20.18 16.14 -22.78
C PHE D 507 20.49 15.19 -21.63
N ASN D 508 20.86 13.95 -21.94
CA ASN D 508 21.03 12.96 -20.90
C ASN D 508 22.26 13.25 -20.04
N LEU D 509 23.38 13.59 -20.66
CA LEU D 509 24.63 13.59 -19.91
C LEU D 509 24.99 14.96 -19.34
N LEU D 510 24.63 16.04 -20.02
CA LEU D 510 24.97 17.37 -19.53
C LEU D 510 23.95 17.82 -18.48
N ASP E 21 35.45 -43.54 9.36
CA ASP E 21 36.01 -42.23 9.02
C ASP E 21 36.79 -42.29 7.71
N PHE E 22 36.01 -42.11 6.64
CA PHE E 22 36.53 -42.10 5.28
C PHE E 22 37.64 -41.07 5.13
N ILE E 23 37.46 -39.91 5.76
CA ILE E 23 38.39 -38.80 5.57
C ILE E 23 39.75 -39.14 6.17
N THR E 24 39.78 -39.55 7.44
CA THR E 24 41.04 -39.89 8.11
C THR E 24 41.63 -41.16 7.52
N LYS E 25 40.80 -42.17 7.28
CA LYS E 25 41.29 -43.44 6.75
C LYS E 25 42.11 -43.21 5.49
N ASN E 26 41.65 -42.31 4.63
CA ASN E 26 42.36 -42.00 3.40
C ASN E 26 43.20 -40.74 3.52
N ASN E 27 43.36 -40.20 4.73
CA ASN E 27 44.24 -39.06 4.99
C ASN E 27 44.02 -37.94 3.98
N LEU E 28 42.76 -37.54 3.85
CA LEU E 28 42.36 -36.53 2.87
C LEU E 28 42.45 -35.10 3.41
N TRP E 29 42.58 -34.94 4.73
CA TRP E 29 42.63 -33.61 5.35
C TRP E 29 44.01 -33.37 5.94
N THR E 30 44.55 -32.19 5.70
CA THR E 30 45.77 -31.80 6.42
C THR E 30 45.41 -31.42 7.85
N ASN E 31 46.42 -31.21 8.67
CA ASN E 31 46.18 -30.73 10.02
C ASN E 31 45.53 -29.36 9.99
N GLU E 32 45.94 -28.52 9.02
CA GLU E 32 45.30 -27.22 8.89
C GLU E 32 43.80 -27.39 8.64
N GLN E 33 43.45 -28.31 7.72
CA GLN E 33 42.06 -28.58 7.39
C GLN E 33 41.26 -29.08 8.59
N ARG E 34 41.84 -30.00 9.40
CA ARG E 34 41.08 -30.54 10.53
C ARG E 34 40.83 -29.47 11.59
N ASP E 35 41.84 -28.65 11.90
CA ASP E 35 41.59 -27.59 12.87
C ASP E 35 40.58 -26.60 12.32
N ALA E 36 40.68 -26.29 11.02
CA ALA E 36 39.68 -25.40 10.43
C ALA E 36 38.29 -25.99 10.59
N ALA E 37 38.16 -27.31 10.39
CA ALA E 37 36.87 -27.97 10.58
C ALA E 37 36.37 -27.73 12.01
N ASP E 38 37.25 -27.82 13.01
CA ASP E 38 36.77 -27.59 14.37
C ASP E 38 36.21 -26.17 14.54
N LYS E 39 36.93 -25.18 13.99
CA LYS E 39 36.45 -23.80 14.18
C LYS E 39 35.21 -23.53 13.35
N VAL E 40 35.04 -24.24 12.23
CA VAL E 40 33.83 -24.06 11.43
C VAL E 40 32.63 -24.59 12.19
N LEU E 41 32.77 -25.74 12.85
CA LEU E 41 31.64 -26.25 13.64
C LEU E 41 31.31 -25.31 14.78
N ALA E 42 32.34 -24.67 15.35
CA ALA E 42 32.08 -23.70 16.41
C ALA E 42 31.31 -22.50 15.87
N GLU E 43 31.67 -22.03 14.66
CA GLU E 43 30.98 -20.87 14.13
C GLU E 43 29.53 -21.24 13.80
N ILE E 44 29.31 -22.46 13.32
CA ILE E 44 27.96 -22.90 13.00
C ILE E 44 27.09 -22.90 14.26
N ASP E 45 27.62 -23.40 15.38
CA ASP E 45 26.78 -23.39 16.59
C ASP E 45 26.57 -21.99 17.10
N SER E 46 27.63 -21.17 17.10
CA SER E 46 27.52 -19.81 17.64
C SER E 46 26.53 -18.95 16.85
N LEU E 47 26.49 -19.08 15.53
CA LEU E 47 25.58 -18.29 14.71
C LEU E 47 24.18 -18.87 14.61
N GLY E 48 23.99 -20.10 15.05
CA GLY E 48 22.69 -20.76 14.92
C GLY E 48 22.34 -21.05 13.47
N LEU E 49 23.35 -21.31 12.63
CA LEU E 49 23.10 -21.65 11.23
C LEU E 49 22.30 -22.94 11.16
N GLU E 50 21.45 -23.07 10.13
CA GLU E 50 20.61 -24.26 10.02
C GLU E 50 20.96 -25.14 8.83
N MET E 51 21.46 -24.54 7.75
CA MET E 51 21.86 -25.27 6.54
C MET E 51 23.30 -24.91 6.21
N ILE E 52 24.02 -25.84 5.58
CA ILE E 52 25.35 -25.60 5.04
C ILE E 52 25.37 -26.20 3.65
N ARG E 53 25.58 -25.36 2.63
CA ARG E 53 25.68 -25.88 1.27
C ARG E 53 27.06 -26.49 1.07
N LEU E 54 27.08 -27.67 0.45
CA LEU E 54 28.29 -28.38 0.08
C LEU E 54 28.29 -28.47 -1.44
N SER E 55 29.23 -27.75 -2.07
CA SER E 55 29.22 -27.56 -3.51
C SER E 55 30.59 -27.80 -4.13
N TRP E 56 30.58 -27.97 -5.45
CA TRP E 56 31.79 -28.18 -6.24
C TRP E 56 31.49 -27.70 -7.66
N ALA E 57 32.51 -27.17 -8.32
CA ALA E 57 32.38 -26.72 -9.70
C ALA E 57 32.34 -27.90 -10.65
N ASP E 58 31.39 -27.89 -11.59
CA ASP E 58 31.36 -28.89 -12.63
C ASP E 58 32.26 -28.44 -13.79
N GLN E 59 32.19 -29.15 -14.92
CA GLN E 59 33.08 -28.82 -16.03
C GLN E 59 32.88 -27.40 -16.53
N TYR E 60 31.68 -26.87 -16.38
CA TYR E 60 31.37 -25.52 -16.86
C TYR E 60 31.64 -24.45 -15.81
N GLY E 61 32.08 -24.82 -14.61
CA GLY E 61 32.24 -23.88 -13.53
C GLY E 61 30.99 -23.58 -12.73
N LEU E 62 29.92 -24.34 -12.93
CA LEU E 62 28.67 -24.08 -12.22
C LEU E 62 28.64 -24.90 -10.94
N LEU E 63 28.20 -24.26 -9.87
CA LEU E 63 28.24 -24.89 -8.57
C LEU E 63 27.13 -25.93 -8.48
N ARG E 64 27.51 -27.16 -8.14
CA ARG E 64 26.58 -28.27 -8.00
C ARG E 64 26.76 -28.87 -6.61
N GLY E 65 25.68 -29.43 -6.07
CA GLY E 65 25.81 -30.14 -4.82
C GLY E 65 24.54 -30.33 -4.02
N LYS E 66 24.66 -30.17 -2.70
CA LYS E 66 23.51 -30.34 -1.82
C LYS E 66 23.59 -29.28 -0.72
N SER E 67 22.45 -29.02 -0.09
CA SER E 67 22.41 -28.27 1.16
C SER E 67 22.13 -29.26 2.28
N LEU E 68 22.97 -29.25 3.30
CA LEU E 68 22.91 -30.22 4.39
C LEU E 68 22.48 -29.52 5.67
N THR E 69 21.88 -30.27 6.57
CA THR E 69 21.62 -29.75 7.90
C THR E 69 22.89 -29.81 8.74
N VAL E 70 22.85 -29.20 9.92
CA VAL E 70 24.03 -29.21 10.78
C VAL E 70 24.49 -30.63 11.05
N ALA E 71 23.56 -31.51 11.43
CA ALA E 71 23.92 -32.88 11.77
C ALA E 71 24.53 -33.60 10.57
N SER E 72 23.94 -33.42 9.39
CA SER E 72 24.49 -34.08 8.21
C SER E 72 25.87 -33.55 7.89
N LEU E 73 26.11 -32.26 8.12
CA LEU E 73 27.45 -31.73 7.85
C LEU E 73 28.47 -32.31 8.81
N LYS E 74 28.13 -32.41 10.11
CA LYS E 74 29.10 -33.02 11.02
C LYS E 74 29.35 -34.47 10.64
N SER E 75 28.35 -35.15 10.11
CA SER E 75 28.59 -36.51 9.62
C SER E 75 29.48 -36.50 8.38
N ALA E 76 29.28 -35.53 7.49
CA ALA E 76 30.10 -35.43 6.28
C ALA E 76 31.54 -35.04 6.58
N PHE E 77 31.78 -34.43 7.74
CA PHE E 77 33.14 -34.12 8.19
C PHE E 77 33.92 -35.38 8.56
N LYS E 78 33.24 -36.52 8.61
CA LYS E 78 33.84 -37.82 8.83
C LYS E 78 33.70 -38.77 7.65
N GLU E 79 32.52 -38.84 7.03
CA GLU E 79 32.28 -39.82 5.97
C GLU E 79 32.18 -39.23 4.59
N GLY E 80 32.15 -37.91 4.47
CA GLY E 80 31.87 -37.30 3.20
C GLY E 80 30.38 -37.40 2.93
N SER E 81 29.99 -37.03 1.71
CA SER E 81 28.58 -37.04 1.31
C SER E 81 28.52 -37.63 -0.08
N GLU E 82 27.84 -38.78 -0.25
CA GLU E 82 27.82 -39.44 -1.56
C GLU E 82 27.01 -38.60 -2.55
N VAL E 83 27.50 -38.51 -3.78
CA VAL E 83 26.83 -37.78 -4.84
C VAL E 83 27.10 -38.53 -6.14
N ALA E 84 26.27 -38.27 -7.14
CA ALA E 84 26.40 -38.89 -8.45
C ALA E 84 27.17 -37.98 -9.38
N ILE E 85 27.77 -38.57 -10.40
CA ILE E 85 28.59 -37.80 -11.32
C ILE E 85 27.78 -37.30 -12.51
N GLY E 86 26.46 -37.44 -12.44
CA GLY E 86 25.61 -37.11 -13.56
C GLY E 86 25.97 -35.81 -14.27
N PRO E 87 26.14 -34.75 -13.51
CA PRO E 87 26.48 -33.44 -14.14
C PRO E 87 27.62 -33.50 -15.13
N PHE E 88 28.68 -34.25 -14.83
CA PHE E 88 29.83 -34.32 -15.73
C PHE E 88 29.48 -34.91 -17.08
N PHE E 89 28.49 -35.82 -17.11
CA PHE E 89 28.07 -36.49 -18.31
C PHE E 89 26.91 -35.78 -19.02
N PHE E 90 26.50 -34.63 -18.52
CA PHE E 90 25.48 -33.81 -19.14
C PHE E 90 26.11 -32.53 -19.69
N ASP E 91 25.51 -31.97 -20.74
CA ASP E 91 25.84 -30.61 -21.14
C ASP E 91 24.92 -29.64 -20.38
N LEU E 92 24.94 -28.37 -20.76
CA LEU E 92 24.22 -27.36 -19.99
C LEU E 92 22.71 -27.61 -20.03
N VAL E 93 22.21 -28.27 -21.08
CA VAL E 93 20.78 -28.57 -21.18
C VAL E 93 20.49 -30.04 -20.89
N SER E 94 21.43 -30.79 -20.32
CA SER E 94 21.21 -32.18 -19.93
C SER E 94 21.01 -33.10 -21.14
N SER E 95 21.71 -32.82 -22.24
CA SER E 95 21.89 -33.82 -23.31
C SER E 95 22.77 -34.92 -22.74
N MET E 96 22.37 -36.18 -22.94
CA MET E 96 23.18 -37.28 -22.43
C MET E 96 24.29 -37.51 -23.45
N VAL E 97 25.48 -37.04 -23.11
CA VAL E 97 26.62 -37.15 -24.03
C VAL E 97 27.36 -38.47 -23.80
N PHE E 98 27.42 -38.95 -22.55
CA PHE E 98 28.04 -40.20 -22.18
C PHE E 98 26.96 -41.06 -21.54
N ASN E 99 26.84 -42.30 -22.02
CA ASN E 99 25.79 -43.19 -21.50
C ASN E 99 25.98 -43.37 -19.99
N LEU E 100 24.89 -43.24 -19.23
CA LEU E 100 24.90 -43.26 -17.77
C LEU E 100 24.36 -44.55 -17.18
N PHE E 101 23.88 -45.47 -17.98
CA PHE E 101 23.19 -46.63 -17.44
C PHE E 101 24.06 -47.89 -17.36
N THR E 102 25.23 -47.90 -18.00
CA THR E 102 26.11 -49.07 -18.00
C THR E 102 27.30 -48.90 -17.06
N THR E 103 27.38 -49.76 -16.06
CA THR E 103 28.52 -49.75 -15.16
C THR E 103 29.76 -50.20 -15.93
N ALA E 104 30.83 -49.39 -15.86
CA ALA E 104 31.98 -49.57 -16.73
C ALA E 104 32.99 -50.49 -16.07
N GLY E 105 33.90 -51.04 -16.88
CA GLY E 105 34.96 -51.90 -16.40
C GLY E 105 36.16 -51.08 -15.96
N PHE E 107 36.45 -47.23 -16.05
CA PHE E 107 35.73 -45.97 -16.22
C PHE E 107 36.53 -44.95 -17.03
N GLU E 108 37.81 -44.81 -16.67
CA GLU E 108 38.69 -43.83 -17.31
C GLU E 108 38.93 -44.19 -18.77
N ASP E 109 38.69 -45.45 -19.14
CA ASP E 109 38.80 -45.90 -20.51
C ASP E 109 37.49 -45.80 -21.28
N GLU E 110 36.34 -46.00 -20.63
CA GLU E 110 35.06 -46.00 -21.33
C GLU E 110 34.22 -44.74 -21.10
N LEU E 111 34.36 -44.07 -19.95
CA LEU E 111 33.56 -42.88 -19.65
C LEU E 111 32.06 -43.17 -19.76
N SER E 112 31.61 -44.15 -18.99
CA SER E 112 30.20 -44.54 -19.00
C SER E 112 29.76 -44.80 -17.56
N GLY E 113 28.44 -44.80 -17.36
CA GLY E 113 27.85 -45.11 -16.06
C GLY E 113 27.55 -43.92 -15.21
N ASN E 114 26.97 -44.20 -14.06
CA ASN E 114 26.68 -43.20 -13.04
C ASN E 114 27.27 -43.66 -11.71
N PRO E 115 28.60 -43.83 -11.64
CA PRO E 115 29.22 -44.23 -10.38
C PRO E 115 29.04 -43.16 -9.32
N THR E 116 29.01 -43.60 -8.07
CA THR E 116 28.90 -42.68 -6.94
C THR E 116 30.29 -42.21 -6.56
N VAL E 117 30.43 -40.91 -6.32
CA VAL E 117 31.65 -40.33 -5.78
C VAL E 117 31.29 -39.70 -4.43
N VAL E 118 32.33 -39.36 -3.68
CA VAL E 118 32.21 -38.81 -2.35
C VAL E 118 32.64 -37.35 -2.40
N MET E 119 31.72 -36.45 -2.02
CA MET E 119 32.06 -35.08 -1.69
C MET E 119 32.79 -35.04 -0.35
N VAL E 120 34.04 -34.64 -0.38
CA VAL E 120 34.86 -34.49 0.82
C VAL E 120 34.95 -32.99 1.13
N PRO E 121 34.30 -32.51 2.18
CA PRO E 121 34.32 -31.06 2.43
C PRO E 121 35.71 -30.55 2.73
N ASP E 122 36.00 -29.33 2.26
CA ASP E 122 37.23 -28.60 2.54
C ASP E 122 36.90 -27.54 3.57
N PRO E 123 37.23 -27.72 4.85
CA PRO E 123 36.78 -26.76 5.87
C PRO E 123 37.36 -25.36 5.71
N THR E 124 38.50 -25.21 5.05
CA THR E 124 39.12 -23.90 4.92
C THR E 124 38.35 -22.97 4.00
N THR E 125 37.35 -23.46 3.27
CA THR E 125 36.59 -22.65 2.33
C THR E 125 35.24 -22.20 2.90
N PHE E 126 34.99 -22.44 4.17
CA PHE E 126 33.67 -22.18 4.74
C PHE E 126 33.35 -20.69 4.68
N LYS E 127 32.09 -20.40 4.32
CA LYS E 127 31.57 -19.04 4.28
C LYS E 127 30.14 -19.03 4.80
N VAL E 128 29.76 -17.93 5.45
CA VAL E 128 28.37 -17.65 5.76
C VAL E 128 27.79 -16.83 4.62
N LEU E 129 26.72 -17.31 4.01
CA LEU E 129 26.13 -16.58 2.88
C LEU E 129 25.25 -15.46 3.39
N PRO E 130 25.63 -14.19 3.18
CA PRO E 130 24.88 -13.09 3.82
C PRO E 130 23.48 -12.87 3.27
N TRP E 131 23.18 -13.31 2.05
CA TRP E 131 21.87 -13.07 1.44
C TRP E 131 20.86 -14.17 1.73
N ALA E 132 21.26 -15.23 2.42
CA ALA E 132 20.39 -16.38 2.65
C ALA E 132 20.08 -16.49 4.14
N ASP E 133 19.04 -17.26 4.43
CA ASP E 133 18.56 -17.42 5.80
C ASP E 133 19.39 -18.52 6.47
N LYS E 134 20.24 -18.12 7.40
CA LYS E 134 20.97 -19.02 8.29
C LYS E 134 21.63 -20.16 7.51
N THR E 135 22.37 -19.81 6.47
CA THR E 135 22.98 -20.79 5.57
C THR E 135 24.47 -20.52 5.44
N GLY E 136 25.27 -21.54 5.67
CA GLY E 136 26.69 -21.52 5.36
C GLY E 136 26.97 -22.20 4.03
N TRP E 137 28.26 -22.26 3.68
CA TRP E 137 28.66 -22.66 2.34
C TRP E 137 30.11 -23.12 2.35
N MET E 138 30.39 -24.19 1.61
CA MET E 138 31.74 -24.76 1.57
C MET E 138 31.84 -25.63 0.34
N LEU E 139 33.04 -25.66 -0.22
CA LEU E 139 33.36 -26.47 -1.38
C LEU E 139 33.80 -27.86 -0.95
N ALA E 140 33.64 -28.80 -1.87
CA ALA E 140 34.05 -30.18 -1.65
C ALA E 140 34.88 -30.69 -2.81
N ASP E 141 35.80 -31.60 -2.51
CA ASP E 141 36.59 -32.31 -3.51
C ASP E 141 35.97 -33.69 -3.75
N LEU E 142 35.86 -34.06 -5.02
CA LEU E 142 35.24 -35.32 -5.40
C LEU E 142 36.28 -36.43 -5.41
N HIS E 143 35.95 -37.55 -4.76
CA HIS E 143 36.85 -38.69 -4.61
C HIS E 143 36.10 -39.98 -4.93
N TRP E 144 36.80 -40.92 -5.58
CA TRP E 144 36.23 -42.25 -5.74
C TRP E 144 35.98 -42.82 -4.35
N LYS E 145 35.07 -43.79 -4.25
CA LYS E 145 34.92 -44.45 -2.95
C LYS E 145 36.17 -45.24 -2.57
N SER E 146 37.02 -45.54 -3.55
CA SER E 146 38.33 -46.13 -3.27
C SER E 146 39.22 -45.17 -2.49
N GLY E 147 38.98 -43.87 -2.61
CA GLY E 147 39.76 -42.83 -1.97
C GLY E 147 40.60 -42.01 -2.92
N GLU E 148 40.74 -42.46 -4.17
CA GLU E 148 41.51 -41.69 -5.11
C GLU E 148 40.71 -40.52 -5.65
N PRO E 149 41.37 -39.40 -5.97
CA PRO E 149 40.63 -38.24 -6.51
C PRO E 149 39.94 -38.58 -7.80
N PHE E 150 38.76 -37.99 -8.01
CA PHE E 150 37.99 -38.20 -9.25
C PHE E 150 38.63 -37.43 -10.40
N PRO E 151 38.97 -38.09 -11.53
CA PRO E 151 39.85 -37.43 -12.52
C PRO E 151 39.21 -36.33 -13.33
N LEU E 152 37.90 -36.12 -13.25
CA LEU E 152 37.26 -35.05 -14.00
C LEU E 152 37.02 -33.79 -13.18
N CYS E 153 37.38 -33.79 -11.91
CA CYS E 153 37.14 -32.64 -11.03
C CYS E 153 37.99 -31.45 -11.46
N PRO E 154 37.39 -30.32 -11.86
CA PRO E 154 38.21 -29.16 -12.26
C PRO E 154 39.08 -28.62 -11.13
N ARG E 155 38.57 -28.62 -9.90
CA ARG E 155 39.36 -28.13 -8.77
C ARG E 155 40.61 -28.99 -8.57
N GLY E 156 40.50 -30.29 -8.84
CA GLY E 156 41.66 -31.15 -8.75
C GLY E 156 42.70 -30.83 -9.82
N ILE E 157 42.23 -30.45 -11.01
CA ILE E 157 43.15 -30.03 -12.06
C ILE E 157 43.89 -28.76 -11.63
N MET E 158 43.16 -27.83 -11.00
CA MET E 158 43.81 -26.62 -10.51
C MET E 158 44.83 -26.93 -9.45
N LYS E 159 44.50 -27.88 -8.58
CA LYS E 159 45.43 -28.29 -7.54
C LYS E 159 46.67 -28.91 -8.14
N LYS E 160 46.52 -29.71 -9.19
CA LYS E 160 47.70 -30.30 -9.81
C LYS E 160 48.58 -29.21 -10.42
N ALA E 161 47.96 -28.23 -11.08
CA ALA E 161 48.75 -27.13 -11.65
C ALA E 161 49.47 -26.37 -10.55
N VAL E 162 48.79 -26.09 -9.45
CA VAL E 162 49.40 -25.35 -8.35
C VAL E 162 50.58 -26.13 -7.79
N LYS E 163 50.44 -27.45 -7.68
CA LYS E 163 51.50 -28.25 -7.09
C LYS E 163 52.73 -28.27 -8.03
N SER E 164 52.49 -28.37 -9.34
CA SER E 164 53.63 -28.35 -10.27
C SER E 164 54.36 -27.01 -10.21
N LEU E 165 53.60 -25.93 -10.11
CA LEU E 165 54.23 -24.62 -9.97
C LEU E 165 55.02 -24.56 -8.68
N SER E 166 54.46 -25.11 -7.59
CA SER E 166 55.19 -25.12 -6.33
C SER E 166 56.44 -26.01 -6.40
N ASP E 167 56.38 -27.07 -7.21
CA ASP E 167 57.56 -27.91 -7.38
C ASP E 167 58.66 -27.18 -8.14
N GLU E 168 58.29 -26.24 -9.02
CA GLU E 168 59.26 -25.40 -9.71
C GLU E 168 59.69 -24.21 -8.86
N GLY E 169 59.09 -24.03 -7.69
CA GLY E 169 59.49 -23.00 -6.76
C GLY E 169 58.73 -21.69 -6.85
N TYR E 170 57.52 -21.69 -7.41
CA TYR E 170 56.79 -20.46 -7.65
C TYR E 170 55.36 -20.54 -7.14
N LEU E 171 54.80 -19.36 -6.86
CA LEU E 171 53.40 -19.21 -6.48
C LEU E 171 52.69 -18.29 -7.47
N PHE E 172 51.47 -18.68 -7.82
CA PHE E 172 50.63 -17.98 -8.79
C PHE E 172 49.84 -16.89 -8.06
N LYS E 173 50.05 -15.64 -8.46
CA LYS E 173 49.35 -14.49 -7.92
C LYS E 173 48.45 -13.96 -9.01
N CYS E 174 47.16 -13.82 -8.70
CA CYS E 174 46.14 -13.50 -9.68
C CYS E 174 45.25 -12.36 -9.21
N GLY E 175 45.08 -11.35 -10.05
CA GLY E 175 44.13 -10.29 -9.82
C GLY E 175 42.86 -10.54 -10.65
N ILE E 176 41.75 -10.70 -9.95
CA ILE E 176 40.49 -11.03 -10.63
C ILE E 176 39.84 -9.75 -11.13
N GLU E 177 39.66 -9.66 -12.44
CA GLU E 177 39.07 -8.49 -13.08
C GLU E 177 37.93 -8.99 -13.95
N LEU E 178 36.68 -8.84 -13.50
CA LEU E 178 35.53 -9.44 -14.14
C LEU E 178 34.60 -8.38 -14.70
N GLU E 179 34.26 -8.51 -15.99
CA GLU E 179 33.19 -7.76 -16.62
C GLU E 179 31.93 -8.62 -16.68
N TRP E 180 30.78 -7.97 -16.52
CA TRP E 180 29.52 -8.70 -16.54
C TRP E 180 28.39 -7.72 -16.81
N TYR E 181 27.19 -8.26 -17.03
CA TYR E 181 26.01 -7.45 -17.30
C TYR E 181 25.00 -7.55 -16.19
N LEU E 182 24.46 -6.39 -15.81
CA LEU E 182 23.42 -6.23 -14.81
C LEU E 182 22.12 -5.84 -15.50
N THR E 183 21.09 -6.68 -15.37
CA THR E 183 19.80 -6.39 -15.97
C THR E 183 18.70 -6.60 -14.94
N LYS E 184 17.51 -6.07 -15.22
CA LYS E 184 16.34 -6.21 -14.36
C LYS E 184 15.43 -7.26 -14.98
N ILE E 185 14.97 -8.20 -14.14
CA ILE E 185 14.14 -9.29 -14.64
C ILE E 185 12.74 -8.77 -14.97
N VAL E 186 12.28 -9.12 -16.17
CA VAL E 186 10.90 -8.87 -16.59
C VAL E 186 10.03 -10.11 -16.52
N ASP E 187 10.57 -11.25 -16.90
CA ASP E 187 9.85 -12.50 -16.86
C ASP E 187 10.87 -13.61 -16.65
N ARG E 188 10.61 -14.46 -15.66
CA ARG E 188 11.55 -15.54 -15.35
C ARG E 188 11.38 -16.76 -16.24
N SER E 189 10.44 -16.74 -17.16
CA SER E 189 10.30 -17.82 -18.13
C SER E 189 10.04 -19.18 -17.45
N LEU E 190 9.12 -19.19 -16.49
CA LEU E 190 8.79 -20.38 -15.71
C LEU E 190 7.54 -21.11 -16.20
N SER E 191 6.86 -20.57 -17.21
CA SER E 191 5.67 -21.24 -17.76
C SER E 191 6.06 -22.62 -18.28
N PRO E 192 5.19 -23.62 -18.11
CA PRO E 192 5.54 -24.97 -18.52
C PRO E 192 6.03 -25.03 -19.94
N GLU E 193 5.42 -24.29 -20.87
CA GLU E 193 5.85 -24.38 -22.25
C GLU E 193 7.26 -23.84 -22.50
N SER E 194 7.88 -23.18 -21.53
CA SER E 194 9.19 -22.58 -21.71
C SER E 194 10.31 -23.37 -21.04
N LEU E 195 10.01 -24.55 -20.50
CA LEU E 195 10.94 -25.30 -19.68
C LEU E 195 11.82 -26.23 -20.48
N GLY E 196 11.56 -26.41 -21.77
CA GLY E 196 12.39 -27.30 -22.56
C GLY E 196 12.22 -28.75 -22.16
N ALA E 197 13.29 -29.51 -22.33
CA ALA E 197 13.35 -30.94 -22.05
C ALA E 197 14.83 -31.32 -22.00
N PRO E 198 15.17 -32.53 -21.60
CA PRO E 198 16.58 -32.96 -21.70
C PRO E 198 17.07 -32.80 -23.14
N GLY E 199 18.14 -32.04 -23.30
CA GLY E 199 18.65 -31.73 -24.62
C GLY E 199 17.90 -30.66 -25.37
N VAL E 200 16.99 -29.95 -24.73
CA VAL E 200 16.21 -28.88 -25.37
C VAL E 200 16.33 -27.65 -24.48
N GLN E 201 16.84 -26.57 -25.05
CA GLN E 201 17.12 -25.38 -24.26
C GLN E 201 15.82 -24.79 -23.71
N PRO E 202 15.78 -24.45 -22.42
CA PRO E 202 14.64 -23.67 -21.93
C PRO E 202 14.74 -22.23 -22.40
N ASP E 203 13.63 -21.51 -22.28
CA ASP E 203 13.60 -20.12 -22.74
C ASP E 203 14.54 -19.27 -21.89
N ALA E 204 15.17 -18.29 -22.53
CA ALA E 204 15.97 -17.32 -21.81
C ALA E 204 15.08 -16.44 -20.94
N ILE E 205 15.61 -16.06 -19.79
CA ILE E 205 14.96 -15.02 -18.98
C ILE E 205 14.84 -13.74 -19.78
N GLN E 206 13.69 -13.09 -19.68
CA GLN E 206 13.47 -11.78 -20.29
C GLN E 206 13.90 -10.70 -19.31
N VAL E 207 14.63 -9.71 -19.79
CA VAL E 207 15.21 -8.68 -18.93
C VAL E 207 15.11 -7.33 -19.63
N GLN E 208 15.47 -6.29 -18.87
CA GLN E 208 15.53 -4.91 -19.33
C GLN E 208 16.85 -4.32 -18.84
N PRO E 209 17.58 -3.59 -19.68
CA PRO E 209 18.79 -2.91 -19.19
C PRO E 209 18.48 -1.95 -18.06
N VAL E 210 19.50 -1.66 -17.25
CA VAL E 210 19.35 -0.80 -16.08
C VAL E 210 19.93 0.59 -16.29
N ALA E 211 20.61 0.84 -17.40
CA ALA E 211 21.26 2.12 -17.62
C ALA E 211 21.78 2.17 -19.05
N GLN E 212 21.80 3.36 -19.63
CA GLN E 212 22.48 3.57 -20.89
C GLN E 212 23.98 3.43 -20.67
N GLY E 213 24.75 3.40 -21.75
CA GLY E 213 26.18 3.19 -21.67
C GLY E 213 26.95 3.92 -22.74
N TYR E 214 28.06 3.32 -23.16
CA TYR E 214 28.97 3.97 -24.11
C TYR E 214 29.34 5.37 -23.67
N SER E 215 29.51 5.52 -22.35
CA SER E 215 30.11 6.69 -21.70
C SER E 215 30.94 6.03 -20.60
N VAL E 216 32.15 5.61 -20.94
CA VAL E 216 32.88 4.68 -20.09
C VAL E 216 33.30 5.36 -18.79
N LEU E 217 33.17 4.62 -17.69
CA LEU E 217 33.63 5.03 -16.36
C LEU E 217 32.88 6.26 -15.83
N LEU E 218 31.67 6.51 -16.32
CA LEU E 218 30.93 7.67 -15.87
C LEU E 218 30.46 7.45 -14.44
N GLU E 219 30.80 8.39 -13.55
CA GLU E 219 30.39 8.27 -12.16
C GLU E 219 28.86 8.23 -12.03
N HIS E 220 28.17 9.04 -12.82
CA HIS E 220 26.71 9.07 -12.72
C HIS E 220 26.12 7.69 -12.98
N HIS E 221 26.73 6.90 -13.86
CA HIS E 221 26.27 5.54 -14.08
C HIS E 221 26.43 4.70 -12.83
N LEU E 222 27.55 4.86 -12.13
CA LEU E 222 27.75 4.12 -10.89
C LEU E 222 26.68 4.50 -9.87
N ASP E 223 26.38 5.80 -9.75
CA ASP E 223 25.36 6.21 -8.79
C ASP E 223 23.97 5.70 -9.19
N GLN E 224 23.65 5.69 -10.48
CA GLN E 224 22.32 5.33 -10.93
C GLN E 224 21.97 3.88 -10.56
N VAL E 225 22.95 2.99 -10.61
CA VAL E 225 22.70 1.57 -10.38
C VAL E 225 23.06 1.14 -8.97
N ASP E 226 23.41 2.09 -8.09
CA ASP E 226 23.95 1.68 -6.80
C ASP E 226 22.90 1.23 -5.81
N ASP E 227 21.60 1.41 -6.06
CA ASP E 227 20.61 0.85 -5.14
C ASP E 227 20.76 -0.67 -5.06
N ILE E 228 21.14 -1.31 -6.15
CA ILE E 228 21.41 -2.75 -6.17
C ILE E 228 22.91 -3.06 -6.05
N MET E 229 23.75 -2.27 -6.70
CA MET E 229 25.18 -2.55 -6.67
C MET E 229 25.74 -2.39 -5.27
N SER E 230 25.13 -1.53 -4.44
CA SER E 230 25.54 -1.44 -3.06
C SER E 230 25.25 -2.72 -2.30
N LYS E 231 24.17 -3.44 -2.68
CA LYS E 231 23.92 -4.72 -2.03
C LYS E 231 24.92 -5.77 -2.50
N VAL E 232 25.26 -5.77 -3.80
CA VAL E 232 26.30 -6.68 -4.29
C VAL E 232 27.62 -6.42 -3.57
N ARG E 233 28.00 -5.14 -3.46
CA ARG E 233 29.21 -4.74 -2.79
C ARG E 233 29.23 -5.23 -1.34
N LYS E 234 28.14 -5.00 -0.62
CA LYS E 234 28.08 -5.43 0.77
C LYS E 234 28.18 -6.94 0.90
N GLY E 235 27.51 -7.67 0.01
CA GLY E 235 27.60 -9.11 0.08
C GLY E 235 29.01 -9.61 -0.14
N LEU E 236 29.72 -9.04 -1.12
CA LEU E 236 31.11 -9.43 -1.34
C LEU E 236 31.98 -9.08 -0.14
N LEU E 237 31.76 -7.91 0.47
CA LEU E 237 32.57 -7.49 1.60
C LEU E 237 32.33 -8.35 2.83
N GLU E 238 31.08 -8.79 3.02
CA GLU E 238 30.72 -9.66 4.14
C GLU E 238 31.20 -11.08 3.95
N LEU E 239 31.38 -11.50 2.70
CA LEU E 239 32.04 -12.76 2.38
C LEU E 239 33.55 -12.68 2.53
N ASN E 240 34.07 -11.52 2.94
CA ASN E 240 35.49 -11.32 3.19
C ASN E 240 36.34 -11.47 1.94
N LEU E 241 35.76 -11.21 0.77
CA LEU E 241 36.45 -11.21 -0.50
C LEU E 241 37.19 -9.89 -0.68
N PRO E 242 38.39 -9.91 -1.22
CA PRO E 242 39.15 -8.63 -1.27
C PRO E 242 38.68 -7.74 -2.41
N LEU E 243 37.44 -7.25 -2.32
CA LEU E 243 36.93 -6.37 -3.36
C LEU E 243 37.84 -5.15 -3.48
N ARG E 244 38.16 -4.78 -4.73
CA ARG E 244 39.07 -3.68 -5.02
C ARG E 244 38.36 -2.53 -5.70
N SER E 245 37.50 -2.83 -6.67
CA SER E 245 36.86 -1.73 -7.37
C SER E 245 35.57 -2.20 -8.02
N ILE E 246 34.64 -1.24 -8.14
CA ILE E 246 33.42 -1.39 -8.92
C ILE E 246 33.44 -0.26 -9.94
N GLU E 247 33.14 -0.59 -11.20
CA GLU E 247 33.33 0.39 -12.25
C GLU E 247 32.23 0.25 -13.31
N ASP E 248 31.95 1.36 -14.00
CA ASP E 248 31.05 1.35 -15.12
C ASP E 248 31.86 1.00 -16.37
N GLU E 249 31.52 -0.13 -17.01
CA GLU E 249 32.24 -0.54 -18.20
C GLU E 249 31.66 0.19 -19.38
N TRP E 250 32.24 -0.05 -20.56
CA TRP E 250 31.92 0.69 -21.77
C TRP E 250 30.45 0.60 -22.12
N ALA E 251 29.88 -0.60 -22.12
CA ALA E 251 28.54 -0.82 -22.68
C ALA E 251 27.45 -0.45 -21.67
N PRO E 252 26.22 -0.27 -22.16
CA PRO E 252 25.05 -0.03 -21.30
C PRO E 252 24.85 -1.19 -20.33
N SER E 253 24.78 -0.87 -19.05
CA SER E 253 24.56 -1.83 -17.97
C SER E 253 25.69 -2.82 -17.82
N GLN E 254 26.81 -2.59 -18.50
CA GLN E 254 27.99 -3.42 -18.33
C GLN E 254 28.78 -2.91 -17.14
N MET E 255 29.05 -3.79 -16.19
CA MET E 255 29.76 -3.47 -14.97
C MET E 255 31.11 -4.16 -14.94
N GLU E 256 31.99 -3.69 -14.07
CA GLU E 256 33.25 -4.36 -13.81
C GLU E 256 33.52 -4.37 -12.32
N THR E 257 33.92 -5.53 -11.81
CA THR E 257 34.34 -5.67 -10.43
C THR E 257 35.72 -6.30 -10.43
N THR E 258 36.66 -5.65 -9.74
CA THR E 258 38.02 -6.15 -9.61
C THR E 258 38.33 -6.36 -8.13
N PHE E 259 39.33 -7.22 -7.89
CA PHE E 259 39.68 -7.70 -6.56
C PHE E 259 41.19 -7.64 -6.40
N ASP E 260 41.64 -7.46 -5.17
CA ASP E 260 43.08 -7.43 -4.91
C ASP E 260 43.68 -8.82 -5.15
N VAL E 261 45.01 -8.85 -5.22
CA VAL E 261 45.70 -10.05 -5.62
C VAL E 261 45.40 -11.18 -4.66
N MET E 262 45.14 -12.37 -5.22
CA MET E 262 44.98 -13.60 -4.48
C MET E 262 45.96 -14.63 -5.02
N GLU E 263 46.05 -15.78 -4.36
CA GLU E 263 47.07 -16.76 -4.67
C GLU E 263 46.42 -18.09 -5.00
N GLY E 264 46.83 -18.66 -6.14
CA GLY E 264 46.48 -20.00 -6.55
C GLY E 264 45.06 -20.49 -6.33
N LEU E 265 44.98 -21.61 -5.61
CA LEU E 265 43.70 -22.28 -5.40
C LEU E 265 42.72 -21.35 -4.72
N GLU E 266 43.18 -20.58 -3.73
CA GLU E 266 42.30 -19.61 -3.08
C GLU E 266 41.73 -18.65 -4.12
N ALA E 267 42.56 -18.22 -5.08
CA ALA E 267 42.11 -17.30 -6.11
C ALA E 267 41.02 -17.92 -6.97
N ALA E 268 41.21 -19.18 -7.38
CA ALA E 268 40.19 -19.84 -8.20
C ALA E 268 38.89 -20.01 -7.43
N ASP E 269 38.97 -20.47 -6.17
CA ASP E 269 37.79 -20.60 -5.35
C ASP E 269 37.09 -19.25 -5.21
N ALA E 270 37.87 -18.18 -5.06
CA ALA E 270 37.32 -16.85 -4.88
C ALA E 270 36.57 -16.42 -6.13
N ALA E 271 37.14 -16.65 -7.31
CA ALA E 271 36.43 -16.29 -8.54
C ALA E 271 35.10 -17.02 -8.62
N LEU E 272 35.10 -18.31 -8.28
CA LEU E 272 33.87 -19.08 -8.31
C LEU E 272 32.82 -18.49 -7.38
N LEU E 273 33.22 -18.20 -6.14
CA LEU E 273 32.28 -17.64 -5.19
C LEU E 273 31.82 -16.25 -5.62
N ILE E 274 32.72 -15.47 -6.23
CA ILE E 274 32.38 -14.11 -6.64
C ILE E 274 31.24 -14.15 -7.66
N LYS E 275 31.39 -15.00 -8.68
CA LYS E 275 30.36 -15.08 -9.71
C LYS E 275 29.05 -15.62 -9.12
N SER E 276 29.14 -16.65 -8.27
CA SER E 276 27.94 -17.20 -7.66
C SER E 276 27.22 -16.14 -6.83
N ALA E 277 27.97 -15.39 -6.02
CA ALA E 277 27.38 -14.40 -5.14
C ALA E 277 26.74 -13.27 -5.93
N ILE E 278 27.41 -12.79 -6.97
CA ILE E 278 26.81 -11.74 -7.79
C ILE E 278 25.47 -12.21 -8.33
N LYS E 279 25.45 -13.42 -8.91
CA LYS E 279 24.21 -13.89 -9.53
C LYS E 279 23.11 -14.05 -8.48
N GLN E 280 23.45 -14.63 -7.32
CA GLN E 280 22.42 -14.92 -6.32
C GLN E 280 21.86 -13.64 -5.69
N ILE E 281 22.72 -12.68 -5.35
CA ILE E 281 22.24 -11.42 -4.78
C ILE E 281 21.31 -10.72 -5.78
N CYS E 282 21.77 -10.60 -7.03
CA CYS E 282 20.96 -9.93 -8.02
C CYS E 282 19.61 -10.61 -8.18
N SER E 283 19.60 -11.95 -8.24
CA SER E 283 18.33 -12.65 -8.37
C SER E 283 17.45 -12.45 -7.14
N ARG E 284 18.07 -12.40 -5.96
CA ARG E 284 17.29 -12.20 -4.74
C ARG E 284 16.56 -10.87 -4.75
N HIS E 285 17.10 -9.89 -5.49
CA HIS E 285 16.44 -8.59 -5.58
C HIS E 285 15.81 -8.33 -6.95
N GLY E 286 15.53 -9.38 -7.70
CA GLY E 286 14.81 -9.22 -8.96
C GLY E 286 15.65 -8.78 -10.11
N TYR E 287 16.97 -8.94 -10.03
CA TYR E 287 17.89 -8.64 -11.10
C TYR E 287 18.55 -9.92 -11.59
N HIS E 288 19.02 -9.88 -12.83
CA HIS E 288 19.76 -10.97 -13.45
C HIS E 288 21.14 -10.44 -13.79
N ALA E 289 22.15 -10.96 -13.10
CA ALA E 289 23.54 -10.74 -13.48
C ALA E 289 23.94 -11.87 -14.41
N THR E 290 24.60 -11.53 -15.51
CA THR E 290 25.09 -12.57 -16.41
C THR E 290 26.54 -12.36 -16.81
N PHE E 291 27.27 -13.47 -16.81
CA PHE E 291 28.62 -13.58 -17.30
C PHE E 291 28.69 -14.22 -18.68
N MET E 292 27.55 -14.39 -19.35
CA MET E 292 27.57 -14.68 -20.77
C MET E 292 28.35 -13.61 -21.49
N CYS E 293 29.26 -14.03 -22.37
CA CYS E 293 30.21 -13.10 -22.97
C CYS E 293 29.50 -11.95 -23.67
N LYS E 294 28.56 -12.27 -24.56
CA LYS E 294 27.88 -11.26 -25.36
C LYS E 294 26.42 -11.64 -25.51
N PRO E 295 25.55 -11.16 -24.63
CA PRO E 295 24.13 -11.51 -24.73
C PRO E 295 23.53 -11.02 -26.04
N ALA E 296 22.52 -11.75 -26.51
CA ALA E 296 21.76 -11.37 -27.70
C ALA E 296 20.74 -10.30 -27.32
N ILE E 297 21.26 -9.13 -26.94
CA ILE E 297 20.45 -7.97 -26.58
C ILE E 297 21.05 -6.75 -27.28
N ASN E 298 20.21 -5.99 -27.96
CA ASN E 298 20.70 -4.85 -28.73
C ASN E 298 21.46 -3.89 -27.84
N GLY E 299 22.63 -3.45 -28.32
CA GLY E 299 23.46 -2.50 -27.63
C GLY E 299 24.49 -3.09 -26.69
N PHE E 300 24.46 -4.41 -26.48
CA PHE E 300 25.34 -5.06 -25.53
C PHE E 300 26.64 -5.44 -26.21
N PHE E 301 27.75 -4.90 -25.72
CA PHE E 301 29.09 -5.21 -26.20
C PHE E 301 29.64 -6.41 -25.44
N ALA E 302 30.64 -7.05 -26.03
CA ALA E 302 31.20 -8.26 -25.43
C ALA E 302 31.88 -7.94 -24.11
N SER E 303 31.70 -8.83 -23.14
CA SER E 303 32.42 -8.79 -21.87
C SER E 303 33.62 -9.72 -21.91
N GLY E 304 34.68 -9.32 -21.20
CA GLY E 304 35.90 -10.10 -21.14
C GLY E 304 36.33 -10.42 -19.72
N TRP E 305 37.08 -11.50 -19.56
CA TRP E 305 37.73 -11.81 -18.29
C TRP E 305 39.23 -11.79 -18.54
N HIS E 306 39.85 -10.65 -18.25
CA HIS E 306 41.28 -10.49 -18.40
C HIS E 306 41.94 -11.03 -17.13
N MET E 307 42.96 -11.87 -17.29
CA MET E 307 43.62 -12.52 -16.17
C MET E 307 44.94 -11.81 -15.89
N HIS E 308 44.99 -11.06 -14.81
CA HIS E 308 46.24 -10.43 -14.35
C HIS E 308 46.97 -11.42 -13.48
N GLN E 309 48.25 -11.65 -13.78
CA GLN E 309 48.99 -12.75 -13.20
C GLN E 309 50.46 -12.39 -13.08
N SER E 310 51.03 -12.75 -11.93
CA SER E 310 52.46 -12.66 -11.65
C SER E 310 52.86 -13.92 -10.89
N LEU E 311 54.15 -14.22 -10.93
CA LEU E 311 54.71 -15.34 -10.19
C LEU E 311 55.61 -14.78 -9.10
N VAL E 312 55.49 -15.34 -7.88
CA VAL E 312 56.37 -14.95 -6.79
C VAL E 312 57.18 -16.16 -6.39
N ASP E 313 58.24 -15.90 -5.63
CA ASP E 313 59.09 -16.96 -5.12
C ASP E 313 58.41 -17.64 -3.95
N LYS E 314 58.51 -18.98 -3.89
CA LYS E 314 57.81 -19.71 -2.84
C LYS E 314 58.35 -19.33 -1.48
N ASP E 315 59.64 -19.02 -1.41
CA ASP E 315 60.35 -18.79 -0.16
C ASP E 315 60.44 -17.32 0.18
N THR E 316 60.90 -16.51 -0.77
CA THR E 316 61.05 -15.07 -0.56
C THR E 316 59.75 -14.31 -0.73
N ARG E 317 58.80 -14.87 -1.48
CA ARG E 317 57.52 -14.20 -1.73
C ARG E 317 57.77 -12.84 -2.38
N LYS E 318 58.63 -12.81 -3.41
CA LYS E 318 58.93 -11.58 -4.14
C LYS E 318 58.47 -11.77 -5.58
N ASN E 319 57.90 -10.70 -6.17
CA ASN E 319 57.45 -10.78 -7.56
C ASN E 319 58.65 -11.05 -8.46
N LEU E 320 58.66 -12.20 -9.13
CA LEU E 320 59.80 -12.55 -9.96
C LEU E 320 59.61 -12.13 -11.42
N PHE E 321 58.62 -11.27 -11.71
CA PHE E 321 58.42 -10.74 -13.05
C PHE E 321 58.98 -9.33 -13.23
N ILE E 322 59.47 -8.72 -12.15
CA ILE E 322 59.86 -7.31 -12.14
C ILE E 322 61.02 -7.06 -13.10
N PRO E 323 60.90 -6.10 -14.00
CA PRO E 323 61.98 -5.83 -14.95
C PRO E 323 63.07 -4.94 -14.35
N SER E 324 64.20 -4.97 -15.05
CA SER E 324 65.36 -4.09 -14.87
C SER E 324 65.15 -2.90 -15.78
N GLU E 325 66.12 -2.00 -15.82
CA GLU E 325 65.94 -0.76 -16.56
C GLU E 325 65.58 -1.01 -18.02
N GLY E 326 66.35 -1.86 -18.68
CA GLY E 326 66.15 -2.10 -20.10
C GLY E 326 65.16 -3.17 -20.47
N GLU E 327 64.17 -3.43 -19.63
CA GLU E 327 63.33 -4.60 -19.84
C GLU E 327 61.86 -4.26 -19.60
N VAL E 328 60.96 -4.95 -20.28
CA VAL E 328 59.54 -4.86 -19.94
C VAL E 328 59.17 -5.92 -18.91
N LEU E 329 59.94 -7.01 -18.82
CA LEU E 329 59.70 -8.05 -17.84
C LEU E 329 61.05 -8.68 -17.52
N SER E 330 61.14 -9.33 -16.35
CA SER E 330 62.33 -10.14 -16.06
C SER E 330 62.41 -11.29 -17.09
N PRO E 331 63.60 -11.84 -17.34
CA PRO E 331 63.69 -12.99 -18.29
C PRO E 331 62.68 -14.09 -17.91
N LEU E 332 62.42 -14.32 -16.61
CA LEU E 332 61.39 -15.29 -16.20
C LEU E 332 60.00 -14.90 -16.70
N GLY E 333 59.60 -13.64 -16.52
CA GLY E 333 58.31 -13.20 -17.03
C GLY E 333 58.25 -13.20 -18.54
N ARG E 334 59.36 -12.89 -19.21
CA ARG E 334 59.40 -12.97 -20.67
C ARG E 334 59.14 -14.40 -21.14
N ALA E 335 59.77 -15.38 -20.51
CA ALA E 335 59.52 -16.78 -20.90
C ALA E 335 58.10 -17.20 -20.56
N TYR E 336 57.57 -16.76 -19.43
CA TYR E 336 56.18 -17.04 -19.07
C TYR E 336 55.23 -16.51 -20.14
N ALA E 337 55.47 -15.27 -20.60
CA ALA E 337 54.66 -14.72 -21.68
C ALA E 337 54.81 -15.54 -22.95
N GLY E 338 56.03 -15.99 -23.26
CA GLY E 338 56.22 -16.84 -24.42
C GLY E 338 55.42 -18.13 -24.34
N GLY E 339 55.38 -18.74 -23.17
CA GLY E 339 54.57 -19.93 -22.99
C GLY E 339 53.09 -19.64 -23.13
N LEU E 340 52.63 -18.53 -22.55
CA LEU E 340 51.23 -18.14 -22.71
C LEU E 340 50.87 -18.01 -24.18
N LEU E 341 51.69 -17.29 -24.95
CA LEU E 341 51.42 -17.08 -26.37
C LEU E 341 51.50 -18.39 -27.16
N ALA E 342 52.51 -19.22 -26.89
CA ALA E 342 52.67 -20.43 -27.70
C ALA E 342 51.50 -21.39 -27.53
N ASN E 343 50.89 -21.42 -26.35
CA ASN E 343 49.83 -22.37 -26.04
C ASN E 343 48.44 -21.73 -26.03
N GLY E 344 48.32 -20.49 -26.50
CA GLY E 344 47.05 -19.81 -26.39
C GLY E 344 45.98 -20.41 -27.28
N SER E 345 46.39 -21.07 -28.37
CA SER E 345 45.43 -21.71 -29.27
C SER E 345 44.94 -23.05 -28.70
N ALA E 346 45.86 -23.88 -28.21
CA ALA E 346 45.46 -25.14 -27.59
C ALA E 346 44.64 -24.92 -26.32
N ALA E 347 44.93 -23.84 -25.59
CA ALA E 347 44.23 -23.52 -24.35
C ALA E 347 42.97 -22.71 -24.58
N SER E 348 42.63 -22.41 -25.84
CA SER E 348 41.54 -21.48 -26.11
C SER E 348 40.22 -22.00 -25.55
N SER E 349 39.96 -23.30 -25.72
CA SER E 349 38.72 -23.87 -25.22
C SER E 349 38.62 -23.81 -23.70
N PHE E 350 39.73 -23.62 -23.01
CA PHE E 350 39.72 -23.50 -21.55
C PHE E 350 39.56 -22.06 -21.10
N THR E 351 40.24 -21.11 -21.76
CA THR E 351 40.14 -19.67 -21.45
C THR E 351 38.80 -19.16 -21.94
N THR E 352 38.28 -19.70 -23.03
CA THR E 352 37.03 -19.25 -23.70
C THR E 352 36.22 -20.53 -23.96
N PRO E 353 35.54 -21.13 -22.96
CA PRO E 353 34.83 -22.37 -23.21
C PRO E 353 33.57 -22.23 -24.06
N THR E 354 32.86 -21.13 -23.96
CA THR E 354 31.53 -21.01 -24.61
C THR E 354 31.71 -20.67 -26.10
N VAL E 355 30.81 -21.14 -26.96
CA VAL E 355 30.75 -20.82 -28.42
C VAL E 355 30.59 -19.30 -28.56
N ASN E 356 29.82 -18.70 -27.69
CA ASN E 356 29.50 -17.24 -27.71
C ASN E 356 30.72 -16.42 -27.29
N GLY E 357 31.70 -17.01 -26.62
CA GLY E 357 32.94 -16.33 -26.23
C GLY E 357 33.77 -15.99 -27.45
N TYR E 358 33.57 -16.70 -28.56
CA TYR E 358 34.34 -16.48 -29.78
C TYR E 358 33.79 -15.31 -30.58
N ARG E 359 32.73 -14.68 -30.10
CA ARG E 359 32.32 -13.40 -30.67
C ARG E 359 33.39 -12.33 -30.43
N ARG E 360 34.27 -12.55 -29.45
CA ARG E 360 35.34 -11.59 -29.16
C ARG E 360 36.56 -11.74 -30.05
N ARG E 361 36.64 -12.80 -30.85
CA ARG E 361 37.83 -13.05 -31.68
C ARG E 361 37.74 -12.25 -32.99
N GLN E 362 37.93 -10.94 -32.85
CA GLN E 362 37.86 -10.03 -33.98
C GLN E 362 38.71 -8.81 -33.67
N PRO E 363 39.14 -8.07 -34.68
CA PRO E 363 40.03 -6.93 -34.46
C PRO E 363 39.25 -5.66 -34.12
N TYR E 364 39.96 -4.73 -33.48
CA TYR E 364 39.45 -3.40 -33.15
C TYR E 364 38.31 -3.51 -32.13
N SER E 365 38.50 -4.39 -31.14
CA SER E 365 37.46 -4.73 -30.18
C SER E 365 37.93 -4.66 -28.74
N LEU E 366 39.16 -4.21 -28.50
CA LEU E 366 39.79 -4.27 -27.18
C LEU E 366 39.82 -5.71 -26.65
N ALA E 367 39.88 -6.68 -27.57
CA ALA E 367 40.04 -8.09 -27.23
C ALA E 367 40.98 -8.71 -28.25
N PRO E 368 41.69 -9.77 -27.87
CA PRO E 368 42.73 -10.31 -28.77
C PRO E 368 42.16 -11.21 -29.86
N ASP E 369 42.69 -11.06 -31.07
CA ASP E 369 42.43 -11.96 -32.18
C ASP E 369 43.71 -12.63 -32.64
N ARG E 370 44.82 -12.40 -31.94
CA ARG E 370 46.14 -12.83 -32.35
C ARG E 370 46.98 -13.22 -31.15
N ARG E 371 47.98 -14.04 -31.41
CA ARG E 371 48.94 -14.44 -30.38
C ARG E 371 50.08 -13.43 -30.41
N ALA E 372 49.81 -12.28 -29.79
CA ALA E 372 50.80 -11.22 -29.70
C ALA E 372 50.85 -10.63 -28.31
N TRP E 373 52.05 -10.24 -27.88
CA TRP E 373 52.24 -9.52 -26.65
C TRP E 373 52.72 -8.10 -26.95
N ALA E 374 52.44 -7.20 -26.01
CA ALA E 374 52.79 -5.80 -26.16
C ALA E 374 52.75 -5.16 -24.78
N LYS E 375 53.47 -4.06 -24.64
CA LYS E 375 53.49 -3.29 -23.40
C LYS E 375 52.36 -2.28 -23.40
N ASP E 376 51.48 -2.38 -22.40
CA ASP E 376 50.46 -1.39 -22.13
C ASP E 376 49.62 -1.11 -23.38
N ASN E 377 49.34 -2.17 -24.14
CA ASN E 377 48.46 -2.08 -25.31
C ASN E 377 47.35 -3.11 -25.16
N LYS E 378 46.12 -2.63 -25.00
CA LYS E 378 44.96 -3.49 -24.80
C LYS E 378 44.43 -4.10 -26.07
N ALA E 379 45.14 -3.94 -27.19
CA ALA E 379 44.81 -4.65 -28.41
C ALA E 379 45.46 -6.02 -28.48
N ALA E 380 46.37 -6.32 -27.56
CA ALA E 380 47.18 -7.53 -27.61
C ALA E 380 46.59 -8.63 -26.73
N MET E 381 47.01 -9.87 -27.00
CA MET E 381 46.58 -10.97 -26.15
C MET E 381 47.28 -10.89 -24.79
N VAL E 382 48.58 -10.65 -24.79
CA VAL E 382 49.37 -10.53 -23.58
C VAL E 382 49.79 -9.08 -23.45
N ARG E 383 49.22 -8.38 -22.46
CA ARG E 383 49.51 -6.98 -22.19
C ARG E 383 50.43 -6.94 -20.98
N VAL E 384 51.58 -6.31 -21.13
CA VAL E 384 52.54 -6.22 -20.04
C VAL E 384 52.24 -4.96 -19.28
N VAL E 385 51.95 -5.09 -17.98
CA VAL E 385 51.78 -3.93 -17.10
C VAL E 385 52.97 -3.93 -16.17
N SER E 386 53.86 -2.96 -16.33
CA SER E 386 55.08 -2.99 -15.54
C SER E 386 55.80 -1.66 -15.63
N ALA E 387 56.72 -1.48 -14.69
CA ALA E 387 57.70 -0.40 -14.67
C ALA E 387 58.92 -0.98 -13.98
N THR E 388 60.09 -0.41 -14.28
CA THR E 388 61.31 -0.98 -13.71
C THR E 388 61.23 -0.88 -12.20
N GLY E 389 61.47 -2.00 -11.52
CA GLY E 389 61.42 -2.04 -10.08
C GLY E 389 60.06 -2.14 -9.44
N ASP E 390 58.98 -2.19 -10.24
CA ASP E 390 57.63 -2.07 -9.71
C ASP E 390 57.13 -3.47 -9.35
N PRO E 391 56.86 -3.76 -8.07
CA PRO E 391 56.36 -5.10 -7.72
C PRO E 391 54.98 -5.42 -8.25
N ALA E 392 54.27 -4.44 -8.82
CA ALA E 392 53.00 -4.69 -9.50
C ALA E 392 53.19 -5.19 -10.92
N SER E 393 54.43 -5.28 -11.40
CA SER E 393 54.70 -5.75 -12.74
C SER E 393 54.09 -7.14 -12.94
N ARG E 394 53.47 -7.35 -14.10
CA ARG E 394 52.64 -8.53 -14.29
C ARG E 394 52.22 -8.64 -15.75
N ILE E 395 51.63 -9.77 -16.09
CA ILE E 395 51.03 -10.02 -17.39
C ILE E 395 49.51 -9.97 -17.25
N GLU E 396 48.84 -9.33 -18.21
CA GLU E 396 47.39 -9.41 -18.33
C GLU E 396 47.11 -10.22 -19.60
N ASN E 397 46.50 -11.39 -19.44
CA ASN E 397 46.06 -12.19 -20.58
C ASN E 397 44.60 -11.83 -20.85
N ARG E 398 44.33 -11.18 -21.98
CA ARG E 398 42.99 -10.66 -22.31
C ARG E 398 42.22 -11.67 -23.16
N ILE E 399 42.56 -12.95 -23.18
CA ILE E 399 41.89 -13.98 -24.03
C ILE E 399 40.66 -14.55 -23.30
N GLY E 400 40.59 -14.51 -21.99
CA GLY E 400 39.52 -15.17 -21.26
C GLY E 400 38.16 -14.55 -21.41
N GLU E 401 37.12 -15.26 -20.99
CA GLU E 401 35.72 -14.81 -21.08
C GLU E 401 35.12 -14.88 -19.68
N PRO E 402 34.15 -14.02 -19.30
CA PRO E 402 33.62 -14.00 -17.93
C PRO E 402 33.02 -15.31 -17.46
N GLY E 403 32.52 -16.16 -18.35
CA GLY E 403 31.92 -17.47 -18.04
C GLY E 403 32.88 -18.65 -18.06
N ALA E 404 34.20 -18.42 -18.04
CA ALA E 404 35.20 -19.49 -18.00
C ALA E 404 35.15 -20.21 -16.66
N ASN E 405 35.35 -21.53 -16.64
CA ASN E 405 35.48 -22.29 -15.38
C ASN E 405 36.74 -21.70 -14.73
N PRO E 406 36.73 -21.06 -13.54
CA PRO E 406 37.93 -20.46 -12.95
C PRO E 406 39.09 -21.42 -12.81
N TYR E 407 38.80 -22.67 -12.43
CA TYR E 407 39.87 -23.64 -12.25
C TYR E 407 40.59 -23.91 -13.55
N LEU E 408 39.83 -24.09 -14.65
CA LEU E 408 40.46 -24.41 -15.92
C LEU E 408 41.19 -23.20 -16.50
N TYR E 409 40.61 -22.01 -16.37
CA TYR E 409 41.29 -20.81 -16.84
C TYR E 409 42.63 -20.64 -16.13
N MET E 410 42.61 -20.59 -14.80
CA MET E 410 43.84 -20.37 -14.04
C MET E 410 44.84 -21.51 -14.24
N ALA E 411 44.37 -22.76 -14.30
CA ALA E 411 45.29 -23.88 -14.52
C ALA E 411 45.92 -23.80 -15.90
N SER E 412 45.14 -23.45 -16.92
CA SER E 412 45.70 -23.28 -18.25
C SER E 412 46.75 -22.18 -18.25
N GLN E 413 46.52 -21.12 -17.49
CA GLN E 413 47.53 -20.06 -17.41
C GLN E 413 48.80 -20.58 -16.76
N ILE E 414 48.66 -21.28 -15.63
CA ILE E 414 49.84 -21.81 -14.93
C ILE E 414 50.61 -22.74 -15.85
N VAL E 415 49.90 -23.65 -16.53
CA VAL E 415 50.55 -24.65 -17.35
C VAL E 415 51.26 -24.00 -18.53
N SER E 416 50.60 -23.05 -19.20
CA SER E 416 51.20 -22.38 -20.34
C SER E 416 52.44 -21.59 -19.92
N GLY E 417 52.33 -20.80 -18.85
CA GLY E 417 53.46 -19.99 -18.42
C GLY E 417 54.63 -20.83 -17.99
N LEU E 418 54.36 -21.92 -17.27
CA LEU E 418 55.45 -22.79 -16.83
C LEU E 418 56.06 -23.56 -17.99
N ASP E 419 55.26 -23.90 -19.00
CA ASP E 419 55.82 -24.48 -20.21
C ASP E 419 56.76 -23.49 -20.88
N GLY E 420 56.36 -22.23 -20.95
CA GLY E 420 57.24 -21.20 -21.49
C GLY E 420 58.53 -21.07 -20.72
N ILE E 421 58.46 -21.08 -19.39
CA ILE E 421 59.67 -20.98 -18.57
C ILE E 421 60.56 -22.22 -18.78
N LYS E 422 60.00 -23.42 -18.66
CA LYS E 422 60.80 -24.63 -18.65
C LYS E 422 61.46 -24.90 -20.00
N ASN E 423 60.78 -24.57 -21.10
CA ASN E 423 61.33 -24.73 -22.44
C ASN E 423 61.90 -23.43 -22.96
N LYS E 424 62.06 -22.46 -22.08
CA LYS E 424 62.70 -21.20 -22.41
C LYS E 424 62.21 -20.65 -23.74
N LYS E 425 60.88 -20.58 -23.87
CA LYS E 425 60.27 -20.08 -25.11
C LYS E 425 60.31 -18.55 -25.10
N ASP E 426 60.44 -17.98 -26.29
CA ASP E 426 60.57 -16.55 -26.47
C ASP E 426 59.30 -15.97 -27.05
N PRO E 427 58.72 -14.92 -26.44
CA PRO E 427 57.51 -14.33 -26.99
C PRO E 427 57.73 -13.57 -28.30
N GLY E 428 58.96 -13.22 -28.64
CA GLY E 428 59.21 -12.47 -29.86
C GLY E 428 59.28 -10.98 -29.57
N GLU E 429 58.85 -10.17 -30.51
CA GLU E 429 58.98 -8.73 -30.37
C GLU E 429 57.70 -8.14 -29.78
N LEU E 430 57.84 -7.13 -28.93
CA LEU E 430 56.67 -6.42 -28.43
C LEU E 430 56.00 -5.74 -29.61
N GLN E 431 54.71 -5.96 -29.75
CA GLN E 431 54.01 -5.46 -30.92
C GLN E 431 53.36 -4.11 -30.62
N GLU E 432 53.88 -3.05 -31.27
CA GLU E 432 53.10 -1.84 -31.42
C GLU E 432 52.09 -2.12 -32.51
N SER E 433 50.83 -1.80 -32.27
CA SER E 433 49.74 -2.09 -33.21
C SER E 433 49.49 -3.58 -33.38
N PRO E 434 48.98 -4.25 -32.34
CA PRO E 434 48.77 -5.71 -32.40
C PRO E 434 47.82 -6.19 -33.49
N TYR E 435 46.86 -5.39 -33.92
CA TYR E 435 45.90 -5.87 -34.92
C TYR E 435 46.44 -5.85 -36.34
N ASP E 436 47.68 -5.39 -36.55
CA ASP E 436 48.36 -5.45 -37.87
C ASP E 436 49.60 -6.33 -37.74
N ALA E 437 49.77 -7.03 -36.61
CA ALA E 437 50.96 -7.86 -36.36
C ALA E 437 50.93 -9.08 -37.28
N GLN E 438 52.07 -9.64 -37.64
CA GLN E 438 52.17 -10.85 -38.50
C GLN E 438 52.54 -11.96 -37.53
N VAL E 439 51.58 -12.39 -36.71
CA VAL E 439 51.80 -13.41 -35.64
C VAL E 439 50.72 -14.48 -35.86
N PRO E 440 50.83 -15.71 -35.33
CA PRO E 440 49.81 -16.72 -35.58
C PRO E 440 48.44 -16.25 -35.08
N MET E 441 47.37 -16.45 -35.85
CA MET E 441 46.01 -15.99 -35.48
C MET E 441 45.41 -16.96 -34.46
N LEU E 442 44.51 -16.49 -33.59
CA LEU E 442 43.82 -17.34 -32.63
C LEU E 442 42.59 -17.98 -33.25
N PRO E 443 42.11 -19.08 -32.66
CA PRO E 443 40.89 -19.72 -33.17
C PRO E 443 39.70 -18.75 -33.16
N THR E 444 38.90 -18.81 -34.22
CA THR E 444 37.72 -17.96 -34.34
C THR E 444 36.41 -18.66 -33.96
N THR E 445 36.43 -19.98 -33.72
CA THR E 445 35.26 -20.70 -33.26
C THR E 445 35.69 -21.73 -32.21
N LEU E 446 34.72 -22.22 -31.44
CA LEU E 446 35.01 -23.25 -30.46
C LEU E 446 35.56 -24.49 -31.14
N ALA E 447 35.00 -24.85 -32.30
CA ALA E 447 35.52 -26.01 -33.03
C ALA E 447 36.99 -25.84 -33.37
N GLU E 448 37.40 -24.65 -33.78
CA GLU E 448 38.81 -24.44 -34.07
C GLU E 448 39.67 -24.59 -32.82
N ALA E 449 39.17 -24.10 -31.68
CA ALA E 449 39.92 -24.25 -30.43
C ALA E 449 40.09 -25.72 -30.07
N LEU E 450 39.04 -26.51 -30.26
CA LEU E 450 39.12 -27.94 -29.98
C LEU E 450 40.08 -28.62 -30.95
N ASP E 451 40.04 -28.24 -32.22
CA ASP E 451 41.00 -28.74 -33.19
C ASP E 451 42.43 -28.43 -32.75
N ALA E 452 42.66 -27.18 -32.32
CA ALA E 452 44.00 -26.78 -31.90
C ALA E 452 44.47 -27.60 -30.72
N LEU E 453 43.59 -27.87 -29.76
CA LEU E 453 43.98 -28.72 -28.65
C LEU E 453 44.27 -30.14 -29.12
N GLU E 454 43.45 -30.66 -30.03
CA GLU E 454 43.56 -32.07 -30.40
C GLU E 454 44.89 -32.37 -31.07
N HIS E 455 45.36 -31.43 -31.89
CA HIS E 455 46.60 -31.55 -32.65
C HIS E 455 47.81 -31.08 -31.87
N ASP E 456 47.63 -30.48 -30.70
CA ASP E 456 48.74 -30.05 -29.84
C ASP E 456 48.42 -30.40 -28.40
N SER E 457 48.13 -31.68 -28.12
CA SER E 457 47.53 -32.07 -26.83
C SER E 457 48.55 -32.46 -25.77
N GLU E 458 49.84 -32.52 -26.12
CA GLU E 458 50.84 -33.08 -25.22
C GLU E 458 50.85 -32.35 -23.87
N LEU E 459 50.99 -31.01 -23.88
CA LEU E 459 51.14 -30.32 -22.62
C LEU E 459 49.92 -30.48 -21.74
N PHE E 460 48.74 -30.34 -22.30
CA PHE E 460 47.55 -30.43 -21.45
C PHE E 460 47.16 -31.86 -21.16
N ARG E 461 47.51 -32.82 -22.01
CA ARG E 461 47.33 -34.20 -21.57
C ARG E 461 48.26 -34.52 -20.42
N SER E 462 49.46 -33.95 -20.43
CA SER E 462 50.40 -34.23 -19.37
C SER E 462 49.98 -33.58 -18.07
N CYS E 463 49.50 -32.35 -18.13
CA CYS E 463 49.23 -31.61 -16.91
C CYS E 463 47.78 -31.74 -16.44
N PHE E 464 46.81 -31.67 -17.34
CA PHE E 464 45.41 -31.83 -16.97
C PHE E 464 45.01 -33.29 -16.83
N GLY E 465 45.65 -34.19 -17.58
CA GLY E 465 45.35 -35.61 -17.54
C GLY E 465 44.76 -36.08 -18.85
N ASP E 466 45.19 -37.26 -19.30
CA ASP E 466 44.75 -37.79 -20.59
C ASP E 466 43.25 -38.07 -20.57
N THR E 467 42.76 -38.68 -19.50
CA THR E 467 41.34 -38.99 -19.43
C THR E 467 40.51 -37.71 -19.47
N PHE E 468 40.93 -36.68 -18.75
CA PHE E 468 40.16 -35.45 -18.75
C PHE E 468 40.13 -34.84 -20.14
N ILE E 469 41.25 -34.86 -20.85
CA ILE E 469 41.30 -34.23 -22.16
C ILE E 469 40.40 -34.96 -23.15
N LYS E 470 40.40 -36.30 -23.10
CA LYS E 470 39.49 -37.07 -23.94
C LYS E 470 38.04 -36.73 -23.63
N TYR E 471 37.68 -36.71 -22.34
CA TYR E 471 36.32 -36.39 -21.95
C TYR E 471 35.93 -34.98 -22.43
N TRP E 472 36.83 -34.01 -22.20
CA TRP E 472 36.58 -32.64 -22.60
C TRP E 472 36.36 -32.52 -24.10
N LEU E 473 37.24 -33.14 -24.89
CA LEU E 473 37.10 -33.05 -26.34
C LEU E 473 35.75 -33.62 -26.78
N GLN E 474 35.39 -34.79 -26.26
CA GLN E 474 34.14 -35.42 -26.67
C GLN E 474 32.96 -34.54 -26.34
N LEU E 475 32.89 -34.04 -25.10
CA LEU E 475 31.76 -33.24 -24.66
C LEU E 475 31.65 -31.95 -25.47
N ARG E 476 32.74 -31.18 -25.54
CA ARG E 476 32.67 -29.88 -26.21
C ARG E 476 32.33 -30.04 -27.69
N ARG E 477 32.84 -31.11 -28.32
CA ARG E 477 32.48 -31.32 -29.71
C ARG E 477 30.99 -31.65 -29.86
N SER E 478 30.42 -32.38 -28.89
CA SER E 478 28.98 -32.62 -28.94
C SER E 478 28.21 -31.30 -28.87
N GLU E 479 28.65 -30.38 -28.01
CA GLU E 479 27.97 -29.10 -27.93
C GLU E 479 28.10 -28.32 -29.24
N TRP E 480 29.30 -28.35 -29.85
CA TRP E 480 29.47 -27.64 -31.11
C TRP E 480 28.56 -28.22 -32.19
N ALA E 481 28.43 -29.54 -32.22
CA ALA E 481 27.52 -30.16 -33.19
C ALA E 481 26.10 -29.67 -32.95
N ARG E 482 25.69 -29.52 -31.69
CA ARG E 482 24.36 -29.00 -31.40
C ARG E 482 24.20 -27.58 -31.98
N PHE E 483 25.17 -26.70 -31.70
CA PHE E 483 25.06 -25.33 -32.21
C PHE E 483 25.00 -25.30 -33.73
N LEU E 484 25.84 -26.12 -34.39
CA LEU E 484 25.89 -26.12 -35.84
C LEU E 484 24.58 -26.62 -36.41
N ASP E 485 23.99 -27.65 -35.78
CA ASP E 485 22.71 -28.16 -36.23
C ASP E 485 21.61 -27.12 -36.06
N ALA E 486 21.72 -26.26 -35.05
CA ALA E 486 20.64 -25.30 -34.79
C ALA E 486 20.75 -24.05 -35.64
N GLU E 487 21.96 -23.54 -35.86
CA GLU E 487 22.14 -22.23 -36.47
C GLU E 487 22.86 -22.26 -37.82
N GLY E 488 23.73 -23.24 -38.04
CA GLY E 488 24.48 -23.31 -39.28
C GLY E 488 25.88 -22.74 -39.14
N ALA E 489 26.70 -23.02 -40.15
CA ALA E 489 28.12 -22.66 -40.06
C ALA E 489 28.32 -21.15 -40.21
N GLU E 490 27.53 -20.51 -41.07
CA GLU E 490 27.70 -19.08 -41.29
C GLU E 490 27.64 -18.31 -39.97
N ALA E 491 26.78 -18.76 -39.05
CA ALA E 491 26.58 -18.06 -37.80
C ALA E 491 27.85 -18.00 -36.96
N ALA E 492 28.72 -19.02 -37.09
CA ALA E 492 29.90 -19.07 -36.23
C ALA E 492 30.78 -17.83 -36.40
N GLU E 493 30.71 -17.17 -37.56
CA GLU E 493 31.53 -15.99 -37.84
C GLU E 493 31.57 -15.03 -36.65
N PRO E 494 32.75 -14.75 -36.08
CA PRO E 494 32.80 -13.88 -34.90
C PRO E 494 32.05 -12.56 -35.04
N THR E 495 32.16 -11.89 -36.18
CA THR E 495 31.52 -10.59 -36.31
C THR E 495 30.02 -10.71 -36.49
N GLY E 496 29.50 -11.91 -36.69
CA GLY E 496 28.07 -12.10 -36.86
C GLY E 496 27.28 -11.77 -35.61
N ALA E 497 25.98 -11.59 -35.82
CA ALA E 497 25.05 -11.34 -34.73
C ALA E 497 24.96 -12.54 -33.79
N VAL E 498 24.68 -12.26 -32.52
CA VAL E 498 24.50 -13.33 -31.55
C VAL E 498 23.22 -14.09 -31.86
N THR E 499 23.30 -15.41 -31.89
CA THR E 499 22.16 -16.24 -32.26
C THR E 499 21.29 -16.53 -31.04
N GLN E 500 20.06 -16.96 -31.30
CA GLN E 500 19.20 -17.39 -30.21
C GLN E 500 19.73 -18.64 -29.52
N TRP E 501 20.42 -19.52 -30.25
CA TRP E 501 21.00 -20.69 -29.61
C TRP E 501 21.96 -20.30 -28.48
N GLU E 502 22.81 -19.30 -28.73
CA GLU E 502 23.73 -18.84 -27.71
C GLU E 502 22.99 -18.25 -26.53
N GLN E 503 21.97 -17.43 -26.79
CA GLN E 503 21.20 -16.83 -25.71
C GLN E 503 20.56 -17.91 -24.85
N LYS E 504 19.97 -18.92 -25.48
CA LYS E 504 19.27 -19.97 -24.75
C LYS E 504 20.21 -21.01 -24.16
N GLU E 505 21.48 -20.99 -24.55
CA GLU E 505 22.49 -21.85 -23.96
C GLU E 505 23.17 -21.21 -22.74
N TYR E 506 23.42 -19.88 -22.76
CA TYR E 506 24.30 -19.29 -21.74
C TYR E 506 23.67 -18.18 -20.90
N PHE E 507 22.66 -17.47 -21.38
CA PHE E 507 22.22 -16.27 -20.67
C PHE E 507 21.75 -16.61 -19.25
N ASN E 508 20.92 -17.65 -19.10
CA ASN E 508 20.32 -17.92 -17.80
C ASN E 508 21.36 -18.41 -16.79
N LEU E 509 22.22 -19.33 -17.20
CA LEU E 509 23.05 -20.03 -16.22
C LEU E 509 24.42 -19.41 -16.03
N LEU E 510 25.01 -18.81 -17.06
CA LEU E 510 26.35 -18.25 -16.90
C LEU E 510 26.27 -16.87 -16.24
N ASP F 21 -19.82 47.09 25.27
CA ASP F 21 -20.24 45.77 25.73
C ASP F 21 -21.72 45.55 25.44
N PHE F 22 -22.00 45.11 24.22
CA PHE F 22 -23.38 44.91 23.78
C PHE F 22 -24.14 43.98 24.71
N ILE F 23 -23.52 42.87 25.14
CA ILE F 23 -24.25 41.89 25.93
C ILE F 23 -24.60 42.44 27.31
N THR F 24 -23.62 43.03 28.00
CA THR F 24 -23.89 43.61 29.31
C THR F 24 -24.85 44.79 29.20
N LYS F 25 -24.60 45.67 28.22
CA LYS F 25 -25.43 46.84 28.01
C LYS F 25 -26.91 46.47 27.88
N ASN F 26 -27.21 45.39 27.18
CA ASN F 26 -28.59 44.94 27.00
C ASN F 26 -28.99 43.80 27.95
N ASN F 27 -28.16 43.49 28.94
CA ASN F 27 -28.51 42.49 29.95
C ASN F 27 -28.99 41.19 29.31
N LEU F 28 -28.19 40.67 28.36
CA LEU F 28 -28.59 39.47 27.63
C LEU F 28 -28.11 38.18 28.27
N TRP F 29 -27.19 38.26 29.23
CA TRP F 29 -26.63 37.09 29.90
C TRP F 29 -27.09 37.03 31.34
N THR F 30 -27.54 35.85 31.78
CA THR F 30 -27.78 35.64 33.19
C THR F 30 -26.45 35.46 33.91
N ASN F 31 -26.51 35.46 35.24
CA ASN F 31 -25.29 35.21 36.01
C ASN F 31 -24.78 33.79 35.73
N GLU F 32 -25.70 32.84 35.57
CA GLU F 32 -25.32 31.48 35.20
C GLU F 32 -24.51 31.50 33.90
N GLN F 33 -25.00 32.23 32.89
CA GLN F 33 -24.29 32.29 31.60
C GLN F 33 -22.92 32.92 31.73
N ARG F 34 -22.79 33.97 32.54
CA ARG F 34 -21.49 34.64 32.65
C ARG F 34 -20.48 33.73 33.32
N ASP F 35 -20.89 33.00 34.36
CA ASP F 35 -19.97 32.04 34.96
C ASP F 35 -19.61 30.98 33.93
N ALA F 36 -20.60 30.51 33.15
CA ALA F 36 -20.32 29.53 32.11
C ALA F 36 -19.32 30.06 31.10
N ALA F 37 -19.42 31.35 30.72
CA ALA F 37 -18.46 31.94 29.79
C ALA F 37 -17.05 31.88 30.36
N ASP F 38 -16.94 32.16 31.67
CA ASP F 38 -15.60 32.06 32.27
C ASP F 38 -15.06 30.64 32.14
N LYS F 39 -15.93 29.66 32.39
CA LYS F 39 -15.50 28.27 32.35
C LYS F 39 -15.17 27.85 30.91
N VAL F 40 -15.88 28.40 29.93
CA VAL F 40 -15.64 28.03 28.54
C VAL F 40 -14.29 28.56 28.07
N LEU F 41 -13.95 29.80 28.46
CA LEU F 41 -12.65 30.32 28.05
C LEU F 41 -11.55 29.53 28.75
N ALA F 42 -11.79 29.12 29.99
CA ALA F 42 -10.75 28.35 30.65
C ALA F 42 -10.57 27.01 29.96
N GLU F 43 -11.66 26.38 29.54
CA GLU F 43 -11.54 25.09 28.86
C GLU F 43 -10.89 25.27 27.50
N ILE F 44 -11.20 26.37 26.82
CA ILE F 44 -10.59 26.62 25.52
C ILE F 44 -9.09 26.76 25.66
N ASP F 45 -8.64 27.47 26.71
CA ASP F 45 -7.20 27.59 26.91
C ASP F 45 -6.60 26.26 27.31
N SER F 46 -7.29 25.51 28.17
CA SER F 46 -6.72 24.26 28.67
C SER F 46 -6.52 23.26 27.56
N LEU F 47 -7.48 23.16 26.64
CA LEU F 47 -7.42 22.20 25.55
C LEU F 47 -6.60 22.68 24.37
N GLY F 48 -6.19 23.94 24.36
CA GLY F 48 -5.46 24.48 23.24
C GLY F 48 -6.28 24.55 21.97
N LEU F 49 -7.59 24.76 22.11
CA LEU F 49 -8.46 24.91 20.95
C LEU F 49 -8.08 26.16 20.18
N GLU F 50 -8.27 26.09 18.88
CA GLU F 50 -7.91 27.15 17.97
C GLU F 50 -9.11 27.80 17.32
N MET F 51 -10.17 27.04 17.06
CA MET F 51 -11.40 27.51 16.46
C MET F 51 -12.58 27.23 17.39
N ILE F 52 -13.58 28.10 17.32
CA ILE F 52 -14.86 27.91 17.98
C ILE F 52 -15.96 28.28 17.00
N ARG F 53 -16.80 27.31 16.63
CA ARG F 53 -17.92 27.60 15.75
C ARG F 53 -19.04 28.26 16.55
N LEU F 54 -19.62 29.32 15.97
CA LEU F 54 -20.76 30.02 16.53
C LEU F 54 -21.88 29.84 15.52
N SER F 55 -22.91 29.09 15.91
CA SER F 55 -23.95 28.68 14.97
C SER F 55 -25.33 28.90 15.56
N TRP F 56 -26.32 28.87 14.68
CA TRP F 56 -27.72 29.00 15.05
C TRP F 56 -28.57 28.32 14.00
N ALA F 57 -29.70 27.76 14.42
CA ALA F 57 -30.62 27.11 13.51
C ALA F 57 -31.38 28.15 12.70
N ASP F 58 -31.45 27.94 11.39
CA ASP F 58 -32.29 28.76 10.52
C ASP F 58 -33.71 28.18 10.53
N GLN F 59 -34.58 28.70 9.66
CA GLN F 59 -35.97 28.25 9.67
C GLN F 59 -36.09 26.76 9.42
N TYR F 60 -35.14 26.19 8.69
CA TYR F 60 -35.15 24.78 8.34
C TYR F 60 -34.47 23.91 9.39
N GLY F 61 -33.91 24.51 10.44
CA GLY F 61 -33.14 23.75 11.40
C GLY F 61 -31.70 23.50 11.02
N LEU F 62 -31.19 24.18 9.99
CA LEU F 62 -29.82 23.97 9.55
C LEU F 62 -28.89 24.95 10.25
N LEU F 63 -27.76 24.44 10.71
CA LEU F 63 -26.83 25.24 11.48
C LEU F 63 -26.12 26.21 10.54
N ARG F 64 -26.21 27.50 10.84
CA ARG F 64 -25.57 28.54 10.05
C ARG F 64 -24.74 29.39 11.00
N GLY F 65 -23.64 29.94 10.48
CA GLY F 65 -22.87 30.86 11.29
C GLY F 65 -21.44 31.04 10.82
N LYS F 66 -20.51 31.12 11.76
CA LYS F 66 -19.11 31.39 11.47
C LYS F 66 -18.25 30.51 12.34
N SER F 67 -17.01 30.28 11.93
CA SER F 67 -15.99 29.75 12.84
C SER F 67 -15.05 30.89 13.21
N LEU F 68 -14.84 31.09 14.51
CA LEU F 68 -14.05 32.20 15.03
C LEU F 68 -12.77 31.68 15.68
N THR F 69 -11.75 32.53 15.72
CA THR F 69 -10.56 32.19 16.49
C THR F 69 -10.81 32.48 17.97
N VAL F 70 -9.88 32.03 18.82
CA VAL F 70 -10.03 32.25 20.25
C VAL F 70 -10.19 33.74 20.55
N ALA F 71 -9.31 34.57 19.97
CA ALA F 71 -9.36 36.01 20.24
C ALA F 71 -10.67 36.62 19.77
N SER F 72 -11.13 36.23 18.58
CA SER F 72 -12.39 36.76 18.07
C SER F 72 -13.55 36.30 18.94
N LEU F 73 -13.47 35.09 19.50
CA LEU F 73 -14.51 34.62 20.41
C LEU F 73 -14.51 35.42 21.71
N LYS F 74 -13.32 35.71 22.25
CA LYS F 74 -13.27 36.54 23.45
C LYS F 74 -13.88 37.89 23.17
N SER F 75 -13.72 38.39 21.95
CA SER F 75 -14.38 39.65 21.59
C SER F 75 -15.89 39.48 21.49
N ALA F 76 -16.36 38.34 20.94
CA ALA F 76 -17.80 38.11 20.80
C ALA F 76 -18.47 37.91 22.16
N PHE F 77 -17.69 37.54 23.17
CA PHE F 77 -18.20 37.42 24.53
C PHE F 77 -18.51 38.79 25.15
N LYS F 78 -18.15 39.88 24.48
CA LYS F 78 -18.59 41.21 24.91
C LYS F 78 -19.47 41.88 23.88
N GLU F 79 -19.09 41.88 22.60
CA GLU F 79 -19.81 42.66 21.60
C GLU F 79 -20.72 41.82 20.72
N GLY F 80 -20.68 40.49 20.83
CA GLY F 80 -21.38 39.64 19.87
C GLY F 80 -20.61 39.59 18.55
N SER F 81 -21.25 38.99 17.53
CA SER F 81 -20.63 38.85 16.22
C SER F 81 -21.67 39.13 15.15
N GLU F 82 -21.42 40.16 14.33
CA GLU F 82 -22.40 40.57 13.34
C GLU F 82 -22.55 39.52 12.24
N VAL F 83 -23.78 39.34 11.76
CA VAL F 83 -24.05 38.46 10.64
C VAL F 83 -25.21 39.03 9.86
N ALA F 84 -25.36 38.60 8.61
CA ALA F 84 -26.51 39.01 7.81
C ALA F 84 -27.61 37.96 7.96
N ILE F 85 -28.86 38.38 7.72
CA ILE F 85 -30.01 37.51 7.92
C ILE F 85 -30.35 36.76 6.65
N GLY F 86 -29.46 36.82 5.66
CA GLY F 86 -29.70 36.22 4.37
C GLY F 86 -30.36 34.85 4.40
N PRO F 87 -29.85 33.94 5.22
CA PRO F 87 -30.45 32.60 5.28
C PRO F 87 -31.95 32.59 5.45
N PHE F 88 -32.48 33.46 6.32
CA PHE F 88 -33.92 33.47 6.55
C PHE F 88 -34.71 33.83 5.29
N PHE F 89 -34.15 34.65 4.41
CA PHE F 89 -34.87 35.05 3.20
C PHE F 89 -34.57 34.17 2.00
N PHE F 90 -33.78 33.12 2.17
CA PHE F 90 -33.50 32.15 1.11
C PHE F 90 -34.24 30.85 1.42
N ASP F 91 -34.59 30.10 0.38
CA ASP F 91 -35.07 28.74 0.60
C ASP F 91 -33.86 27.81 0.57
N LEU F 92 -34.09 26.49 0.56
CA LEU F 92 -32.97 25.56 0.70
C LEU F 92 -31.99 25.66 -0.47
N VAL F 93 -32.45 26.09 -1.64
CA VAL F 93 -31.59 26.22 -2.82
C VAL F 93 -31.27 27.68 -3.12
N SER F 94 -31.57 28.58 -2.20
CA SER F 94 -31.24 30.00 -2.34
C SER F 94 -32.08 30.69 -3.43
N SER F 95 -33.33 30.29 -3.55
CA SER F 95 -34.29 31.14 -4.24
C SER F 95 -34.48 32.39 -3.38
N MET F 96 -34.42 33.57 -4.00
CA MET F 96 -34.63 34.80 -3.24
C MET F 96 -36.13 34.98 -3.05
N VAL F 97 -36.62 34.67 -1.86
CA VAL F 97 -38.06 34.71 -1.60
C VAL F 97 -38.51 36.09 -1.15
N PHE F 98 -37.68 36.77 -0.37
CA PHE F 98 -37.96 38.12 0.10
C PHE F 98 -36.84 39.01 -0.43
N ASN F 99 -37.21 40.15 -1.04
CA ASN F 99 -36.23 41.05 -1.61
C ASN F 99 -35.26 41.54 -0.54
N LEU F 100 -33.96 41.45 -0.86
CA LEU F 100 -32.88 41.77 0.07
C LEU F 100 -32.20 43.10 -0.21
N PHE F 101 -32.51 43.78 -1.31
CA PHE F 101 -31.77 44.95 -1.76
C PHE F 101 -32.43 46.26 -1.35
N THR F 102 -33.70 46.26 -0.98
CA THR F 102 -34.40 47.44 -0.48
C THR F 102 -34.54 47.35 1.03
N THR F 103 -33.92 48.29 1.74
CA THR F 103 -34.07 48.34 3.20
C THR F 103 -35.51 48.70 3.54
N ALA F 104 -36.12 47.94 4.46
CA ALA F 104 -37.50 48.14 4.81
C ALA F 104 -37.68 49.33 5.75
N GLY F 105 -38.81 50.02 5.59
CA GLY F 105 -39.19 51.02 6.57
C GLY F 105 -39.54 50.39 7.91
N ASP F 106 -40.32 49.32 7.90
CA ASP F 106 -40.66 48.55 9.09
C ASP F 106 -40.41 47.09 8.71
N PHE F 107 -39.32 46.52 9.21
CA PHE F 107 -38.89 45.20 8.76
C PHE F 107 -40.01 44.17 8.94
N GLU F 108 -40.65 44.16 10.11
CA GLU F 108 -41.65 43.15 10.42
C GLU F 108 -42.92 43.35 9.59
N ASP F 109 -43.14 44.54 9.04
CA ASP F 109 -44.30 44.78 8.19
C ASP F 109 -44.01 44.50 6.71
N GLU F 110 -42.77 44.68 6.29
CA GLU F 110 -42.40 44.52 4.88
C GLU F 110 -41.64 43.25 4.56
N LEU F 111 -40.93 42.68 5.52
CA LEU F 111 -40.11 41.48 5.31
C LEU F 111 -39.18 41.64 4.11
N SER F 112 -38.37 42.69 4.16
CA SER F 112 -37.43 42.96 3.08
C SER F 112 -36.14 43.49 3.68
N GLY F 113 -35.08 43.45 2.87
CA GLY F 113 -33.79 43.99 3.22
C GLY F 113 -32.86 42.93 3.78
N ASN F 114 -31.61 43.34 4.00
CA ASN F 114 -30.60 42.49 4.60
C ASN F 114 -29.95 43.23 5.78
N PRO F 115 -30.71 43.52 6.84
CA PRO F 115 -30.09 44.11 8.02
C PRO F 115 -29.12 43.14 8.68
N THR F 116 -28.12 43.70 9.35
CA THR F 116 -27.18 42.90 10.11
C THR F 116 -27.76 42.70 11.52
N VAL F 117 -27.66 41.48 12.03
CA VAL F 117 -28.04 41.16 13.39
C VAL F 117 -26.80 40.75 14.16
N VAL F 118 -26.95 40.62 15.47
CA VAL F 118 -25.85 40.27 16.36
C VAL F 118 -26.08 38.85 16.85
N MET F 119 -25.13 37.97 16.55
CA MET F 119 -25.04 36.67 17.18
C MET F 119 -24.52 36.88 18.59
N VAL F 120 -25.33 36.55 19.59
CA VAL F 120 -24.95 36.64 20.98
C VAL F 120 -24.69 35.21 21.49
N PRO F 121 -23.45 34.85 21.76
CA PRO F 121 -23.17 33.46 22.15
C PRO F 121 -23.88 33.10 23.45
N ASP F 122 -24.34 31.85 23.52
CA ASP F 122 -24.91 31.27 24.73
C ASP F 122 -23.84 30.35 25.34
N PRO F 123 -23.11 30.78 26.37
CA PRO F 123 -21.97 29.97 26.85
C PRO F 123 -22.36 28.62 27.42
N THR F 124 -23.61 28.43 27.86
CA THR F 124 -24.02 27.15 28.42
C THR F 124 -24.11 26.04 27.38
N THR F 125 -23.99 26.35 26.09
CA THR F 125 -24.10 25.36 25.04
C THR F 125 -22.74 24.91 24.49
N PHE F 126 -21.65 25.35 25.10
CA PHE F 126 -20.33 25.07 24.52
C PHE F 126 -20.07 23.57 24.48
N LYS F 127 -19.49 23.12 23.37
CA LYS F 127 -19.09 21.73 23.21
C LYS F 127 -17.76 21.68 22.47
N VAL F 128 -16.95 20.68 22.80
CA VAL F 128 -15.78 20.34 22.02
C VAL F 128 -16.21 19.30 20.99
N LEU F 129 -16.03 19.59 19.71
CA LEU F 129 -16.43 18.67 18.66
C LEU F 129 -15.35 17.61 18.48
N PRO F 130 -15.64 16.34 18.82
CA PRO F 130 -14.57 15.34 18.84
C PRO F 130 -14.05 14.93 17.47
N TRP F 131 -14.80 15.16 16.39
CA TRP F 131 -14.39 14.73 15.07
C TRP F 131 -13.58 15.79 14.31
N ALA F 132 -13.39 16.98 14.88
CA ALA F 132 -12.71 18.07 14.20
C ALA F 132 -11.43 18.43 14.94
N ASP F 133 -10.55 19.15 14.24
CA ASP F 133 -9.24 19.50 14.79
C ASP F 133 -9.35 20.75 15.66
N LYS F 134 -9.21 20.55 16.98
CA LYS F 134 -9.09 21.63 17.96
C LYS F 134 -10.20 22.66 17.76
N THR F 135 -11.44 22.18 17.71
CA THR F 135 -12.58 23.02 17.39
C THR F 135 -13.65 22.86 18.46
N GLY F 136 -14.08 24.00 19.02
CA GLY F 136 -15.23 24.04 19.90
C GLY F 136 -16.48 24.49 19.15
N TRP F 137 -17.58 24.57 19.88
CA TRP F 137 -18.88 24.74 19.22
C TRP F 137 -19.86 25.35 20.21
N MET F 138 -20.68 26.28 19.71
CA MET F 138 -21.57 27.02 20.58
C MET F 138 -22.70 27.58 19.75
N LEU F 139 -23.89 27.63 20.36
CA LEU F 139 -25.06 28.25 19.75
C LEU F 139 -25.12 29.73 20.12
N ALA F 140 -25.79 30.50 19.27
CA ALA F 140 -25.97 31.93 19.52
C ALA F 140 -27.43 32.31 19.32
N ASP F 141 -27.86 33.33 20.06
CA ASP F 141 -29.18 33.92 19.93
C ASP F 141 -29.07 35.17 19.05
N LEU F 142 -29.97 35.31 18.08
CA LEU F 142 -29.93 36.43 17.16
C LEU F 142 -30.69 37.61 17.72
N HIS F 143 -30.07 38.79 17.68
CA HIS F 143 -30.67 40.00 18.24
C HIS F 143 -30.50 41.16 17.27
N TRP F 144 -31.51 42.03 17.21
CA TRP F 144 -31.32 43.27 16.48
C TRP F 144 -30.20 44.07 17.16
N LYS F 145 -29.59 44.99 16.40
CA LYS F 145 -28.60 45.85 17.02
C LYS F 145 -29.22 46.80 18.05
N SER F 146 -30.54 46.99 18.00
CA SER F 146 -31.25 47.70 19.06
C SER F 146 -31.18 46.95 20.39
N GLY F 147 -30.95 45.64 20.35
CA GLY F 147 -30.90 44.80 21.53
C GLY F 147 -32.09 43.88 21.66
N GLU F 148 -33.14 44.09 20.88
CA GLU F 148 -34.36 43.29 20.90
C GLU F 148 -34.12 41.98 20.14
N PRO F 149 -34.77 40.89 20.57
CA PRO F 149 -34.59 39.61 19.88
C PRO F 149 -35.04 39.70 18.42
N PHE F 150 -34.33 38.99 17.56
CA PHE F 150 -34.70 38.91 16.15
C PHE F 150 -35.98 38.07 16.04
N PRO F 151 -37.06 38.58 15.44
CA PRO F 151 -38.38 37.91 15.59
C PRO F 151 -38.51 36.60 14.85
N LEU F 152 -37.58 36.24 13.96
CA LEU F 152 -37.69 35.01 13.20
C LEU F 152 -36.82 33.88 13.75
N CYS F 153 -36.06 34.13 14.81
CA CYS F 153 -35.15 33.13 15.35
C CYS F 153 -35.94 31.95 15.93
N PRO F 154 -35.78 30.74 15.37
CA PRO F 154 -36.56 29.60 15.90
C PRO F 154 -36.26 29.27 17.35
N ARG F 155 -35.01 29.38 17.77
CA ARG F 155 -34.70 29.10 19.16
C ARG F 155 -35.40 30.07 20.09
N GLY F 156 -35.62 31.31 19.65
CA GLY F 156 -36.36 32.24 20.47
C GLY F 156 -37.82 31.84 20.64
N ILE F 157 -38.41 31.29 19.58
CA ILE F 157 -39.78 30.77 19.69
C ILE F 157 -39.82 29.62 20.68
N MET F 158 -38.79 28.75 20.66
CA MET F 158 -38.75 27.68 21.65
C MET F 158 -38.62 28.25 23.05
N LYS F 159 -37.82 29.31 23.22
CA LYS F 159 -37.67 29.95 24.52
C LYS F 159 -38.99 30.51 25.02
N LYS F 160 -39.75 31.16 24.12
CA LYS F 160 -41.04 31.69 24.51
C LYS F 160 -41.99 30.59 24.94
N ALA F 161 -42.01 29.46 24.19
CA ALA F 161 -42.86 28.34 24.56
C ALA F 161 -42.48 27.79 25.93
N VAL F 162 -41.17 27.66 26.17
CA VAL F 162 -40.71 27.12 27.45
C VAL F 162 -41.11 28.03 28.60
N LYS F 163 -40.98 29.35 28.40
CA LYS F 163 -41.33 30.25 29.48
C LYS F 163 -42.84 30.28 29.72
N SER F 164 -43.64 30.27 28.64
CA SER F 164 -45.07 30.27 28.84
C SER F 164 -45.53 29.02 29.59
N LEU F 165 -44.88 27.88 29.30
CA LEU F 165 -45.20 26.66 30.04
C LEU F 165 -44.77 26.79 31.49
N SER F 166 -43.59 27.38 31.73
CA SER F 166 -43.09 27.57 33.08
C SER F 166 -43.96 28.54 33.88
N ASP F 167 -44.62 29.50 33.23
CA ASP F 167 -45.51 30.40 33.95
C ASP F 167 -46.75 29.70 34.49
N GLU F 168 -47.19 28.66 33.78
CA GLU F 168 -48.29 27.77 34.16
C GLU F 168 -47.82 26.67 35.10
N GLY F 169 -46.53 26.61 35.37
CA GLY F 169 -45.99 25.70 36.36
C GLY F 169 -45.49 24.35 35.86
N TYR F 170 -45.14 24.24 34.59
CA TYR F 170 -44.77 22.94 34.02
C TYR F 170 -43.45 23.05 33.29
N LEU F 171 -42.75 21.91 33.22
CA LEU F 171 -41.52 21.75 32.47
C LEU F 171 -41.72 20.66 31.44
N PHE F 172 -41.20 20.91 30.23
CA PHE F 172 -41.32 20.00 29.10
C PHE F 172 -40.22 18.95 29.17
N LYS F 173 -40.61 17.68 29.22
CA LYS F 173 -39.66 16.57 29.23
C LYS F 173 -39.82 15.82 27.92
N CYS F 174 -38.74 15.65 27.19
CA CYS F 174 -38.78 15.11 25.84
C CYS F 174 -37.75 14.01 25.64
N GLY F 175 -38.19 12.90 25.13
CA GLY F 175 -37.31 11.81 24.71
C GLY F 175 -37.11 11.83 23.21
N ILE F 176 -35.87 12.04 22.80
CA ILE F 176 -35.53 12.15 21.39
C ILE F 176 -35.39 10.74 20.83
N GLU F 177 -36.23 10.41 19.86
CA GLU F 177 -36.24 9.11 19.18
C GLU F 177 -36.16 9.40 17.69
N LEU F 178 -34.98 9.21 17.07
CA LEU F 178 -34.77 9.64 15.70
C LEU F 178 -34.49 8.44 14.80
N GLU F 179 -35.20 8.36 13.69
CA GLU F 179 -34.91 7.41 12.64
C GLU F 179 -34.16 8.14 11.53
N TRP F 180 -33.22 7.45 10.89
CA TRP F 180 -32.45 8.10 9.82
C TRP F 180 -31.80 7.04 8.95
N TYR F 181 -31.13 7.47 7.90
CA TYR F 181 -30.48 6.54 6.99
C TYR F 181 -28.97 6.70 6.96
N LEU F 182 -28.27 5.56 7.00
CA LEU F 182 -26.82 5.48 6.89
C LEU F 182 -26.52 4.91 5.49
N THR F 183 -25.84 5.69 4.64
CA THR F 183 -25.50 5.25 3.29
C THR F 183 -24.02 5.54 3.08
N LYS F 184 -23.40 4.86 2.12
CA LYS F 184 -21.98 5.09 1.85
C LYS F 184 -21.90 5.90 0.56
N ILE F 185 -21.04 6.92 0.60
CA ILE F 185 -20.94 7.85 -0.51
C ILE F 185 -20.24 7.21 -1.68
N VAL F 186 -20.85 7.32 -2.85
CA VAL F 186 -20.26 6.90 -4.11
C VAL F 186 -19.72 8.07 -4.90
N ASP F 187 -20.45 9.17 -4.90
CA ASP F 187 -19.99 10.35 -5.63
C ASP F 187 -20.60 11.55 -4.91
N ARG F 188 -19.78 12.54 -4.61
CA ARG F 188 -20.25 13.69 -3.86
C ARG F 188 -20.89 14.77 -4.73
N SER F 189 -20.96 14.53 -6.04
CA SER F 189 -21.62 15.43 -6.98
C SER F 189 -21.03 16.83 -6.95
N LEU F 190 -19.69 16.91 -7.05
CA LEU F 190 -18.98 18.16 -6.96
C LEU F 190 -18.57 18.75 -8.31
N SER F 191 -18.84 18.05 -9.41
CA SER F 191 -18.51 18.56 -10.72
C SER F 191 -19.25 19.88 -10.98
N PRO F 192 -18.63 20.84 -11.67
CA PRO F 192 -19.30 22.14 -11.88
C PRO F 192 -20.72 22.02 -12.43
N GLU F 193 -20.94 21.10 -13.38
CA GLU F 193 -22.28 20.93 -13.97
C GLU F 193 -23.30 20.37 -12.99
N SER F 194 -22.89 19.97 -11.78
CA SER F 194 -23.83 19.46 -10.79
C SER F 194 -24.11 20.44 -9.66
N LEU F 195 -23.57 21.66 -9.72
CA LEU F 195 -23.62 22.58 -8.59
C LEU F 195 -24.87 23.44 -8.57
N GLY F 196 -25.69 23.40 -9.62
CA GLY F 196 -26.89 24.20 -9.63
C GLY F 196 -26.61 25.69 -9.71
N ALA F 197 -27.52 26.47 -9.14
CA ALA F 197 -27.47 27.92 -9.17
C ALA F 197 -28.46 28.45 -8.14
N PRO F 198 -28.51 29.76 -7.88
CA PRO F 198 -29.58 30.29 -7.02
C PRO F 198 -30.95 29.91 -7.56
N GLY F 199 -31.75 29.24 -6.73
CA GLY F 199 -33.06 28.78 -7.14
C GLY F 199 -33.06 27.52 -7.99
N VAL F 200 -31.92 26.85 -8.14
CA VAL F 200 -31.81 25.65 -8.95
C VAL F 200 -31.10 24.61 -8.10
N GLN F 201 -31.77 23.49 -7.90
CA GLN F 201 -31.27 22.47 -7.01
C GLN F 201 -29.98 21.88 -7.58
N PRO F 202 -28.92 21.72 -6.78
CA PRO F 202 -27.76 20.93 -7.23
C PRO F 202 -28.08 19.45 -7.21
N ASP F 203 -27.20 18.66 -7.84
CA ASP F 203 -27.40 17.23 -7.92
C ASP F 203 -27.31 16.58 -6.54
N ALA F 204 -28.12 15.54 -6.35
CA ALA F 204 -28.06 14.77 -5.11
C ALA F 204 -26.74 14.01 -5.02
N ILE F 205 -26.26 13.85 -3.79
CA ILE F 205 -25.15 12.94 -3.55
C ILE F 205 -25.54 11.53 -3.98
N GLN F 206 -24.64 10.85 -4.67
CA GLN F 206 -24.85 9.44 -5.00
C GLN F 206 -24.31 8.55 -3.90
N VAL F 207 -25.10 7.53 -3.54
CA VAL F 207 -24.81 6.69 -2.39
C VAL F 207 -25.15 5.24 -2.71
N GLN F 208 -24.77 4.38 -1.76
CA GLN F 208 -25.02 2.95 -1.74
C GLN F 208 -25.49 2.53 -0.36
N PRO F 209 -26.52 1.69 -0.27
CA PRO F 209 -26.92 1.17 1.04
C PRO F 209 -25.78 0.38 1.69
N VAL F 210 -25.85 0.30 3.02
CA VAL F 210 -24.83 -0.40 3.79
C VAL F 210 -25.28 -1.75 4.31
N ALA F 211 -26.55 -2.11 4.12
CA ALA F 211 -27.07 -3.36 4.66
C ALA F 211 -28.47 -3.59 4.11
N GLN F 212 -28.84 -4.86 3.96
CA GLN F 212 -30.22 -5.22 3.67
C GLN F 212 -31.09 -4.96 4.90
N GLY F 213 -32.39 -5.06 4.72
CA GLY F 213 -33.34 -4.75 5.79
C GLY F 213 -34.58 -5.61 5.78
N TYR F 214 -35.68 -5.02 6.26
CA TYR F 214 -36.94 -5.74 6.45
C TYR F 214 -36.73 -7.02 7.27
N SER F 215 -35.83 -6.91 8.26
CA SER F 215 -35.61 -7.88 9.33
C SER F 215 -35.39 -6.97 10.54
N VAL F 216 -36.49 -6.52 11.14
CA VAL F 216 -36.41 -5.38 12.04
C VAL F 216 -35.65 -5.78 13.31
N LEU F 217 -34.79 -4.89 13.78
CA LEU F 217 -34.09 -5.06 15.06
C LEU F 217 -33.14 -6.25 15.06
N LEU F 218 -32.65 -6.66 13.89
CA LEU F 218 -31.73 -7.79 13.82
C LEU F 218 -30.37 -7.37 14.39
N GLU F 219 -29.89 -8.11 15.39
CA GLU F 219 -28.60 -7.80 16.00
C GLU F 219 -27.48 -7.84 14.97
N HIS F 220 -27.54 -8.81 14.07
CA HIS F 220 -26.50 -8.95 13.05
C HIS F 220 -26.41 -7.71 12.19
N HIS F 221 -27.53 -7.02 11.95
CA HIS F 221 -27.49 -5.77 11.22
C HIS F 221 -26.69 -4.72 11.99
N LEU F 222 -26.90 -4.64 13.31
CA LEU F 222 -26.14 -3.69 14.13
C LEU F 222 -24.66 -4.00 14.09
N ASP F 223 -24.30 -5.28 14.17
CA ASP F 223 -22.89 -5.63 14.11
C ASP F 223 -22.30 -5.29 12.75
N GLN F 224 -23.07 -5.51 11.69
CA GLN F 224 -22.56 -5.31 10.33
C GLN F 224 -22.17 -3.87 10.08
N VAL F 225 -22.91 -2.91 10.64
CA VAL F 225 -22.68 -1.49 10.37
C VAL F 225 -21.88 -0.82 11.48
N ASP F 226 -21.40 -1.58 12.46
CA ASP F 226 -20.83 -0.93 13.63
C ASP F 226 -19.42 -0.41 13.42
N ASP F 227 -18.76 -0.72 12.30
CA ASP F 227 -17.47 -0.09 12.04
C ASP F 227 -17.61 1.43 11.96
N ILE F 228 -18.70 1.93 11.41
CA ILE F 228 -18.99 3.36 11.37
C ILE F 228 -19.94 3.78 12.50
N MET F 229 -20.92 2.93 12.83
CA MET F 229 -21.86 3.30 13.87
C MET F 229 -21.15 3.42 15.22
N SER F 230 -20.04 2.70 15.41
CA SER F 230 -19.28 2.85 16.64
C SER F 230 -18.63 4.22 16.73
N LYS F 231 -18.25 4.80 15.59
CA LYS F 231 -17.68 6.14 15.61
C LYS F 231 -18.76 7.17 15.87
N VAL F 232 -19.94 6.98 15.28
CA VAL F 232 -21.07 7.85 15.62
C VAL F 232 -21.39 7.77 17.11
N ARG F 233 -21.43 6.54 17.65
CA ARG F 233 -21.70 6.33 19.06
C ARG F 233 -20.69 7.03 19.94
N LYS F 234 -19.41 6.85 19.63
CA LYS F 234 -18.37 7.48 20.41
C LYS F 234 -18.46 9.00 20.34
N GLY F 235 -18.77 9.53 19.16
CA GLY F 235 -18.92 10.97 19.04
C GLY F 235 -20.06 11.50 19.88
N LEU F 236 -21.20 10.84 19.84
CA LEU F 236 -22.34 11.27 20.66
C LEU F 236 -22.01 11.18 22.14
N LEU F 237 -21.34 10.11 22.57
CA LEU F 237 -20.99 9.98 23.98
C LEU F 237 -19.95 11.02 24.40
N GLU F 238 -19.03 11.37 23.50
CA GLU F 238 -18.05 12.40 23.84
C GLU F 238 -18.67 13.79 23.88
N LEU F 239 -19.73 14.02 23.11
CA LEU F 239 -20.47 15.27 23.24
C LEU F 239 -21.32 15.32 24.52
N ASN F 240 -21.25 14.27 25.35
CA ASN F 240 -22.01 14.13 26.60
C ASN F 240 -23.52 14.18 26.33
N LEU F 241 -23.92 13.67 25.16
CA LEU F 241 -25.34 13.53 24.87
C LEU F 241 -25.86 12.26 25.52
N PRO F 242 -27.09 12.28 26.06
CA PRO F 242 -27.56 11.09 26.81
C PRO F 242 -28.07 9.99 25.89
N LEU F 243 -27.16 9.41 25.12
CA LEU F 243 -27.52 8.32 24.23
C LEU F 243 -28.07 7.16 25.06
N ARG F 244 -29.16 6.58 24.57
CA ARG F 244 -29.87 5.50 25.25
C ARG F 244 -29.80 4.21 24.47
N SER F 245 -29.98 4.29 23.15
CA SER F 245 -29.97 3.09 22.33
C SER F 245 -29.62 3.39 20.89
N ILE F 246 -29.03 2.38 20.26
CA ILE F 246 -28.83 2.35 18.83
C ILE F 246 -29.53 1.11 18.33
N GLU F 247 -30.31 1.22 17.25
CA GLU F 247 -31.18 0.11 16.86
C GLU F 247 -31.25 0.03 15.34
N ASP F 248 -31.53 -1.19 14.84
CA ASP F 248 -31.74 -1.41 13.42
C ASP F 248 -33.24 -1.20 13.13
N GLU F 249 -33.58 -0.21 12.31
CA GLU F 249 -34.98 0.02 12.02
C GLU F 249 -35.38 -0.93 10.90
N TRP F 250 -36.67 -0.84 10.51
CA TRP F 250 -37.28 -1.81 9.62
C TRP F 250 -36.57 -1.89 8.30
N ALA F 251 -36.31 -0.74 7.66
CA ALA F 251 -35.86 -0.73 6.27
C ALA F 251 -34.36 -0.97 6.14
N PRO F 252 -33.90 -1.37 4.95
CA PRO F 252 -32.45 -1.52 4.70
C PRO F 252 -31.70 -0.22 4.98
N SER F 253 -30.68 -0.31 5.83
CA SER F 253 -29.82 0.81 6.19
C SER F 253 -30.54 1.88 6.99
N GLN F 254 -31.76 1.61 7.44
CA GLN F 254 -32.48 2.54 8.32
C GLN F 254 -32.08 2.27 9.77
N MET F 255 -31.63 3.32 10.45
CA MET F 255 -31.17 3.24 11.82
C MET F 255 -32.10 4.03 12.73
N GLU F 256 -32.00 3.76 14.03
CA GLU F 256 -32.70 4.56 15.03
C GLU F 256 -31.76 4.78 16.20
N THR F 257 -31.71 6.03 16.65
CA THR F 257 -30.95 6.41 17.84
C THR F 257 -31.91 7.12 18.78
N THR F 258 -31.97 6.66 20.03
CA THR F 258 -32.81 7.29 21.04
C THR F 258 -31.94 7.81 22.17
N PHE F 259 -32.51 8.75 22.92
CA PHE F 259 -31.80 9.46 23.97
C PHE F 259 -32.70 9.51 25.19
N ASP F 260 -32.08 9.52 26.37
CA ASP F 260 -32.79 9.63 27.63
C ASP F 260 -33.44 11.00 27.73
N VAL F 261 -34.38 11.12 28.67
CA VAL F 261 -35.21 12.30 28.73
C VAL F 261 -34.36 13.54 28.96
N MET F 262 -34.65 14.58 28.19
CA MET F 262 -34.07 15.91 28.36
C MET F 262 -35.20 16.89 28.55
N GLU F 263 -34.86 18.14 28.87
CA GLU F 263 -35.83 19.12 29.31
C GLU F 263 -35.82 20.35 28.41
N GLY F 264 -37.00 20.77 27.98
CA GLY F 264 -37.21 22.04 27.31
C GLY F 264 -36.17 22.45 26.29
N LEU F 265 -35.63 23.66 26.47
CA LEU F 265 -34.71 24.22 25.47
C LEU F 265 -33.51 23.32 25.28
N GLU F 266 -32.96 22.79 26.37
CA GLU F 266 -31.81 21.91 26.25
C GLU F 266 -32.12 20.75 25.31
N ALA F 267 -33.32 20.19 25.41
CA ALA F 267 -33.69 19.08 24.55
C ALA F 267 -33.64 19.51 23.10
N ALA F 268 -34.19 20.68 22.80
CA ALA F 268 -34.15 21.15 21.41
C ALA F 268 -32.71 21.33 20.97
N ASP F 269 -31.90 21.97 21.81
CA ASP F 269 -30.50 22.13 21.44
C ASP F 269 -29.86 20.78 21.19
N ALA F 270 -30.17 19.80 22.05
CA ALA F 270 -29.55 18.50 21.89
C ALA F 270 -29.96 17.87 20.57
N ALA F 271 -31.25 17.96 20.25
CA ALA F 271 -31.70 17.37 19.00
C ALA F 271 -30.91 17.98 17.84
N LEU F 272 -30.74 19.31 17.87
CA LEU F 272 -30.01 19.96 16.80
C LEU F 272 -28.61 19.40 16.71
N LEU F 273 -27.89 19.38 17.85
CA LEU F 273 -26.51 18.94 17.80
C LEU F 273 -26.46 17.48 17.37
N ILE F 274 -27.42 16.69 17.83
CA ILE F 274 -27.40 15.27 17.52
C ILE F 274 -27.38 15.09 16.02
N LYS F 275 -28.30 15.75 15.33
CA LYS F 275 -28.37 15.57 13.90
C LYS F 275 -27.09 16.06 13.24
N SER F 276 -26.62 17.22 13.69
CA SER F 276 -25.40 17.75 13.11
C SER F 276 -24.27 16.74 13.28
N ALA F 277 -24.14 16.20 14.49
CA ALA F 277 -23.04 15.30 14.74
C ALA F 277 -23.13 14.08 13.85
N ILE F 278 -24.34 13.50 13.77
CA ILE F 278 -24.50 12.30 12.97
C ILE F 278 -24.02 12.57 11.55
N LYS F 279 -24.45 13.70 11.00
CA LYS F 279 -24.08 13.97 9.62
C LYS F 279 -22.58 14.16 9.49
N GLN F 280 -21.99 14.98 10.37
CA GLN F 280 -20.60 15.34 10.14
C GLN F 280 -19.70 14.15 10.34
N ILE F 281 -19.92 13.38 11.40
CA ILE F 281 -19.11 12.20 11.63
C ILE F 281 -19.20 11.28 10.42
N CYS F 282 -20.43 11.03 9.94
CA CYS F 282 -20.57 10.15 8.80
C CYS F 282 -19.78 10.67 7.61
N SER F 283 -19.89 11.97 7.34
CA SER F 283 -19.21 12.53 6.18
C SER F 283 -17.70 12.42 6.33
N ARG F 284 -17.20 12.55 7.56
CA ARG F 284 -15.77 12.45 7.78
C ARG F 284 -15.22 11.10 7.37
N HIS F 285 -16.05 10.05 7.40
CA HIS F 285 -15.59 8.71 7.05
C HIS F 285 -16.19 8.21 5.75
N GLY F 286 -16.64 9.11 4.88
CA GLY F 286 -17.13 8.70 3.58
C GLY F 286 -18.54 8.17 3.57
N TYR F 287 -19.32 8.44 4.61
CA TYR F 287 -20.72 8.05 4.67
C TYR F 287 -21.61 9.27 4.64
N HIS F 288 -22.86 9.05 4.26
CA HIS F 288 -23.91 10.06 4.25
C HIS F 288 -25.03 9.60 5.17
N ALA F 289 -25.23 10.33 6.25
CA ALA F 289 -26.40 10.19 7.10
C ALA F 289 -27.45 11.18 6.60
N THR F 290 -28.69 10.71 6.45
CA THR F 290 -29.75 11.62 6.04
C THR F 290 -30.99 11.44 6.90
N PHE F 291 -31.56 12.58 7.27
CA PHE F 291 -32.84 12.69 7.94
C PHE F 291 -33.96 13.08 6.99
N MET F 292 -33.71 13.05 5.69
CA MET F 292 -34.81 13.16 4.74
C MET F 292 -35.82 12.05 4.99
N CYS F 293 -37.09 12.42 5.03
CA CYS F 293 -38.10 11.46 5.47
C CYS F 293 -38.07 10.18 4.65
N LYS F 294 -38.09 10.31 3.32
CA LYS F 294 -38.17 9.15 2.42
C LYS F 294 -37.32 9.41 1.19
N PRO F 295 -36.06 9.00 1.20
CA PRO F 295 -35.22 9.21 0.01
C PRO F 295 -35.74 8.46 -1.20
N ALA F 296 -35.47 9.02 -2.38
CA ALA F 296 -35.79 8.38 -3.66
C ALA F 296 -34.74 7.31 -3.97
N ILE F 297 -34.74 6.27 -3.13
CA ILE F 297 -33.86 5.13 -3.29
C ILE F 297 -34.71 3.88 -3.11
N ASN F 298 -34.60 2.94 -4.05
CA ASN F 298 -35.44 1.75 -4.02
C ASN F 298 -35.25 1.01 -2.70
N GLY F 299 -36.36 0.61 -2.09
CA GLY F 299 -36.32 -0.16 -0.85
C GLY F 299 -36.35 0.66 0.41
N PHE F 300 -36.26 1.98 0.32
CA PHE F 300 -36.17 2.84 1.50
C PHE F 300 -37.57 3.19 1.98
N PHE F 301 -37.88 2.80 3.21
CA PHE F 301 -39.16 3.10 3.85
C PHE F 301 -39.05 4.44 4.58
N ALA F 302 -40.21 5.01 4.89
CA ALA F 302 -40.23 6.33 5.49
C ALA F 302 -39.59 6.31 6.88
N SER F 303 -38.82 7.35 7.19
CA SER F 303 -38.30 7.58 8.52
C SER F 303 -39.20 8.54 9.28
N GLY F 304 -39.31 8.35 10.58
CA GLY F 304 -40.14 9.19 11.42
C GLY F 304 -39.36 9.77 12.58
N TRP F 305 -39.86 10.91 13.08
CA TRP F 305 -39.39 11.50 14.33
C TRP F 305 -40.60 11.54 15.28
N HIS F 306 -40.71 10.51 16.12
CA HIS F 306 -41.78 10.44 17.11
C HIS F 306 -41.35 11.23 18.33
N MET F 307 -42.22 12.09 18.83
CA MET F 307 -41.90 12.96 19.96
C MET F 307 -42.51 12.36 21.23
N HIS F 308 -41.65 11.81 22.09
CA HIS F 308 -42.08 11.34 23.39
C HIS F 308 -42.01 12.51 24.36
N GLN F 309 -43.10 12.76 25.08
CA GLN F 309 -43.22 13.99 25.83
C GLN F 309 -44.08 13.78 27.07
N SER F 310 -43.63 14.37 28.18
CA SER F 310 -44.38 14.45 29.42
C SER F 310 -44.20 15.85 29.98
N LEU F 311 -45.11 16.24 30.86
CA LEU F 311 -44.99 17.50 31.58
C LEU F 311 -44.70 17.18 33.04
N VAL F 312 -43.75 17.91 33.61
CA VAL F 312 -43.39 17.76 35.00
C VAL F 312 -43.75 19.04 35.74
N ASP F 313 -43.89 18.92 37.06
CA ASP F 313 -44.19 20.07 37.89
C ASP F 313 -42.91 20.88 38.13
N LYS F 314 -43.03 22.20 38.07
CA LYS F 314 -41.84 23.03 38.22
C LYS F 314 -41.20 22.84 39.58
N ASP F 315 -42.02 22.65 40.62
CA ASP F 315 -41.53 22.59 41.99
C ASP F 315 -41.37 21.16 42.48
N THR F 316 -42.38 20.32 42.33
CA THR F 316 -42.27 18.96 42.82
C THR F 316 -41.44 18.08 41.89
N ARG F 317 -41.38 18.44 40.60
CA ARG F 317 -40.68 17.66 39.58
C ARG F 317 -41.11 16.20 39.58
N LYS F 318 -42.42 16.00 39.62
CA LYS F 318 -43.03 14.70 39.48
C LYS F 318 -43.84 14.75 38.19
N ASN F 319 -43.77 13.68 37.41
CA ASN F 319 -44.54 13.61 36.17
C ASN F 319 -46.02 13.71 36.44
N LEU F 320 -46.64 14.75 35.88
CA LEU F 320 -48.05 15.07 36.07
C LEU F 320 -48.94 14.41 35.03
N PHE F 321 -48.43 13.43 34.29
CA PHE F 321 -49.23 12.66 33.34
C PHE F 321 -49.63 11.30 33.88
N ILE F 322 -49.14 10.92 35.06
CA ILE F 322 -49.29 9.54 35.57
C ILE F 322 -50.77 9.23 35.76
N PRO F 323 -51.27 8.12 35.22
CA PRO F 323 -52.70 7.83 35.33
C PRO F 323 -53.04 7.07 36.62
N SER F 324 -54.33 7.14 36.98
CA SER F 324 -54.96 6.35 38.02
C SER F 324 -55.48 5.07 37.37
N GLU F 325 -56.09 4.19 38.16
CA GLU F 325 -56.45 2.85 37.67
C GLU F 325 -57.37 2.96 36.46
N GLY F 326 -58.48 3.70 36.59
CA GLY F 326 -59.44 3.80 35.51
C GLY F 326 -59.04 4.74 34.39
N GLU F 327 -57.75 5.00 34.26
CA GLU F 327 -57.25 6.00 33.33
C GLU F 327 -56.02 5.52 32.59
N VAL F 328 -55.88 6.00 31.34
CA VAL F 328 -54.67 5.81 30.58
C VAL F 328 -53.71 6.98 30.80
N LEU F 329 -54.24 8.14 31.22
CA LEU F 329 -53.44 9.32 31.55
C LEU F 329 -54.17 10.11 32.62
N SER F 330 -53.40 10.93 33.35
CA SER F 330 -54.03 11.86 34.28
C SER F 330 -54.92 12.82 33.51
N PRO F 331 -55.90 13.44 34.18
CA PRO F 331 -56.75 14.40 33.46
C PRO F 331 -55.95 15.49 32.76
N LEU F 332 -54.86 15.95 33.39
CA LEU F 332 -54.02 16.95 32.76
C LEU F 332 -53.43 16.40 31.47
N GLY F 333 -52.92 15.17 31.51
CA GLY F 333 -52.35 14.57 30.31
C GLY F 333 -53.40 14.32 29.24
N ARG F 334 -54.62 13.96 29.65
CA ARG F 334 -55.69 13.79 28.68
C ARG F 334 -55.98 15.09 27.96
N ALA F 335 -56.03 16.20 28.70
CA ALA F 335 -56.28 17.49 28.08
C ALA F 335 -55.10 17.91 27.20
N TYR F 336 -53.88 17.60 27.63
CA TYR F 336 -52.70 17.85 26.81
C TYR F 336 -52.81 17.12 25.47
N ALA F 337 -53.20 15.84 25.52
CA ALA F 337 -53.41 15.07 24.30
C ALA F 337 -54.51 15.67 23.44
N GLY F 338 -55.60 16.13 24.08
CA GLY F 338 -56.66 16.79 23.33
C GLY F 338 -56.14 18.01 22.60
N GLY F 339 -55.26 18.77 23.24
CA GLY F 339 -54.65 19.91 22.57
C GLY F 339 -53.78 19.50 21.38
N LEU F 340 -52.98 18.46 21.56
CA LEU F 340 -52.18 17.94 20.44
C LEU F 340 -53.07 17.57 19.25
N LEU F 341 -54.12 16.78 19.51
CA LEU F 341 -55.00 16.34 18.44
C LEU F 341 -55.74 17.51 17.80
N ALA F 342 -56.22 18.46 18.60
CA ALA F 342 -57.02 19.54 18.06
C ALA F 342 -56.20 20.44 17.13
N ASN F 343 -54.91 20.59 17.39
CA ASN F 343 -54.05 21.51 16.65
C ASN F 343 -53.13 20.78 15.67
N GLY F 344 -53.36 19.49 15.43
CA GLY F 344 -52.43 18.71 14.63
C GLY F 344 -52.41 19.09 13.16
N SER F 345 -53.52 19.62 12.64
CA SER F 345 -53.54 20.03 11.24
C SER F 345 -52.83 21.37 11.05
N ALA F 346 -53.12 22.35 11.90
CA ALA F 346 -52.47 23.65 11.80
C ALA F 346 -50.98 23.56 12.09
N ALA F 347 -50.57 22.65 12.97
CA ALA F 347 -49.17 22.48 13.33
C ALA F 347 -48.42 21.55 12.36
N SER F 348 -49.10 21.02 11.35
CA SER F 348 -48.49 20.00 10.50
C SER F 348 -47.24 20.52 9.79
N SER F 349 -47.29 21.76 9.30
CA SER F 349 -46.14 22.33 8.60
C SER F 349 -44.94 22.51 9.52
N PHE F 350 -45.17 22.52 10.84
CA PHE F 350 -44.08 22.62 11.79
C PHE F 350 -43.54 21.26 12.22
N THR F 351 -44.42 20.30 12.43
CA THR F 351 -43.98 18.95 12.79
C THR F 351 -43.48 18.21 11.56
N THR F 352 -44.01 18.57 10.40
CA THR F 352 -43.69 17.92 9.12
C THR F 352 -43.46 18.99 8.08
N PRO F 353 -42.33 19.69 8.14
CA PRO F 353 -42.14 20.85 7.26
C PRO F 353 -41.85 20.51 5.82
N THR F 354 -41.40 19.30 5.54
CA THR F 354 -40.97 18.96 4.18
C THR F 354 -42.12 18.46 3.31
N VAL F 355 -42.01 18.76 2.01
CA VAL F 355 -42.91 18.16 1.06
C VAL F 355 -42.86 16.66 1.18
N ASN F 356 -41.64 16.13 1.20
CA ASN F 356 -41.39 14.71 1.22
C ASN F 356 -41.94 14.06 2.46
N GLY F 357 -42.02 14.80 3.55
CA GLY F 357 -42.54 14.22 4.76
C GLY F 357 -43.98 13.79 4.62
N TYR F 358 -44.72 14.37 3.69
CA TYR F 358 -46.10 14.01 3.51
C TYR F 358 -46.24 12.69 2.80
N ARG F 359 -45.13 12.04 2.46
CA ARG F 359 -45.18 10.66 2.05
C ARG F 359 -45.62 9.75 3.19
N ARG F 360 -45.50 10.20 4.44
CA ARG F 360 -45.94 9.39 5.57
C ARG F 360 -47.44 9.48 5.85
N ARG F 361 -48.17 10.37 5.18
CA ARG F 361 -49.61 10.54 5.48
C ARG F 361 -50.45 9.53 4.70
N GLN F 362 -50.37 8.28 5.12
CA GLN F 362 -51.10 7.22 4.45
C GLN F 362 -51.41 6.13 5.47
N PRO F 363 -52.43 5.32 5.22
CA PRO F 363 -52.82 4.31 6.20
C PRO F 363 -51.99 3.03 6.08
N TYR F 364 -51.99 2.26 7.17
CA TYR F 364 -51.32 0.96 7.22
C TYR F 364 -49.81 1.17 7.03
N SER F 365 -49.28 2.19 7.70
CA SER F 365 -47.92 2.62 7.48
C SER F 365 -47.12 2.79 8.77
N LEU F 366 -47.69 2.47 9.94
CA LEU F 366 -47.06 2.78 11.22
C LEU F 366 -46.74 4.27 11.35
N ALA F 367 -47.49 5.11 10.65
CA ALA F 367 -47.39 6.55 10.73
C ALA F 367 -48.82 7.09 10.71
N PRO F 368 -49.09 8.26 11.31
CA PRO F 368 -50.47 8.75 11.42
C PRO F 368 -50.97 9.35 10.12
N ASP F 369 -52.22 9.04 9.80
CA ASP F 369 -52.95 9.74 8.74
C ASP F 369 -54.19 10.44 9.28
N ARG F 370 -54.42 10.44 10.59
CA ARG F 370 -55.67 10.91 11.18
C ARG F 370 -55.36 11.54 12.53
N ARG F 371 -56.26 12.42 12.97
CA ARG F 371 -56.13 13.03 14.29
C ARG F 371 -56.85 12.11 15.28
N ALA F 372 -56.15 11.05 15.70
CA ALA F 372 -56.70 10.11 16.65
C ALA F 372 -55.66 9.72 17.70
N TRP F 373 -56.13 9.48 18.92
CA TRP F 373 -55.26 8.96 19.96
C TRP F 373 -55.64 7.52 20.31
N ALA F 374 -54.68 6.81 20.88
CA ALA F 374 -54.93 5.43 21.20
C ALA F 374 -53.91 5.00 22.23
N LYS F 375 -54.27 3.95 22.96
CA LYS F 375 -53.38 3.33 23.92
C LYS F 375 -52.55 2.27 23.23
N ASP F 376 -51.23 2.45 23.26
CA ASP F 376 -50.26 1.45 22.84
C ASP F 376 -50.55 0.91 21.45
N ASN F 377 -50.95 1.81 20.55
CA ASN F 377 -51.19 1.45 19.15
C ASN F 377 -50.36 2.40 18.30
N LYS F 378 -49.39 1.86 17.58
CA LYS F 378 -48.50 2.68 16.75
C LYS F 378 -49.14 3.06 15.42
N ALA F 379 -50.43 2.79 15.27
CA ALA F 379 -51.16 3.31 14.11
C ALA F 379 -51.74 4.69 14.34
N ALA F 380 -51.67 5.20 15.56
CA ALA F 380 -52.33 6.43 15.96
C ALA F 380 -51.37 7.62 15.93
N MET F 381 -51.96 8.83 15.86
CA MET F 381 -51.14 10.03 15.95
C MET F 381 -50.62 10.25 17.36
N VAL F 382 -51.48 10.11 18.37
CA VAL F 382 -51.11 10.27 19.76
C VAL F 382 -51.21 8.90 20.40
N ARG F 383 -50.07 8.30 20.71
CA ARG F 383 -49.99 6.98 21.33
C ARG F 383 -49.65 7.18 22.80
N VAL F 384 -50.47 6.63 23.68
CA VAL F 384 -50.25 6.77 25.11
C VAL F 384 -49.37 5.61 25.53
N VAL F 385 -48.22 5.92 26.11
CA VAL F 385 -47.36 4.90 26.70
C VAL F 385 -47.43 5.11 28.20
N SER F 386 -48.11 4.19 28.89
CA SER F 386 -48.32 4.41 30.31
C SER F 386 -48.78 3.14 31.00
N ALA F 387 -48.65 3.16 32.33
CA ALA F 387 -49.24 2.19 33.24
C ALA F 387 -49.55 2.95 34.52
N THR F 388 -50.52 2.46 35.27
CA THR F 388 -50.96 3.20 36.45
C THR F 388 -49.81 3.33 37.44
N GLY F 389 -49.55 4.55 37.89
CA GLY F 389 -48.47 4.82 38.82
C GLY F 389 -47.10 4.93 38.20
N ASP F 390 -46.98 4.80 36.88
CA ASP F 390 -45.68 4.69 36.21
C ASP F 390 -45.16 6.07 35.87
N PRO F 391 -44.03 6.52 36.44
CA PRO F 391 -43.50 7.85 36.09
C PRO F 391 -43.00 7.95 34.65
N ALA F 392 -42.92 6.84 33.91
CA ALA F 392 -42.61 6.85 32.49
C ALA F 392 -43.82 7.17 31.62
N SER F 393 -44.99 7.34 32.24
CA SER F 393 -46.20 7.64 31.49
C SER F 393 -46.02 8.91 30.67
N ARG F 394 -46.48 8.85 29.41
CA ARG F 394 -46.16 9.94 28.50
C ARG F 394 -46.95 9.77 27.22
N ILE F 395 -46.85 10.80 26.37
CA ILE F 395 -47.45 10.78 25.05
C ILE F 395 -46.34 10.63 24.00
N GLU F 396 -46.59 9.80 23.00
CA GLU F 396 -45.76 9.75 21.81
C GLU F 396 -46.58 10.35 20.67
N ASN F 397 -46.14 11.50 20.15
CA ASN F 397 -46.74 12.08 18.96
C ASN F 397 -45.96 11.57 17.77
N ARG F 398 -46.58 10.74 16.94
CA ARG F 398 -45.91 10.08 15.84
C ARG F 398 -45.99 10.86 14.52
N ILE F 399 -46.44 12.11 14.56
CA ILE F 399 -46.65 12.85 13.32
C ILE F 399 -45.34 13.40 12.77
N GLY F 400 -44.36 13.62 13.63
CA GLY F 400 -43.17 14.35 13.22
C GLY F 400 -42.28 13.54 12.29
N GLU F 401 -41.45 14.28 11.56
CA GLU F 401 -40.47 13.71 10.66
C GLU F 401 -39.05 14.07 11.12
N PRO F 402 -38.06 13.25 10.79
CA PRO F 402 -36.69 13.51 11.27
C PRO F 402 -36.12 14.85 10.84
N GLY F 403 -36.52 15.37 9.69
CA GLY F 403 -36.01 16.65 9.21
C GLY F 403 -36.66 17.90 9.77
N ALA F 404 -37.53 17.76 10.76
CA ALA F 404 -38.18 18.92 11.35
C ALA F 404 -37.16 19.81 12.06
N ASN F 405 -37.46 21.11 12.11
CA ASN F 405 -36.69 22.04 12.93
C ASN F 405 -36.97 21.69 14.38
N PRO F 406 -35.98 21.27 15.16
CA PRO F 406 -36.30 20.83 16.53
C PRO F 406 -37.03 21.90 17.32
N TYR F 407 -36.65 23.15 17.15
CA TYR F 407 -37.28 24.23 17.90
C TYR F 407 -38.75 24.36 17.52
N LEU F 408 -39.06 24.32 16.22
CA LEU F 408 -40.44 24.50 15.81
C LEU F 408 -41.29 23.29 16.19
N TYR F 409 -40.73 22.09 16.05
CA TYR F 409 -41.46 20.87 16.43
C TYR F 409 -41.82 20.90 17.91
N MET F 410 -40.80 21.03 18.76
CA MET F 410 -41.03 21.00 20.20
C MET F 410 -41.90 22.16 20.66
N ALA F 411 -41.70 23.36 20.08
CA ALA F 411 -42.51 24.49 20.48
C ALA F 411 -43.96 24.29 20.05
N SER F 412 -44.19 23.73 18.87
CA SER F 412 -45.56 23.43 18.44
C SER F 412 -46.21 22.43 19.39
N GLN F 413 -45.43 21.44 19.85
CA GLN F 413 -45.97 20.47 20.80
C GLN F 413 -46.37 21.16 22.11
N ILE F 414 -45.48 22.01 22.63
CA ILE F 414 -45.78 22.72 23.87
C ILE F 414 -47.03 23.57 23.70
N VAL F 415 -47.11 24.31 22.60
CA VAL F 415 -48.22 25.22 22.41
C VAL F 415 -49.53 24.44 22.32
N SER F 416 -49.53 23.35 21.55
CA SER F 416 -50.75 22.56 21.41
C SER F 416 -51.18 21.97 22.75
N GLY F 417 -50.25 21.35 23.48
CA GLY F 417 -50.63 20.73 24.74
C GLY F 417 -51.13 21.72 25.76
N LEU F 418 -50.46 22.87 25.87
CA LEU F 418 -50.88 23.87 26.85
C LEU F 418 -52.21 24.47 26.45
N ASP F 419 -52.48 24.60 25.15
CA ASP F 419 -53.79 25.04 24.70
C ASP F 419 -54.85 24.03 25.12
N GLY F 420 -54.55 22.75 24.95
CA GLY F 420 -55.47 21.73 25.42
C GLY F 420 -55.74 21.82 26.91
N ILE F 421 -54.68 22.06 27.69
CA ILE F 421 -54.85 22.17 29.14
C ILE F 421 -55.71 23.37 29.51
N LYS F 422 -55.40 24.54 28.94
CA LYS F 422 -56.09 25.78 29.26
C LYS F 422 -57.53 25.76 28.77
N ASN F 423 -57.80 25.05 27.69
CA ASN F 423 -59.15 24.89 27.18
C ASN F 423 -59.78 23.55 27.58
N LYS F 424 -59.13 22.79 28.44
CA LYS F 424 -59.62 21.50 28.88
C LYS F 424 -60.26 20.75 27.73
N LYS F 425 -59.48 20.64 26.65
CA LYS F 425 -59.96 20.06 25.39
C LYS F 425 -59.97 18.53 25.54
N ASP F 426 -60.94 17.89 24.88
CA ASP F 426 -61.18 16.46 25.02
C ASP F 426 -60.65 15.71 23.81
N PRO F 427 -59.78 14.72 24.03
CA PRO F 427 -59.27 13.94 22.90
C PRO F 427 -60.30 13.05 22.25
N GLY F 428 -61.42 12.78 22.91
CA GLY F 428 -62.44 11.89 22.41
C GLY F 428 -62.21 10.47 22.91
N GLU F 429 -62.57 9.47 22.12
CA GLU F 429 -62.48 8.09 22.55
C GLU F 429 -61.19 7.46 22.04
N LEU F 430 -60.61 6.58 22.85
CA LEU F 430 -59.41 5.86 22.44
C LEU F 430 -59.74 4.92 21.28
N GLN F 431 -58.96 5.02 20.22
CA GLN F 431 -59.20 4.26 18.99
C GLN F 431 -58.42 2.95 19.05
N GLU F 432 -59.15 1.84 19.03
CA GLU F 432 -58.53 0.51 18.95
C GLU F 432 -58.03 0.19 17.55
N SER F 433 -58.64 0.81 16.53
CA SER F 433 -58.28 0.59 15.12
C SER F 433 -58.13 1.95 14.47
N PRO F 434 -57.01 2.64 14.72
CA PRO F 434 -56.85 4.02 14.27
C PRO F 434 -57.04 4.25 12.79
N TYR F 435 -56.72 3.29 11.94
CA TYR F 435 -56.88 3.51 10.50
C TYR F 435 -58.30 3.31 10.01
N ASP F 436 -59.22 2.94 10.89
CA ASP F 436 -60.65 2.84 10.60
C ASP F 436 -61.45 3.79 11.48
N ALA F 437 -60.77 4.78 12.05
CA ALA F 437 -61.37 5.76 12.95
C ALA F 437 -62.12 6.82 12.14
N GLN F 438 -63.20 7.33 12.74
CA GLN F 438 -64.03 8.39 12.16
C GLN F 438 -63.63 9.76 12.72
N VAL F 439 -62.35 10.09 12.62
CA VAL F 439 -61.85 11.36 13.14
C VAL F 439 -61.33 12.20 11.96
N PRO F 440 -61.10 13.49 12.14
CA PRO F 440 -60.63 14.33 11.03
C PRO F 440 -59.31 13.82 10.47
N MET F 441 -59.21 13.79 9.14
CA MET F 441 -57.98 13.35 8.50
C MET F 441 -56.93 14.42 8.63
N LEU F 442 -55.68 13.99 8.64
CA LEU F 442 -54.57 14.94 8.65
C LEU F 442 -54.27 15.41 7.24
N PRO F 443 -53.63 16.58 7.10
CA PRO F 443 -53.25 17.07 5.76
C PRO F 443 -52.39 16.06 5.04
N THR F 444 -52.65 15.90 3.73
CA THR F 444 -51.91 14.95 2.91
C THR F 444 -50.81 15.59 2.08
N THR F 445 -50.73 16.93 2.05
CA THR F 445 -49.66 17.62 1.35
C THR F 445 -49.22 18.82 2.16
N LEU F 446 -48.04 19.35 1.82
CA LEU F 446 -47.56 20.55 2.49
C LEU F 446 -48.49 21.72 2.26
N ALA F 447 -49.03 21.84 1.04
CA ALA F 447 -49.98 22.89 0.76
C ALA F 447 -51.19 22.79 1.68
N GLU F 448 -51.66 21.57 1.94
CA GLU F 448 -52.80 21.39 2.82
C GLU F 448 -52.46 21.80 4.25
N ALA F 449 -51.25 21.48 4.71
CA ALA F 449 -50.83 21.91 6.04
C ALA F 449 -50.79 23.43 6.14
N LEU F 450 -50.30 24.08 5.08
CA LEU F 450 -50.26 25.54 5.08
C LEU F 450 -51.67 26.12 5.07
N ASP F 451 -52.59 25.50 4.30
CA ASP F 451 -53.98 25.92 4.34
C ASP F 451 -54.55 25.80 5.74
N ALA F 452 -54.31 24.67 6.41
CA ALA F 452 -54.84 24.48 7.74
C ALA F 452 -54.33 25.55 8.70
N LEU F 453 -53.04 25.89 8.61
CA LEU F 453 -52.50 26.93 9.46
C LEU F 453 -53.11 28.30 9.13
N GLU F 454 -53.21 28.63 7.84
CA GLU F 454 -53.67 29.95 7.44
C GLU F 454 -55.09 30.22 7.91
N HIS F 455 -55.94 29.20 7.85
CA HIS F 455 -57.34 29.32 8.23
C HIS F 455 -57.58 29.05 9.71
N ASP F 456 -56.58 28.58 10.45
CA ASP F 456 -56.70 28.37 11.89
C ASP F 456 -55.42 28.87 12.58
N SER F 457 -55.09 30.15 12.37
CA SER F 457 -53.78 30.66 12.74
C SER F 457 -53.69 31.35 14.10
N GLU F 458 -54.79 31.56 14.81
CA GLU F 458 -54.73 32.37 16.03
C GLU F 458 -53.74 31.83 17.05
N LEU F 459 -53.82 30.54 17.39
CA LEU F 459 -52.99 30.02 18.48
C LEU F 459 -51.52 30.21 18.19
N PHE F 460 -51.10 29.93 16.96
CA PHE F 460 -49.69 30.01 16.61
C PHE F 460 -49.25 31.44 16.29
N ARG F 461 -50.15 32.31 15.85
CA ARG F 461 -49.77 33.71 15.74
C ARG F 461 -49.54 34.26 17.14
N SER F 462 -50.32 33.76 18.11
CA SER F 462 -50.23 34.24 19.47
C SER F 462 -48.94 33.77 20.14
N CYS F 463 -48.59 32.51 19.96
CA CYS F 463 -47.46 31.97 20.70
C CYS F 463 -46.16 32.07 19.92
N PHE F 464 -46.19 31.82 18.61
CA PHE F 464 -45.00 31.93 17.79
C PHE F 464 -44.72 33.37 17.35
N GLY F 465 -45.76 34.18 17.19
CA GLY F 465 -45.59 35.57 16.76
C GLY F 465 -46.20 35.79 15.38
N ASP F 466 -46.88 36.94 15.22
CA ASP F 466 -47.57 37.23 13.97
C ASP F 466 -46.59 37.40 12.81
N THR F 467 -45.49 38.13 13.04
CA THR F 467 -44.52 38.31 11.96
C THR F 467 -43.97 36.97 11.51
N PHE F 468 -43.65 36.10 12.46
CA PHE F 468 -43.11 34.81 12.07
C PHE F 468 -44.10 34.01 11.25
N ILE F 469 -45.38 34.04 11.62
CA ILE F 469 -46.36 33.22 10.91
C ILE F 469 -46.54 33.73 9.48
N LYS F 470 -46.59 35.05 9.30
CA LYS F 470 -46.69 35.60 7.96
C LYS F 470 -45.48 35.18 7.12
N TYR F 471 -44.27 35.32 7.71
CA TYR F 471 -43.05 34.93 7.01
C TYR F 471 -43.07 33.46 6.62
N TRP F 472 -43.45 32.60 7.57
CA TRP F 472 -43.48 31.16 7.33
C TRP F 472 -44.43 30.82 6.20
N LEU F 473 -45.65 31.37 6.24
CA LEU F 473 -46.60 31.06 5.19
C LEU F 473 -46.06 31.46 3.83
N GLN F 474 -45.52 32.67 3.71
CA GLN F 474 -45.01 33.14 2.42
C GLN F 474 -43.89 32.23 1.91
N LEU F 475 -42.90 31.95 2.76
CA LEU F 475 -41.76 31.13 2.32
C LEU F 475 -42.19 29.72 1.92
N ARG F 476 -42.92 29.03 2.82
CA ARG F 476 -43.28 27.65 2.53
C ARG F 476 -44.16 27.57 1.28
N ARG F 477 -45.00 28.59 1.04
CA ARG F 477 -45.81 28.60 -0.16
C ARG F 477 -44.95 28.75 -1.41
N SER F 478 -43.89 29.55 -1.34
CA SER F 478 -42.97 29.63 -2.50
C SER F 478 -42.34 28.26 -2.79
N GLU F 479 -41.95 27.54 -1.74
CA GLU F 479 -41.36 26.22 -1.99
C GLU F 479 -42.38 25.26 -2.62
N TRP F 480 -43.62 25.30 -2.15
CA TRP F 480 -44.64 24.44 -2.73
C TRP F 480 -44.86 24.78 -4.21
N ALA F 481 -44.87 26.08 -4.54
CA ALA F 481 -45.02 26.46 -5.94
C ALA F 481 -43.89 25.91 -6.78
N ARG F 482 -42.66 25.93 -6.25
CA ARG F 482 -41.53 25.36 -6.97
C ARG F 482 -41.74 23.87 -7.23
N PHE F 483 -42.14 23.13 -6.19
CA PHE F 483 -42.36 21.70 -6.36
C PHE F 483 -43.45 21.44 -7.39
N LEU F 484 -44.54 22.20 -7.34
CA LEU F 484 -45.65 21.97 -8.25
C LEU F 484 -45.27 22.27 -9.69
N ASP F 485 -44.52 23.36 -9.91
CA ASP F 485 -44.10 23.64 -11.28
C ASP F 485 -43.16 22.58 -11.79
N ALA F 486 -42.39 21.96 -10.89
CA ALA F 486 -41.39 20.99 -11.34
C ALA F 486 -41.97 19.60 -11.58
N GLU F 487 -42.90 19.14 -10.72
CA GLU F 487 -43.37 17.75 -10.80
C GLU F 487 -44.85 17.61 -11.14
N GLY F 488 -45.70 18.57 -10.79
CA GLY F 488 -47.13 18.48 -11.03
C GLY F 488 -47.89 18.05 -9.77
N ALA F 489 -49.21 18.26 -9.79
CA ALA F 489 -50.01 18.06 -8.58
C ALA F 489 -50.24 16.58 -8.27
N GLU F 490 -50.46 15.76 -9.31
CA GLU F 490 -50.68 14.33 -9.10
C GLU F 490 -49.50 13.68 -8.37
N ALA F 491 -48.27 14.16 -8.59
CA ALA F 491 -47.12 13.59 -7.90
C ALA F 491 -47.27 13.70 -6.40
N ALA F 492 -47.99 14.72 -5.92
CA ALA F 492 -48.10 14.95 -4.49
C ALA F 492 -48.77 13.80 -3.74
N GLU F 493 -49.62 13.02 -4.39
CA GLU F 493 -50.32 11.94 -3.71
C GLU F 493 -49.37 11.16 -2.79
N PRO F 494 -49.65 11.11 -1.48
CA PRO F 494 -48.69 10.46 -0.56
C PRO F 494 -48.19 9.10 -1.03
N THR F 495 -49.06 8.25 -1.57
CA THR F 495 -48.64 6.92 -1.97
C THR F 495 -47.80 6.95 -3.25
N GLY F 496 -47.72 8.10 -3.92
CA GLY F 496 -46.91 8.19 -5.11
C GLY F 496 -45.43 8.02 -4.82
N ALA F 497 -44.69 7.69 -5.88
CA ALA F 497 -43.26 7.52 -5.77
C ALA F 497 -42.59 8.85 -5.42
N VAL F 498 -41.45 8.76 -4.72
CA VAL F 498 -40.69 9.95 -4.38
C VAL F 498 -40.11 10.56 -5.64
N THR F 499 -40.28 11.87 -5.80
CA THR F 499 -39.88 12.57 -7.01
C THR F 499 -38.41 12.97 -6.95
N GLN F 500 -37.85 13.25 -8.12
CA GLN F 500 -36.48 13.75 -8.19
C GLN F 500 -36.38 15.13 -7.55
N TRP F 501 -37.44 15.95 -7.62
CA TRP F 501 -37.44 17.23 -6.94
C TRP F 501 -37.21 17.07 -5.45
N GLU F 502 -37.86 16.08 -4.82
CA GLU F 502 -37.69 15.87 -3.38
C GLU F 502 -36.26 15.44 -3.06
N GLN F 503 -35.71 14.50 -3.84
CA GLN F 503 -34.34 14.04 -3.59
C GLN F 503 -33.35 15.20 -3.70
N LYS F 504 -33.49 16.02 -4.73
CA LYS F 504 -32.59 17.15 -4.96
C LYS F 504 -32.91 18.33 -4.06
N GLU F 505 -34.04 18.31 -3.37
CA GLU F 505 -34.32 19.36 -2.39
C GLU F 505 -33.80 19.00 -1.01
N TYR F 506 -33.87 17.72 -0.60
CA TYR F 506 -33.69 17.39 0.80
C TYR F 506 -32.56 16.40 1.09
N PHE F 507 -32.20 15.53 0.14
CA PHE F 507 -31.30 14.42 0.48
C PHE F 507 -29.96 14.92 0.99
N ASN F 508 -29.36 15.92 0.33
CA ASN F 508 -28.01 16.35 0.68
C ASN F 508 -27.96 17.05 2.03
N LEU F 509 -28.91 17.96 2.30
CA LEU F 509 -28.79 18.85 3.44
C LEU F 509 -29.53 18.36 4.67
N LEU F 510 -30.63 17.65 4.53
CA LEU F 510 -31.37 17.18 5.69
C LEU F 510 -30.72 15.90 6.21
PB ADP G . 21.12 -41.71 -3.07
O1B ADP G . 20.33 -42.89 -3.58
O2B ADP G . 22.51 -42.07 -2.61
O3B ADP G . 21.03 -40.46 -3.93
PA ADP G . 20.95 -40.21 -0.66
O1A ADP G . 20.38 -38.87 -1.06
O2A ADP G . 22.43 -40.40 -0.53
O3A ADP G . 20.37 -41.30 -1.69
O5' ADP G . 20.29 -40.70 0.73
C5' ADP G . 20.92 -41.72 1.49
C4' ADP G . 19.92 -42.23 2.53
O4' ADP G . 20.40 -43.49 3.06
C3' ADP G . 19.64 -41.36 3.74
O3' ADP G . 18.22 -41.23 3.93
C2' ADP G . 20.24 -42.08 4.95
O2' ADP G . 19.42 -41.85 6.08
C1' ADP G . 20.19 -43.54 4.48
N9 ADP G . 21.09 -44.46 5.21
C8 ADP G . 22.39 -44.33 5.50
N7 ADP G . 22.82 -45.41 6.19
C5 ADP G . 21.78 -46.26 6.33
C6 ADP G . 21.54 -47.58 6.94
N6 ADP G . 22.53 -48.27 7.56
N1 ADP G . 20.29 -48.10 6.85
C2 ADP G . 19.29 -47.45 6.24
N3 ADP G . 19.45 -46.25 5.66
C4 ADP G . 20.65 -45.63 5.67
H5'1 ADP G . 21.80 -41.32 1.99
H5'2 ADP G . 21.24 -42.53 0.84
H4' ADP G . 18.99 -42.28 1.96
H3' ADP G . 20.05 -40.35 3.64
H2' ADP G . 21.26 -41.76 5.24
HO2' ADP G . 19.15 -40.93 6.11
H1' ADP G . 19.21 -43.97 4.72
H8 ADP G . 23.01 -43.47 5.22
HN61 ADP G . 23.45 -47.87 7.63
HN62 ADP G . 22.33 -49.17 7.97
H2 ADP G . 18.31 -47.92 6.20
O3A P3S H . 19.05 -41.23 -5.99
PA P3S H . 18.64 -39.91 -6.46
O1A P3S H . 18.39 -39.15 -5.24
O2A P3S H . 19.86 -39.33 -7.01
NE P3S H . 17.33 -40.00 -7.51
SD P3S H . 17.73 -39.83 -9.15
OE P3S H . 18.18 -41.13 -9.69
CE P3S H . 18.94 -38.50 -9.45
CG P3S H . 16.13 -39.39 -9.91
CB P3S H . 15.22 -40.63 -9.84
CA P3S H . 13.92 -40.38 -10.61
N P3S H . 13.31 -39.15 -10.12
C P3S H . 12.93 -41.55 -10.42
OT P3S H . 13.24 -42.50 -9.65
O P3S H . 11.84 -41.55 -11.05
HEC1 P3S H . 18.64 -37.95 -10.20
HEC2 P3S H . 19.01 -37.94 -8.65
HEC3 P3S H . 19.81 -38.88 -9.66
HGC1 P3S H . 15.73 -38.66 -9.42
HGC2 P3S H . 16.26 -39.14 -10.84
HBC1 P3S H . 15.68 -41.38 -10.24
HBC2 P3S H . 15.02 -40.82 -8.92
HA P3S H . 14.12 -40.31 -11.55
HN2 P3S H . 12.75 -38.82 -10.72
HN2 P3S H . 12.89 -39.33 -9.36
MN MN I . 18.04 -42.60 -4.16
MN MN J . 16.54 -37.95 -6.57
MG MG K . 19.04 -39.08 -2.93
PB ADP L . -19.25 42.23 7.09
O1B ADP L . -20.45 42.94 7.67
O2B ADP L . -18.49 43.06 6.08
O3B ADP L . -19.52 40.81 6.66
PA ADP L . -17.13 40.93 8.43
O1A ADP L . -17.46 39.99 9.55
O2A ADP L . -16.88 40.37 7.04
O3A ADP L . -18.26 42.08 8.35
O5' ADP L . -15.82 41.79 8.85
C5' ADP L . -15.82 42.83 9.83
C4' ADP L . -14.48 43.55 9.67
O4' ADP L . -14.49 44.87 10.27
C3' ADP L . -13.25 42.83 10.24
O3' ADP L . -12.22 42.73 9.24
C2' ADP L . -12.79 43.71 11.41
O2' ADP L . -11.38 43.70 11.57
C1' ADP L . -13.25 45.10 10.96
N9 ADP L . -13.32 46.15 11.99
C8 ADP L . -13.90 46.14 13.21
N7 ADP L . -13.72 47.34 13.81
C5 ADP L . -13.02 48.13 12.99
C6 ADP L . -12.48 49.52 12.99
N6 ADP L . -12.66 50.34 14.06
N1 ADP L . -11.79 49.95 11.90
C2 ADP L . -11.60 49.17 10.84
N3 ADP L . -12.06 47.91 10.77
C4 ADP L . -12.77 47.35 11.79
H5'1 ADP L . -15.91 42.41 10.84
H5'2 ADP L . -16.67 43.51 9.68
H4' ADP L . -14.39 43.60 8.58
H3' ADP L . -13.48 41.80 10.54
H2' ADP L . -13.19 43.36 12.37
HO2' ADP L . -11.14 43.03 12.23
H1' ADP L . -12.47 45.53 10.32
H8 ADP L . -14.44 45.30 13.62
HN61 ADP L . -12.28 51.28 14.04
HN62 ADP L . -13.17 50.01 14.86
H2 ADP L . -11.04 49.56 9.99
O3A P3S M . -18.64 39.69 2.74
PA P3S M . -20.01 39.92 3.12
O1A P3S M . -20.27 38.69 3.79
O2A P3S M . -20.00 40.87 4.22
NE P3S M . -21.09 40.34 1.87
SD P3S M . -21.62 39.21 0.68
OE P3S M . -22.70 39.84 -0.10
CE P3S M . -22.25 37.69 1.42
CG P3S M . -20.34 38.74 -0.50
CB P3S M . -21.00 39.15 -1.81
CA P3S M . -20.34 38.74 -3.10
N P3S M . -19.46 37.58 -2.99
C P3S M . -19.40 39.83 -3.64
OT P3S M . -19.15 39.97 -4.88
O P3S M . -18.84 40.62 -2.82
HEC1 P3S M . -22.12 36.96 0.80
HEC2 P3S M . -21.77 37.50 2.23
HEC3 P3S M . -23.19 37.78 1.61
HGC1 P3S M . -20.18 37.78 -0.48
HGC2 P3S M . -19.52 39.21 -0.35
HBC1 P3S M . -21.05 40.12 -1.80
HBC2 P3S M . -21.90 38.78 -1.80
HA P3S M . -21.10 38.55 -3.69
HN2 P3S M . -18.63 37.87 -3.12
HN2 P3S M . -19.67 37.00 -3.65
MN MN N . -18.20 42.66 3.91
MN MN O . -18.68 37.79 2.12
MG MG P . -17.96 39.04 5.77
PB ADP Q . -21.26 -38.45 16.04
O1B ADP Q . -22.63 -38.41 15.42
O2B ADP Q . -20.93 -39.63 16.92
O3B ADP Q . -20.16 -38.06 15.07
PA ADP Q . -19.96 -36.40 17.55
O1A ADP Q . -18.93 -37.39 18.01
O2A ADP Q . -19.62 -35.29 16.58
O3A ADP Q . -21.28 -37.21 17.06
O5' ADP Q . -20.58 -35.69 18.86
C5' ADP Q . -20.75 -36.38 20.10
C4' ADP Q . -21.66 -35.50 20.96
O4' ADP Q . -22.25 -36.26 22.02
C3' ADP Q . -21.03 -34.27 21.62
O3' ADP Q . -21.84 -33.12 21.35
C2' ADP Q . -21.03 -34.56 23.12
O2' ADP Q . -21.24 -33.37 23.86
C1' ADP Q . -22.24 -35.48 23.23
N9 ADP Q . -22.37 -36.30 24.45
C8 ADP Q . -21.49 -37.12 25.04
N7 ADP Q . -22.06 -37.69 26.14
C5 ADP Q . -23.32 -37.24 26.24
C6 ADP Q . -24.49 -37.42 27.14
N6 ADP Q . -24.41 -38.23 28.22
N1 ADP Q . -25.63 -36.74 26.85
C2 ADP Q . -25.73 -35.93 25.79
N3 ADP Q . -24.72 -35.73 24.95
C4 ADP Q . -23.53 -36.35 25.11
H5'1 ADP Q . -19.78 -36.54 20.60
H5'2 ADP Q . -21.19 -37.37 19.94
H4' ADP Q . -22.38 -35.14 20.21
H3' ADP Q . -20.01 -34.07 21.24
H2' ADP Q . -20.09 -34.98 23.51
HO2' ADP Q . -20.43 -32.84 23.85
H1' ADP Q . -23.12 -34.83 23.35
H8 ADP Q . -20.47 -37.30 24.70
HN61 ADP Q . -25.21 -38.35 28.82
HN62 ADP Q . -23.56 -38.73 28.41
H2 ADP Q . -26.67 -35.42 25.62
O3A P3S R . -21.68 -37.40 13.08
PA P3S R . -21.93 -36.43 12.07
O1A P3S R . -22.35 -35.17 12.68
O2A P3S R . -20.61 -36.04 11.75
NE P3S R . -22.90 -37.02 10.79
SD P3S R . -22.27 -37.28 9.20
OE P3S R . -22.81 -38.56 8.72
CE P3S R . -20.46 -37.33 9.17
CG P3S R . -22.85 -36.05 8.00
CB P3S R . -24.25 -35.63 8.35
CA P3S R . -24.91 -34.84 7.24
N P3S R . -24.25 -33.57 7.01
C P3S R . -26.38 -34.55 7.60
OT P3S R . -27.26 -34.40 6.69
O P3S R . -26.74 -34.48 8.83
HEC1 P3S R . -20.11 -36.42 9.21
HEC2 P3S R . -20.17 -37.74 8.35
HEC3 P3S R . -20.14 -37.83 9.93
HGC1 P3S R . -22.27 -35.27 8.02
HGC2 P3S R . -22.85 -36.44 7.11
HBC1 P3S R . -24.23 -35.08 9.16
HBC2 P3S R . -24.78 -36.42 8.53
HA P3S R . -24.85 -35.37 6.44
HN2 P3S R . -24.83 -32.90 7.15
HN2 P3S R . -23.94 -33.53 6.18
MN MN S . -24.08 -36.92 14.25
MN MN T . -21.58 -34.46 10.76
MG MG U . -20.32 -35.60 14.51
PB ADP V . 23.42 38.85 -11.70
O1B ADP V . 22.03 38.31 -11.46
O2B ADP V . 24.00 38.53 -13.06
O3B ADP V . 23.63 40.27 -11.22
PA ADP V . 23.81 37.21 -9.41
O1A ADP V . 22.87 36.06 -9.74
O2A ADP V . 23.41 38.22 -8.36
O3A ADP V . 24.34 37.98 -10.72
O5' ADP V . 25.23 36.61 -8.96
C5' ADP V . 26.18 37.47 -8.34
C4' ADP V . 27.51 36.72 -8.33
O4' ADP V . 28.62 37.61 -8.17
C3' ADP V . 27.65 35.64 -7.25
O3' ADP V . 28.10 34.41 -7.85
C2' ADP V . 28.71 36.17 -6.29
O2' ADP V . 29.49 35.11 -5.77
C1' ADP V . 29.55 37.04 -7.25
N9 ADP V . 30.47 38.04 -6.67
C8 ADP V . 30.27 38.94 -5.70
N7 ADP V . 31.41 39.65 -5.51
C5 ADP V . 32.36 39.19 -6.36
C6 ADP V . 33.77 39.48 -6.67
N6 ADP V . 34.44 40.45 -6.01
N1 ADP V . 34.37 38.75 -7.64
C2 ADP V . 33.72 37.78 -8.31
N3 ADP V . 32.44 37.48 -8.07
C4 ADP V . 31.72 38.13 -7.13
H5'1 ADP V . 25.87 37.72 -7.32
H5'2 ADP V . 26.28 38.41 -8.89
H4' ADP V . 27.52 36.21 -9.30
H3' ADP V . 26.70 35.42 -6.74
H2' ADP V . 28.32 36.71 -5.41
HO2' ADP V . 28.92 34.51 -5.27
H1' ADP V . 30.28 36.34 -7.71
H8 ADP V . 29.34 39.08 -5.17
HN61 ADP V . 35.40 40.64 -6.23
HN62 ADP V . 33.96 40.98 -5.29
H2 ADP V . 34.26 37.24 -9.08
O3A P3S W . 21.63 37.48 -14.81
PA P3S W . 20.87 36.30 -14.60
O1A P3S W . 19.92 36.75 -13.65
O2A P3S W . 21.70 35.41 -13.77
NE P3S W . 20.25 35.75 -16.08
SD P3S W . 18.97 36.56 -16.93
OE P3S W . 19.38 37.84 -17.51
CE P3S W . 17.44 36.75 -15.95
CG P3S W . 18.61 35.44 -18.30
CB P3S W . 19.85 34.62 -18.56
CA P3S W . 19.57 33.77 -19.79
N P3S W . 19.08 32.48 -19.32
C P3S W . 20.78 33.51 -20.71
OT P3S W . 21.91 34.03 -20.53
O P3S W . 20.59 32.76 -21.72
HEC1 P3S W . 16.67 36.59 -16.53
HEC2 P3S W . 17.39 37.66 -15.61
HEC3 P3S W . 17.44 36.12 -15.22
HGC1 P3S W . 17.86 34.85 -18.07
HGC2 P3S W . 18.38 35.95 -19.09
HBC1 P3S W . 20.62 35.20 -18.71
HBC2 P3S W . 20.05 34.05 -17.79
HA P3S W . 18.95 34.28 -20.34
HN2 P3S W . 18.37 32.21 -19.80
HN2 P3S W . 19.74 31.90 -19.36
MN MN X . 24.16 36.70 -14.45
MN MN Y . 19.33 34.06 -14.65
MG MG Z . 21.51 35.79 -11.50
PB ADP AA . 43.01 -2.87 -16.32
O1B ADP AA . 41.64 -2.24 -16.33
O2B ADP AA . 44.11 -1.90 -16.69
O3B ADP AA . 43.07 -4.19 -17.04
PA ADP AA . 42.21 -3.21 -13.60
O1A ADP AA . 40.85 -3.44 -14.20
O2A ADP AA . 42.48 -1.99 -12.76
O3A ADP AA . 43.31 -3.27 -14.78
O5' ADP AA . 42.60 -4.45 -12.68
C5' ADP AA . 43.95 -4.58 -12.21
C4' ADP AA . 44.13 -5.96 -11.58
O4' ADP AA . 45.54 -6.27 -11.47
C3' ADP AA . 43.54 -6.17 -10.18
O3' ADP AA . 42.73 -7.35 -10.16
C2' ADP AA . 44.74 -6.34 -9.23
O2' ADP AA . 44.41 -7.29 -8.23
C1' ADP AA . 45.78 -6.88 -10.19
N9 ADP AA . 47.19 -6.81 -9.72
C8 ADP AA . 47.86 -5.82 -9.11
N7 ADP AA . 49.14 -6.22 -8.85
C5 ADP AA . 49.28 -7.49 -9.29
C6 ADP AA . 50.33 -8.53 -9.36
N6 ADP AA . 51.57 -8.30 -8.87
N1 ADP AA . 50.02 -9.73 -9.92
C2 ADP AA . 48.80 -9.99 -10.42
N3 ADP AA . 47.80 -9.09 -10.40
C4 ADP AA . 47.98 -7.85 -9.86
H5'1 ADP AA . 44.17 -3.80 -11.48
H5'2 ADP AA . 44.64 -4.46 -13.05
H4' ADP AA . 43.58 -6.61 -12.27
H3' ADP AA . 42.91 -5.32 -9.88
H2' ADP AA . 45.04 -5.43 -8.69
HO2' ADP AA . 43.73 -6.93 -7.64
H1' ADP AA . 45.66 -7.98 -10.26
H8 ADP AA . 47.45 -4.85 -8.86
HN61 ADP AA . 51.80 -7.42 -8.45
HN62 ADP AA . 52.27 -9.03 -8.92
H2 ADP AA . 48.61 -10.96 -10.85
O3A P3S BA . 41.08 -3.72 -19.30
PA P3S BA . 39.81 -2.99 -19.24
O1A P3S BA . 39.49 -2.97 -17.82
O2A P3S BA . 40.18 -1.62 -19.58
NE P3S BA . 38.54 -3.63 -20.17
SD P3S BA . 38.28 -2.78 -21.62
OE P3S BA . 39.43 -2.92 -22.53
CE P3S BA . 38.01 -1.01 -21.28
CG P3S BA . 36.79 -3.48 -22.39
CB P3S BA . 37.11 -4.91 -22.85
CA P3S BA . 35.97 -5.50 -23.68
N P3S BA . 34.74 -5.44 -22.91
C P3S BA . 36.30 -6.95 -24.08
OT P3S BA . 37.36 -7.47 -23.66
O P3S BA . 35.56 -7.59 -24.88
HEC1 P3S BA . 37.49 -0.62 -22.00
HEC2 P3S BA . 38.87 -0.57 -21.22
HEC3 P3S BA . 37.53 -0.92 -20.44
HGC1 P3S BA . 36.52 -2.94 -23.15
HGC2 P3S BA . 36.06 -3.50 -21.74
HBC1 P3S BA . 37.91 -4.88 -23.39
HBC2 P3S BA . 37.25 -5.46 -22.07
HA P3S BA . 35.85 -4.98 -24.50
HN2 P3S BA . 34.95 -5.60 -22.07
HN2 P3S BA . 34.18 -6.07 -23.21
MN MN CA . 37.12 -3.61 -18.47
MN MN DA . 41.72 -5.61 -18.07
MG MG EA . 39.77 -2.99 -15.98
PB ADP FA . -40.92 3.37 20.90
O1B ADP FA . -41.90 2.52 21.68
O2B ADP FA . -41.57 4.56 20.21
O3B ADP FA . -39.97 2.58 20.04
PA ADP FA . -38.40 4.11 22.02
O1A ADP FA . -37.91 3.10 23.03
O2A ADP FA . -37.82 4.09 20.62
O3A ADP FA . -40.01 4.07 22.03
O5' ADP FA . -38.11 5.56 22.67
C5' ADP FA . -38.53 5.79 24.02
C4' ADP FA . -38.38 7.28 24.36
O4' ADP FA . -39.24 7.67 25.45
C3' ADP FA . -36.95 7.72 24.73
O3' ADP FA . -36.57 8.86 23.95
C2' ADP FA . -37.04 8.08 26.23
O2' ADP FA . -36.14 9.14 26.52
C1' ADP FA . -38.50 8.51 26.35
N9 ADP FA . -39.06 8.56 27.72
C8 ADP FA . -38.99 7.66 28.73
N7 ADP FA . -39.66 8.14 29.81
C5 ADP FA . -40.17 9.36 29.50
C6 ADP FA . -40.97 10.42 30.15
N6 ADP FA . -41.40 10.29 31.42
N1 ADP FA . -41.27 11.52 29.43
C2 ADP FA . -40.87 11.68 28.16
N3 ADP FA . -40.14 10.76 27.52
C4 ADP FA . -39.77 9.61 28.11
H5'1 ADP FA . -37.95 5.19 24.71
H5'2 ADP FA . -39.58 5.50 24.13
H4' ADP FA . -38.65 7.78 23.42
H3' ADP FA . -36.19 6.94 24.55
H2' ADP FA . -36.76 7.28 26.92
HO2' ADP FA . -35.23 8.81 26.48
H1' ADP FA . -38.57 9.57 26.08
H8 ADP FA . -38.48 6.71 28.68
HN61 ADP FA . -41.94 11.02 31.85
HN62 ADP FA . -41.17 9.45 31.94
H2 ADP FA . -41.14 12.60 27.63
O3A P3S GA . -39.67 2.12 17.19
PA P3S GA . -40.97 2.54 16.71
O1A P3S GA . -41.93 1.53 17.10
O2A P3S GA . -41.35 3.55 17.66
NE P3S GA . -41.10 3.16 15.16
SD P3S GA . -41.62 1.94 14.04
OE P3S GA . -43.09 1.99 13.91
CE P3S GA . -40.97 0.29 14.45
CG P3S GA . -41.04 2.50 12.40
CB P3S GA . -41.85 3.76 12.23
CA P3S GA . -41.87 4.31 10.82
N P3S GA . -40.57 4.14 10.22
C P3S GA . -42.30 5.77 10.76
OT P3S GA . -41.54 6.69 10.31
O P3S GA . -43.45 6.09 11.14
HEC1 P3S GA . -40.71 -0.16 13.63
HEC2 P3S GA . -40.19 0.38 15.03
HEC3 P3S GA . -41.66 -0.22 14.90
HGC1 P3S GA . -41.25 1.85 11.71
HGC2 P3S GA . -40.08 2.68 12.40
HBC1 P3S GA . -42.76 3.57 12.50
HBC2 P3S GA . -41.48 4.44 12.82
HA P3S GA . -42.54 3.82 10.32
HN2 P3S GA . -40.68 3.87 9.39
HN2 P3S GA . -40.12 4.91 10.25
MN MN HA . -41.43 5.57 18.28
MN MN IA . -38.71 3.25 14.88
MG MG JA . -38.64 3.43 18.50
#